data_8TC0
#
_entry.id   8TC0
#
_cell.length_a   1.00
_cell.length_b   1.00
_cell.length_c   1.00
_cell.angle_alpha   90.00
_cell.angle_beta   90.00
_cell.angle_gamma   90.00
#
_symmetry.space_group_name_H-M   'P 1'
#
loop_
_entity.id
_entity.type
_entity.pdbx_description
1 polymer 'Spike glycoprotein'
2 branched 2-acetamido-2-deoxy-beta-D-glucopyranose-(1-4)-[alpha-L-fucopyranose-(1-6)]2-acetamido-2-deoxy-beta-D-glucopyranose
3 branched 2-acetamido-2-deoxy-beta-D-glucopyranose-(1-4)-2-acetamido-2-deoxy-beta-D-glucopyranose
4 branched beta-D-mannopyranose-(1-4)-2-acetamido-2-deoxy-beta-D-glucopyranose-(1-4)-2-acetamido-2-deoxy-beta-D-glucopyranose
5 branched beta-D-mannopyranose-(1-4)-2-acetamido-2-deoxy-beta-D-glucopyranose-(1-4)-[alpha-L-fucopyranose-(1-6)]2-acetamido-2-deoxy-beta-D-glucopyranose
6 non-polymer 2-acetamido-2-deoxy-beta-D-glucopyranose
7 non-polymer 'LINOLEIC ACID'
8 water water
#
_entity_poly.entity_id   1
_entity_poly.type   'polypeptide(L)'
_entity_poly.pdbx_seq_one_letter_code
;KCLDFDDRTPPANTQFLSSHRGVYYPDDIFRSNVLHLVQDHFLPFDSNVTRFITFGLNFDNPIIPFKDGIYFAATEKSNV
IRGWVFGSTMNNKSQSVIIMNNSTNLVIRACNFELCDNPFFVVLKSNNTQIPSYIFNNAFNCTFEYVSKDFNLDLGEKPG
NFKDLREFVFRNKDGFLHVYSGYQPISAASGLPTGFNALKPIFKLPLGINITNFRTLLTAFPPRPDYWGTSAAAYFVGYL
KPTTFMLKYDENGTITDAVDCSQNPLAELKCSVKSFEIDKGIYQTSNFRVAPSKEVVRFPNITNLCPFGEVFNATTFPSV
YAWERKRISNCVADYSVLYNSTSFSTFKCYGVSATKLNDLCFSNVYADSFVVKGDDVRQIAPGQTGVIADYNYKLPDDFT
GCVLAWNTRNIDATQTGNYNYKYRSLRHGKLRPFERDISNVPFSPDGKPCTPPAFNCYWPLNDYGFYITNGIGYQPYRVV
VLSFELLNAPATVCGPKLSTDLIKNQCVNFNFNGLTGTGVLTPSSKRFQPFQQFGRDVSDFTDSVRDPKTSEILDISPCS
FGGVSVITPGTNTSSEVAVLYQDVNCTDVPVAIHADQLTPSWRVHSTGNNVFQTQAGCLIGAEHVDTSYECDIPIGAGIC
ASYHTVSSLRSTSQKSIVAYTMSLGADSSIAYSNNTIAIPTNFSISITTEVMPVSMAKTSVDCNMYICGDSTECANLLLQ
YGSFCTQLNRALSGIAVEQDRNTREVFAQVKQMYKTPTLKDFGGFNFSQILPDPLKPTKRSFIEDLLFNKVTLADAGFMK
QYGECLGDINARDLICAQKFNGLTVLPPLLTDDMIAAYTAALVSGTATAGWTFGAGAALQIPFAMQMAYRFNGIGVTQNV
LYENQKQIANQFNKAISQIQESLTTTSTALGKLQDVVNQNAQALNTLVKQLSSNFGAISSVLNDILSRLDKVEAEVQIDR
LITGRLQSLQTYVTQQLIRAAEIRASANLAATKMSECVLGQSKRVDFCGKGYHLMSFPQAAPHGVVFLHVTYVPSQERNF
TTAPAICHEGKAYFPREGVFVFNGTSWFITQRNFFSPQIITTDNTFVSGSCDVVIGIINNTVYDPLQPE
;
_entity_poly.pdbx_strand_id   A,B,C
#
loop_
_chem_comp.id
_chem_comp.type
_chem_comp.name
_chem_comp.formula
BMA D-saccharide, beta linking beta-D-mannopyranose 'C6 H12 O6'
EIC non-polymer 'LINOLEIC ACID' 'C18 H32 O2'
FUC L-saccharide, alpha linking alpha-L-fucopyranose 'C6 H12 O5'
NAG D-saccharide, beta linking 2-acetamido-2-deoxy-beta-D-glucopyranose 'C8 H15 N O6'
#
# COMPACT_ATOMS: atom_id res chain seq x y z
N LYS A 1 56.90 31.99 -33.57
CA LYS A 1 55.84 33.02 -33.48
C LYS A 1 54.51 32.44 -34.01
N CYS A 2 53.47 33.25 -33.98
CA CYS A 2 52.15 32.83 -34.45
C CYS A 2 52.04 33.10 -35.94
N LEU A 3 51.98 32.03 -36.73
CA LEU A 3 51.88 32.12 -38.18
C LEU A 3 50.44 31.95 -38.63
N ASP A 4 50.07 32.72 -39.65
CA ASP A 4 48.71 32.72 -40.18
C ASP A 4 48.71 32.11 -41.57
N PHE A 5 47.73 31.25 -41.85
CA PHE A 5 47.54 30.69 -43.17
C PHE A 5 46.62 31.60 -43.98
N ASP A 6 47.03 31.92 -45.19
CA ASP A 6 46.30 32.84 -46.05
C ASP A 6 45.67 32.10 -47.22
N ASP A 7 44.50 32.58 -47.65
CA ASP A 7 43.78 31.99 -48.77
C ASP A 7 43.29 30.58 -48.44
N ARG A 8 42.72 30.44 -47.25
CA ARG A 8 42.13 29.19 -46.80
C ARG A 8 40.65 29.18 -47.13
N THR A 9 40.18 28.11 -47.76
CA THR A 9 38.76 27.99 -48.05
C THR A 9 37.97 27.92 -46.75
N PRO A 10 36.88 28.66 -46.61
CA PRO A 10 36.14 28.64 -45.36
C PRO A 10 35.61 27.25 -45.08
N PRO A 11 35.49 26.87 -43.81
CA PRO A 11 34.93 25.56 -43.48
C PRO A 11 33.53 25.39 -44.06
N ALA A 12 33.26 24.19 -44.56
CA ALA A 12 31.96 23.89 -45.15
C ALA A 12 30.90 23.53 -44.12
N ASN A 13 31.31 23.02 -42.96
CA ASN A 13 30.38 22.58 -41.91
C ASN A 13 29.38 21.57 -42.47
N THR A 14 29.90 20.59 -43.20
CA THR A 14 29.05 19.53 -43.73
C THR A 14 28.46 18.71 -42.58
N GLN A 15 27.26 18.19 -42.81
CA GLN A 15 26.49 17.51 -41.77
C GLN A 15 26.41 16.02 -42.07
N PHE A 16 26.63 15.20 -41.04
CA PHE A 16 26.47 13.76 -41.13
C PHE A 16 25.68 13.29 -39.91
N LEU A 17 25.45 11.98 -39.82
CA LEU A 17 24.73 11.37 -38.72
C LEU A 17 25.70 10.63 -37.81
N SER A 18 25.35 10.54 -36.52
CA SER A 18 26.19 9.92 -35.52
C SER A 18 25.96 8.42 -35.38
N SER A 19 24.90 7.87 -35.98
CA SER A 19 24.56 6.45 -35.85
C SER A 19 24.41 6.15 -34.36
N HIS A 20 25.06 5.11 -33.82
CA HIS A 20 24.93 4.72 -32.42
C HIS A 20 26.22 4.97 -31.65
N ARG A 21 26.97 6.00 -32.01
CA ARG A 21 28.25 6.27 -31.38
C ARG A 21 28.10 7.26 -30.23
N GLY A 22 29.10 7.26 -29.34
CA GLY A 22 29.17 8.20 -28.24
C GLY A 22 28.89 7.61 -26.87
N VAL A 23 28.47 6.35 -26.79
CA VAL A 23 28.17 5.76 -25.49
C VAL A 23 29.45 5.55 -24.70
N TYR A 24 29.39 5.85 -23.41
CA TYR A 24 30.52 5.66 -22.51
C TYR A 24 30.02 5.01 -21.22
N TYR A 25 30.97 4.60 -20.37
CA TYR A 25 30.63 3.89 -19.14
C TYR A 25 30.12 4.89 -18.10
N PRO A 26 28.88 4.74 -17.62
CA PRO A 26 28.33 5.79 -16.74
C PRO A 26 28.98 5.87 -15.37
N ASP A 27 29.52 4.76 -14.85
CA ASP A 27 30.11 4.76 -13.52
C ASP A 27 31.25 3.75 -13.49
N ASP A 28 31.72 3.43 -12.29
CA ASP A 28 32.87 2.54 -12.09
C ASP A 28 32.47 1.20 -11.49
N ILE A 29 31.20 0.82 -11.59
CA ILE A 29 30.70 -0.41 -10.98
C ILE A 29 30.69 -1.50 -12.04
N PHE A 30 31.27 -2.65 -11.70
CA PHE A 30 31.26 -3.78 -12.60
C PHE A 30 29.86 -4.38 -12.68
N ARG A 31 29.41 -4.66 -13.90
CA ARG A 31 28.15 -5.34 -14.14
C ARG A 31 28.35 -6.30 -15.32
N SER A 32 27.55 -7.36 -15.35
CA SER A 32 27.69 -8.34 -16.42
C SER A 32 26.34 -9.02 -16.64
N ASN A 33 26.05 -9.31 -17.92
CA ASN A 33 24.82 -9.99 -18.31
C ASN A 33 23.60 -9.27 -17.77
N VAL A 34 23.52 -7.96 -18.00
CA VAL A 34 22.44 -7.17 -17.41
C VAL A 34 22.09 -6.00 -18.31
N LEU A 35 20.82 -5.60 -18.24
CA LEU A 35 20.33 -4.38 -18.90
C LEU A 35 20.17 -3.31 -17.82
N HIS A 36 20.81 -2.16 -18.03
CA HIS A 36 20.91 -1.12 -17.01
C HIS A 36 20.39 0.19 -17.58
N LEU A 37 19.38 0.77 -16.94
CA LEU A 37 18.77 2.01 -17.40
C LEU A 37 19.38 3.19 -16.65
N VAL A 38 19.89 4.16 -17.39
CA VAL A 38 20.61 5.29 -16.80
C VAL A 38 20.25 6.56 -17.53
N GLN A 39 20.00 7.62 -16.77
CA GLN A 39 19.73 8.94 -17.31
C GLN A 39 20.96 9.82 -17.13
N ASP A 40 21.46 10.38 -18.23
CA ASP A 40 22.68 11.19 -18.18
C ASP A 40 22.79 11.95 -19.50
N HIS A 41 23.90 12.66 -19.66
CA HIS A 41 24.17 13.42 -20.87
C HIS A 41 24.79 12.50 -21.91
N PHE A 42 24.01 12.12 -22.91
CA PHE A 42 24.45 11.23 -23.97
C PHE A 42 24.27 11.90 -25.32
N LEU A 43 25.01 11.42 -26.31
CA LEU A 43 24.80 11.87 -27.68
C LEU A 43 23.61 11.10 -28.25
N PRO A 44 22.50 11.76 -28.57
CA PRO A 44 21.34 11.02 -29.07
C PRO A 44 21.66 10.28 -30.36
N PHE A 45 21.07 9.10 -30.50
CA PHE A 45 21.33 8.29 -31.67
C PHE A 45 20.89 9.01 -32.94
N ASP A 46 21.72 8.93 -33.98
CA ASP A 46 21.43 9.54 -35.27
C ASP A 46 21.20 11.04 -35.14
N SER A 47 22.10 11.69 -34.41
CA SER A 47 22.07 13.15 -34.28
C SER A 47 22.99 13.77 -35.33
N ASN A 48 22.85 15.08 -35.51
CA ASN A 48 23.66 15.81 -36.48
C ASN A 48 25.07 16.00 -35.94
N VAL A 49 26.07 15.69 -36.77
CA VAL A 49 27.47 15.94 -36.45
C VAL A 49 28.08 16.77 -37.56
N THR A 50 28.86 17.78 -37.18
CA THR A 50 29.49 18.67 -38.14
C THR A 50 30.92 18.21 -38.40
N ARG A 51 31.28 18.14 -39.69
CA ARG A 51 32.59 17.68 -40.11
C ARG A 51 33.52 18.86 -40.39
N PHE A 52 34.79 18.67 -40.08
CA PHE A 52 35.85 19.63 -40.38
C PHE A 52 37.03 18.84 -40.92
N ILE A 53 37.60 19.29 -42.03
CA ILE A 53 38.61 18.52 -42.74
C ILE A 53 39.88 19.34 -42.90
N THR A 54 41.00 18.62 -43.01
CA THR A 54 42.28 19.19 -43.47
C THR A 54 42.65 18.46 -44.75
N PHE A 55 42.59 19.18 -45.86
CA PHE A 55 42.92 18.66 -47.18
C PHE A 55 42.98 19.82 -48.16
N GLY A 56 43.98 19.81 -49.02
CA GLY A 56 44.12 20.88 -50.00
C GLY A 56 44.30 22.22 -49.32
N LEU A 57 43.40 23.15 -49.62
CA LEU A 57 43.44 24.48 -49.04
C LEU A 57 42.60 24.60 -47.78
N ASN A 58 42.01 23.51 -47.31
CA ASN A 58 41.19 23.52 -46.10
C ASN A 58 42.07 23.27 -44.88
N PHE A 59 42.06 24.21 -43.94
CA PHE A 59 42.67 24.03 -42.62
C PHE A 59 41.60 24.46 -41.62
N ASP A 60 40.73 23.53 -41.26
CA ASP A 60 39.52 23.84 -40.51
C ASP A 60 39.81 23.70 -39.02
N ASN A 61 40.17 24.81 -38.38
CA ASN A 61 40.35 24.87 -36.93
C ASN A 61 39.66 26.10 -36.37
N PRO A 62 38.35 26.22 -36.58
CA PRO A 62 37.61 27.34 -36.01
C PRO A 62 37.31 27.12 -34.53
N ILE A 63 36.86 28.18 -33.88
CA ILE A 63 36.35 28.07 -32.51
C ILE A 63 34.95 27.50 -32.57
N ILE A 64 34.72 26.42 -31.84
CA ILE A 64 33.47 25.67 -31.87
C ILE A 64 32.86 25.71 -30.48
N PRO A 65 31.57 26.02 -30.33
CA PRO A 65 30.99 26.07 -28.98
C PRO A 65 30.97 24.71 -28.31
N PHE A 66 31.09 24.73 -26.98
CA PHE A 66 31.11 23.52 -26.17
C PHE A 66 29.72 23.09 -25.75
N LYS A 67 28.85 24.03 -25.38
CA LYS A 67 27.48 23.76 -24.96
C LYS A 67 27.54 22.89 -23.70
N ASP A 68 26.94 21.70 -23.68
CA ASP A 68 26.89 20.85 -22.50
C ASP A 68 27.75 19.60 -22.67
N GLY A 69 28.92 19.76 -23.25
CA GLY A 69 29.81 18.64 -23.51
C GLY A 69 29.65 18.11 -24.92
N ILE A 70 30.72 17.51 -25.44
CA ILE A 70 30.78 17.17 -26.85
C ILE A 70 31.29 15.75 -27.06
N TYR A 71 30.95 15.21 -28.23
CA TYR A 71 31.54 13.99 -28.76
C TYR A 71 32.40 14.37 -29.96
N PHE A 72 33.65 13.90 -29.96
CA PHE A 72 34.64 14.28 -30.96
C PHE A 72 35.21 13.02 -31.58
N ALA A 73 35.00 12.85 -32.88
CA ALA A 73 35.53 11.71 -33.61
C ALA A 73 36.59 12.19 -34.59
N ALA A 74 37.65 11.40 -34.75
CA ALA A 74 38.73 11.74 -35.66
C ALA A 74 39.02 10.56 -36.56
N THR A 75 38.85 10.74 -37.87
CA THR A 75 39.22 9.76 -38.87
C THR A 75 40.52 10.23 -39.52
N GLU A 76 41.58 9.43 -39.38
CA GLU A 76 42.87 9.84 -39.89
C GLU A 76 43.72 8.63 -40.20
N LYS A 77 44.84 8.88 -40.88
CA LYS A 77 45.82 7.86 -41.21
C LYS A 77 47.25 8.28 -40.94
N SER A 78 47.50 9.56 -40.61
CA SER A 78 48.85 10.05 -40.35
C SER A 78 48.93 10.90 -39.09
N ASN A 79 48.01 10.70 -38.14
CA ASN A 79 48.06 11.37 -36.84
C ASN A 79 48.09 12.88 -36.99
N VAL A 80 47.21 13.41 -37.84
CA VAL A 80 47.15 14.86 -38.06
C VAL A 80 46.60 15.57 -36.83
N ILE A 81 45.52 15.05 -36.25
CA ILE A 81 44.86 15.69 -35.12
C ILE A 81 45.67 15.41 -33.86
N ARG A 82 46.08 16.47 -33.17
CA ARG A 82 47.00 16.34 -32.05
C ARG A 82 46.41 16.72 -30.70
N GLY A 83 45.42 17.60 -30.64
CA GLY A 83 44.86 17.92 -29.33
C GLY A 83 43.70 18.87 -29.40
N TRP A 84 43.42 19.50 -28.25
CA TRP A 84 42.35 20.46 -28.11
C TRP A 84 42.77 21.58 -27.17
N VAL A 85 42.11 22.72 -27.34
CA VAL A 85 42.14 23.83 -26.38
C VAL A 85 40.71 24.07 -25.95
N PHE A 86 40.44 24.02 -24.65
CA PHE A 86 39.14 24.34 -24.09
C PHE A 86 39.23 25.62 -23.28
N GLY A 87 38.21 26.47 -23.41
CA GLY A 87 38.20 27.72 -22.68
C GLY A 87 36.87 28.40 -22.81
N SER A 88 36.83 29.67 -22.41
CA SER A 88 35.65 30.50 -22.57
C SER A 88 35.89 31.66 -23.53
N THR A 89 36.86 32.52 -23.24
CA THR A 89 37.21 33.63 -24.12
C THR A 89 38.29 33.26 -25.13
N MET A 90 38.94 32.11 -24.95
CA MET A 90 39.97 31.64 -25.87
C MET A 90 41.08 32.68 -26.04
N ASN A 91 41.43 33.34 -24.94
CA ASN A 91 42.56 34.27 -24.91
C ASN A 91 43.07 34.32 -23.48
N ASN A 92 44.00 35.23 -23.22
CA ASN A 92 44.65 35.30 -21.91
C ASN A 92 43.83 36.05 -20.87
N LYS A 93 42.55 36.34 -21.15
CA LYS A 93 41.69 36.95 -20.15
C LYS A 93 41.05 35.94 -19.21
N SER A 94 41.05 34.66 -19.58
CA SER A 94 40.43 33.61 -18.77
C SER A 94 41.29 32.36 -18.82
N GLN A 95 40.99 31.42 -17.93
CA GLN A 95 41.73 30.17 -17.86
C GLN A 95 41.31 29.23 -18.98
N SER A 96 42.30 28.62 -19.62
CA SER A 96 42.09 27.62 -20.65
C SER A 96 42.90 26.38 -20.30
N VAL A 97 42.55 25.27 -20.94
CA VAL A 97 43.26 24.01 -20.78
C VAL A 97 43.59 23.44 -22.15
N ILE A 98 44.85 23.07 -22.35
CA ILE A 98 45.32 22.45 -23.58
C ILE A 98 45.63 20.99 -23.29
N ILE A 99 45.10 20.11 -24.13
CA ILE A 99 45.36 18.67 -24.06
C ILE A 99 45.94 18.26 -25.39
N MET A 100 47.22 17.91 -25.43
CA MET A 100 47.87 17.68 -26.73
C MET A 100 48.93 16.60 -26.66
N ASN A 101 49.03 15.82 -27.73
CA ASN A 101 50.14 14.91 -27.95
C ASN A 101 51.21 15.63 -28.76
N ASN A 102 52.39 15.80 -28.17
CA ASN A 102 53.49 16.49 -28.84
C ASN A 102 54.52 15.52 -29.41
N SER A 103 54.07 14.33 -29.81
CA SER A 103 54.83 13.29 -30.48
C SER A 103 55.76 12.54 -29.54
N THR A 104 55.87 12.94 -28.27
CA THR A 104 56.64 12.18 -27.30
C THR A 104 55.96 12.08 -25.93
N ASN A 105 54.95 12.88 -25.64
CA ASN A 105 54.25 12.84 -24.37
C ASN A 105 52.85 13.39 -24.57
N LEU A 106 51.97 13.08 -23.62
CA LEU A 106 50.65 13.69 -23.53
C LEU A 106 50.73 14.80 -22.49
N VAL A 107 50.47 16.03 -22.91
CA VAL A 107 50.61 17.20 -22.05
C VAL A 107 49.23 17.81 -21.83
N ILE A 108 48.86 17.99 -20.57
CA ILE A 108 47.64 18.67 -20.18
C ILE A 108 48.02 19.84 -19.30
N ARG A 109 47.74 21.05 -19.75
CA ARG A 109 48.15 22.25 -19.04
C ARG A 109 46.99 23.23 -18.99
N ALA A 110 46.67 23.71 -17.79
CA ALA A 110 45.62 24.70 -17.58
C ALA A 110 46.27 25.99 -17.09
N CYS A 111 46.18 27.04 -17.89
CA CYS A 111 46.83 28.31 -17.57
C CYS A 111 46.05 29.43 -18.26
N ASN A 112 46.57 30.66 -18.14
CA ASN A 112 46.11 31.78 -18.96
C ASN A 112 46.96 31.79 -20.22
N PHE A 113 46.46 31.16 -21.27
CA PHE A 113 47.20 31.00 -22.51
C PHE A 113 46.90 32.15 -23.46
N GLU A 114 47.96 32.77 -23.98
CA GLU A 114 47.82 33.73 -25.08
C GLU A 114 47.78 32.92 -26.37
N LEU A 115 46.63 32.30 -26.60
CA LEU A 115 46.50 31.34 -27.68
C LEU A 115 46.72 32.01 -29.03
N CYS A 116 47.41 31.32 -29.93
CA CYS A 116 47.54 31.76 -31.30
C CYS A 116 46.24 31.53 -32.06
N ASP A 117 45.88 32.48 -32.92
CA ASP A 117 44.65 32.33 -33.69
C ASP A 117 44.71 31.11 -34.60
N ASN A 118 45.91 30.69 -35.01
CA ASN A 118 46.10 29.54 -35.89
C ASN A 118 47.15 28.63 -35.27
N PRO A 119 46.79 27.87 -34.24
CA PRO A 119 47.77 26.98 -33.60
C PRO A 119 47.86 25.62 -34.29
N PHE A 120 49.07 25.18 -34.60
CA PHE A 120 49.24 23.90 -35.28
C PHE A 120 50.64 23.37 -35.01
N PHE A 121 50.81 22.08 -35.22
CA PHE A 121 52.12 21.45 -35.24
C PHE A 121 52.63 21.39 -36.68
N VAL A 122 53.94 21.20 -36.83
CA VAL A 122 54.59 21.21 -38.12
C VAL A 122 55.34 19.90 -38.31
N VAL A 123 55.05 19.21 -39.41
CA VAL A 123 55.70 17.94 -39.75
C VAL A 123 56.16 18.03 -41.20
N LEU A 124 57.39 17.62 -41.47
CA LEU A 124 57.95 17.62 -42.82
C LEU A 124 57.73 16.27 -43.47
N LYS A 125 57.19 16.30 -44.70
CA LYS A 125 57.08 15.07 -45.48
C LYS A 125 58.43 14.53 -45.91
N SER A 126 59.47 15.38 -45.94
CA SER A 126 60.76 14.97 -46.48
C SER A 126 61.35 13.82 -45.67
N ASN A 127 61.36 13.95 -44.33
CA ASN A 127 61.91 12.88 -43.49
C ASN A 127 61.08 12.65 -42.23
N ASN A 128 59.80 13.06 -42.23
CA ASN A 128 58.89 12.80 -41.11
C ASN A 128 59.51 13.22 -39.78
N THR A 129 59.81 14.52 -39.68
CA THR A 129 60.36 15.09 -38.47
C THR A 129 59.56 16.33 -38.11
N GLN A 130 59.19 16.44 -36.83
CA GLN A 130 58.41 17.55 -36.33
C GLN A 130 59.35 18.66 -35.86
N ILE A 131 59.03 19.90 -36.25
CA ILE A 131 59.82 21.07 -35.85
C ILE A 131 59.08 21.78 -34.72
N PRO A 132 59.80 22.42 -33.79
CA PRO A 132 59.10 23.20 -32.75
C PRO A 132 58.14 24.22 -33.34
N SER A 133 56.86 24.07 -33.03
CA SER A 133 55.81 24.98 -33.47
C SER A 133 55.32 25.79 -32.27
N TYR A 134 54.29 26.61 -32.52
CA TYR A 134 53.69 27.44 -31.49
C TYR A 134 52.21 27.10 -31.39
N ILE A 135 51.76 26.81 -30.17
CA ILE A 135 50.34 26.62 -29.88
C ILE A 135 49.84 27.85 -29.14
N PHE A 136 50.72 28.45 -28.34
CA PHE A 136 50.40 29.65 -27.58
C PHE A 136 51.63 30.52 -27.50
N ASN A 137 51.42 31.79 -27.17
CA ASN A 137 52.50 32.75 -27.08
C ASN A 137 53.02 32.94 -25.67
N ASN A 138 52.20 32.73 -24.64
CA ASN A 138 52.61 32.97 -23.26
C ASN A 138 51.66 32.24 -22.32
N ALA A 139 52.07 32.13 -21.06
CA ALA A 139 51.25 31.51 -20.01
C ALA A 139 51.84 31.82 -18.64
N PHE A 140 51.02 32.28 -17.69
CA PHE A 140 51.53 32.75 -16.40
C PHE A 140 50.79 32.26 -15.17
N ASN A 141 49.54 31.81 -15.28
CA ASN A 141 48.76 31.46 -14.10
C ASN A 141 48.37 29.99 -14.12
N CYS A 142 49.34 29.12 -14.41
CA CYS A 142 49.05 27.69 -14.51
C CYS A 142 48.54 27.14 -13.19
N THR A 143 47.40 26.46 -13.23
CA THR A 143 46.80 25.84 -12.06
C THR A 143 46.86 24.32 -12.11
N PHE A 144 47.05 23.72 -13.28
CA PHE A 144 47.10 22.27 -13.42
C PHE A 144 48.10 21.92 -14.50
N GLU A 145 48.93 20.91 -14.22
CA GLU A 145 49.96 20.47 -15.15
C GLU A 145 50.10 18.97 -15.04
N TYR A 146 50.14 18.28 -16.19
CA TYR A 146 50.29 16.83 -16.21
C TYR A 146 51.02 16.43 -17.48
N VAL A 147 52.03 15.57 -17.32
CA VAL A 147 52.80 15.03 -18.43
C VAL A 147 52.87 13.52 -18.26
N SER A 148 52.53 12.78 -19.31
CA SER A 148 52.45 11.33 -19.24
C SER A 148 53.82 10.71 -19.50
N LYS A 149 53.86 9.38 -19.51
CA LYS A 149 55.10 8.66 -19.80
C LYS A 149 55.51 8.85 -21.25
N ASP A 150 56.81 8.78 -21.49
CA ASP A 150 57.35 9.04 -22.82
C ASP A 150 56.96 7.93 -23.79
N PHE A 151 56.77 8.32 -25.05
CA PHE A 151 56.47 7.38 -26.12
C PHE A 151 57.04 7.94 -27.41
N ASN A 152 56.68 7.34 -28.54
CA ASN A 152 57.13 7.79 -29.86
C ASN A 152 55.96 7.72 -30.81
N LEU A 153 55.53 8.88 -31.30
CA LEU A 153 54.43 8.94 -32.26
C LEU A 153 54.97 8.76 -33.67
N ASP A 154 54.19 8.09 -34.52
CA ASP A 154 54.61 7.77 -35.88
C ASP A 154 54.22 8.94 -36.79
N LEU A 155 55.17 9.82 -37.05
CA LEU A 155 54.93 10.97 -37.92
C LEU A 155 55.15 10.60 -39.37
N GLY A 156 54.59 11.40 -40.27
CA GLY A 156 54.72 11.18 -41.69
C GLY A 156 53.41 10.88 -42.38
N GLU A 157 53.18 11.52 -43.52
CA GLU A 157 51.97 11.26 -44.30
C GLU A 157 51.93 9.82 -44.77
N LYS A 158 50.72 9.27 -44.81
CA LYS A 158 50.51 7.89 -45.24
C LYS A 158 49.47 7.84 -46.34
N PRO A 159 49.57 6.89 -47.27
CA PRO A 159 48.58 6.79 -48.34
C PRO A 159 47.39 5.91 -47.97
N GLY A 160 46.39 5.88 -48.83
CA GLY A 160 45.24 5.01 -48.62
C GLY A 160 44.11 5.69 -47.88
N ASN A 161 43.13 4.87 -47.52
CA ASN A 161 41.96 5.34 -46.80
C ASN A 161 42.31 5.65 -45.35
N PHE A 162 41.41 6.37 -44.69
CA PHE A 162 41.55 6.58 -43.25
C PHE A 162 41.50 5.24 -42.53
N LYS A 163 42.45 5.03 -41.62
CA LYS A 163 42.57 3.76 -40.92
C LYS A 163 42.21 3.82 -39.44
N ASP A 164 42.40 4.97 -38.80
CA ASP A 164 42.17 5.10 -37.37
C ASP A 164 40.96 5.99 -37.11
N LEU A 165 40.01 5.47 -36.32
CA LEU A 165 38.88 6.24 -35.79
C LEU A 165 39.10 6.37 -34.29
N ARG A 166 39.43 7.58 -33.85
CA ARG A 166 39.64 7.86 -32.43
C ARG A 166 38.47 8.69 -31.92
N GLU A 167 37.77 8.19 -30.92
CA GLU A 167 36.57 8.83 -30.38
C GLU A 167 36.83 9.32 -28.97
N PHE A 168 36.26 10.48 -28.65
CA PHE A 168 36.37 11.08 -27.33
C PHE A 168 35.03 11.66 -26.92
N VAL A 169 34.77 11.64 -25.62
CA VAL A 169 33.65 12.37 -25.03
C VAL A 169 34.22 13.29 -23.97
N PHE A 170 33.88 14.57 -24.05
CA PHE A 170 34.32 15.58 -23.10
C PHE A 170 33.09 16.14 -22.40
N ARG A 171 33.14 16.18 -21.07
CA ARG A 171 32.01 16.66 -20.28
C ARG A 171 32.50 17.42 -19.07
N ASN A 172 32.09 18.68 -18.94
CA ASN A 172 32.49 19.53 -17.83
C ASN A 172 31.38 19.54 -16.79
N LYS A 173 31.71 19.14 -15.56
CA LYS A 173 30.69 19.00 -14.52
C LYS A 173 31.34 19.04 -13.15
N ASP A 174 30.81 19.88 -12.27
CA ASP A 174 31.22 19.93 -10.87
C ASP A 174 32.73 20.13 -10.74
N GLY A 175 33.28 21.01 -11.59
CA GLY A 175 34.69 21.32 -11.54
C GLY A 175 35.59 20.28 -12.13
N PHE A 176 35.05 19.25 -12.77
CA PHE A 176 35.83 18.17 -13.36
C PHE A 176 35.56 18.10 -14.85
N LEU A 177 36.64 18.04 -15.63
CA LEU A 177 36.53 17.72 -17.06
C LEU A 177 36.71 16.22 -17.21
N HIS A 178 35.62 15.52 -17.51
CA HIS A 178 35.65 14.09 -17.75
C HIS A 178 35.97 13.84 -19.21
N VAL A 179 36.99 13.00 -19.45
CA VAL A 179 37.41 12.62 -20.79
C VAL A 179 37.32 11.10 -20.89
N TYR A 180 36.46 10.62 -21.77
CA TYR A 180 36.36 9.21 -22.12
C TYR A 180 36.88 9.03 -23.54
N SER A 181 37.54 7.90 -23.80
CA SER A 181 38.20 7.70 -25.08
C SER A 181 37.97 6.29 -25.60
N GLY A 182 38.14 6.14 -26.90
CA GLY A 182 38.05 4.84 -27.54
C GLY A 182 38.73 4.87 -28.89
N TYR A 183 39.09 3.68 -29.38
CA TYR A 183 39.79 3.54 -30.65
C TYR A 183 39.12 2.45 -31.48
N GLN A 184 39.22 2.59 -32.80
CA GLN A 184 38.69 1.60 -33.72
C GLN A 184 39.50 1.59 -35.01
N PRO A 185 39.79 0.41 -35.56
CA PRO A 185 40.35 0.36 -36.92
C PRO A 185 39.25 0.42 -37.96
N ILE A 186 39.42 1.30 -38.96
CA ILE A 186 38.44 1.51 -40.01
C ILE A 186 39.15 1.50 -41.35
N SER A 187 38.36 1.46 -42.42
CA SER A 187 38.85 1.54 -43.79
C SER A 187 37.97 2.47 -44.61
N ALA A 188 37.61 3.61 -44.06
CA ALA A 188 36.66 4.53 -44.67
C ALA A 188 37.40 5.61 -45.46
N ALA A 189 36.92 5.88 -46.68
CA ALA A 189 37.50 6.94 -47.48
C ALA A 189 37.05 8.32 -47.00
N SER A 190 35.80 8.44 -46.57
CA SER A 190 35.27 9.70 -46.08
C SER A 190 34.05 9.41 -45.22
N GLY A 191 33.63 10.42 -44.46
CA GLY A 191 32.46 10.32 -43.61
C GLY A 191 32.77 9.65 -42.28
N LEU A 192 31.74 9.64 -41.42
CA LEU A 192 31.86 9.02 -40.11
C LEU A 192 31.34 7.60 -40.18
N PRO A 193 32.18 6.58 -39.98
CA PRO A 193 31.70 5.20 -40.07
C PRO A 193 30.59 4.92 -39.05
N THR A 194 29.64 4.10 -39.45
CA THR A 194 28.56 3.69 -38.56
C THR A 194 29.02 2.55 -37.67
N GLY A 195 28.55 2.56 -36.42
CA GLY A 195 28.89 1.48 -35.51
C GLY A 195 28.67 1.90 -34.07
N PHE A 196 29.05 0.98 -33.18
CA PHE A 196 28.92 1.17 -31.74
C PHE A 196 30.26 0.89 -31.09
N ASN A 197 30.69 1.76 -30.18
CA ASN A 197 31.95 1.58 -29.48
C ASN A 197 31.86 2.31 -28.14
N ALA A 198 31.77 1.55 -27.05
CA ALA A 198 31.67 2.15 -25.73
C ALA A 198 33.01 2.76 -25.33
N LEU A 199 32.98 3.98 -24.82
CA LEU A 199 34.17 4.72 -24.43
C LEU A 199 34.43 4.53 -22.94
N LYS A 200 35.69 4.28 -22.60
CA LYS A 200 36.06 4.09 -21.21
C LYS A 200 36.63 5.38 -20.61
N PRO A 201 36.39 5.63 -19.33
CA PRO A 201 36.98 6.82 -18.71
C PRO A 201 38.49 6.75 -18.70
N ILE A 202 39.13 7.85 -19.09
CA ILE A 202 40.59 7.91 -19.08
C ILE A 202 41.07 9.10 -18.25
N PHE A 203 40.25 10.14 -18.13
CA PHE A 203 40.66 11.27 -17.32
C PHE A 203 39.46 11.89 -16.61
N LYS A 204 39.71 12.36 -15.39
CA LYS A 204 38.75 13.17 -14.63
C LYS A 204 39.56 14.33 -14.07
N LEU A 205 39.71 15.39 -14.87
CA LEU A 205 40.67 16.44 -14.56
C LEU A 205 40.05 17.46 -13.61
N PRO A 206 40.70 17.76 -12.46
CA PRO A 206 40.18 18.76 -11.51
C PRO A 206 40.53 20.19 -11.91
N LEU A 207 39.97 20.65 -13.02
CA LEU A 207 40.35 21.94 -13.58
C LEU A 207 39.56 23.10 -12.98
N GLY A 208 38.26 22.93 -12.78
CA GLY A 208 37.44 24.00 -12.24
C GLY A 208 37.40 25.21 -13.16
N ILE A 209 37.18 24.98 -14.45
CA ILE A 209 37.23 26.03 -15.45
C ILE A 209 35.87 26.15 -16.12
N ASN A 210 35.55 27.36 -16.56
CA ASN A 210 34.33 27.65 -17.30
C ASN A 210 34.61 27.42 -18.79
N ILE A 211 34.11 26.31 -19.32
CA ILE A 211 34.39 25.89 -20.69
C ILE A 211 33.14 26.10 -21.52
N THR A 212 33.23 26.99 -22.51
CA THR A 212 32.16 27.21 -23.47
C THR A 212 32.60 27.00 -24.91
N ASN A 213 33.89 27.12 -25.22
CA ASN A 213 34.39 27.01 -26.58
C ASN A 213 35.64 26.15 -26.58
N PHE A 214 35.95 25.60 -27.76
CA PHE A 214 37.17 24.82 -27.91
C PHE A 214 37.63 24.88 -29.36
N ARG A 215 38.92 24.60 -29.56
CA ARG A 215 39.53 24.58 -30.87
C ARG A 215 40.45 23.36 -30.99
N THR A 216 40.38 22.68 -32.12
CA THR A 216 41.22 21.50 -32.36
C THR A 216 42.63 21.92 -32.74
N LEU A 217 43.60 21.15 -32.26
CA LEU A 217 45.01 21.37 -32.55
C LEU A 217 45.46 20.31 -33.55
N LEU A 218 45.71 20.74 -34.78
CA LEU A 218 46.13 19.89 -35.89
C LEU A 218 47.59 20.17 -36.22
N THR A 219 48.10 19.49 -37.23
CA THR A 219 49.46 19.67 -37.69
C THR A 219 49.46 20.00 -39.19
N ALA A 220 50.35 20.91 -39.58
CA ALA A 220 50.49 21.33 -40.96
C ALA A 220 51.74 20.71 -41.58
N PHE A 221 51.72 20.62 -42.91
CA PHE A 221 52.78 19.97 -43.68
C PHE A 221 53.31 20.97 -44.70
N PRO A 222 54.26 21.82 -44.32
CA PRO A 222 54.79 22.82 -45.25
C PRO A 222 55.69 22.16 -46.28
N PRO A 223 55.44 22.40 -47.58
CA PRO A 223 56.33 21.84 -48.61
C PRO A 223 57.64 22.59 -48.70
N ARG A 224 57.59 23.89 -48.44
CA ARG A 224 58.75 24.77 -48.47
C ARG A 224 58.81 25.57 -47.18
N PRO A 225 59.99 26.10 -46.83
CA PRO A 225 60.15 26.76 -45.53
C PRO A 225 59.33 28.04 -45.38
N ASP A 226 58.53 28.43 -46.37
CA ASP A 226 57.71 29.63 -46.24
C ASP A 226 56.27 29.42 -46.75
N TYR A 227 55.86 28.20 -47.06
CA TYR A 227 54.53 27.91 -47.57
C TYR A 227 53.90 26.82 -46.72
N TRP A 228 52.57 26.85 -46.64
CA TRP A 228 51.80 25.94 -45.80
C TRP A 228 51.04 24.93 -46.66
N GLY A 229 51.08 23.67 -46.24
CA GLY A 229 50.31 22.63 -46.89
C GLY A 229 49.63 21.76 -45.85
N THR A 230 48.80 20.84 -46.34
CA THR A 230 47.99 20.00 -45.46
C THR A 230 48.00 18.56 -45.94
N SER A 231 47.80 17.65 -44.99
CA SER A 231 47.55 16.24 -45.27
C SER A 231 46.10 15.91 -44.94
N ALA A 232 45.62 14.81 -45.50
CA ALA A 232 44.22 14.45 -45.37
C ALA A 232 43.91 14.02 -43.94
N ALA A 233 42.87 14.62 -43.36
CA ALA A 233 42.34 14.16 -42.08
C ALA A 233 40.97 14.77 -41.90
N ALA A 234 40.15 14.15 -41.03
CA ALA A 234 38.83 14.70 -40.76
C ALA A 234 38.47 14.48 -39.30
N TYR A 235 37.64 15.38 -38.78
CA TYR A 235 37.07 15.19 -37.45
C TYR A 235 35.63 15.68 -37.45
N PHE A 236 34.87 15.19 -36.49
CA PHE A 236 33.43 15.41 -36.42
C PHE A 236 33.06 15.75 -34.99
N VAL A 237 32.13 16.70 -34.84
CA VAL A 237 31.71 17.21 -33.54
C VAL A 237 30.21 17.02 -33.40
N GLY A 238 29.78 16.47 -32.26
CA GLY A 238 28.38 16.39 -31.91
C GLY A 238 28.17 16.81 -30.47
N TYR A 239 26.91 17.06 -30.12
CA TYR A 239 26.56 17.69 -28.85
C TYR A 239 25.73 16.75 -27.98
N LEU A 240 26.13 16.62 -26.72
CA LEU A 240 25.43 15.78 -25.76
C LEU A 240 24.18 16.47 -25.24
N LYS A 241 23.17 15.67 -24.91
CA LYS A 241 21.92 16.16 -24.35
C LYS A 241 21.49 15.23 -23.22
N PRO A 242 20.73 15.74 -22.24
CA PRO A 242 20.23 14.87 -21.17
C PRO A 242 19.15 13.94 -21.70
N THR A 243 19.33 12.64 -21.46
CA THR A 243 18.43 11.63 -22.00
C THR A 243 18.64 10.33 -21.24
N THR A 244 17.73 9.40 -21.46
CA THR A 244 17.76 8.09 -20.82
C THR A 244 18.23 7.04 -21.83
N PHE A 245 19.20 6.23 -21.44
CA PHE A 245 19.74 5.16 -22.26
C PHE A 245 19.65 3.85 -21.51
N MET A 246 19.38 2.77 -22.25
CA MET A 246 19.42 1.42 -21.71
C MET A 246 20.67 0.74 -22.24
N LEU A 247 21.62 0.47 -21.36
CA LEU A 247 22.89 -0.13 -21.72
C LEU A 247 22.84 -1.65 -21.51
N LYS A 248 23.63 -2.37 -22.31
CA LYS A 248 23.72 -3.83 -22.24
C LYS A 248 25.12 -4.22 -21.81
N TYR A 249 25.23 -4.93 -20.69
CA TYR A 249 26.49 -5.49 -20.22
C TYR A 249 26.50 -6.99 -20.54
N ASP A 250 27.53 -7.42 -21.27
CA ASP A 250 27.65 -8.80 -21.70
C ASP A 250 28.38 -9.62 -20.63
N GLU A 251 28.80 -10.83 -21.00
CA GLU A 251 29.37 -11.76 -20.02
C GLU A 251 30.62 -11.18 -19.35
N ASN A 252 31.51 -10.57 -20.13
CA ASN A 252 32.73 -10.03 -19.56
C ASN A 252 32.53 -8.69 -18.87
N GLY A 253 31.31 -8.14 -18.92
CA GLY A 253 31.06 -6.85 -18.31
C GLY A 253 31.44 -5.66 -19.17
N THR A 254 31.39 -5.79 -20.49
CA THR A 254 31.65 -4.71 -21.40
C THR A 254 30.34 -4.25 -22.03
N ILE A 255 30.19 -2.94 -22.20
CA ILE A 255 29.00 -2.40 -22.86
C ILE A 255 29.08 -2.71 -24.35
N THR A 256 28.17 -3.54 -24.84
CA THR A 256 28.16 -3.96 -26.23
C THR A 256 27.00 -3.38 -27.03
N ASP A 257 26.01 -2.80 -26.39
CA ASP A 257 24.85 -2.26 -27.10
C ASP A 257 24.12 -1.29 -26.19
N ALA A 258 23.32 -0.42 -26.81
CA ALA A 258 22.53 0.55 -26.07
C ALA A 258 21.28 0.89 -26.87
N VAL A 259 20.27 1.37 -26.14
CA VAL A 259 19.03 1.86 -26.74
C VAL A 259 18.80 3.28 -26.24
N ASP A 260 18.53 4.20 -27.17
CA ASP A 260 18.21 5.58 -26.86
C ASP A 260 16.70 5.69 -26.71
N CYS A 261 16.22 5.91 -25.48
CA CYS A 261 14.80 5.81 -25.20
C CYS A 261 13.99 6.86 -25.94
N SER A 262 14.60 8.00 -26.29
CA SER A 262 13.88 9.13 -26.87
C SER A 262 13.93 9.17 -28.40
N GLN A 263 14.54 8.17 -29.05
CA GLN A 263 14.71 8.25 -30.49
C GLN A 263 13.39 8.14 -31.23
N ASN A 264 12.56 7.18 -30.85
CA ASN A 264 11.29 6.93 -31.53
C ASN A 264 10.41 6.08 -30.63
N PRO A 265 9.13 5.94 -30.96
CA PRO A 265 8.25 5.15 -30.08
C PRO A 265 8.74 3.73 -29.83
N LEU A 266 9.34 3.08 -30.82
CA LEU A 266 9.83 1.72 -30.60
C LEU A 266 10.92 1.70 -29.54
N ALA A 267 11.83 2.68 -29.57
CA ALA A 267 12.87 2.75 -28.56
C ALA A 267 12.28 3.00 -27.18
N GLU A 268 11.26 3.85 -27.10
CA GLU A 268 10.61 4.09 -25.82
C GLU A 268 9.98 2.81 -25.29
N LEU A 269 9.32 2.05 -26.16
CA LEU A 269 8.74 0.77 -25.74
C LEU A 269 9.83 -0.19 -25.25
N LYS A 270 10.96 -0.25 -25.97
CA LYS A 270 12.05 -1.12 -25.56
C LYS A 270 12.56 -0.73 -24.18
N CYS A 271 12.74 0.58 -23.94
CA CYS A 271 13.20 1.03 -22.64
C CYS A 271 12.18 0.72 -21.55
N SER A 272 10.89 0.86 -21.86
CA SER A 272 9.86 0.58 -20.86
C SER A 272 9.84 -0.89 -20.47
N VAL A 273 9.92 -1.80 -21.46
CA VAL A 273 9.87 -3.22 -21.15
C VAL A 273 11.21 -3.78 -20.72
N LYS A 274 12.30 -3.02 -20.87
CA LYS A 274 13.62 -3.45 -20.45
C LYS A 274 14.06 -4.71 -21.21
N SER A 275 13.99 -4.65 -22.53
CA SER A 275 14.45 -5.75 -23.35
C SER A 275 14.71 -5.24 -24.76
N PHE A 276 15.75 -5.80 -25.41
CA PHE A 276 16.06 -5.44 -26.78
C PHE A 276 15.17 -6.15 -27.79
N GLU A 277 14.40 -7.14 -27.36
CA GLU A 277 13.51 -7.89 -28.24
C GLU A 277 12.07 -7.67 -27.79
N ILE A 278 11.22 -7.28 -28.73
CA ILE A 278 9.79 -7.07 -28.49
C ILE A 278 9.03 -8.05 -29.37
N ASP A 279 8.03 -8.71 -28.78
CA ASP A 279 7.20 -9.64 -29.53
C ASP A 279 6.17 -8.88 -30.36
N LYS A 280 5.56 -9.61 -31.30
CA LYS A 280 4.53 -9.02 -32.15
C LYS A 280 3.31 -8.61 -31.32
N GLY A 281 2.75 -7.46 -31.64
CA GLY A 281 1.53 -7.01 -31.00
C GLY A 281 1.48 -5.49 -30.94
N ILE A 282 0.52 -5.00 -30.17
CA ILE A 282 0.28 -3.58 -29.97
C ILE A 282 0.56 -3.27 -28.50
N TYR A 283 1.28 -2.18 -28.25
CA TYR A 283 1.76 -1.83 -26.92
C TYR A 283 1.43 -0.38 -26.64
N GLN A 284 0.90 -0.11 -25.45
CA GLN A 284 0.69 1.26 -25.02
C GLN A 284 2.02 1.91 -24.67
N THR A 285 2.25 3.11 -25.17
CA THR A 285 3.45 3.88 -24.87
C THR A 285 3.05 5.18 -24.19
N SER A 286 4.02 6.06 -23.99
CA SER A 286 3.76 7.32 -23.32
C SER A 286 2.77 8.15 -24.11
N ASN A 287 1.95 8.91 -23.39
CA ASN A 287 1.06 9.86 -24.03
C ASN A 287 1.88 10.90 -24.79
N PHE A 288 1.31 11.36 -25.90
CA PHE A 288 2.05 12.27 -26.78
C PHE A 288 2.58 13.47 -26.00
N ARG A 289 3.89 13.61 -25.99
CA ARG A 289 4.57 14.65 -25.22
C ARG A 289 5.04 15.76 -26.15
N VAL A 290 4.98 16.99 -25.66
CA VAL A 290 5.46 18.16 -26.38
C VAL A 290 6.44 18.91 -25.48
N ALA A 291 7.62 19.19 -26.02
CA ALA A 291 8.63 19.89 -25.24
C ALA A 291 8.53 21.40 -25.47
N PRO A 292 8.60 22.21 -24.41
CA PRO A 292 8.54 23.66 -24.61
C PRO A 292 9.72 24.16 -25.42
N SER A 293 9.48 25.19 -26.22
CA SER A 293 10.52 25.80 -27.03
C SER A 293 10.80 27.25 -26.68
N LYS A 294 9.91 27.91 -25.95
CA LYS A 294 10.06 29.33 -25.63
C LYS A 294 9.82 29.55 -24.15
N GLU A 295 10.25 30.72 -23.68
CA GLU A 295 10.15 31.11 -22.28
C GLU A 295 9.33 32.38 -22.15
N VAL A 296 8.37 32.37 -21.25
CA VAL A 296 7.53 33.52 -20.94
C VAL A 296 7.74 33.88 -19.48
N VAL A 297 8.06 35.15 -19.22
CA VAL A 297 8.25 35.65 -17.87
C VAL A 297 7.39 36.89 -17.72
N ARG A 298 6.49 36.89 -16.74
CA ARG A 298 5.54 37.99 -16.54
C ARG A 298 5.57 38.43 -15.08
N PHE A 299 6.23 39.54 -14.83
CA PHE A 299 6.23 40.24 -13.55
C PHE A 299 5.54 41.59 -13.71
N PRO A 300 5.03 42.17 -12.62
CA PRO A 300 4.33 43.44 -12.75
C PRO A 300 5.29 44.60 -13.00
N ASN A 301 4.71 45.72 -13.44
CA ASN A 301 5.50 46.92 -13.70
C ASN A 301 6.04 47.45 -12.38
N ILE A 302 7.33 47.23 -12.13
CA ILE A 302 7.99 47.72 -10.94
C ILE A 302 9.27 48.44 -11.38
N THR A 303 9.45 49.67 -10.90
CA THR A 303 10.58 50.49 -11.31
C THR A 303 11.54 50.81 -10.17
N ASN A 304 11.06 50.91 -8.93
CA ASN A 304 11.90 51.34 -7.82
C ASN A 304 12.55 50.14 -7.14
N LEU A 305 13.71 50.40 -6.55
CA LEU A 305 14.37 49.43 -5.69
C LEU A 305 13.74 49.46 -4.30
N CYS A 306 13.68 48.30 -3.66
CA CYS A 306 13.10 48.22 -2.33
C CYS A 306 13.94 49.04 -1.36
N PRO A 307 13.32 49.56 -0.30
CA PRO A 307 14.05 50.49 0.60
C PRO A 307 15.07 49.78 1.48
N PHE A 308 16.03 49.10 0.86
CA PHE A 308 17.06 48.41 1.64
C PHE A 308 17.79 49.37 2.57
N GLY A 309 18.04 50.59 2.10
CA GLY A 309 18.73 51.57 2.94
C GLY A 309 17.88 52.06 4.09
N GLU A 310 16.57 52.11 3.91
CA GLU A 310 15.69 52.57 4.98
C GLU A 310 15.52 51.53 6.07
N VAL A 311 15.55 50.24 5.72
CA VAL A 311 15.32 49.17 6.68
C VAL A 311 16.63 48.77 7.34
N PHE A 312 17.57 48.27 6.54
CA PHE A 312 18.80 47.72 7.08
C PHE A 312 19.81 48.77 7.50
N ASN A 313 19.61 50.02 7.08
CA ASN A 313 20.54 51.10 7.41
C ASN A 313 19.85 52.25 8.12
N ALA A 314 18.79 51.94 8.87
CA ALA A 314 18.08 52.95 9.64
C ALA A 314 18.96 53.50 10.75
N THR A 315 18.69 54.75 11.13
CA THR A 315 19.52 55.40 12.14
C THR A 315 19.24 54.86 13.54
N THR A 316 18.00 54.47 13.82
CA THR A 316 17.61 53.98 15.13
C THR A 316 16.80 52.70 14.98
N PHE A 317 16.87 51.85 16.00
CA PHE A 317 16.14 50.60 16.05
C PHE A 317 15.34 50.52 17.33
N PRO A 318 14.19 49.86 17.32
CA PRO A 318 13.36 49.80 18.53
C PRO A 318 13.90 48.79 19.54
N SER A 319 13.33 48.82 20.73
CA SER A 319 13.52 47.75 21.69
C SER A 319 12.71 46.53 21.28
N VAL A 320 13.16 45.35 21.72
CA VAL A 320 12.52 44.11 21.29
C VAL A 320 11.08 44.05 21.80
N TYR A 321 10.83 44.56 23.01
CA TYR A 321 9.47 44.52 23.53
C TYR A 321 8.55 45.44 22.73
N ALA A 322 9.09 46.53 22.19
CA ALA A 322 8.32 47.50 21.41
C ALA A 322 8.72 47.43 19.93
N TRP A 323 8.92 46.22 19.42
CA TRP A 323 9.41 46.04 18.06
C TRP A 323 8.45 46.69 17.06
N GLU A 324 9.02 47.28 16.01
CA GLU A 324 8.26 48.00 15.01
C GLU A 324 8.21 47.22 13.71
N ARG A 325 7.04 47.24 13.07
CA ARG A 325 6.78 46.58 11.80
C ARG A 325 6.60 47.62 10.70
N LYS A 326 7.12 47.31 9.52
CA LYS A 326 7.06 48.21 8.37
C LYS A 326 6.60 47.44 7.14
N ARG A 327 5.63 47.99 6.43
CA ARG A 327 5.14 47.35 5.21
C ARG A 327 6.01 47.73 4.03
N ILE A 328 6.19 46.78 3.10
CA ILE A 328 7.01 46.99 1.91
C ILE A 328 6.23 46.52 0.70
N SER A 329 6.14 47.39 -0.31
CA SER A 329 5.36 47.07 -1.50
C SER A 329 5.90 47.86 -2.69
N ASN A 330 5.60 47.36 -3.89
CA ASN A 330 5.91 48.05 -5.15
C ASN A 330 7.41 48.34 -5.26
N CYS A 331 8.21 47.29 -5.31
CA CYS A 331 9.64 47.46 -5.46
C CYS A 331 10.30 46.18 -5.93
N VAL A 332 11.58 46.31 -6.31
CA VAL A 332 12.41 45.21 -6.76
C VAL A 332 13.33 44.81 -5.62
N ALA A 333 13.23 43.56 -5.20
CA ALA A 333 14.07 43.02 -4.12
C ALA A 333 15.37 42.47 -4.73
N ASP A 334 16.22 43.39 -5.15
CA ASP A 334 17.55 43.06 -5.67
C ASP A 334 18.53 43.16 -4.50
N TYR A 335 18.53 42.11 -3.68
CA TYR A 335 19.26 42.18 -2.42
C TYR A 335 20.77 42.14 -2.61
N SER A 336 21.26 41.89 -3.82
CA SER A 336 22.70 41.93 -4.05
C SER A 336 23.29 43.31 -3.75
N VAL A 337 22.48 44.36 -3.79
CA VAL A 337 22.97 45.69 -3.44
C VAL A 337 23.44 45.71 -1.98
N LEU A 338 22.86 44.86 -1.14
CA LEU A 338 23.30 44.76 0.25
C LEU A 338 24.71 44.22 0.36
N TYR A 339 25.19 43.47 -0.64
CA TYR A 339 26.50 42.84 -0.54
C TYR A 339 27.58 43.86 -0.21
N ASN A 340 27.47 45.07 -0.76
CA ASN A 340 28.51 46.07 -0.59
C ASN A 340 28.46 46.79 0.75
N SER A 341 27.35 46.68 1.49
CA SER A 341 27.14 47.51 2.67
C SER A 341 26.94 46.74 3.95
N THR A 342 26.33 45.55 3.91
CA THR A 342 25.94 44.84 5.11
C THR A 342 26.56 43.45 5.17
N SER A 343 27.06 43.09 6.34
CA SER A 343 27.55 41.75 6.64
C SER A 343 26.68 41.16 7.73
N PHE A 344 26.11 39.99 7.47
CA PHE A 344 25.12 39.39 8.35
C PHE A 344 25.71 38.19 9.08
N SER A 345 25.77 38.28 10.41
CA SER A 345 26.20 37.15 11.22
C SER A 345 25.23 35.98 11.11
N THR A 346 23.92 36.27 11.06
CA THR A 346 22.89 35.25 10.97
C THR A 346 21.99 35.56 9.78
N PHE A 347 21.74 34.55 8.96
CA PHE A 347 20.75 34.67 7.88
C PHE A 347 20.12 33.30 7.70
N LYS A 348 18.86 33.17 8.08
CA LYS A 348 18.16 31.89 8.03
C LYS A 348 16.77 32.10 7.46
N CYS A 349 16.41 31.29 6.46
CA CYS A 349 15.12 31.44 5.78
C CYS A 349 14.27 30.20 6.01
N TYR A 350 12.97 30.43 6.21
CA TYR A 350 12.00 29.39 6.50
C TYR A 350 10.90 29.45 5.45
N GLY A 351 10.53 28.29 4.93
CA GLY A 351 9.49 28.20 3.92
C GLY A 351 9.95 28.51 2.51
N VAL A 352 11.22 28.83 2.32
CA VAL A 352 11.74 29.20 1.00
C VAL A 352 13.24 28.94 1.00
N SER A 353 13.76 28.53 -0.15
CA SER A 353 15.19 28.30 -0.31
C SER A 353 15.90 29.60 -0.63
N ALA A 354 17.08 29.78 -0.05
CA ALA A 354 17.81 31.03 -0.22
C ALA A 354 18.16 31.29 -1.69
N THR A 355 18.36 30.23 -2.48
CA THR A 355 18.77 30.40 -3.86
C THR A 355 17.63 30.69 -4.80
N LYS A 356 16.37 30.60 -4.35
CA LYS A 356 15.22 30.90 -5.19
C LYS A 356 14.73 32.33 -5.02
N LEU A 357 15.28 33.09 -4.07
CA LEU A 357 14.75 34.42 -3.77
C LEU A 357 14.77 35.33 -5.00
N ASN A 358 15.77 35.18 -5.86
CA ASN A 358 15.89 36.05 -7.02
C ASN A 358 14.83 35.78 -8.08
N ASP A 359 14.12 34.66 -8.00
CA ASP A 359 13.18 34.26 -9.06
C ASP A 359 11.72 34.31 -8.59
N LEU A 360 11.43 35.02 -7.50
CA LEU A 360 10.11 35.00 -6.88
C LEU A 360 9.54 36.40 -6.77
N CYS A 361 8.24 36.46 -6.50
CA CYS A 361 7.54 37.67 -6.11
C CYS A 361 6.84 37.43 -4.79
N PHE A 362 6.85 38.44 -3.92
CA PHE A 362 6.48 38.28 -2.53
C PHE A 362 5.21 39.07 -2.22
N SER A 363 4.29 38.43 -1.48
CA SER A 363 3.03 39.03 -1.08
C SER A 363 3.07 39.43 0.39
N ASN A 364 2.40 40.54 0.71
CA ASN A 364 2.26 41.02 2.09
C ASN A 364 3.60 41.01 2.82
N VAL A 365 4.52 41.82 2.31
CA VAL A 365 5.89 41.85 2.82
C VAL A 365 5.96 42.82 4.00
N TYR A 366 6.41 42.32 5.14
CA TYR A 366 6.63 43.15 6.32
C TYR A 366 8.04 42.90 6.85
N ALA A 367 8.62 43.94 7.43
CA ALA A 367 9.92 43.88 8.08
C ALA A 367 9.75 44.31 9.53
N ASP A 368 10.10 43.42 10.46
CA ASP A 368 10.08 43.70 11.88
C ASP A 368 11.52 43.95 12.33
N SER A 369 11.75 45.07 13.02
CA SER A 369 13.09 45.49 13.36
C SER A 369 13.24 45.64 14.87
N PHE A 370 14.36 45.17 15.41
CA PHE A 370 14.63 45.39 16.83
C PHE A 370 16.09 45.05 17.14
N VAL A 371 16.47 45.17 18.40
CA VAL A 371 17.82 44.91 18.89
C VAL A 371 17.73 43.93 20.06
N VAL A 372 18.67 42.98 20.11
CA VAL A 372 18.75 42.02 21.20
C VAL A 372 20.21 41.82 21.60
N LYS A 373 20.42 40.98 22.60
CA LYS A 373 21.73 40.52 23.00
C LYS A 373 22.21 39.41 22.06
N GLY A 374 23.53 39.27 21.97
CA GLY A 374 24.08 38.20 21.16
C GLY A 374 23.58 36.83 21.58
N ASP A 375 23.57 36.57 22.89
CA ASP A 375 23.06 35.30 23.39
C ASP A 375 21.59 35.12 23.05
N ASP A 376 20.84 36.21 22.94
CA ASP A 376 19.40 36.13 22.69
C ASP A 376 19.06 35.96 21.21
N VAL A 377 20.03 36.12 20.30
CA VAL A 377 19.75 36.01 18.88
C VAL A 377 19.23 34.63 18.54
N ARG A 378 19.77 33.59 19.19
CA ARG A 378 19.32 32.23 18.95
C ARG A 378 17.84 32.06 19.25
N GLN A 379 17.25 32.93 20.06
CA GLN A 379 15.84 32.83 20.40
C GLN A 379 14.92 33.36 19.32
N ILE A 380 15.45 34.09 18.34
CA ILE A 380 14.62 34.64 17.25
C ILE A 380 14.53 33.54 16.20
N ALA A 381 13.61 32.61 16.44
CA ALA A 381 13.42 31.45 15.58
C ALA A 381 12.19 30.69 16.07
N PRO A 382 11.48 29.99 15.19
CA PRO A 382 10.28 29.28 15.64
C PRO A 382 10.61 28.21 16.68
N GLY A 383 9.72 28.03 17.64
CA GLY A 383 9.82 26.96 18.61
C GLY A 383 10.80 27.19 19.73
N GLN A 384 11.30 28.41 19.90
CA GLN A 384 12.27 28.68 20.95
C GLN A 384 11.58 29.04 22.26
N THR A 385 12.35 28.92 23.34
CA THR A 385 11.91 29.32 24.66
C THR A 385 12.97 30.25 25.26
N GLY A 386 12.56 31.01 26.26
CA GLY A 386 13.41 32.00 26.88
C GLY A 386 12.68 33.30 27.06
N VAL A 387 13.37 34.26 27.69
CA VAL A 387 12.74 35.52 28.05
C VAL A 387 12.25 36.24 26.80
N ILE A 388 13.08 36.29 25.76
CA ILE A 388 12.71 37.01 24.54
C ILE A 388 11.57 36.30 23.84
N ALA A 389 11.69 34.99 23.64
CA ALA A 389 10.65 34.26 22.92
C ALA A 389 9.37 34.10 23.75
N ASP A 390 9.44 34.29 25.06
CA ASP A 390 8.26 34.14 25.90
C ASP A 390 7.51 35.46 26.10
N TYR A 391 8.24 36.55 26.34
CA TYR A 391 7.61 37.79 26.77
C TYR A 391 7.78 38.97 25.81
N ASN A 392 8.65 38.86 24.81
CA ASN A 392 8.97 40.01 23.96
C ASN A 392 8.60 39.82 22.50
N TYR A 393 9.08 38.76 21.86
CA TYR A 393 8.88 38.59 20.43
C TYR A 393 8.79 37.10 20.12
N LYS A 394 7.65 36.67 19.59
CA LYS A 394 7.37 35.27 19.33
C LYS A 394 7.10 35.08 17.84
N LEU A 395 7.80 34.10 17.23
CA LEU A 395 7.57 33.77 15.84
C LEU A 395 6.58 32.61 15.72
N PRO A 396 5.76 32.57 14.68
CA PRO A 396 4.82 31.46 14.51
C PRO A 396 5.57 30.16 14.21
N ASP A 397 4.89 29.05 14.50
CA ASP A 397 5.45 27.75 14.18
C ASP A 397 5.61 27.57 12.68
N ASP A 398 4.66 28.09 11.90
CA ASP A 398 4.66 27.98 10.45
C ASP A 398 5.22 29.23 9.78
N PHE A 399 6.21 29.85 10.40
CA PHE A 399 6.77 31.08 9.88
C PHE A 399 7.30 30.90 8.47
N THR A 400 6.95 31.83 7.59
CA THR A 400 7.53 31.92 6.25
C THR A 400 8.21 33.26 6.12
N GLY A 401 9.48 33.24 5.79
CA GLY A 401 10.23 34.48 5.73
C GLY A 401 11.69 34.22 6.01
N CYS A 402 12.36 35.23 6.54
CA CYS A 402 13.79 35.13 6.81
C CYS A 402 14.15 35.97 8.03
N VAL A 403 15.18 35.53 8.73
CA VAL A 403 15.71 36.22 9.89
C VAL A 403 17.14 36.64 9.54
N LEU A 404 17.42 37.94 9.67
CA LEU A 404 18.75 38.49 9.49
C LEU A 404 19.17 39.14 10.79
N ALA A 405 20.36 38.81 11.26
CA ALA A 405 20.92 39.44 12.44
C ALA A 405 22.37 39.81 12.16
N TRP A 406 22.78 40.97 12.64
CA TRP A 406 24.17 41.38 12.49
C TRP A 406 24.65 42.14 13.71
N ASN A 407 25.91 41.92 14.05
CA ASN A 407 26.53 42.55 15.20
C ASN A 407 26.56 44.06 15.01
N THR A 408 26.20 44.78 16.07
CA THR A 408 26.08 46.23 16.01
C THR A 408 26.83 46.87 17.18
N ARG A 409 27.95 46.26 17.59
CA ARG A 409 28.65 46.73 18.77
C ARG A 409 29.16 48.16 18.60
N ASN A 410 29.64 48.50 17.40
CA ASN A 410 30.32 49.77 17.22
C ASN A 410 29.38 50.96 17.43
N ILE A 411 28.12 50.85 17.00
CA ILE A 411 27.21 51.99 17.04
C ILE A 411 26.21 51.85 18.19
N ASP A 412 25.85 50.62 18.55
CA ASP A 412 24.83 50.39 19.56
C ASP A 412 25.40 50.17 20.96
N ALA A 413 26.72 50.23 21.13
CA ALA A 413 27.34 50.07 22.44
C ALA A 413 28.31 51.22 22.68
N THR A 414 28.49 51.56 23.95
CA THR A 414 29.32 52.69 24.35
C THR A 414 30.27 52.25 25.46
N GLN A 415 31.33 53.04 25.63
CA GLN A 415 32.27 52.78 26.73
C GLN A 415 31.57 52.95 28.08
N THR A 416 30.71 53.97 28.20
CA THR A 416 29.98 54.20 29.44
C THR A 416 28.84 53.22 29.64
N GLY A 417 28.37 52.57 28.58
CA GLY A 417 27.26 51.64 28.69
C GLY A 417 25.96 52.25 28.23
N ASN A 418 25.37 51.69 27.16
CA ASN A 418 24.13 52.21 26.59
C ASN A 418 22.96 51.38 27.11
N TYR A 419 22.03 52.03 27.80
CA TYR A 419 20.90 51.36 28.45
C TYR A 419 19.57 51.69 27.78
N ASN A 420 19.59 52.14 26.52
CA ASN A 420 18.36 52.57 25.87
C ASN A 420 17.46 51.40 25.48
N TYR A 421 18.04 50.23 25.21
CA TYR A 421 17.28 49.09 24.75
C TYR A 421 16.77 48.26 25.93
N LYS A 422 15.55 47.76 25.80
CA LYS A 422 14.85 47.13 26.92
C LYS A 422 14.20 45.82 26.46
N TYR A 423 13.85 45.00 27.44
CA TYR A 423 13.11 43.78 27.21
C TYR A 423 12.27 43.46 28.44
N ARG A 424 11.13 42.82 28.22
CA ARG A 424 10.21 42.49 29.31
C ARG A 424 10.65 41.20 29.98
N SER A 425 10.96 41.27 31.27
CA SER A 425 11.48 40.13 32.01
C SER A 425 10.43 39.40 32.83
N LEU A 426 9.26 39.99 33.05
CA LEU A 426 8.20 39.36 33.82
C LEU A 426 6.86 39.56 33.11
N ARG A 427 6.03 38.53 33.09
CA ARG A 427 4.73 38.62 32.46
C ARG A 427 3.88 37.44 32.88
N HIS A 428 2.58 37.67 33.04
CA HIS A 428 1.63 36.63 33.37
C HIS A 428 1.21 35.93 32.08
N GLY A 429 1.98 34.93 31.68
CA GLY A 429 1.71 34.19 30.47
C GLY A 429 2.55 34.66 29.31
N LYS A 430 2.65 33.80 28.29
CA LYS A 430 3.52 34.03 27.15
C LYS A 430 2.77 34.76 26.04
N LEU A 431 3.52 35.52 25.25
CA LEU A 431 2.94 36.23 24.12
C LEU A 431 2.51 35.26 23.03
N ARG A 432 1.55 35.69 22.22
CA ARG A 432 1.17 34.97 21.03
C ARG A 432 2.05 35.41 19.85
N PRO A 433 2.11 34.62 18.78
CA PRO A 433 3.00 34.94 17.68
C PRO A 433 2.73 36.33 17.09
N PHE A 434 3.82 37.06 16.83
CA PHE A 434 3.78 38.37 16.20
C PHE A 434 2.89 39.37 16.95
N GLU A 435 2.67 39.14 18.24
CA GLU A 435 1.90 40.06 19.07
C GLU A 435 2.85 40.88 19.94
N ARG A 436 2.41 42.08 20.28
CA ARG A 436 3.24 43.05 20.97
C ARG A 436 2.58 43.47 22.28
N ASP A 437 3.40 43.72 23.29
CA ASP A 437 2.92 44.18 24.59
C ASP A 437 3.84 45.30 25.06
N ILE A 438 3.35 46.54 24.98
CA ILE A 438 4.13 47.70 25.37
C ILE A 438 3.59 48.32 26.66
N SER A 439 2.76 47.58 27.39
CA SER A 439 2.28 48.06 28.68
C SER A 439 3.39 48.01 29.72
N ASN A 440 3.39 48.98 30.63
CA ASN A 440 4.36 49.06 31.72
C ASN A 440 3.57 49.25 33.01
N VAL A 441 3.14 48.15 33.60
CA VAL A 441 2.39 48.17 34.85
C VAL A 441 3.13 47.31 35.87
N PRO A 442 3.14 47.68 37.15
CA PRO A 442 3.88 46.88 38.14
C PRO A 442 3.41 45.44 38.14
N PHE A 443 4.37 44.53 38.32
CA PHE A 443 4.12 43.09 38.26
C PHE A 443 4.30 42.47 39.64
N SER A 444 3.35 41.63 40.04
CA SER A 444 3.42 40.89 41.28
C SER A 444 3.18 39.42 40.96
N PRO A 445 4.03 38.51 41.45
CA PRO A 445 3.86 37.09 41.07
C PRO A 445 2.54 36.50 41.52
N ASP A 446 1.86 37.11 42.48
CA ASP A 446 0.55 36.64 42.90
C ASP A 446 -0.58 37.14 42.00
N GLY A 447 -0.27 37.98 41.01
CA GLY A 447 -1.28 38.45 40.08
C GLY A 447 -2.32 39.35 40.68
N LYS A 448 -1.91 40.29 41.51
CA LYS A 448 -2.80 41.27 42.12
C LYS A 448 -2.24 42.66 41.90
N PRO A 449 -3.08 43.69 41.97
CA PRO A 449 -2.58 45.06 41.80
C PRO A 449 -1.37 45.33 42.69
N CYS A 450 -0.49 46.19 42.20
CA CYS A 450 0.89 46.27 42.67
C CYS A 450 1.35 47.72 42.72
N THR A 451 2.25 48.00 43.66
CA THR A 451 2.93 49.28 43.74
C THR A 451 4.41 49.05 43.94
N PRO A 452 5.29 49.83 43.31
CA PRO A 452 6.71 49.45 43.23
C PRO A 452 7.34 49.23 44.59
N PRO A 453 7.04 50.07 45.58
CA PRO A 453 7.73 49.91 46.88
C PRO A 453 7.54 48.55 47.52
N ALA A 454 6.37 47.94 47.37
CA ALA A 454 6.07 46.68 48.06
C ALA A 454 7.17 45.65 47.79
N PHE A 455 7.33 44.74 48.73
CA PHE A 455 8.42 43.76 48.64
C PHE A 455 8.19 42.79 47.47
N ASN A 456 6.94 42.42 47.21
CA ASN A 456 6.60 41.50 46.13
C ASN A 456 6.24 42.21 44.84
N CYS A 457 6.79 43.40 44.61
CA CYS A 457 6.44 44.24 43.47
C CYS A 457 7.69 44.55 42.66
N TYR A 458 7.60 44.33 41.35
CA TYR A 458 8.71 44.57 40.44
C TYR A 458 8.19 45.28 39.18
N TRP A 459 9.03 46.14 38.62
CA TRP A 459 8.76 46.70 37.31
C TRP A 459 9.13 45.68 36.24
N PRO A 460 8.28 45.42 35.24
CA PRO A 460 8.49 44.27 34.36
C PRO A 460 9.48 44.49 33.23
N LEU A 461 10.07 45.66 33.08
CA LEU A 461 10.98 45.95 31.98
C LEU A 461 12.40 46.09 32.51
N ASN A 462 13.34 45.37 31.88
CA ASN A 462 14.76 45.43 32.22
C ASN A 462 15.54 46.04 31.06
N ASP A 463 16.59 46.75 31.40
CA ASP A 463 17.42 47.46 30.42
C ASP A 463 18.66 46.64 30.10
N TYR A 464 18.83 46.30 28.83
CA TYR A 464 20.11 45.77 28.38
C TYR A 464 21.22 46.75 28.70
N GLY A 465 22.33 46.25 29.22
CA GLY A 465 23.51 47.07 29.38
C GLY A 465 24.57 46.71 28.36
N PHE A 466 24.71 47.52 27.32
CA PHE A 466 25.64 47.24 26.23
C PHE A 466 26.89 48.10 26.42
N TYR A 467 28.01 47.44 26.73
CA TYR A 467 29.30 48.10 26.86
C TYR A 467 30.20 47.66 25.72
N ILE A 468 31.17 48.53 25.40
CA ILE A 468 32.11 48.20 24.33
C ILE A 468 32.95 46.98 24.71
N THR A 469 33.39 46.92 25.97
CA THR A 469 34.25 45.85 26.43
C THR A 469 33.48 44.58 26.79
N ASN A 470 32.21 44.46 26.40
CA ASN A 470 31.45 43.28 26.71
C ASN A 470 31.86 42.11 25.82
N GLY A 471 31.56 40.91 26.29
CA GLY A 471 31.78 39.72 25.49
C GLY A 471 30.79 39.64 24.35
N ILE A 472 31.07 38.73 23.42
CA ILE A 472 30.24 38.63 22.22
C ILE A 472 28.81 38.27 22.57
N GLY A 473 28.60 37.48 23.62
CA GLY A 473 27.25 37.13 24.03
C GLY A 473 26.48 38.26 24.68
N TYR A 474 27.16 39.34 25.06
CA TYR A 474 26.53 40.52 25.66
C TYR A 474 26.77 41.75 24.80
N GLN A 475 26.77 41.56 23.49
CA GLN A 475 26.91 42.66 22.56
C GLN A 475 25.63 42.86 21.77
N PRO A 476 25.31 44.09 21.37
CA PRO A 476 24.03 44.33 20.69
C PRO A 476 24.03 43.76 19.28
N TYR A 477 22.91 43.18 18.89
CA TYR A 477 22.70 42.68 17.55
C TYR A 477 21.41 43.26 17.01
N ARG A 478 21.45 43.78 15.78
CA ARG A 478 20.26 44.25 15.12
C ARG A 478 19.64 43.09 14.34
N VAL A 479 18.33 42.93 14.49
CA VAL A 479 17.58 41.83 13.90
C VAL A 479 16.48 42.41 13.04
N VAL A 480 16.39 41.91 11.81
CA VAL A 480 15.29 42.20 10.88
C VAL A 480 14.65 40.87 10.50
N VAL A 481 13.36 40.77 10.72
CA VAL A 481 12.59 39.59 10.34
C VAL A 481 11.69 40.00 9.18
N LEU A 482 11.90 39.39 8.03
CA LEU A 482 11.07 39.61 6.85
C LEU A 482 10.03 38.51 6.78
N SER A 483 8.76 38.89 6.68
CA SER A 483 7.65 37.95 6.62
C SER A 483 6.83 38.23 5.37
N PHE A 484 6.40 37.17 4.70
CA PHE A 484 5.67 37.29 3.45
C PHE A 484 5.02 35.96 3.11
N GLU A 485 4.05 36.02 2.19
CA GLU A 485 3.52 34.87 1.49
C GLU A 485 4.02 34.90 0.06
N LEU A 486 4.01 33.74 -0.61
CA LEU A 486 4.80 33.60 -1.83
C LEU A 486 3.95 33.40 -3.08
N LEU A 487 3.10 32.38 -3.15
CA LEU A 487 2.50 32.00 -4.43
C LEU A 487 1.02 31.71 -4.26
N ASN A 488 0.30 32.60 -3.57
CA ASN A 488 -1.13 32.43 -3.39
C ASN A 488 -1.93 33.72 -3.44
N ALA A 489 -1.30 34.87 -3.70
CA ALA A 489 -2.00 36.15 -3.63
C ALA A 489 -1.25 37.14 -4.50
N PRO A 490 -1.89 38.28 -4.82
CA PRO A 490 -1.18 39.31 -5.58
C PRO A 490 0.06 39.80 -4.86
N ALA A 491 1.08 40.15 -5.65
CA ALA A 491 2.35 40.63 -5.12
C ALA A 491 2.78 41.88 -5.84
N THR A 492 3.46 42.76 -5.11
CA THR A 492 4.02 43.98 -5.66
C THR A 492 5.52 44.09 -5.43
N VAL A 493 6.11 43.18 -4.67
CA VAL A 493 7.56 43.12 -4.48
C VAL A 493 8.06 41.94 -5.29
N CYS A 494 9.01 42.19 -6.19
CA CYS A 494 9.44 41.13 -7.11
C CYS A 494 10.95 41.10 -7.23
N GLY A 495 11.48 39.93 -7.56
CA GLY A 495 12.91 39.76 -7.75
C GLY A 495 13.39 40.45 -9.01
N PRO A 496 14.70 40.68 -9.10
CA PRO A 496 15.23 41.37 -10.28
C PRO A 496 15.27 40.49 -11.51
N LYS A 497 14.14 40.36 -12.20
CA LYS A 497 14.02 39.51 -13.37
C LYS A 497 13.43 40.30 -14.53
N LEU A 498 13.71 39.85 -15.74
CA LEU A 498 13.29 40.55 -16.96
C LEU A 498 12.07 39.84 -17.54
N SER A 499 10.99 40.60 -17.72
CA SER A 499 9.79 40.06 -18.33
C SER A 499 9.94 39.99 -19.85
N THR A 500 9.20 39.07 -20.45
CA THR A 500 9.18 38.89 -21.90
C THR A 500 7.77 39.08 -22.42
N ASP A 501 7.61 38.96 -23.74
CA ASP A 501 6.30 39.08 -24.34
C ASP A 501 5.45 37.87 -24.00
N LEU A 502 4.13 38.08 -23.95
CA LEU A 502 3.19 37.00 -23.67
C LEU A 502 2.97 36.18 -24.94
N ILE A 503 3.29 34.90 -24.87
CA ILE A 503 3.11 33.98 -25.99
C ILE A 503 1.93 33.06 -25.66
N LYS A 504 1.03 32.92 -26.61
CA LYS A 504 -0.22 32.20 -26.40
C LYS A 504 -0.38 31.12 -27.46
N ASN A 505 -1.07 30.04 -27.08
CA ASN A 505 -1.34 28.91 -27.97
C ASN A 505 -0.05 28.18 -28.35
N GLN A 506 0.96 28.21 -27.48
CA GLN A 506 2.21 27.50 -27.71
C GLN A 506 2.73 26.96 -26.39
N CYS A 507 3.23 25.72 -26.42
CA CYS A 507 3.86 25.15 -25.24
C CYS A 507 5.08 25.97 -24.85
N VAL A 508 5.05 26.54 -23.65
CA VAL A 508 6.11 27.41 -23.17
C VAL A 508 6.47 27.05 -21.74
N ASN A 509 7.68 27.46 -21.34
CA ASN A 509 8.06 27.49 -19.93
C ASN A 509 7.71 28.87 -19.40
N PHE A 510 6.74 28.93 -18.50
CA PHE A 510 6.21 30.19 -18.01
C PHE A 510 6.64 30.42 -16.56
N ASN A 511 6.74 31.71 -16.21
CA ASN A 511 7.01 32.15 -14.85
C ASN A 511 6.14 33.37 -14.60
N PHE A 512 5.04 33.17 -13.87
CA PHE A 512 4.11 34.23 -13.51
C PHE A 512 4.30 34.59 -12.04
N ASN A 513 4.88 35.76 -11.78
CA ASN A 513 5.06 36.27 -10.42
C ASN A 513 5.80 35.26 -9.54
N GLY A 514 6.70 34.49 -10.13
CA GLY A 514 7.49 33.53 -9.40
C GLY A 514 6.99 32.10 -9.49
N LEU A 515 5.75 31.89 -9.90
CA LEU A 515 5.21 30.56 -10.10
C LEU A 515 5.66 30.07 -11.47
N THR A 516 6.50 29.04 -11.49
CA THR A 516 7.06 28.50 -12.73
C THR A 516 6.32 27.24 -13.13
N GLY A 517 6.38 26.95 -14.43
CA GLY A 517 5.73 25.74 -14.93
C GLY A 517 5.89 25.64 -16.43
N THR A 518 5.25 24.63 -17.00
CA THR A 518 5.24 24.40 -18.44
C THR A 518 3.80 24.22 -18.89
N GLY A 519 3.40 24.96 -19.91
CA GLY A 519 2.02 24.86 -20.36
C GLY A 519 1.73 25.75 -21.55
N VAL A 520 0.48 25.70 -21.97
CA VAL A 520 -0.05 26.54 -23.04
C VAL A 520 -1.01 27.55 -22.41
N LEU A 521 -0.83 28.82 -22.76
CA LEU A 521 -1.62 29.91 -22.21
C LEU A 521 -2.66 30.36 -23.24
N THR A 522 -3.90 30.51 -22.80
CA THR A 522 -4.99 30.95 -23.65
C THR A 522 -5.79 32.03 -22.92
N PRO A 523 -6.52 32.85 -23.66
CA PRO A 523 -7.42 33.81 -23.00
C PRO A 523 -8.52 33.09 -22.24
N SER A 524 -8.93 33.69 -21.12
CA SER A 524 -9.86 33.06 -20.18
C SER A 524 -11.10 33.90 -20.01
N SER A 525 -12.22 33.22 -19.77
CA SER A 525 -13.49 33.86 -19.47
C SER A 525 -13.74 34.00 -17.97
N LYS A 526 -12.84 33.49 -17.13
CA LYS A 526 -13.00 33.62 -15.69
C LYS A 526 -12.90 35.07 -15.27
N ARG A 527 -13.62 35.42 -14.20
CA ARG A 527 -13.62 36.77 -13.66
C ARG A 527 -13.08 36.71 -12.24
N PHE A 528 -11.81 37.08 -12.08
CA PHE A 528 -11.17 37.09 -10.78
C PHE A 528 -11.59 38.32 -9.99
N GLN A 529 -11.72 38.17 -8.68
CA GLN A 529 -11.88 39.32 -7.82
C GLN A 529 -10.55 40.06 -7.69
N PRO A 530 -10.57 41.32 -7.28
CA PRO A 530 -9.30 42.05 -7.14
C PRO A 530 -8.32 41.41 -6.18
N PHE A 531 -8.80 40.66 -5.18
CA PHE A 531 -7.92 40.04 -4.20
C PHE A 531 -7.44 38.65 -4.63
N GLN A 532 -7.83 38.18 -5.81
CA GLN A 532 -7.46 36.86 -6.31
C GLN A 532 -6.45 36.98 -7.43
N GLN A 533 -5.38 36.20 -7.36
CA GLN A 533 -4.33 36.21 -8.37
C GLN A 533 -4.20 34.89 -9.14
N PHE A 534 -4.47 33.75 -8.50
CA PHE A 534 -4.35 32.45 -9.12
C PHE A 534 -5.66 31.69 -8.99
N GLY A 535 -5.87 30.75 -9.89
CA GLY A 535 -7.03 29.87 -9.84
C GLY A 535 -6.61 28.42 -9.88
N ARG A 536 -7.32 27.58 -9.14
CA ARG A 536 -7.00 26.17 -9.02
C ARG A 536 -8.21 25.32 -9.36
N ASP A 537 -7.95 24.14 -9.90
CA ASP A 537 -8.99 23.19 -10.22
C ASP A 537 -9.15 22.20 -9.06
N VAL A 538 -9.98 21.17 -9.25
CA VAL A 538 -10.25 20.22 -8.18
C VAL A 538 -9.00 19.45 -7.78
N SER A 539 -8.03 19.34 -8.67
CA SER A 539 -6.78 18.65 -8.38
C SER A 539 -5.74 19.54 -7.70
N ASP A 540 -6.08 20.80 -7.42
CA ASP A 540 -5.17 21.79 -6.85
C ASP A 540 -4.11 22.24 -7.85
N PHE A 541 -4.23 21.85 -9.12
CA PHE A 541 -3.34 22.35 -10.15
C PHE A 541 -3.71 23.78 -10.51
N THR A 542 -2.69 24.62 -10.67
CA THR A 542 -2.90 26.04 -11.00
C THR A 542 -3.31 26.14 -12.45
N ASP A 543 -4.61 26.36 -12.69
CA ASP A 543 -5.17 26.32 -14.03
C ASP A 543 -5.50 27.69 -14.60
N SER A 544 -5.36 28.77 -13.83
CA SER A 544 -5.60 30.10 -14.36
C SER A 544 -4.76 31.10 -13.57
N VAL A 545 -4.54 32.25 -14.19
CA VAL A 545 -3.71 33.30 -13.57
C VAL A 545 -4.05 34.63 -14.23
N ARG A 546 -3.99 35.70 -13.44
CA ARG A 546 -4.16 37.04 -13.96
C ARG A 546 -2.80 37.60 -14.35
N ASP A 547 -2.70 38.08 -15.59
CA ASP A 547 -1.43 38.62 -16.07
C ASP A 547 -1.05 39.82 -15.21
N PRO A 548 0.17 39.87 -14.67
CA PRO A 548 0.54 41.00 -13.80
C PRO A 548 0.50 42.35 -14.50
N LYS A 549 0.71 42.39 -15.82
CA LYS A 549 0.82 43.65 -16.54
C LYS A 549 -0.51 44.09 -17.14
N THR A 550 -1.11 43.26 -17.98
CA THR A 550 -2.35 43.63 -18.66
C THR A 550 -3.60 43.34 -17.82
N SER A 551 -3.47 42.61 -16.72
CA SER A 551 -4.59 42.18 -15.89
C SER A 551 -5.51 41.20 -16.60
N GLU A 552 -5.11 40.69 -17.76
CA GLU A 552 -5.89 39.68 -18.45
C GLU A 552 -5.86 38.37 -17.67
N ILE A 553 -6.96 37.62 -17.77
CA ILE A 553 -7.07 36.31 -17.15
C ILE A 553 -6.71 35.28 -18.20
N LEU A 554 -5.73 34.43 -17.91
CA LEU A 554 -5.22 33.42 -18.82
C LEU A 554 -5.41 32.04 -18.22
N ASP A 555 -5.91 31.12 -19.03
CA ASP A 555 -5.99 29.71 -18.68
C ASP A 555 -4.72 28.99 -19.06
N ILE A 556 -4.28 28.08 -18.18
CA ILE A 556 -3.05 27.32 -18.35
C ILE A 556 -3.45 25.87 -18.61
N SER A 557 -2.88 25.26 -19.65
CA SER A 557 -3.16 23.89 -19.97
C SER A 557 -1.87 23.10 -20.10
N PRO A 558 -1.90 21.79 -19.80
CA PRO A 558 -0.71 20.97 -20.00
C PRO A 558 -0.34 20.86 -21.47
N CYS A 559 0.97 20.70 -21.72
CA CYS A 559 1.46 20.50 -23.08
C CYS A 559 1.19 19.08 -23.57
N SER A 560 1.38 18.08 -22.71
CA SER A 560 1.27 16.68 -23.11
C SER A 560 -0.17 16.22 -23.01
N PHE A 561 -0.61 15.47 -24.01
CA PHE A 561 -2.01 15.05 -24.10
C PHE A 561 -2.13 14.04 -25.24
N GLY A 562 -2.96 13.03 -25.03
CA GLY A 562 -3.29 12.10 -26.09
C GLY A 562 -2.62 10.74 -25.92
N GLY A 563 -3.38 9.68 -26.20
CA GLY A 563 -2.85 8.33 -26.11
C GLY A 563 -2.14 7.92 -27.39
N VAL A 564 -1.06 7.16 -27.23
CA VAL A 564 -0.24 6.68 -28.33
C VAL A 564 0.04 5.21 -28.12
N SER A 565 -0.05 4.43 -29.20
CA SER A 565 0.27 3.00 -29.13
C SER A 565 1.11 2.61 -30.34
N VAL A 566 1.89 1.54 -30.18
CA VAL A 566 2.86 1.10 -31.17
C VAL A 566 2.52 -0.32 -31.59
N ILE A 567 2.42 -0.54 -32.90
CA ILE A 567 2.14 -1.86 -33.48
C ILE A 567 3.41 -2.37 -34.12
N THR A 568 3.84 -3.56 -33.73
CA THR A 568 5.05 -4.15 -34.28
C THR A 568 4.82 -5.61 -34.64
N PRO A 569 5.45 -6.09 -35.72
CA PRO A 569 5.38 -7.53 -36.04
C PRO A 569 6.42 -8.38 -35.33
N GLY A 570 7.22 -7.79 -34.43
CA GLY A 570 8.29 -8.51 -33.78
C GLY A 570 9.65 -7.95 -34.20
N THR A 571 10.49 -7.63 -33.22
CA THR A 571 11.78 -7.03 -33.56
C THR A 571 12.64 -7.97 -34.39
N ASN A 572 12.59 -9.27 -34.10
CA ASN A 572 13.35 -10.23 -34.90
C ASN A 572 12.87 -10.25 -36.35
N THR A 573 11.56 -10.14 -36.55
CA THR A 573 11.01 -10.16 -37.90
C THR A 573 11.34 -8.87 -38.66
N SER A 574 11.20 -7.72 -38.00
CA SER A 574 11.43 -6.45 -38.66
C SER A 574 11.57 -5.36 -37.61
N SER A 575 12.15 -4.24 -38.02
CA SER A 575 12.24 -3.05 -37.19
C SER A 575 11.26 -1.97 -37.60
N GLU A 576 10.32 -2.29 -38.48
CA GLU A 576 9.29 -1.36 -38.92
C GLU A 576 8.08 -1.43 -38.00
N VAL A 577 7.57 -0.26 -37.63
CA VAL A 577 6.44 -0.17 -36.71
C VAL A 577 5.38 0.75 -37.29
N ALA A 578 4.16 0.58 -36.82
CA ALA A 578 3.07 1.53 -37.05
C ALA A 578 2.73 2.19 -35.72
N VAL A 579 2.20 3.41 -35.79
CA VAL A 579 1.86 4.17 -34.59
C VAL A 579 0.42 4.64 -34.69
N LEU A 580 -0.33 4.43 -33.62
CA LEU A 580 -1.73 4.83 -33.54
C LEU A 580 -1.87 5.96 -32.53
N TYR A 581 -2.49 7.06 -32.97
CA TYR A 581 -2.78 8.22 -32.13
C TYR A 581 -4.28 8.29 -31.92
N GLN A 582 -4.72 8.02 -30.69
CA GLN A 582 -6.15 7.90 -30.41
C GLN A 582 -6.87 9.24 -30.49
N ASP A 583 -6.18 10.33 -30.19
CA ASP A 583 -6.80 11.65 -30.04
C ASP A 583 -6.32 12.63 -31.11
N VAL A 584 -6.14 12.16 -32.33
CA VAL A 584 -5.69 13.00 -33.45
C VAL A 584 -6.57 12.70 -34.65
N ASN A 585 -7.08 13.75 -35.29
CA ASN A 585 -7.83 13.63 -36.53
C ASN A 585 -6.92 14.06 -37.68
N CYS A 586 -6.66 13.14 -38.61
CA CYS A 586 -5.82 13.41 -39.76
C CYS A 586 -6.57 13.14 -41.07
N THR A 587 -7.90 13.28 -41.03
CA THR A 587 -8.68 13.05 -42.25
C THR A 587 -8.32 14.06 -43.33
N ASP A 588 -8.16 15.32 -42.95
CA ASP A 588 -7.81 16.37 -43.92
C ASP A 588 -6.48 17.02 -43.57
N SER A 601 -0.23 21.88 -37.60
CA SER A 601 0.53 20.63 -37.65
C SER A 601 -0.06 19.59 -36.71
N TRP A 602 -0.19 18.37 -37.20
CA TRP A 602 -0.76 17.30 -36.39
C TRP A 602 0.14 16.97 -35.21
N ARG A 603 -0.48 16.50 -34.13
CA ARG A 603 0.25 16.05 -32.94
C ARG A 603 0.64 14.58 -33.12
N VAL A 604 1.65 14.38 -33.99
CA VAL A 604 2.18 13.06 -34.28
C VAL A 604 3.70 13.15 -34.26
N HIS A 605 4.34 11.98 -34.30
CA HIS A 605 5.80 11.93 -34.14
C HIS A 605 6.51 12.27 -35.45
N SER A 606 6.24 11.52 -36.50
CA SER A 606 6.97 11.69 -37.76
C SER A 606 6.05 11.90 -38.95
N THR A 607 4.90 11.23 -39.00
CA THR A 607 3.99 11.30 -40.14
C THR A 607 4.71 10.91 -41.43
N GLY A 608 5.47 9.82 -41.35
CA GLY A 608 6.26 9.35 -42.47
C GLY A 608 5.47 9.17 -43.76
N ASN A 609 4.58 8.19 -43.78
CA ASN A 609 3.81 7.89 -44.97
C ASN A 609 2.68 6.94 -44.59
N ASN A 610 1.71 6.81 -45.50
CA ASN A 610 0.54 5.96 -45.29
C ASN A 610 -0.24 6.36 -44.05
N VAL A 611 -0.29 7.66 -43.76
CA VAL A 611 -1.09 8.15 -42.64
C VAL A 611 -2.55 8.16 -43.06
N PHE A 612 -3.41 7.56 -42.24
CA PHE A 612 -4.84 7.60 -42.54
C PHE A 612 -5.63 7.38 -41.27
N GLN A 613 -6.91 7.75 -41.34
CA GLN A 613 -7.78 7.79 -40.17
C GLN A 613 -8.60 6.51 -40.08
N THR A 614 -8.59 5.87 -38.92
CA THR A 614 -9.45 4.75 -38.60
C THR A 614 -10.32 5.14 -37.41
N GLN A 615 -11.30 4.28 -37.12
CA GLN A 615 -12.19 4.56 -36.00
C GLN A 615 -11.41 4.69 -34.69
N ALA A 616 -10.25 4.06 -34.60
CA ALA A 616 -9.44 4.11 -33.39
C ALA A 616 -8.50 5.31 -33.35
N GLY A 617 -8.36 6.05 -34.44
CA GLY A 617 -7.54 7.24 -34.46
C GLY A 617 -6.68 7.29 -35.70
N CYS A 618 -5.67 8.14 -35.66
CA CYS A 618 -4.79 8.32 -36.81
C CYS A 618 -3.70 7.25 -36.78
N LEU A 619 -3.65 6.43 -37.82
CA LEU A 619 -2.66 5.36 -37.94
C LEU A 619 -1.62 5.77 -38.96
N ILE A 620 -0.35 5.67 -38.56
CA ILE A 620 0.78 6.12 -39.38
C ILE A 620 1.74 4.94 -39.54
N GLY A 621 2.15 4.66 -40.77
CA GLY A 621 3.06 3.57 -41.03
C GLY A 621 2.41 2.26 -41.41
N ALA A 622 1.13 2.27 -41.76
CA ALA A 622 0.43 1.06 -42.18
C ALA A 622 -0.35 1.35 -43.45
N GLU A 623 -0.56 0.31 -44.25
CA GLU A 623 -1.26 0.42 -45.52
C GLU A 623 -2.66 -0.15 -45.36
N HIS A 624 -3.67 0.68 -45.62
CA HIS A 624 -5.05 0.22 -45.54
C HIS A 624 -5.36 -0.75 -46.65
N VAL A 625 -6.08 -1.82 -46.31
CA VAL A 625 -6.56 -2.80 -47.29
C VAL A 625 -8.05 -2.98 -47.07
N ASP A 626 -8.81 -2.97 -48.17
CA ASP A 626 -10.26 -3.07 -48.09
C ASP A 626 -10.74 -4.51 -47.84
N THR A 627 -9.85 -5.49 -47.90
CA THR A 627 -10.23 -6.86 -47.62
C THR A 627 -10.33 -7.09 -46.11
N SER A 628 -11.15 -8.05 -45.72
CA SER A 628 -11.36 -8.41 -44.32
C SER A 628 -10.72 -9.77 -44.05
N TYR A 629 -9.90 -9.84 -43.02
CA TYR A 629 -9.30 -11.09 -42.54
C TYR A 629 -9.65 -11.28 -41.07
N GLU A 630 -9.10 -12.34 -40.48
CA GLU A 630 -9.24 -12.57 -39.06
C GLU A 630 -8.26 -11.69 -38.30
N CYS A 631 -8.66 -11.28 -37.11
CA CYS A 631 -7.82 -10.39 -36.32
C CYS A 631 -6.51 -11.07 -35.97
N ASP A 632 -5.41 -10.34 -36.16
CA ASP A 632 -4.08 -10.80 -35.77
C ASP A 632 -3.52 -9.92 -34.65
N ILE A 633 -3.44 -8.62 -34.87
CA ILE A 633 -3.14 -7.65 -33.83
C ILE A 633 -4.33 -6.71 -33.70
N PRO A 634 -5.16 -6.88 -32.69
CA PRO A 634 -6.34 -6.00 -32.55
C PRO A 634 -5.93 -4.57 -32.28
N ILE A 635 -6.34 -3.66 -33.16
CA ILE A 635 -6.08 -2.24 -32.99
C ILE A 635 -7.18 -1.58 -32.18
N GLY A 636 -8.42 -1.97 -32.43
CA GLY A 636 -9.55 -1.42 -31.71
C GLY A 636 -10.60 -0.82 -32.63
N ALA A 637 -11.81 -0.64 -32.12
CA ALA A 637 -12.91 -0.07 -32.89
C ALA A 637 -13.12 -0.85 -34.18
N GLY A 638 -12.94 -2.17 -34.10
CA GLY A 638 -13.13 -3.03 -35.24
C GLY A 638 -11.96 -3.12 -36.20
N ILE A 639 -10.83 -2.49 -35.88
CA ILE A 639 -9.67 -2.45 -36.77
C ILE A 639 -8.61 -3.40 -36.21
N CYS A 640 -8.03 -4.22 -37.09
CA CYS A 640 -6.95 -5.13 -36.75
C CYS A 640 -5.79 -4.93 -37.73
N ALA A 641 -4.58 -5.17 -37.25
CA ALA A 641 -3.37 -5.04 -38.06
C ALA A 641 -2.74 -6.40 -38.27
N SER A 642 -1.88 -6.49 -39.29
CA SER A 642 -1.15 -7.71 -39.58
C SER A 642 0.07 -7.36 -40.43
N TYR A 643 0.92 -8.36 -40.64
CA TYR A 643 2.12 -8.23 -41.46
C TYR A 643 1.92 -9.07 -42.71
N HIS A 644 1.75 -8.41 -43.85
CA HIS A 644 1.39 -9.09 -45.09
C HIS A 644 2.34 -8.69 -46.21
N THR A 645 2.49 -9.58 -47.18
CA THR A 645 3.20 -9.23 -48.40
C THR A 645 2.37 -8.23 -49.18
N VAL A 646 3.00 -7.15 -49.63
CA VAL A 646 2.32 -6.06 -50.30
C VAL A 646 2.92 -5.86 -51.68
N SER A 647 2.11 -5.32 -52.58
CA SER A 647 2.56 -5.05 -53.95
C SER A 647 3.75 -4.11 -53.96
N GLN A 654 8.07 -7.79 -50.86
CA GLN A 654 8.08 -6.79 -49.79
C GLN A 654 6.92 -7.02 -48.83
N LYS A 655 7.22 -6.99 -47.53
CA LYS A 655 6.25 -7.19 -46.48
C LYS A 655 6.04 -5.87 -45.72
N SER A 656 4.80 -5.61 -45.32
CA SER A 656 4.46 -4.37 -44.66
C SER A 656 3.30 -4.58 -43.71
N ILE A 657 3.11 -3.62 -42.81
CA ILE A 657 2.00 -3.63 -41.86
C ILE A 657 0.75 -3.14 -42.57
N VAL A 658 -0.32 -3.92 -42.48
CA VAL A 658 -1.59 -3.62 -43.13
C VAL A 658 -2.68 -3.61 -42.07
N ALA A 659 -3.51 -2.56 -42.07
CA ALA A 659 -4.64 -2.43 -41.17
C ALA A 659 -5.92 -2.64 -41.96
N TYR A 660 -6.91 -3.28 -41.31
CA TYR A 660 -8.14 -3.63 -42.00
C TYR A 660 -9.26 -3.75 -40.98
N THR A 661 -10.48 -3.89 -41.50
CA THR A 661 -11.64 -4.17 -40.66
C THR A 661 -11.68 -5.65 -40.32
N MET A 662 -11.94 -5.95 -39.05
CA MET A 662 -11.97 -7.35 -38.61
C MET A 662 -13.08 -8.10 -39.33
N SER A 663 -12.84 -9.37 -39.59
CA SER A 663 -13.85 -10.28 -40.12
C SER A 663 -14.57 -10.94 -38.95
N LEU A 664 -15.90 -10.79 -38.91
CA LEU A 664 -16.67 -11.41 -37.85
C LEU A 664 -16.86 -12.91 -38.06
N GLY A 665 -16.83 -13.36 -39.30
CA GLY A 665 -16.98 -14.77 -39.60
C GLY A 665 -17.45 -14.97 -41.02
N ALA A 666 -17.61 -16.25 -41.37
CA ALA A 666 -18.03 -16.65 -42.71
C ALA A 666 -19.53 -16.42 -42.83
N ASP A 667 -19.92 -15.42 -43.62
CA ASP A 667 -21.33 -15.11 -43.80
C ASP A 667 -22.02 -16.25 -44.53
N SER A 668 -23.19 -16.64 -44.04
CA SER A 668 -23.98 -17.70 -44.64
C SER A 668 -25.45 -17.30 -44.60
N SER A 669 -26.24 -17.96 -45.45
CA SER A 669 -27.65 -17.61 -45.58
C SER A 669 -28.53 -18.45 -44.66
N ILE A 670 -28.53 -19.77 -44.85
CA ILE A 670 -29.40 -20.66 -44.09
C ILE A 670 -30.80 -20.08 -44.06
N ALA A 671 -31.40 -19.90 -45.24
CA ALA A 671 -32.68 -19.23 -45.34
C ALA A 671 -33.76 -20.02 -44.60
N TYR A 672 -34.64 -19.28 -43.93
CA TYR A 672 -35.75 -19.89 -43.22
C TYR A 672 -36.74 -20.51 -44.21
N SER A 673 -37.36 -21.60 -43.78
CA SER A 673 -38.46 -22.21 -44.51
C SER A 673 -39.45 -22.77 -43.50
N ASN A 674 -40.72 -22.85 -43.90
CA ASN A 674 -41.78 -23.29 -43.02
C ASN A 674 -42.29 -24.69 -43.34
N ASN A 675 -41.72 -25.36 -44.34
CA ASN A 675 -42.13 -26.72 -44.64
C ASN A 675 -40.96 -27.62 -45.03
N THR A 676 -39.72 -27.23 -44.69
CA THR A 676 -38.57 -28.06 -45.01
C THR A 676 -37.66 -28.13 -43.80
N ILE A 677 -37.00 -29.29 -43.65
CA ILE A 677 -36.12 -29.56 -42.52
C ILE A 677 -34.84 -30.21 -43.03
N ALA A 678 -33.72 -29.87 -42.41
CA ALA A 678 -32.43 -30.48 -42.71
C ALA A 678 -32.12 -31.52 -41.65
N ILE A 679 -31.83 -32.76 -42.07
CA ILE A 679 -31.55 -33.86 -41.18
C ILE A 679 -30.16 -34.39 -41.49
N PRO A 680 -29.25 -34.49 -40.52
CA PRO A 680 -27.95 -35.10 -40.79
C PRO A 680 -28.08 -36.55 -41.21
N THR A 681 -27.23 -36.96 -42.14
CA THR A 681 -27.17 -38.34 -42.59
C THR A 681 -25.94 -39.09 -42.10
N ASN A 682 -24.86 -38.38 -41.78
CA ASN A 682 -23.63 -38.99 -41.28
C ASN A 682 -23.19 -38.23 -40.04
N PHE A 683 -22.06 -38.66 -39.46
CA PHE A 683 -21.54 -38.02 -38.27
C PHE A 683 -20.04 -38.22 -38.21
N SER A 684 -19.41 -37.45 -37.32
CA SER A 684 -17.99 -37.58 -37.04
C SER A 684 -17.80 -37.68 -35.53
N ILE A 685 -16.73 -38.37 -35.14
CA ILE A 685 -16.28 -38.40 -33.76
C ILE A 685 -15.14 -37.39 -33.65
N SER A 686 -15.38 -36.31 -32.92
CA SER A 686 -14.37 -35.27 -32.73
C SER A 686 -13.77 -35.40 -31.35
N ILE A 687 -12.48 -35.16 -31.24
CA ILE A 687 -11.78 -35.10 -29.97
C ILE A 687 -11.11 -33.75 -29.87
N THR A 688 -11.55 -32.95 -28.91
CA THR A 688 -11.02 -31.61 -28.71
C THR A 688 -10.35 -31.52 -27.34
N THR A 689 -9.34 -30.67 -27.25
CA THR A 689 -8.59 -30.51 -26.01
C THR A 689 -9.06 -29.27 -25.29
N GLU A 690 -9.21 -29.39 -23.97
CA GLU A 690 -9.51 -28.26 -23.10
C GLU A 690 -8.43 -28.20 -22.03
N VAL A 691 -7.62 -27.14 -22.07
CA VAL A 691 -6.52 -26.96 -21.14
C VAL A 691 -7.01 -26.10 -19.98
N MET A 692 -6.85 -26.60 -18.76
CA MET A 692 -7.38 -25.92 -17.58
C MET A 692 -6.29 -25.83 -16.52
N PRO A 693 -5.87 -24.64 -16.11
CA PRO A 693 -5.00 -24.54 -14.94
C PRO A 693 -5.71 -25.09 -13.71
N VAL A 694 -4.95 -25.77 -12.86
CA VAL A 694 -5.46 -26.34 -11.62
C VAL A 694 -4.78 -25.73 -10.41
N SER A 695 -3.48 -25.47 -10.49
CA SER A 695 -2.75 -24.96 -9.35
C SER A 695 -1.62 -24.07 -9.84
N MET A 696 -1.13 -23.22 -8.94
CA MET A 696 0.03 -22.38 -9.18
C MET A 696 1.10 -22.72 -8.16
N ALA A 697 2.26 -22.08 -8.30
CA ALA A 697 3.39 -22.40 -7.45
C ALA A 697 3.12 -21.97 -6.01
N LYS A 698 3.41 -22.87 -5.06
CA LYS A 698 3.33 -22.54 -3.66
C LYS A 698 4.62 -21.84 -3.24
N THR A 699 4.49 -20.66 -2.64
CA THR A 699 5.63 -19.84 -2.30
C THR A 699 5.55 -19.41 -0.85
N SER A 700 6.71 -19.15 -0.27
CA SER A 700 6.82 -18.55 1.05
C SER A 700 7.97 -17.56 1.05
N VAL A 701 7.87 -16.58 1.95
CA VAL A 701 8.82 -15.47 2.02
C VAL A 701 9.39 -15.43 3.43
N ASP A 702 10.71 -15.39 3.53
CA ASP A 702 11.38 -15.07 4.78
C ASP A 702 11.47 -13.56 4.83
N CYS A 703 10.47 -12.95 5.47
CA CYS A 703 10.34 -11.50 5.48
C CYS A 703 11.63 -10.83 5.93
N ASN A 704 12.23 -11.32 7.01
CA ASN A 704 13.48 -10.74 7.49
C ASN A 704 14.59 -10.88 6.46
N MET A 705 14.68 -12.05 5.81
CA MET A 705 15.73 -12.24 4.82
C MET A 705 15.59 -11.26 3.66
N TYR A 706 14.38 -11.12 3.14
CA TYR A 706 14.17 -10.23 2.01
C TYR A 706 14.44 -8.78 2.39
N ILE A 707 13.86 -8.32 3.50
CA ILE A 707 13.94 -6.90 3.83
C ILE A 707 15.35 -6.54 4.30
N CYS A 708 15.98 -7.39 5.10
CA CYS A 708 17.21 -7.04 5.80
C CYS A 708 18.41 -7.88 5.40
N GLY A 709 18.23 -8.98 4.68
CA GLY A 709 19.37 -9.83 4.38
C GLY A 709 19.95 -10.41 5.66
N ASP A 710 21.26 -10.24 5.84
CA ASP A 710 21.96 -10.76 7.01
C ASP A 710 22.42 -9.64 7.96
N SER A 711 21.74 -8.50 7.92
CA SER A 711 22.08 -7.37 8.78
C SER A 711 21.35 -7.49 10.11
N THR A 712 22.11 -7.43 11.21
CA THR A 712 21.51 -7.50 12.54
C THR A 712 20.81 -6.19 12.90
N GLU A 713 21.44 -5.06 12.59
CA GLU A 713 20.83 -3.77 12.89
C GLU A 713 19.51 -3.61 12.16
N CYS A 714 19.47 -4.02 10.89
CA CYS A 714 18.22 -3.95 10.14
C CYS A 714 17.17 -4.87 10.75
N ALA A 715 17.58 -6.04 11.26
CA ALA A 715 16.63 -6.94 11.89
C ALA A 715 16.02 -6.30 13.14
N ASN A 716 16.85 -5.66 13.96
CA ASN A 716 16.32 -4.98 15.14
C ASN A 716 15.38 -3.84 14.74
N LEU A 717 15.76 -3.07 13.72
CA LEU A 717 14.89 -1.99 13.26
C LEU A 717 13.58 -2.52 12.72
N LEU A 718 13.61 -3.66 12.04
CA LEU A 718 12.38 -4.27 11.53
C LEU A 718 11.49 -4.74 12.67
N LEU A 719 12.09 -5.31 13.72
CA LEU A 719 11.31 -5.67 14.90
C LEU A 719 10.64 -4.43 15.49
N GLN A 720 11.41 -3.34 15.63
CA GLN A 720 10.84 -2.11 16.18
C GLN A 720 9.75 -1.55 15.28
N TYR A 721 9.89 -1.73 13.97
CA TYR A 721 8.94 -1.16 13.02
C TYR A 721 7.55 -1.79 13.17
N GLY A 722 7.51 -3.09 13.43
CA GLY A 722 6.24 -3.79 13.55
C GLY A 722 6.20 -5.00 12.64
N SER A 723 5.56 -6.06 13.12
CA SER A 723 5.54 -7.34 12.42
C SER A 723 4.26 -7.42 11.58
N PHE A 724 4.36 -6.96 10.34
CA PHE A 724 3.35 -7.25 9.32
C PHE A 724 3.67 -8.53 8.57
N CYS A 725 4.81 -9.17 8.89
CA CYS A 725 5.24 -10.35 8.16
C CYS A 725 4.39 -11.56 8.49
N THR A 726 3.89 -11.64 9.72
CA THR A 726 3.01 -12.75 10.09
C THR A 726 1.75 -12.75 9.23
N GLN A 727 1.19 -11.57 8.97
CA GLN A 727 0.01 -11.47 8.13
C GLN A 727 0.31 -11.95 6.71
N LEU A 728 1.44 -11.51 6.15
CA LEU A 728 1.83 -11.91 4.80
C LEU A 728 2.00 -13.42 4.71
N ASN A 729 2.73 -13.99 5.68
CA ASN A 729 2.96 -15.43 5.66
C ASN A 729 1.67 -16.21 5.89
N ARG A 730 0.76 -15.69 6.70
CA ARG A 730 -0.54 -16.33 6.86
C ARG A 730 -1.27 -16.40 5.53
N ALA A 731 -1.28 -15.28 4.79
CA ALA A 731 -1.93 -15.27 3.48
C ALA A 731 -1.27 -16.27 2.53
N LEU A 732 0.06 -16.28 2.49
CA LEU A 732 0.76 -17.16 1.56
C LEU A 732 0.56 -18.63 1.93
N SER A 733 0.56 -18.96 3.23
CA SER A 733 0.32 -20.34 3.64
C SER A 733 -1.10 -20.77 3.31
N GLY A 734 -2.07 -19.87 3.47
CA GLY A 734 -3.40 -20.16 2.99
C GLY A 734 -3.43 -20.47 1.52
N ILE A 735 -2.69 -19.68 0.73
CA ILE A 735 -2.64 -19.93 -0.72
C ILE A 735 -2.04 -21.31 -1.02
N ALA A 736 -0.98 -21.68 -0.30
CA ALA A 736 -0.33 -22.97 -0.56
C ALA A 736 -1.25 -24.13 -0.22
N VAL A 737 -1.90 -24.07 0.95
CA VAL A 737 -2.85 -25.11 1.31
C VAL A 737 -3.96 -25.17 0.28
N GLU A 738 -4.36 -24.01 -0.24
CA GLU A 738 -5.39 -23.95 -1.27
C GLU A 738 -4.93 -24.62 -2.56
N GLN A 739 -3.66 -24.47 -2.93
CA GLN A 739 -3.17 -25.14 -4.13
C GLN A 739 -3.22 -26.66 -3.97
N ASP A 740 -2.80 -27.15 -2.80
CA ASP A 740 -2.91 -28.59 -2.56
C ASP A 740 -4.37 -29.05 -2.61
N ARG A 741 -5.26 -28.24 -2.03
CA ARG A 741 -6.69 -28.56 -2.07
C ARG A 741 -7.21 -28.59 -3.50
N ASN A 742 -6.78 -27.64 -4.33
CA ASN A 742 -7.20 -27.62 -5.73
C ASN A 742 -6.80 -28.90 -6.44
N THR A 743 -5.54 -29.30 -6.29
CA THR A 743 -5.09 -30.52 -6.96
C THR A 743 -5.88 -31.72 -6.46
N ARG A 744 -6.10 -31.81 -5.15
CA ARG A 744 -6.84 -32.95 -4.61
C ARG A 744 -8.27 -32.97 -5.13
N GLU A 745 -8.93 -31.81 -5.17
CA GLU A 745 -10.32 -31.76 -5.61
C GLU A 745 -10.45 -32.11 -7.09
N VAL A 746 -9.46 -31.75 -7.90
CA VAL A 746 -9.53 -32.07 -9.32
C VAL A 746 -9.26 -33.56 -9.55
N PHE A 747 -8.17 -34.08 -8.96
CA PHE A 747 -7.69 -35.40 -9.33
C PHE A 747 -8.12 -36.52 -8.39
N ALA A 748 -8.23 -36.24 -7.08
CA ALA A 748 -8.53 -37.29 -6.11
C ALA A 748 -10.04 -37.50 -5.98
N GLN A 749 -10.66 -37.82 -7.11
CA GLN A 749 -12.10 -38.08 -7.16
C GLN A 749 -12.43 -39.55 -7.27
N VAL A 750 -11.45 -40.44 -7.29
CA VAL A 750 -11.67 -41.88 -7.37
C VAL A 750 -11.40 -42.49 -6.00
N LYS A 751 -12.30 -43.38 -5.56
CA LYS A 751 -12.13 -44.01 -4.27
C LYS A 751 -11.00 -45.05 -4.30
N GLN A 752 -10.96 -45.87 -5.35
CA GLN A 752 -10.01 -46.96 -5.45
C GLN A 752 -9.16 -46.79 -6.71
N MET A 753 -7.87 -47.08 -6.58
CA MET A 753 -6.93 -46.96 -7.69
C MET A 753 -7.06 -48.20 -8.57
N TYR A 754 -7.91 -48.10 -9.58
CA TYR A 754 -8.12 -49.21 -10.50
C TYR A 754 -6.84 -49.51 -11.27
N LYS A 755 -6.55 -50.79 -11.45
CA LYS A 755 -5.32 -51.20 -12.10
C LYS A 755 -5.40 -50.97 -13.61
N THR A 756 -4.28 -50.56 -14.18
CA THR A 756 -4.21 -50.35 -15.62
C THR A 756 -4.40 -51.69 -16.34
N PRO A 757 -5.35 -51.79 -17.27
CA PRO A 757 -5.57 -53.08 -17.96
C PRO A 757 -4.33 -53.52 -18.72
N THR A 758 -4.16 -54.84 -18.81
CA THR A 758 -3.05 -55.39 -19.58
C THR A 758 -3.20 -55.05 -21.06
N LEU A 759 -4.41 -55.19 -21.60
CA LEU A 759 -4.69 -54.91 -23.00
C LEU A 759 -5.29 -53.52 -23.13
N LYS A 760 -4.79 -52.75 -24.09
CA LYS A 760 -5.20 -51.36 -24.30
C LYS A 760 -6.23 -51.21 -25.40
N ASP A 761 -6.77 -52.31 -25.92
CA ASP A 761 -7.77 -52.28 -26.99
C ASP A 761 -9.09 -52.78 -26.43
N PHE A 762 -10.13 -51.94 -26.53
CA PHE A 762 -11.45 -52.25 -25.98
C PHE A 762 -12.46 -52.18 -27.12
N GLY A 763 -12.85 -53.34 -27.64
CA GLY A 763 -13.80 -53.38 -28.72
C GLY A 763 -13.35 -52.67 -29.97
N GLY A 764 -12.03 -52.51 -30.16
CA GLY A 764 -11.48 -51.80 -31.27
C GLY A 764 -10.99 -50.40 -30.94
N PHE A 765 -11.45 -49.83 -29.82
CA PHE A 765 -11.00 -48.51 -29.40
C PHE A 765 -9.62 -48.64 -28.76
N ASN A 766 -8.66 -47.87 -29.25
CA ASN A 766 -7.27 -48.00 -28.85
C ASN A 766 -6.96 -46.94 -27.79
N PHE A 767 -6.70 -47.40 -26.56
CA PHE A 767 -6.43 -46.53 -25.42
C PHE A 767 -4.95 -46.40 -25.12
N SER A 768 -4.08 -46.90 -26.01
CA SER A 768 -2.66 -47.01 -25.68
C SER A 768 -2.04 -45.65 -25.37
N GLN A 769 -2.39 -44.63 -26.15
CA GLN A 769 -1.75 -43.33 -25.99
C GLN A 769 -2.09 -42.69 -24.65
N ILE A 770 -3.27 -42.99 -24.09
CA ILE A 770 -3.75 -42.31 -22.89
C ILE A 770 -3.59 -43.16 -21.63
N LEU A 771 -2.97 -44.34 -21.74
CA LEU A 771 -2.70 -45.17 -20.58
C LEU A 771 -1.20 -45.45 -20.48
N PRO A 772 -0.68 -45.62 -19.26
CA PRO A 772 0.77 -45.79 -19.12
C PRO A 772 1.28 -47.04 -19.82
N ASP A 773 2.51 -46.95 -20.33
CA ASP A 773 3.12 -48.04 -21.07
C ASP A 773 3.82 -48.98 -20.08
N PRO A 774 3.49 -50.27 -20.08
CA PRO A 774 4.14 -51.18 -19.11
C PRO A 774 5.63 -51.30 -19.30
N LEU A 775 6.15 -51.10 -20.52
CA LEU A 775 7.56 -51.31 -20.80
C LEU A 775 8.41 -50.07 -20.54
N LYS A 776 7.92 -48.89 -20.94
CA LYS A 776 8.72 -47.69 -20.81
C LYS A 776 8.90 -47.31 -19.35
N PRO A 777 9.94 -46.53 -19.02
CA PRO A 777 10.18 -46.15 -17.62
C PRO A 777 9.39 -44.94 -17.16
N THR A 778 8.68 -44.26 -18.05
CA THR A 778 8.02 -43.01 -17.68
C THR A 778 6.97 -43.23 -16.61
N LYS A 779 6.17 -44.29 -16.74
CA LYS A 779 5.02 -44.61 -15.89
C LYS A 779 3.82 -43.74 -16.22
N ARG A 780 3.95 -42.76 -17.12
CA ARG A 780 2.83 -41.98 -17.61
C ARG A 780 2.55 -42.36 -19.06
N SER A 781 1.45 -41.84 -19.58
CA SER A 781 1.04 -42.17 -20.94
C SER A 781 1.80 -41.31 -21.96
N PHE A 782 1.66 -41.69 -23.23
CA PHE A 782 2.37 -40.99 -24.30
C PHE A 782 1.92 -39.54 -24.40
N ILE A 783 0.61 -39.32 -24.44
CA ILE A 783 0.09 -37.96 -24.56
C ILE A 783 0.55 -37.11 -23.38
N GLU A 784 0.58 -37.70 -22.19
CA GLU A 784 1.06 -36.97 -21.01
C GLU A 784 2.53 -36.60 -21.17
N ASP A 785 3.32 -37.50 -21.76
CA ASP A 785 4.73 -37.18 -22.02
C ASP A 785 4.83 -35.99 -22.97
N LEU A 786 4.04 -35.98 -24.04
CA LEU A 786 4.07 -34.85 -24.96
C LEU A 786 3.68 -33.57 -24.25
N LEU A 787 2.61 -33.62 -23.45
CA LEU A 787 2.14 -32.42 -22.76
C LEU A 787 3.19 -31.89 -21.81
N PHE A 788 3.85 -32.78 -21.06
CA PHE A 788 4.92 -32.33 -20.18
C PHE A 788 6.12 -31.82 -20.94
N ASN A 789 6.31 -32.25 -22.19
CA ASN A 789 7.35 -31.66 -23.02
C ASN A 789 6.99 -30.26 -23.49
N LYS A 790 5.70 -30.01 -23.75
CA LYS A 790 5.31 -28.73 -24.33
C LYS A 790 5.62 -27.56 -23.40
N VAL A 791 5.43 -27.74 -22.10
CA VAL A 791 5.57 -26.65 -21.14
C VAL A 791 6.99 -26.62 -20.59
N THR A 792 7.61 -25.44 -20.60
CA THR A 792 8.92 -25.25 -20.01
C THR A 792 8.76 -24.82 -18.56
N LEU A 793 9.22 -25.66 -17.64
CA LEU A 793 8.98 -25.47 -16.21
C LEU A 793 10.13 -24.78 -15.50
N ALA A 794 11.07 -24.21 -16.24
CA ALA A 794 12.23 -23.55 -15.63
C ALA A 794 13.09 -24.59 -14.92
N ASP A 795 13.25 -24.45 -13.61
CA ASP A 795 14.08 -25.37 -12.84
C ASP A 795 13.34 -26.68 -12.58
N ALA A 796 14.07 -27.78 -12.70
CA ALA A 796 13.53 -29.10 -12.38
C ALA A 796 13.83 -29.44 -10.93
N GLY A 797 12.81 -29.89 -10.21
CA GLY A 797 12.95 -30.17 -8.79
C GLY A 797 12.90 -28.90 -7.96
N PHE A 798 12.75 -29.09 -6.65
CA PHE A 798 12.60 -27.98 -5.71
C PHE A 798 13.74 -27.94 -4.70
N MET A 799 14.86 -28.57 -5.00
CA MET A 799 16.01 -28.63 -4.10
C MET A 799 17.20 -27.98 -4.77
N LYS A 800 17.84 -27.05 -4.06
CA LYS A 800 18.99 -26.31 -4.58
C LYS A 800 19.94 -26.12 -3.42
N GLN A 801 21.01 -26.91 -3.39
CA GLN A 801 21.92 -26.91 -2.25
C GLN A 801 22.79 -25.65 -2.25
N TYR A 802 23.23 -25.28 -1.06
CA TYR A 802 24.10 -24.10 -0.91
C TYR A 802 25.37 -24.26 -1.71
N GLY A 803 25.96 -25.46 -1.69
CA GLY A 803 27.16 -25.70 -2.48
C GLY A 803 26.92 -25.54 -3.97
N GLU A 804 25.75 -25.97 -4.45
CA GLU A 804 25.42 -25.80 -5.86
C GLU A 804 25.42 -24.33 -6.25
N CYS A 805 24.73 -23.49 -5.46
CA CYS A 805 24.65 -22.07 -5.79
C CYS A 805 26.02 -21.42 -5.69
N LEU A 806 26.82 -21.79 -4.68
CA LEU A 806 28.14 -21.17 -4.54
C LEU A 806 29.11 -21.62 -5.61
N GLY A 807 28.94 -22.83 -6.14
CA GLY A 807 29.86 -23.33 -7.15
C GLY A 807 29.57 -22.87 -8.56
N ASP A 808 28.40 -22.27 -8.79
CA ASP A 808 27.99 -21.80 -10.11
C ASP A 808 27.61 -20.32 -10.05
N ILE A 809 28.42 -19.52 -9.37
CA ILE A 809 28.12 -18.10 -9.22
C ILE A 809 28.17 -17.40 -10.58
N ASN A 810 29.09 -17.82 -11.45
CA ASN A 810 29.27 -17.12 -12.72
C ASN A 810 27.97 -17.10 -13.53
N ALA A 811 27.26 -18.23 -13.56
CA ALA A 811 25.93 -18.28 -14.15
C ALA A 811 24.96 -17.65 -13.15
N ARG A 812 24.48 -16.45 -13.46
CA ARG A 812 23.59 -15.75 -12.52
C ARG A 812 22.22 -16.40 -12.53
N ASP A 813 22.12 -17.58 -11.94
CA ASP A 813 20.86 -18.31 -11.94
C ASP A 813 19.80 -17.54 -11.18
N LEU A 814 18.60 -17.49 -11.76
CA LEU A 814 17.51 -16.74 -11.13
C LEU A 814 17.07 -17.40 -9.83
N ILE A 815 17.02 -18.73 -9.80
CA ILE A 815 16.56 -19.43 -8.61
C ILE A 815 17.50 -19.16 -7.44
N CYS A 816 18.81 -19.21 -7.69
CA CYS A 816 19.76 -18.89 -6.63
C CYS A 816 19.56 -17.46 -6.14
N ALA A 817 19.32 -16.52 -7.06
CA ALA A 817 19.15 -15.13 -6.66
C ALA A 817 17.92 -14.95 -5.79
N GLN A 818 16.81 -15.60 -6.14
CA GLN A 818 15.60 -15.42 -5.35
C GLN A 818 15.63 -16.23 -4.05
N LYS A 819 16.39 -17.33 -4.01
CA LYS A 819 16.55 -18.06 -2.76
C LYS A 819 17.46 -17.32 -1.79
N PHE A 820 18.48 -16.64 -2.30
CA PHE A 820 19.34 -15.83 -1.44
C PHE A 820 18.63 -14.63 -0.86
N ASN A 821 17.42 -14.31 -1.34
CA ASN A 821 16.66 -13.16 -0.85
C ASN A 821 15.41 -13.58 -0.08
N GLY A 822 15.34 -14.83 0.36
CA GLY A 822 14.29 -15.28 1.24
C GLY A 822 13.02 -15.77 0.56
N LEU A 823 13.02 -15.89 -0.76
CA LEU A 823 11.85 -16.35 -1.50
C LEU A 823 12.04 -17.82 -1.85
N THR A 824 11.14 -18.68 -1.38
CA THR A 824 11.26 -20.11 -1.62
C THR A 824 9.97 -20.65 -2.21
N VAL A 825 10.11 -21.68 -3.04
CA VAL A 825 8.98 -22.37 -3.66
C VAL A 825 8.88 -23.74 -3.03
N LEU A 826 7.69 -24.08 -2.53
CA LEU A 826 7.52 -25.35 -1.84
C LEU A 826 6.99 -26.40 -2.82
N PRO A 827 7.44 -27.65 -2.72
CA PRO A 827 6.99 -28.66 -3.67
C PRO A 827 5.51 -28.98 -3.47
N PRO A 828 4.78 -29.30 -4.53
CA PRO A 828 3.40 -29.75 -4.36
C PRO A 828 3.34 -31.06 -3.60
N LEU A 829 2.28 -31.23 -2.83
CA LEU A 829 2.14 -32.44 -2.01
C LEU A 829 2.05 -33.68 -2.89
N LEU A 830 1.24 -33.64 -3.95
CA LEU A 830 1.12 -34.76 -4.87
C LEU A 830 2.19 -34.62 -5.95
N THR A 831 3.02 -35.65 -6.09
CA THR A 831 4.04 -35.64 -7.11
C THR A 831 3.41 -35.85 -8.48
N ASP A 832 4.20 -35.57 -9.52
CA ASP A 832 3.73 -35.78 -10.89
C ASP A 832 3.41 -37.25 -11.11
N ASP A 833 4.18 -38.14 -10.50
CA ASP A 833 3.88 -39.57 -10.60
C ASP A 833 2.55 -39.91 -9.94
N MET A 834 2.27 -39.30 -8.78
CA MET A 834 1.00 -39.54 -8.10
C MET A 834 -0.17 -39.01 -8.92
N ILE A 835 -0.02 -37.82 -9.51
CA ILE A 835 -1.09 -37.27 -10.34
C ILE A 835 -1.30 -38.14 -11.57
N ALA A 836 -0.21 -38.64 -12.15
CA ALA A 836 -0.33 -39.55 -13.29
C ALA A 836 -1.04 -40.84 -12.87
N ALA A 837 -0.77 -41.32 -11.65
CA ALA A 837 -1.47 -42.50 -11.16
C ALA A 837 -2.97 -42.23 -11.01
N TYR A 838 -3.33 -41.06 -10.51
CA TYR A 838 -4.74 -40.69 -10.42
C TYR A 838 -5.38 -40.66 -11.79
N THR A 839 -4.70 -40.05 -12.76
CA THR A 839 -5.23 -39.97 -14.12
C THR A 839 -5.38 -41.36 -14.73
N ALA A 840 -4.39 -42.23 -14.53
CA ALA A 840 -4.46 -43.58 -15.06
C ALA A 840 -5.61 -44.34 -14.43
N ALA A 841 -5.82 -44.17 -13.12
CA ALA A 841 -6.94 -44.83 -12.46
C ALA A 841 -8.26 -44.33 -13.03
N LEU A 842 -8.38 -43.03 -13.27
CA LEU A 842 -9.61 -42.48 -13.83
C LEU A 842 -9.86 -43.04 -15.22
N VAL A 843 -8.82 -43.07 -16.06
CA VAL A 843 -8.97 -43.59 -17.42
C VAL A 843 -9.36 -45.07 -17.39
N SER A 844 -8.69 -45.85 -16.54
CA SER A 844 -9.00 -47.27 -16.44
C SER A 844 -10.41 -47.50 -15.93
N GLY A 845 -10.85 -46.70 -14.95
CA GLY A 845 -12.20 -46.85 -14.46
C GLY A 845 -13.25 -46.54 -15.51
N THR A 846 -13.05 -45.46 -16.26
CA THR A 846 -14.01 -45.14 -17.32
C THR A 846 -13.95 -46.18 -18.44
N ALA A 847 -12.80 -46.80 -18.66
CA ALA A 847 -12.70 -47.83 -19.70
C ALA A 847 -13.41 -49.11 -19.26
N THR A 848 -13.21 -49.54 -18.02
CA THR A 848 -13.72 -50.82 -17.55
C THR A 848 -15.13 -50.69 -16.97
N ALA A 849 -15.34 -49.75 -16.06
CA ALA A 849 -16.64 -49.57 -15.42
C ALA A 849 -17.49 -48.55 -16.15
N GLY A 850 -16.94 -47.39 -16.45
CA GLY A 850 -17.65 -46.35 -17.17
C GLY A 850 -18.07 -45.21 -16.25
N TRP A 851 -19.36 -44.90 -16.24
CA TRP A 851 -19.91 -43.87 -15.37
C TRP A 851 -20.33 -44.39 -14.01
N THR A 852 -20.45 -45.71 -13.85
CA THR A 852 -21.02 -46.28 -12.64
C THR A 852 -20.14 -46.09 -11.41
N PHE A 853 -18.85 -45.84 -11.60
CA PHE A 853 -17.96 -45.71 -10.44
C PHE A 853 -17.95 -44.31 -9.85
N GLY A 854 -18.67 -43.36 -10.46
CA GLY A 854 -18.80 -42.04 -9.86
C GLY A 854 -19.93 -41.92 -8.87
N ALA A 855 -20.88 -42.85 -8.90
CA ALA A 855 -22.04 -42.81 -8.02
C ALA A 855 -21.88 -43.75 -6.82
N GLY A 856 -21.64 -45.03 -7.09
CA GLY A 856 -21.49 -46.04 -6.04
C GLY A 856 -20.25 -46.88 -6.28
N ALA A 857 -20.44 -48.19 -6.23
CA ALA A 857 -19.36 -49.13 -6.50
C ALA A 857 -19.21 -49.33 -8.00
N ALA A 858 -17.97 -49.32 -8.48
CA ALA A 858 -17.71 -49.46 -9.90
C ALA A 858 -18.30 -50.76 -10.41
N LEU A 859 -19.11 -50.66 -11.46
CA LEU A 859 -19.75 -51.81 -12.10
C LEU A 859 -19.12 -52.04 -13.45
N GLN A 860 -18.65 -53.27 -13.68
CA GLN A 860 -17.99 -53.60 -14.93
C GLN A 860 -19.01 -53.65 -16.08
N ILE A 861 -18.56 -53.22 -17.25
CA ILE A 861 -19.40 -53.21 -18.45
C ILE A 861 -18.49 -53.24 -19.67
N PRO A 862 -18.80 -54.03 -20.70
CA PRO A 862 -17.98 -54.00 -21.92
C PRO A 862 -18.02 -52.62 -22.56
N PHE A 863 -16.88 -52.21 -23.13
CA PHE A 863 -16.75 -50.85 -23.63
C PHE A 863 -17.75 -50.56 -24.74
N ALA A 864 -18.01 -51.53 -25.61
CA ALA A 864 -18.96 -51.31 -26.70
C ALA A 864 -20.36 -51.02 -26.16
N MET A 865 -20.78 -51.73 -25.12
CA MET A 865 -22.09 -51.46 -24.53
C MET A 865 -22.12 -50.11 -23.82
N GLN A 866 -21.02 -49.71 -23.19
CA GLN A 866 -20.94 -48.37 -22.63
C GLN A 866 -21.11 -47.32 -23.73
N MET A 867 -20.46 -47.56 -24.87
CA MET A 867 -20.62 -46.65 -26.01
C MET A 867 -22.06 -46.61 -26.49
N ALA A 868 -22.73 -47.76 -26.52
CA ALA A 868 -24.12 -47.79 -26.93
C ALA A 868 -24.98 -46.98 -25.97
N TYR A 869 -24.73 -47.10 -24.66
CA TYR A 869 -25.47 -46.32 -23.67
C TYR A 869 -25.22 -44.82 -23.87
N ARG A 870 -23.97 -44.43 -24.09
CA ARG A 870 -23.66 -43.01 -24.25
C ARG A 870 -24.16 -42.47 -25.58
N PHE A 871 -24.31 -43.32 -26.59
CA PHE A 871 -24.99 -42.91 -27.81
C PHE A 871 -26.47 -42.69 -27.56
N ASN A 872 -27.11 -43.60 -26.82
CA ASN A 872 -28.49 -43.39 -26.42
C ASN A 872 -28.63 -42.11 -25.61
N GLY A 873 -27.58 -41.71 -24.91
CA GLY A 873 -27.65 -40.49 -24.11
C GLY A 873 -27.93 -39.25 -24.93
N ILE A 874 -27.34 -39.16 -26.13
CA ILE A 874 -27.43 -37.95 -26.93
C ILE A 874 -28.56 -38.06 -27.94
N GLY A 875 -29.47 -39.01 -27.73
CA GLY A 875 -30.64 -39.16 -28.57
C GLY A 875 -30.45 -40.00 -29.81
N VAL A 876 -29.29 -40.63 -29.98
CA VAL A 876 -29.04 -41.52 -31.12
C VAL A 876 -29.24 -42.96 -30.64
N THR A 877 -30.03 -43.72 -31.38
CA THR A 877 -30.33 -45.09 -30.99
C THR A 877 -29.05 -45.91 -30.90
N GLN A 878 -29.14 -47.06 -30.22
CA GLN A 878 -27.98 -47.91 -30.00
C GLN A 878 -27.55 -48.61 -31.28
N ASN A 879 -28.51 -48.99 -32.12
CA ASN A 879 -28.16 -49.68 -33.36
C ASN A 879 -27.20 -48.86 -34.21
N VAL A 880 -27.26 -47.53 -34.09
CA VAL A 880 -26.31 -46.69 -34.82
C VAL A 880 -24.88 -47.01 -34.39
N LEU A 881 -24.65 -47.14 -33.08
CA LEU A 881 -23.32 -47.46 -32.59
C LEU A 881 -22.93 -48.90 -32.93
N TYR A 882 -23.85 -49.84 -32.72
CA TYR A 882 -23.49 -51.25 -32.91
C TYR A 882 -23.25 -51.57 -34.38
N GLU A 883 -24.12 -51.11 -35.27
CA GLU A 883 -24.01 -51.42 -36.69
C GLU A 883 -22.90 -50.65 -37.39
N ASN A 884 -22.33 -49.62 -36.75
CA ASN A 884 -21.20 -48.88 -37.29
C ASN A 884 -20.05 -48.88 -36.29
N GLN A 885 -19.87 -50.00 -35.58
CA GLN A 885 -18.90 -50.04 -34.50
C GLN A 885 -17.47 -49.89 -35.02
N LYS A 886 -17.12 -50.62 -36.08
CA LYS A 886 -15.76 -50.56 -36.58
C LYS A 886 -15.43 -49.18 -37.12
N GLN A 887 -16.37 -48.57 -37.86
CA GLN A 887 -16.14 -47.23 -38.39
C GLN A 887 -15.98 -46.21 -37.27
N ILE A 888 -16.82 -46.31 -36.24
CA ILE A 888 -16.73 -45.36 -35.13
C ILE A 888 -15.43 -45.54 -34.37
N ALA A 889 -15.01 -46.79 -34.18
CA ALA A 889 -13.73 -47.04 -33.53
C ALA A 889 -12.57 -46.48 -34.34
N ASN A 890 -12.62 -46.65 -35.66
CA ASN A 890 -11.58 -46.08 -36.51
C ASN A 890 -11.56 -44.56 -36.42
N GLN A 891 -12.73 -43.94 -36.40
CA GLN A 891 -12.80 -42.49 -36.27
C GLN A 891 -12.20 -42.04 -34.94
N PHE A 892 -12.52 -42.76 -33.86
CA PHE A 892 -11.97 -42.43 -32.55
C PHE A 892 -10.44 -42.56 -32.56
N ASN A 893 -9.93 -43.65 -33.15
CA ASN A 893 -8.49 -43.85 -33.21
C ASN A 893 -7.81 -42.77 -34.03
N LYS A 894 -8.41 -42.41 -35.16
CA LYS A 894 -7.84 -41.36 -36.01
C LYS A 894 -7.84 -40.02 -35.30
N ALA A 895 -8.91 -39.73 -34.56
CA ALA A 895 -8.93 -38.48 -33.78
C ALA A 895 -7.84 -38.48 -32.73
N ILE A 896 -7.62 -39.62 -32.07
CA ILE A 896 -6.55 -39.73 -31.09
C ILE A 896 -5.20 -39.49 -31.75
N SER A 897 -4.98 -40.10 -32.92
CA SER A 897 -3.72 -39.91 -33.61
C SER A 897 -3.54 -38.46 -34.04
N GLN A 898 -4.63 -37.80 -34.46
CA GLN A 898 -4.53 -36.42 -34.88
C GLN A 898 -4.17 -35.51 -33.71
N ILE A 899 -4.78 -35.72 -32.54
CA ILE A 899 -4.40 -34.92 -31.38
C ILE A 899 -2.95 -35.19 -31.02
N GLN A 900 -2.53 -36.45 -31.11
CA GLN A 900 -1.14 -36.79 -30.84
C GLN A 900 -0.20 -36.01 -31.76
N GLU A 901 -0.48 -36.03 -33.06
CA GLU A 901 0.37 -35.33 -34.01
C GLU A 901 0.36 -33.82 -33.78
N SER A 902 -0.82 -33.25 -33.53
CA SER A 902 -0.91 -31.82 -33.28
C SER A 902 -0.10 -31.43 -32.05
N LEU A 903 -0.13 -32.26 -31.01
CA LEU A 903 0.67 -31.99 -29.83
C LEU A 903 2.15 -32.18 -30.10
N THR A 904 2.51 -33.10 -31.01
CA THR A 904 3.91 -33.39 -31.27
C THR A 904 4.65 -32.20 -31.87
N THR A 905 3.95 -31.27 -32.50
CA THR A 905 4.60 -30.12 -33.11
C THR A 905 4.97 -29.11 -32.03
N THR A 906 5.44 -27.93 -32.44
CA THR A 906 5.87 -26.88 -31.52
C THR A 906 4.82 -25.80 -31.36
N SER A 907 3.54 -26.19 -31.35
CA SER A 907 2.47 -25.22 -31.22
C SER A 907 2.41 -24.68 -29.79
N THR A 908 1.54 -23.68 -29.60
CA THR A 908 1.30 -23.07 -28.29
C THR A 908 -0.02 -23.53 -27.70
N ALA A 909 -0.36 -24.82 -27.87
CA ALA A 909 -1.64 -25.31 -27.37
C ALA A 909 -1.75 -25.13 -25.86
N LEU A 910 -0.68 -25.40 -25.14
CA LEU A 910 -0.67 -25.23 -23.68
C LEU A 910 -0.19 -23.83 -23.29
N GLY A 911 -0.81 -22.81 -23.87
CA GLY A 911 -0.43 -21.45 -23.55
C GLY A 911 -0.88 -21.00 -22.17
N LYS A 912 -1.98 -21.58 -21.66
CA LYS A 912 -2.50 -21.17 -20.37
C LYS A 912 -1.58 -21.63 -19.23
N LEU A 913 -1.14 -22.88 -19.27
CA LEU A 913 -0.24 -23.40 -18.24
C LEU A 913 1.10 -22.68 -18.29
N GLN A 914 1.63 -22.47 -19.49
CA GLN A 914 2.85 -21.69 -19.63
C GLN A 914 2.67 -20.29 -19.10
N ASP A 915 1.48 -19.71 -19.29
CA ASP A 915 1.20 -18.38 -18.77
C ASP A 915 1.23 -18.37 -17.25
N VAL A 916 0.66 -19.40 -16.63
CA VAL A 916 0.69 -19.51 -15.17
C VAL A 916 2.14 -19.58 -14.68
N VAL A 917 2.93 -20.44 -15.32
CA VAL A 917 4.33 -20.61 -14.91
C VAL A 917 5.08 -19.29 -15.07
N ASN A 918 4.89 -18.63 -16.21
CA ASN A 918 5.58 -17.38 -16.48
C ASN A 918 5.15 -16.31 -15.48
N GLN A 919 3.87 -16.27 -15.12
CA GLN A 919 3.40 -15.29 -14.16
C GLN A 919 4.08 -15.49 -12.81
N ASN A 920 4.15 -16.73 -12.33
CA ASN A 920 4.82 -16.99 -11.06
C ASN A 920 6.28 -16.56 -11.13
N ALA A 921 6.99 -16.99 -12.17
CA ALA A 921 8.41 -16.66 -12.29
C ALA A 921 8.61 -15.15 -12.37
N GLN A 922 7.78 -14.46 -13.15
CA GLN A 922 7.92 -13.02 -13.31
C GLN A 922 7.65 -12.30 -12.00
N ALA A 923 6.64 -12.75 -11.23
CA ALA A 923 6.38 -12.12 -9.95
C ALA A 923 7.59 -12.24 -9.02
N LEU A 924 8.15 -13.44 -8.93
CA LEU A 924 9.32 -13.61 -8.06
C LEU A 924 10.49 -12.77 -8.55
N ASN A 925 10.72 -12.75 -9.87
CA ASN A 925 11.87 -12.03 -10.40
C ASN A 925 11.72 -10.53 -10.23
N THR A 926 10.51 -9.99 -10.41
CA THR A 926 10.31 -8.57 -10.17
C THR A 926 10.45 -8.24 -8.68
N LEU A 927 10.05 -9.17 -7.81
CA LEU A 927 10.33 -8.98 -6.39
C LEU A 927 11.84 -8.87 -6.15
N VAL A 928 12.62 -9.72 -6.81
CA VAL A 928 14.08 -9.65 -6.67
C VAL A 928 14.61 -8.32 -7.21
N LYS A 929 14.11 -7.89 -8.37
CA LYS A 929 14.65 -6.70 -9.01
C LYS A 929 14.27 -5.43 -8.24
N GLN A 930 13.11 -5.42 -7.59
CA GLN A 930 12.67 -4.23 -6.86
C GLN A 930 13.58 -3.91 -5.68
N LEU A 931 14.46 -4.82 -5.27
CA LEU A 931 15.40 -4.51 -4.20
C LEU A 931 16.40 -3.44 -4.59
N SER A 932 16.52 -3.13 -5.88
CA SER A 932 17.44 -2.09 -6.33
C SER A 932 16.85 -0.69 -6.24
N SER A 933 15.56 -0.57 -5.95
CA SER A 933 14.91 0.73 -5.98
C SER A 933 15.15 1.46 -4.67
N ASN A 934 15.69 2.67 -4.76
CA ASN A 934 15.65 3.59 -3.63
C ASN A 934 14.21 4.03 -3.41
N PHE A 935 13.79 4.06 -2.16
CA PHE A 935 12.43 4.47 -1.81
C PHE A 935 12.44 5.84 -1.15
N GLY A 936 13.26 6.74 -1.69
CA GLY A 936 13.54 8.01 -1.07
C GLY A 936 14.82 8.01 -0.25
N ALA A 937 15.41 6.84 -0.03
CA ALA A 937 16.67 6.75 0.69
C ALA A 937 17.84 7.12 -0.22
N ILE A 938 18.98 7.43 0.40
CA ILE A 938 20.16 7.82 -0.35
C ILE A 938 20.63 6.67 -1.24
N SER A 939 20.33 5.44 -0.87
CA SER A 939 20.79 4.28 -1.63
C SER A 939 19.88 3.11 -1.33
N SER A 940 19.89 2.13 -2.24
CA SER A 940 19.20 0.87 -2.03
C SER A 940 20.12 -0.21 -1.48
N VAL A 941 21.38 0.10 -1.24
CA VAL A 941 22.36 -0.86 -0.74
C VAL A 941 22.43 -0.68 0.77
N LEU A 942 21.93 -1.67 1.51
CA LEU A 942 21.89 -1.58 2.96
C LEU A 942 23.30 -1.49 3.55
N ASN A 943 24.23 -2.28 3.02
CA ASN A 943 25.59 -2.28 3.54
C ASN A 943 26.24 -0.92 3.35
N ASP A 944 26.01 -0.28 2.21
CA ASP A 944 26.55 1.06 1.98
C ASP A 944 26.04 2.05 3.02
N ILE A 945 24.73 2.02 3.27
CA ILE A 945 24.13 2.91 4.26
C ILE A 945 24.76 2.68 5.62
N LEU A 946 24.86 1.41 6.02
CA LEU A 946 25.39 1.10 7.34
C LEU A 946 26.90 1.36 7.44
N SER A 947 27.59 1.43 6.31
CA SER A 947 29.02 1.74 6.34
C SER A 947 29.28 3.23 6.35
N ARG A 948 28.37 4.04 5.81
CA ARG A 948 28.59 5.48 5.78
C ARG A 948 27.98 6.20 6.99
N LEU A 949 26.81 5.77 7.45
CA LEU A 949 26.02 6.52 8.40
C LEU A 949 25.97 5.83 9.76
N ASP A 950 25.88 6.64 10.81
CA ASP A 950 25.80 6.13 12.17
C ASP A 950 24.36 5.69 12.46
N LYS A 951 24.06 5.41 13.73
CA LYS A 951 22.83 4.72 14.08
C LYS A 951 21.59 5.51 13.68
N VAL A 952 21.58 6.81 13.90
CA VAL A 952 20.35 7.60 13.78
C VAL A 952 20.01 7.85 12.32
N GLU A 953 20.95 8.42 11.56
CA GLU A 953 20.71 8.67 10.15
C GLU A 953 20.51 7.37 9.38
N ALA A 954 21.31 6.36 9.71
CA ALA A 954 21.10 5.04 9.12
C ALA A 954 19.70 4.53 9.44
N GLU A 955 19.22 4.81 10.66
CA GLU A 955 17.87 4.39 11.02
C GLU A 955 16.83 5.07 10.13
N VAL A 956 17.01 6.36 9.86
CA VAL A 956 16.07 7.07 8.99
C VAL A 956 16.04 6.42 7.61
N GLN A 957 17.23 6.25 7.01
CA GLN A 957 17.29 5.69 5.66
C GLN A 957 16.75 4.26 5.62
N ILE A 958 17.10 3.46 6.63
CA ILE A 958 16.68 2.07 6.66
C ILE A 958 15.18 1.97 6.90
N ASP A 959 14.59 2.91 7.65
CA ASP A 959 13.15 2.94 7.80
C ASP A 959 12.47 3.21 6.45
N ARG A 960 13.01 4.14 5.67
CA ARG A 960 12.48 4.34 4.33
C ARG A 960 12.54 3.04 3.52
N LEU A 961 13.70 2.39 3.54
CA LEU A 961 13.87 1.15 2.78
C LEU A 961 12.92 0.06 3.27
N ILE A 962 12.72 -0.03 4.58
CA ILE A 962 11.84 -1.04 5.15
C ILE A 962 10.40 -0.80 4.69
N THR A 963 9.96 0.46 4.75
CA THR A 963 8.62 0.77 4.25
C THR A 963 8.48 0.35 2.80
N GLY A 964 9.46 0.70 1.97
CA GLY A 964 9.36 0.36 0.56
C GLY A 964 9.32 -1.13 0.30
N ARG A 965 10.19 -1.89 0.97
CA ARG A 965 10.25 -3.32 0.71
C ARG A 965 9.05 -4.05 1.31
N LEU A 966 8.53 -3.56 2.44
CA LEU A 966 7.26 -4.09 2.94
C LEU A 966 6.13 -3.85 1.96
N GLN A 967 6.11 -2.66 1.34
CA GLN A 967 5.11 -2.39 0.32
C GLN A 967 5.27 -3.34 -0.86
N SER A 968 6.51 -3.61 -1.27
CA SER A 968 6.75 -4.56 -2.36
C SER A 968 6.21 -5.94 -2.01
N LEU A 969 6.50 -6.41 -0.80
CA LEU A 969 6.02 -7.73 -0.39
C LEU A 969 4.50 -7.76 -0.31
N GLN A 970 3.89 -6.68 0.21
CA GLN A 970 2.43 -6.63 0.29
C GLN A 970 1.80 -6.64 -1.10
N THR A 971 2.39 -5.91 -2.05
CA THR A 971 1.88 -5.93 -3.41
C THR A 971 1.99 -7.33 -3.99
N TYR A 972 3.14 -7.99 -3.78
CA TYR A 972 3.29 -9.36 -4.28
C TYR A 972 2.22 -10.27 -3.70
N VAL A 973 1.97 -10.16 -2.39
CA VAL A 973 1.01 -11.04 -1.74
C VAL A 973 -0.41 -10.75 -2.20
N THR A 974 -0.75 -9.47 -2.40
CA THR A 974 -2.08 -9.13 -2.89
C THR A 974 -2.29 -9.68 -4.30
N GLN A 975 -1.31 -9.51 -5.17
CA GLN A 975 -1.41 -10.04 -6.52
C GLN A 975 -1.50 -11.57 -6.48
N GLN A 976 -0.76 -12.19 -5.57
CA GLN A 976 -0.84 -13.64 -5.42
C GLN A 976 -2.22 -14.07 -4.98
N LEU A 977 -2.85 -13.31 -4.07
CA LEU A 977 -4.19 -13.65 -3.62
C LEU A 977 -5.19 -13.55 -4.77
N ILE A 978 -5.08 -12.49 -5.58
CA ILE A 978 -6.01 -12.34 -6.70
C ILE A 978 -5.79 -13.46 -7.72
N ARG A 979 -4.53 -13.75 -8.05
CA ARG A 979 -4.24 -14.83 -8.97
C ARG A 979 -4.72 -16.17 -8.42
N ALA A 980 -4.59 -16.37 -7.10
CA ALA A 980 -5.05 -17.60 -6.49
C ALA A 980 -6.56 -17.72 -6.56
N ALA A 981 -7.27 -16.60 -6.43
CA ALA A 981 -8.72 -16.62 -6.61
C ALA A 981 -9.07 -17.05 -8.03
N GLU A 982 -8.37 -16.50 -9.02
CA GLU A 982 -8.64 -16.90 -10.41
C GLU A 982 -8.33 -18.38 -10.62
N ILE A 983 -7.20 -18.84 -10.07
CA ILE A 983 -6.83 -20.25 -10.20
C ILE A 983 -7.83 -21.13 -9.47
N ARG A 984 -8.38 -20.68 -8.35
CA ARG A 984 -9.37 -21.46 -7.63
C ARG A 984 -10.66 -21.57 -8.44
N ALA A 985 -11.06 -20.49 -9.10
CA ALA A 985 -12.22 -20.59 -9.98
C ALA A 985 -11.96 -21.61 -11.08
N SER A 986 -10.76 -21.56 -11.67
CA SER A 986 -10.41 -22.52 -12.71
C SER A 986 -10.41 -23.95 -12.17
N ALA A 987 -9.89 -24.14 -10.96
CA ALA A 987 -9.80 -25.49 -10.39
C ALA A 987 -11.17 -26.02 -10.01
N ASN A 988 -12.05 -25.16 -9.49
CA ASN A 988 -13.42 -25.57 -9.22
C ASN A 988 -14.12 -25.97 -10.51
N LEU A 989 -13.93 -25.20 -11.57
CA LEU A 989 -14.51 -25.57 -12.86
C LEU A 989 -13.92 -26.89 -13.36
N ALA A 990 -12.62 -27.10 -13.15
CA ALA A 990 -11.99 -28.34 -13.57
C ALA A 990 -12.54 -29.53 -12.79
N ALA A 991 -12.77 -29.37 -11.50
CA ALA A 991 -13.39 -30.42 -10.70
C ALA A 991 -14.80 -30.71 -11.18
N THR A 992 -15.56 -29.65 -11.50
CA THR A 992 -16.90 -29.85 -12.04
C THR A 992 -16.85 -30.60 -13.37
N LYS A 993 -15.88 -30.26 -14.22
CA LYS A 993 -15.73 -30.96 -15.49
C LYS A 993 -15.35 -32.42 -15.27
N MET A 994 -14.47 -32.69 -14.31
CA MET A 994 -14.12 -34.06 -13.99
C MET A 994 -15.35 -34.84 -13.54
N SER A 995 -16.21 -34.22 -12.73
CA SER A 995 -17.40 -34.91 -12.25
C SER A 995 -18.39 -35.15 -13.37
N GLU A 996 -18.69 -34.13 -14.17
CA GLU A 996 -19.82 -34.18 -15.09
C GLU A 996 -19.47 -34.67 -16.48
N CYS A 997 -18.19 -34.67 -16.86
CA CYS A 997 -17.76 -35.15 -18.17
C CYS A 997 -16.97 -36.45 -18.12
N VAL A 998 -16.19 -36.67 -17.07
CA VAL A 998 -15.40 -37.89 -16.94
C VAL A 998 -16.18 -38.98 -16.20
N LEU A 999 -16.79 -38.62 -15.06
CA LEU A 999 -17.57 -39.57 -14.28
C LEU A 999 -19.01 -39.67 -14.76
N GLY A 1000 -19.38 -38.95 -15.82
CA GLY A 1000 -20.72 -39.05 -16.36
C GLY A 1000 -20.82 -38.27 -17.65
N GLN A 1001 -21.95 -38.45 -18.34
CA GLN A 1001 -22.22 -37.79 -19.60
C GLN A 1001 -23.03 -36.54 -19.33
N SER A 1002 -22.51 -35.39 -19.78
CA SER A 1002 -23.14 -34.10 -19.52
C SER A 1002 -24.09 -33.74 -20.65
N LYS A 1003 -25.30 -33.34 -20.30
CA LYS A 1003 -26.27 -32.84 -21.27
C LYS A 1003 -26.21 -31.33 -21.43
N ARG A 1004 -25.37 -30.65 -20.67
CA ARG A 1004 -25.22 -29.21 -20.82
C ARG A 1004 -24.57 -28.89 -22.16
N VAL A 1005 -25.04 -27.84 -22.81
CA VAL A 1005 -24.59 -27.50 -24.16
C VAL A 1005 -23.24 -26.80 -24.07
N ASP A 1006 -22.26 -27.34 -24.80
CA ASP A 1006 -20.92 -26.76 -24.91
C ASP A 1006 -20.17 -26.73 -23.59
N PHE A 1007 -20.52 -27.62 -22.66
CA PHE A 1007 -19.77 -27.73 -21.41
C PHE A 1007 -18.59 -28.70 -21.55
N CYS A 1008 -18.84 -29.88 -22.07
CA CYS A 1008 -17.81 -30.89 -22.29
C CYS A 1008 -17.60 -31.00 -23.80
N GLY A 1009 -16.76 -30.12 -24.34
CA GLY A 1009 -16.49 -30.10 -25.75
C GLY A 1009 -17.64 -29.52 -26.56
N LYS A 1010 -17.36 -29.27 -27.84
CA LYS A 1010 -18.34 -28.74 -28.77
C LYS A 1010 -18.95 -29.89 -29.56
N GLY A 1011 -20.26 -30.04 -29.45
CA GLY A 1011 -20.99 -31.16 -30.02
C GLY A 1011 -21.77 -31.90 -28.95
N TYR A 1012 -22.26 -33.08 -29.31
CA TYR A 1012 -22.99 -33.91 -28.38
C TYR A 1012 -21.99 -34.75 -27.59
N HIS A 1013 -21.75 -34.39 -26.34
CA HIS A 1013 -20.72 -35.04 -25.55
C HIS A 1013 -21.00 -36.53 -25.38
N LEU A 1014 -19.94 -37.33 -25.52
CA LEU A 1014 -20.01 -38.76 -25.24
C LEU A 1014 -19.22 -39.17 -24.01
N MET A 1015 -18.02 -38.62 -23.83
CA MET A 1015 -17.18 -38.93 -22.67
C MET A 1015 -15.96 -38.01 -22.73
N SER A 1016 -15.13 -38.10 -21.70
CA SER A 1016 -13.92 -37.30 -21.64
C SER A 1016 -12.85 -38.09 -20.90
N PHE A 1017 -11.60 -37.69 -21.11
CA PHE A 1017 -10.45 -38.32 -20.49
C PHE A 1017 -9.56 -37.23 -19.91
N PRO A 1018 -9.12 -37.34 -18.65
CA PRO A 1018 -8.17 -36.37 -18.12
C PRO A 1018 -6.73 -36.79 -18.39
N GLN A 1019 -5.89 -35.80 -18.63
CA GLN A 1019 -4.46 -36.02 -18.78
C GLN A 1019 -3.75 -34.98 -17.93
N ALA A 1020 -2.84 -35.44 -17.07
CA ALA A 1020 -2.09 -34.53 -16.22
C ALA A 1020 -1.18 -33.66 -17.08
N ALA A 1021 -1.05 -32.40 -16.69
CA ALA A 1021 -0.13 -31.48 -17.32
C ALA A 1021 0.48 -30.63 -16.21
N PRO A 1022 1.65 -30.05 -16.44
CA PRO A 1022 2.27 -29.22 -15.39
C PRO A 1022 1.32 -28.13 -14.93
N HIS A 1023 0.95 -28.17 -13.64
CA HIS A 1023 0.10 -27.18 -13.00
C HIS A 1023 -1.34 -27.21 -13.52
N GLY A 1024 -1.75 -28.27 -14.20
CA GLY A 1024 -3.09 -28.26 -14.73
C GLY A 1024 -3.50 -29.60 -15.32
N VAL A 1025 -4.65 -29.58 -15.98
CA VAL A 1025 -5.21 -30.78 -16.59
C VAL A 1025 -5.59 -30.46 -18.04
N VAL A 1026 -5.66 -31.51 -18.84
CA VAL A 1026 -6.11 -31.42 -20.23
C VAL A 1026 -7.22 -32.44 -20.41
N PHE A 1027 -8.40 -31.98 -20.81
CA PHE A 1027 -9.52 -32.86 -21.06
C PHE A 1027 -9.61 -33.14 -22.56
N LEU A 1028 -9.70 -34.42 -22.90
CA LEU A 1028 -9.91 -34.86 -24.28
C LEU A 1028 -11.40 -35.14 -24.44
N HIS A 1029 -12.15 -34.11 -24.78
CA HIS A 1029 -13.60 -34.24 -24.92
C HIS A 1029 -13.92 -34.93 -26.24
N VAL A 1030 -14.61 -36.06 -26.15
CA VAL A 1030 -15.09 -36.80 -27.31
C VAL A 1030 -16.53 -36.42 -27.55
N THR A 1031 -16.83 -35.97 -28.76
CA THR A 1031 -18.15 -35.47 -29.10
C THR A 1031 -18.63 -36.06 -30.42
N TYR A 1032 -19.93 -36.29 -30.48
CA TYR A 1032 -20.62 -36.64 -31.71
C TYR A 1032 -21.00 -35.36 -32.44
N VAL A 1033 -20.58 -35.25 -33.70
CA VAL A 1033 -20.85 -34.07 -34.51
C VAL A 1033 -21.58 -34.50 -35.76
N PRO A 1034 -22.87 -34.19 -35.92
CA PRO A 1034 -23.58 -34.59 -37.14
C PRO A 1034 -23.06 -33.85 -38.35
N SER A 1035 -23.28 -34.44 -39.52
CA SER A 1035 -22.77 -33.89 -40.77
C SER A 1035 -23.52 -34.53 -41.92
N GLN A 1036 -23.31 -33.96 -43.12
CA GLN A 1036 -23.96 -34.43 -44.34
C GLN A 1036 -25.48 -34.32 -44.23
N GLU A 1037 -25.94 -33.08 -44.04
CA GLU A 1037 -27.36 -32.84 -43.90
C GLU A 1037 -28.08 -32.95 -45.25
N ARG A 1038 -29.27 -33.51 -45.22
CA ARG A 1038 -30.13 -33.62 -46.40
C ARG A 1038 -31.46 -32.93 -46.10
N ASN A 1039 -32.00 -32.26 -47.10
CA ASN A 1039 -33.24 -31.52 -46.98
C ASN A 1039 -34.44 -32.41 -47.27
N PHE A 1040 -35.53 -32.15 -46.55
CA PHE A 1040 -36.76 -32.90 -46.75
C PHE A 1040 -37.94 -31.97 -46.53
N THR A 1041 -39.08 -32.35 -47.10
CA THR A 1041 -40.35 -31.69 -46.81
C THR A 1041 -40.94 -32.30 -45.54
N THR A 1042 -41.24 -31.45 -44.57
CA THR A 1042 -41.63 -31.90 -43.24
C THR A 1042 -43.12 -31.65 -43.00
N ALA A 1043 -43.61 -32.17 -41.88
CA ALA A 1043 -45.03 -32.15 -41.53
C ALA A 1043 -45.20 -32.13 -40.02
N PRO A 1044 -45.81 -31.10 -39.45
CA PRO A 1044 -45.99 -31.08 -37.98
C PRO A 1044 -46.84 -32.23 -37.47
N ALA A 1045 -47.81 -32.70 -38.25
CA ALA A 1045 -48.68 -33.79 -37.83
C ALA A 1045 -49.27 -34.45 -39.05
N ILE A 1046 -49.81 -35.64 -38.86
CA ILE A 1046 -50.38 -36.44 -39.94
C ILE A 1046 -51.85 -36.65 -39.64
N CYS A 1047 -52.71 -36.26 -40.58
CA CYS A 1047 -54.14 -36.48 -40.44
C CYS A 1047 -54.50 -37.83 -41.04
N HIS A 1048 -55.02 -38.74 -40.22
CA HIS A 1048 -55.44 -40.04 -40.67
C HIS A 1048 -56.88 -40.27 -40.21
N GLU A 1049 -57.73 -40.75 -41.12
CA GLU A 1049 -59.15 -40.86 -40.84
C GLU A 1049 -59.69 -39.50 -40.44
N GLY A 1050 -59.77 -39.22 -39.14
CA GLY A 1050 -60.21 -37.92 -38.67
C GLY A 1050 -59.44 -37.46 -37.46
N LYS A 1051 -58.25 -38.00 -37.25
CA LYS A 1051 -57.45 -37.72 -36.07
C LYS A 1051 -56.05 -37.29 -36.48
N ALA A 1052 -55.44 -36.47 -35.63
CA ALA A 1052 -54.10 -35.95 -35.87
C ALA A 1052 -53.11 -36.78 -35.05
N TYR A 1053 -52.27 -37.54 -35.75
CA TYR A 1053 -51.17 -38.27 -35.13
C TYR A 1053 -49.92 -37.41 -35.15
N PHE A 1054 -49.14 -37.50 -34.08
CA PHE A 1054 -47.90 -36.75 -33.94
C PHE A 1054 -46.76 -37.72 -33.67
N PRO A 1055 -45.53 -37.35 -34.02
CA PRO A 1055 -44.40 -38.27 -33.85
C PRO A 1055 -44.11 -38.48 -32.37
N ARG A 1056 -44.19 -39.75 -31.94
CA ARG A 1056 -43.94 -40.04 -30.53
C ARG A 1056 -42.51 -39.71 -30.15
N GLU A 1057 -41.54 -40.19 -30.91
CA GLU A 1057 -40.13 -39.95 -30.64
C GLU A 1057 -39.36 -39.68 -31.93
N GLY A 1058 -39.93 -38.87 -32.81
CA GLY A 1058 -39.28 -38.58 -34.07
C GLY A 1058 -39.81 -37.33 -34.72
N VAL A 1059 -39.58 -37.24 -36.03
CA VAL A 1059 -40.10 -36.14 -36.84
C VAL A 1059 -40.50 -36.70 -38.19
N PHE A 1060 -41.59 -36.17 -38.74
CA PHE A 1060 -42.06 -36.58 -40.06
C PHE A 1060 -41.23 -35.89 -41.14
N VAL A 1061 -40.90 -36.66 -42.19
CA VAL A 1061 -40.17 -36.13 -43.33
C VAL A 1061 -40.67 -36.82 -44.59
N PHE A 1062 -40.46 -36.15 -45.72
CA PHE A 1062 -40.87 -36.63 -47.03
C PHE A 1062 -39.63 -37.09 -47.78
N ASN A 1063 -39.55 -38.39 -48.06
CA ASN A 1063 -38.39 -38.95 -48.74
C ASN A 1063 -38.45 -38.76 -50.24
N GLY A 1064 -39.57 -38.23 -50.77
CA GLY A 1064 -39.77 -38.03 -52.19
C GLY A 1064 -40.99 -38.75 -52.72
N THR A 1065 -41.30 -39.92 -52.17
CA THR A 1065 -42.45 -40.70 -52.62
C THR A 1065 -43.33 -41.07 -51.43
N SER A 1066 -42.72 -41.31 -50.27
CA SER A 1066 -43.45 -41.73 -49.09
C SER A 1066 -43.00 -40.92 -47.88
N TRP A 1067 -43.90 -40.80 -46.90
CA TRP A 1067 -43.59 -40.10 -45.66
C TRP A 1067 -43.03 -41.08 -44.64
N PHE A 1068 -41.98 -40.67 -43.95
CA PHE A 1068 -41.34 -41.49 -42.94
C PHE A 1068 -41.19 -40.70 -41.65
N ILE A 1069 -40.95 -41.42 -40.56
CA ILE A 1069 -40.66 -40.84 -39.25
C ILE A 1069 -39.22 -41.18 -38.91
N THR A 1070 -38.42 -40.16 -38.62
CA THR A 1070 -37.00 -40.34 -38.40
C THR A 1070 -36.55 -39.58 -37.16
N GLN A 1071 -35.54 -40.12 -36.49
CA GLN A 1071 -34.90 -39.42 -35.39
C GLN A 1071 -34.16 -38.19 -35.92
N ARG A 1072 -34.09 -37.16 -35.08
CA ARG A 1072 -33.64 -35.85 -35.55
C ARG A 1072 -32.17 -35.86 -35.92
N ASN A 1073 -31.33 -36.44 -35.07
CA ASN A 1073 -29.88 -36.28 -35.20
C ASN A 1073 -29.23 -37.27 -36.15
N PHE A 1074 -29.99 -38.17 -36.76
CA PHE A 1074 -29.42 -39.17 -37.66
C PHE A 1074 -30.53 -39.69 -38.56
N PHE A 1075 -30.39 -39.51 -39.87
CA PHE A 1075 -31.46 -39.87 -40.80
C PHE A 1075 -31.58 -41.38 -40.84
N SER A 1076 -32.61 -41.90 -40.16
CA SER A 1076 -32.94 -43.32 -40.18
C SER A 1076 -34.45 -43.44 -40.36
N PRO A 1077 -34.94 -43.28 -41.60
CA PRO A 1077 -36.39 -43.30 -41.82
C PRO A 1077 -37.00 -44.62 -41.38
N GLN A 1078 -38.19 -44.54 -40.79
CA GLN A 1078 -38.93 -45.70 -40.35
C GLN A 1078 -40.37 -45.61 -40.84
N ILE A 1079 -40.96 -46.76 -41.14
CA ILE A 1079 -42.35 -46.77 -41.58
C ILE A 1079 -43.23 -46.21 -40.47
N ILE A 1080 -44.18 -45.37 -40.86
CA ILE A 1080 -45.02 -44.67 -39.89
C ILE A 1080 -46.10 -45.64 -39.42
N THR A 1081 -46.16 -45.85 -38.11
CA THR A 1081 -47.05 -46.85 -37.53
C THR A 1081 -47.49 -46.38 -36.16
N THR A 1082 -48.60 -46.94 -35.69
CA THR A 1082 -49.18 -46.48 -34.43
C THR A 1082 -48.19 -46.59 -33.28
N ASP A 1083 -47.22 -47.48 -33.37
CA ASP A 1083 -46.24 -47.64 -32.30
C ASP A 1083 -45.42 -46.37 -32.11
N ASN A 1084 -44.98 -45.75 -33.21
CA ASN A 1084 -44.09 -44.60 -33.14
C ASN A 1084 -44.83 -43.26 -33.26
N THR A 1085 -46.16 -43.28 -33.29
CA THR A 1085 -46.96 -42.06 -33.30
C THR A 1085 -48.02 -42.14 -32.21
N PHE A 1086 -48.44 -40.97 -31.73
CA PHE A 1086 -49.52 -40.88 -30.76
C PHE A 1086 -50.55 -39.86 -31.22
N VAL A 1087 -51.82 -40.21 -31.05
CA VAL A 1087 -52.93 -39.44 -31.61
C VAL A 1087 -53.47 -38.49 -30.55
N SER A 1088 -53.94 -37.33 -31.00
CA SER A 1088 -54.48 -36.31 -30.10
C SER A 1088 -55.37 -35.36 -30.89
N GLY A 1089 -56.66 -35.36 -30.59
CA GLY A 1089 -57.56 -34.40 -31.19
C GLY A 1089 -57.90 -34.73 -32.63
N SER A 1090 -58.43 -33.72 -33.32
CA SER A 1090 -58.85 -33.83 -34.71
C SER A 1090 -57.92 -33.00 -35.60
N CYS A 1091 -58.10 -33.16 -36.91
CA CYS A 1091 -57.23 -32.50 -37.88
C CYS A 1091 -57.54 -31.02 -38.06
N ASP A 1092 -58.73 -30.57 -37.66
CA ASP A 1092 -59.10 -29.18 -37.88
C ASP A 1092 -58.18 -28.23 -37.12
N VAL A 1093 -57.86 -28.56 -35.87
CA VAL A 1093 -57.07 -27.65 -35.05
C VAL A 1093 -55.66 -27.49 -35.62
N VAL A 1094 -55.05 -28.59 -36.06
CA VAL A 1094 -53.68 -28.53 -36.56
C VAL A 1094 -53.58 -27.54 -37.70
N ILE A 1095 -52.52 -26.73 -37.68
CA ILE A 1095 -52.36 -25.67 -38.67
C ILE A 1095 -51.86 -26.24 -39.99
N GLY A 1096 -50.68 -26.84 -39.97
CA GLY A 1096 -50.06 -27.35 -41.18
C GLY A 1096 -50.08 -28.86 -41.28
N ILE A 1097 -51.23 -29.47 -41.01
CA ILE A 1097 -51.33 -30.93 -41.07
C ILE A 1097 -51.33 -31.41 -42.51
N ILE A 1098 -50.59 -32.48 -42.77
CA ILE A 1098 -50.53 -33.13 -44.08
C ILE A 1098 -51.29 -34.44 -44.04
N ASN A 1099 -52.09 -34.67 -45.08
CA ASN A 1099 -52.80 -35.94 -45.22
C ASN A 1099 -51.81 -37.06 -45.50
N ASN A 1100 -52.01 -38.20 -44.84
CA ASN A 1100 -51.14 -39.35 -45.03
C ASN A 1100 -51.77 -40.55 -44.35
N THR A 1101 -51.24 -41.73 -44.63
CA THR A 1101 -51.70 -42.97 -44.02
C THR A 1101 -50.73 -43.40 -42.91
N VAL A 1102 -51.30 -44.03 -41.88
CA VAL A 1102 -50.53 -44.54 -40.75
C VAL A 1102 -50.83 -46.03 -40.63
N TYR A 1103 -49.80 -46.86 -40.80
CA TYR A 1103 -49.96 -48.29 -40.67
C TYR A 1103 -50.19 -48.68 -39.22
N ASP A 1104 -50.73 -49.88 -39.01
CA ASP A 1104 -50.92 -50.42 -37.69
C ASP A 1104 -50.29 -51.81 -37.61
N PRO A 1105 -49.58 -52.12 -36.53
CA PRO A 1105 -48.95 -53.45 -36.44
C PRO A 1105 -49.94 -54.59 -36.46
N LEU A 1106 -51.13 -54.38 -35.90
CA LEU A 1106 -52.15 -55.42 -35.89
C LEU A 1106 -52.64 -55.77 -37.29
N GLN A 1107 -52.37 -54.91 -38.27
CA GLN A 1107 -52.77 -55.22 -39.64
C GLN A 1107 -52.20 -56.55 -40.13
N PRO A 1108 -51.03 -57.02 -39.66
CA PRO A 1108 -50.56 -58.32 -40.12
C PRO A 1108 -51.52 -59.45 -39.83
N GLU A 1109 -52.24 -59.38 -38.70
CA GLU A 1109 -53.22 -60.40 -38.36
C GLU A 1109 -54.53 -60.15 -39.12
N LYS B 1 44.54 -6.19 58.14
CA LYS B 1 45.37 -6.24 56.91
C LYS B 1 44.81 -7.27 55.93
N CYS B 2 45.46 -7.40 54.78
CA CYS B 2 45.02 -8.34 53.75
C CYS B 2 45.66 -9.70 54.00
N LEU B 3 44.83 -10.69 54.33
CA LEU B 3 45.30 -12.04 54.63
C LEU B 3 45.11 -12.93 53.40
N ASP B 4 46.02 -13.87 53.21
CA ASP B 4 45.99 -14.79 52.10
C ASP B 4 45.75 -16.21 52.60
N PHE B 5 44.82 -16.91 51.97
CA PHE B 5 44.59 -18.32 52.28
C PHE B 5 45.59 -19.17 51.51
N ASP B 6 46.27 -20.06 52.22
CA ASP B 6 47.30 -20.91 51.63
C ASP B 6 46.78 -22.34 51.50
N ASP B 7 47.28 -23.03 50.48
CA ASP B 7 46.92 -24.42 50.22
C ASP B 7 45.42 -24.55 49.93
N ARG B 8 44.98 -23.77 48.95
CA ARG B 8 43.59 -23.81 48.49
C ARG B 8 43.51 -24.65 47.22
N THR B 9 42.56 -25.55 47.17
CA THR B 9 42.34 -26.32 45.95
C THR B 9 41.87 -25.37 44.84
N PRO B 10 42.48 -25.41 43.66
CA PRO B 10 42.09 -24.47 42.61
C PRO B 10 40.63 -24.66 42.23
N PRO B 11 39.96 -23.59 41.82
CA PRO B 11 38.56 -23.73 41.40
C PRO B 11 38.41 -24.74 40.28
N ALA B 12 37.33 -25.52 40.33
CA ALA B 12 37.07 -26.55 39.35
C ALA B 12 36.35 -26.05 38.11
N ASN B 13 35.61 -24.95 38.22
CA ASN B 13 34.85 -24.39 37.11
C ASN B 13 33.91 -25.45 36.52
N THR B 14 33.19 -26.14 37.41
CA THR B 14 32.20 -27.10 36.96
C THR B 14 31.08 -26.40 36.21
N GLN B 15 30.51 -27.08 35.23
CA GLN B 15 29.54 -26.50 34.31
C GLN B 15 28.17 -27.12 34.54
N PHE B 16 27.14 -26.27 34.59
CA PHE B 16 25.75 -26.69 34.71
C PHE B 16 24.93 -25.92 33.69
N LEU B 17 23.62 -26.18 33.67
CA LEU B 17 22.71 -25.50 32.78
C LEU B 17 21.86 -24.49 33.55
N SER B 18 21.42 -23.44 32.85
CA SER B 18 20.67 -22.36 33.46
C SER B 18 19.16 -22.57 33.42
N SER B 19 18.67 -23.57 32.68
CA SER B 19 17.24 -23.83 32.56
C SER B 19 16.57 -22.56 32.02
N HIS B 20 15.51 -22.07 32.64
CA HIS B 20 14.77 -20.89 32.17
C HIS B 20 14.93 -19.72 33.14
N ARG B 21 16.10 -19.59 33.75
CA ARG B 21 16.35 -18.56 34.74
C ARG B 21 16.99 -17.33 34.11
N GLY B 22 16.89 -16.21 34.82
CA GLY B 22 17.52 -14.97 34.41
C GLY B 22 16.62 -13.94 33.77
N VAL B 23 15.31 -14.21 33.66
CA VAL B 23 14.40 -13.24 33.08
C VAL B 23 14.13 -12.13 34.08
N TYR B 24 14.14 -10.89 33.59
CA TYR B 24 13.84 -9.73 34.41
C TYR B 24 12.87 -8.82 33.66
N TYR B 25 12.31 -7.86 34.39
CA TYR B 25 11.33 -6.95 33.81
C TYR B 25 12.03 -5.97 32.87
N PRO B 26 11.63 -5.89 31.60
CA PRO B 26 12.39 -5.05 30.65
C PRO B 26 12.15 -3.56 30.80
N ASP B 27 11.03 -3.14 31.39
CA ASP B 27 10.73 -1.72 31.54
C ASP B 27 9.86 -1.54 32.77
N ASP B 28 9.30 -0.33 32.93
CA ASP B 28 8.51 0.03 34.10
C ASP B 28 7.03 0.17 33.77
N ILE B 29 6.57 -0.41 32.66
CA ILE B 29 5.20 -0.26 32.20
C ILE B 29 4.38 -1.45 32.69
N PHE B 30 3.26 -1.17 33.34
CA PHE B 30 2.37 -2.23 33.78
C PHE B 30 1.67 -2.87 32.58
N ARG B 31 1.69 -4.19 32.53
CA ARG B 31 0.96 -4.95 31.53
C ARG B 31 0.35 -6.16 32.20
N SER B 32 -0.76 -6.66 31.65
CA SER B 32 -1.43 -7.79 32.25
C SER B 32 -2.16 -8.58 31.17
N ASN B 33 -2.16 -9.91 31.33
CA ASN B 33 -2.81 -10.82 30.40
C ASN B 33 -2.37 -10.57 28.97
N VAL B 34 -1.06 -10.55 28.74
CA VAL B 34 -0.53 -10.19 27.43
C VAL B 34 0.79 -10.91 27.18
N LEU B 35 1.04 -11.21 25.90
CA LEU B 35 2.32 -11.73 25.45
C LEU B 35 3.09 -10.58 24.79
N HIS B 36 4.30 -10.32 25.27
CA HIS B 36 5.07 -9.16 24.87
C HIS B 36 6.42 -9.60 24.32
N LEU B 37 6.73 -9.21 23.09
CA LEU B 37 7.98 -9.59 22.43
C LEU B 37 8.98 -8.45 22.60
N VAL B 38 10.14 -8.77 23.18
CA VAL B 38 11.15 -7.76 23.49
C VAL B 38 12.53 -8.30 23.16
N GLN B 39 13.35 -7.46 22.55
CA GLN B 39 14.73 -7.80 22.22
C GLN B 39 15.65 -7.06 23.18
N ASP B 40 16.50 -7.80 23.89
CA ASP B 40 17.39 -7.21 24.88
C ASP B 40 18.46 -8.23 25.23
N HIS B 41 19.29 -7.89 26.21
CA HIS B 41 20.35 -8.77 26.68
C HIS B 41 19.78 -9.72 27.72
N PHE B 42 19.55 -10.96 27.33
CA PHE B 42 19.00 -11.98 28.21
C PHE B 42 19.96 -13.15 28.34
N LEU B 43 19.79 -13.93 29.39
CA LEU B 43 20.53 -15.17 29.53
C LEU B 43 19.81 -16.24 28.72
N PRO B 44 20.41 -16.75 27.64
CA PRO B 44 19.71 -17.73 26.82
C PRO B 44 19.34 -18.97 27.62
N PHE B 45 18.18 -19.54 27.30
CA PHE B 45 17.71 -20.71 28.02
C PHE B 45 18.67 -21.87 27.87
N ASP B 46 18.93 -22.56 28.98
CA ASP B 46 19.81 -23.73 28.99
C ASP B 46 21.19 -23.39 28.46
N SER B 47 21.77 -22.32 28.98
CA SER B 47 23.15 -21.95 28.67
C SER B 47 24.09 -22.49 29.75
N ASN B 48 25.38 -22.44 29.45
CA ASN B 48 26.38 -22.92 30.39
C ASN B 48 26.57 -21.91 31.52
N VAL B 49 26.56 -22.43 32.76
CA VAL B 49 26.81 -21.62 33.94
C VAL B 49 27.96 -22.27 34.70
N THR B 50 28.91 -21.45 35.14
CA THR B 50 30.08 -21.94 35.86
C THR B 50 29.86 -21.81 37.36
N ARG B 51 30.12 -22.90 38.08
CA ARG B 51 29.90 -22.96 39.53
C ARG B 51 31.20 -22.70 40.27
N PHE B 52 31.09 -22.00 41.41
CA PHE B 52 32.19 -21.76 42.32
C PHE B 52 31.66 -22.03 43.73
N ILE B 53 32.41 -22.79 44.52
CA ILE B 53 31.93 -23.27 45.80
C ILE B 53 32.88 -22.86 46.91
N THR B 54 32.32 -22.72 48.11
CA THR B 54 33.09 -22.62 49.35
C THR B 54 32.73 -23.82 50.20
N PHE B 55 33.71 -24.72 50.37
CA PHE B 55 33.54 -25.93 51.15
C PHE B 55 34.90 -26.59 51.31
N GLY B 56 35.20 -27.06 52.52
CA GLY B 56 36.48 -27.72 52.75
C GLY B 56 37.63 -26.78 52.48
N LEU B 57 38.50 -27.17 51.56
CA LEU B 57 39.66 -26.38 51.19
C LEU B 57 39.40 -25.46 50.00
N ASN B 58 38.17 -25.41 49.50
CA ASN B 58 37.81 -24.57 48.37
C ASN B 58 37.36 -23.21 48.89
N PHE B 59 38.03 -22.15 48.46
CA PHE B 59 37.62 -20.77 48.70
C PHE B 59 37.69 -20.09 47.33
N ASP B 60 36.61 -20.22 46.55
CA ASP B 60 36.61 -19.81 45.15
C ASP B 60 36.14 -18.37 45.03
N ASN B 61 37.10 -17.44 45.01
CA ASN B 61 36.81 -16.04 44.73
C ASN B 61 37.76 -15.48 43.67
N PRO B 62 37.80 -16.09 42.49
CA PRO B 62 38.68 -15.59 41.43
C PRO B 62 38.08 -14.37 40.73
N ILE B 63 38.92 -13.72 39.95
CA ILE B 63 38.46 -12.65 39.07
C ILE B 63 37.78 -13.28 37.87
N ILE B 64 36.54 -12.87 37.61
CA ILE B 64 35.71 -13.46 36.56
C ILE B 64 35.36 -12.35 35.58
N PRO B 65 35.49 -12.57 34.27
CA PRO B 65 35.15 -11.51 33.31
C PRO B 65 33.67 -11.17 33.34
N PHE B 66 33.38 -9.90 33.07
CA PHE B 66 32.01 -9.38 33.05
C PHE B 66 31.36 -9.53 31.69
N LYS B 67 32.11 -9.30 30.61
CA LYS B 67 31.61 -9.42 29.23
C LYS B 67 30.48 -8.41 29.05
N ASP B 68 29.27 -8.83 28.69
CA ASP B 68 28.15 -7.93 28.43
C ASP B 68 27.08 -8.06 29.52
N GLY B 69 27.49 -8.19 30.77
CA GLY B 69 26.57 -8.36 31.87
C GLY B 69 26.40 -9.82 32.24
N ILE B 70 26.03 -10.06 33.50
CA ILE B 70 26.05 -11.41 34.06
C ILE B 70 24.76 -11.71 34.79
N TYR B 71 24.48 -13.01 34.90
CA TYR B 71 23.49 -13.57 35.81
C TYR B 71 24.22 -14.31 36.91
N PHE B 72 23.90 -13.99 38.16
CA PHE B 72 24.60 -14.51 39.33
C PHE B 72 23.60 -15.15 40.26
N ALA B 73 23.72 -16.46 40.46
CA ALA B 73 22.85 -17.20 41.37
C ALA B 73 23.65 -17.66 42.57
N ALA B 74 23.03 -17.63 43.75
CA ALA B 74 23.70 -18.03 44.98
C ALA B 74 22.80 -19.00 45.73
N THR B 75 23.28 -20.23 45.91
CA THR B 75 22.61 -21.23 46.73
C THR B 75 23.34 -21.32 48.05
N GLU B 76 22.65 -21.00 49.15
CA GLU B 76 23.31 -20.97 50.45
C GLU B 76 22.27 -21.21 51.54
N LYS B 77 22.79 -21.41 52.75
CA LYS B 77 21.98 -21.57 53.94
C LYS B 77 22.46 -20.75 55.13
N SER B 78 23.66 -20.15 55.06
CA SER B 78 24.22 -19.39 56.17
C SER B 78 24.73 -18.02 55.73
N ASN B 79 24.24 -17.50 54.61
CA ASN B 79 24.56 -16.14 54.17
C ASN B 79 26.07 -15.96 53.99
N VAL B 80 26.70 -16.92 53.31
CA VAL B 80 28.14 -16.85 53.08
C VAL B 80 28.47 -15.75 52.08
N ILE B 81 27.71 -15.66 50.99
CA ILE B 81 27.97 -14.69 49.94
C ILE B 81 27.43 -13.33 50.35
N ARG B 82 28.29 -12.32 50.34
CA ARG B 82 27.94 -11.01 50.87
C ARG B 82 27.92 -9.88 49.85
N GLY B 83 28.56 -10.05 48.69
CA GLY B 83 28.55 -8.97 47.71
C GLY B 83 29.54 -9.21 46.60
N TRP B 84 29.83 -8.13 45.88
CA TRP B 84 30.69 -8.16 44.70
C TRP B 84 31.54 -6.90 44.64
N VAL B 85 32.63 -7.00 43.87
CA VAL B 85 33.41 -5.87 43.41
C VAL B 85 33.38 -5.88 41.89
N PHE B 86 33.01 -4.76 41.29
CA PHE B 86 33.01 -4.61 39.83
C PHE B 86 34.05 -3.57 39.44
N GLY B 87 34.83 -3.90 38.41
CA GLY B 87 35.85 -2.99 37.96
C GLY B 87 36.47 -3.47 36.67
N SER B 88 37.58 -2.85 36.30
CA SER B 88 38.33 -3.23 35.10
C SER B 88 39.70 -3.80 35.43
N THR B 89 40.54 -3.05 36.14
CA THR B 89 41.85 -3.52 36.53
C THR B 89 41.86 -4.16 37.91
N MET B 90 40.78 -4.02 38.68
CA MET B 90 40.68 -4.59 40.01
C MET B 90 41.89 -4.20 40.86
N ASN B 91 42.25 -2.92 40.79
CA ASN B 91 43.27 -2.33 41.65
C ASN B 91 43.04 -0.83 41.67
N ASN B 92 43.91 -0.12 42.36
CA ASN B 92 43.71 1.31 42.59
C ASN B 92 44.10 2.17 41.40
N LYS B 93 44.29 1.58 40.22
CA LYS B 93 44.55 2.35 39.01
C LYS B 93 43.28 2.78 38.29
N SER B 94 42.15 2.12 38.56
CA SER B 94 40.90 2.45 37.91
C SER B 94 39.79 2.46 38.96
N GLN B 95 38.63 2.96 38.55
CA GLN B 95 37.47 3.04 39.44
C GLN B 95 36.80 1.67 39.56
N SER B 96 36.40 1.34 40.78
CA SER B 96 35.67 0.12 41.07
C SER B 96 34.47 0.47 41.94
N VAL B 97 33.52 -0.45 42.00
CA VAL B 97 32.33 -0.31 42.84
C VAL B 97 32.15 -1.59 43.64
N ILE B 98 32.01 -1.46 44.96
CA ILE B 98 31.76 -2.58 45.86
C ILE B 98 30.31 -2.50 46.31
N ILE B 99 29.61 -3.62 46.17
CA ILE B 99 28.23 -3.76 46.66
C ILE B 99 28.24 -4.88 47.68
N MET B 100 27.94 -4.57 48.94
CA MET B 100 28.13 -5.57 49.99
C MET B 100 27.16 -5.38 51.15
N ASN B 101 26.66 -6.49 51.68
CA ASN B 101 25.92 -6.52 52.93
C ASN B 101 26.91 -6.80 54.05
N ASN B 102 27.11 -5.83 54.94
CA ASN B 102 28.04 -5.96 56.05
C ASN B 102 27.34 -6.39 57.34
N SER B 103 26.24 -7.12 57.22
CA SER B 103 25.46 -7.71 58.30
C SER B 103 24.59 -6.68 59.03
N THR B 104 24.70 -5.39 58.70
CA THR B 104 23.80 -4.39 59.27
C THR B 104 23.33 -3.36 58.26
N ASN B 105 23.95 -3.27 57.08
CA ASN B 105 23.55 -2.32 56.07
C ASN B 105 23.96 -2.86 54.70
N LEU B 106 23.34 -2.31 53.66
CA LEU B 106 23.77 -2.54 52.29
C LEU B 106 24.57 -1.32 51.86
N VAL B 107 25.86 -1.55 51.54
CA VAL B 107 26.79 -0.47 51.23
C VAL B 107 27.20 -0.61 49.77
N ILE B 108 27.02 0.48 49.01
CA ILE B 108 27.48 0.56 47.63
C ILE B 108 28.44 1.74 47.55
N ARG B 109 29.70 1.46 47.25
CA ARG B 109 30.73 2.50 47.22
C ARG B 109 31.56 2.36 45.96
N ALA B 110 31.67 3.45 45.20
CA ALA B 110 32.49 3.49 43.99
C ALA B 110 33.65 4.44 44.23
N CYS B 111 34.86 3.89 44.21
CA CYS B 111 36.07 4.67 44.47
C CYS B 111 37.23 4.02 43.75
N ASN B 112 38.44 4.52 44.00
CA ASN B 112 39.67 3.83 43.63
C ASN B 112 40.07 2.94 44.79
N PHE B 113 39.74 1.65 44.70
CA PHE B 113 39.96 0.71 45.79
C PHE B 113 41.29 -0.02 45.62
N GLU B 114 42.08 -0.06 46.68
CA GLU B 114 43.25 -0.94 46.73
C GLU B 114 42.80 -2.32 47.19
N LEU B 115 42.13 -3.01 46.28
CA LEU B 115 41.45 -4.25 46.63
C LEU B 115 42.45 -5.30 47.11
N CYS B 116 42.06 -6.02 48.15
CA CYS B 116 42.83 -7.17 48.60
C CYS B 116 42.67 -8.32 47.61
N ASP B 117 43.75 -9.06 47.36
CA ASP B 117 43.66 -10.20 46.46
C ASP B 117 42.72 -11.27 46.99
N ASN B 118 42.55 -11.34 48.31
CA ASN B 118 41.68 -12.33 48.95
C ASN B 118 40.78 -11.61 49.94
N PRO B 119 39.76 -10.89 49.45
CA PRO B 119 38.88 -10.15 50.35
C PRO B 119 37.74 -11.01 50.87
N PHE B 120 37.47 -10.95 52.17
CA PHE B 120 36.39 -11.73 52.75
C PHE B 120 35.97 -11.12 54.08
N PHE B 121 34.78 -11.48 54.51
CA PHE B 121 34.32 -11.22 55.86
C PHE B 121 34.69 -12.40 56.76
N VAL B 122 34.58 -12.20 58.07
CA VAL B 122 34.96 -13.21 59.05
C VAL B 122 33.82 -13.41 60.03
N VAL B 123 33.36 -14.65 60.16
CA VAL B 123 32.30 -15.02 61.08
C VAL B 123 32.81 -16.14 61.97
N LEU B 124 32.65 -15.99 63.29
CA LEU B 124 33.12 -16.97 64.25
C LEU B 124 32.00 -17.97 64.56
N LYS B 125 32.28 -19.25 64.32
CA LYS B 125 31.30 -20.29 64.62
C LYS B 125 30.98 -20.36 66.11
N SER B 126 31.87 -19.89 66.97
CA SER B 126 31.69 -20.05 68.41
C SER B 126 30.40 -19.41 68.88
N ASN B 127 30.15 -18.15 68.48
CA ASN B 127 28.92 -17.47 68.89
C ASN B 127 28.28 -16.67 67.76
N ASN B 128 28.58 -17.01 66.51
CA ASN B 128 27.97 -16.37 65.34
C ASN B 128 28.05 -14.84 65.45
N THR B 129 29.30 -14.35 65.49
CA THR B 129 29.57 -12.92 65.56
C THR B 129 30.58 -12.57 64.49
N GLN B 130 30.23 -11.62 63.63
CA GLN B 130 31.15 -11.16 62.59
C GLN B 130 32.24 -10.30 63.22
N ILE B 131 33.48 -10.57 62.82
CA ILE B 131 34.63 -9.78 63.28
C ILE B 131 35.03 -8.83 62.17
N PRO B 132 35.52 -7.63 62.47
CA PRO B 132 35.95 -6.73 61.40
C PRO B 132 37.00 -7.38 60.52
N SER B 133 36.83 -7.21 59.21
CA SER B 133 37.72 -7.78 58.21
C SER B 133 38.14 -6.67 57.23
N TYR B 134 38.82 -7.07 56.16
CA TYR B 134 39.30 -6.15 55.14
C TYR B 134 38.80 -6.60 53.78
N ILE B 135 38.18 -5.68 53.06
CA ILE B 135 37.78 -5.91 51.67
C ILE B 135 38.72 -5.12 50.77
N PHE B 136 39.22 -3.99 51.28
CA PHE B 136 40.16 -3.17 50.56
C PHE B 136 41.12 -2.53 51.55
N ASN B 137 42.27 -2.09 51.05
CA ASN B 137 43.27 -1.46 51.89
C ASN B 137 43.12 0.06 51.94
N ASN B 138 42.59 0.68 50.89
CA ASN B 138 42.50 2.14 50.84
C ASN B 138 41.46 2.54 49.81
N ALA B 139 41.11 3.83 49.82
CA ALA B 139 40.18 4.41 48.86
C ALA B 139 40.21 5.94 48.94
N PHE B 140 40.38 6.63 47.82
CA PHE B 140 40.59 8.08 47.84
C PHE B 140 39.78 8.88 46.84
N ASN B 141 39.17 8.27 45.82
CA ASN B 141 38.49 9.05 44.78
C ASN B 141 37.03 8.61 44.65
N CYS B 142 36.32 8.53 45.78
CA CYS B 142 34.96 8.06 45.76
C CYS B 142 34.07 8.99 44.96
N THR B 143 33.30 8.42 44.03
CA THR B 143 32.37 9.17 43.21
C THR B 143 30.91 8.86 43.52
N PHE B 144 30.62 7.74 44.18
CA PHE B 144 29.26 7.35 44.51
C PHE B 144 29.28 6.61 45.85
N GLU B 145 28.32 6.94 46.70
CA GLU B 145 28.22 6.35 48.03
C GLU B 145 26.76 6.19 48.39
N TYR B 146 26.39 5.00 48.87
CA TYR B 146 25.01 4.74 49.26
C TYR B 146 25.00 3.73 50.40
N VAL B 147 24.25 4.05 51.46
CA VAL B 147 24.05 3.15 52.59
C VAL B 147 22.57 3.03 52.84
N SER B 148 22.08 1.80 52.95
CA SER B 148 20.66 1.54 53.09
C SER B 148 20.24 1.59 54.57
N LYS B 149 18.97 1.32 54.81
CA LYS B 149 18.45 1.30 56.17
C LYS B 149 19.03 0.14 56.96
N ASP B 150 19.13 0.32 58.27
CA ASP B 150 19.75 -0.67 59.13
C ASP B 150 18.89 -1.93 59.22
N PHE B 151 19.55 -3.06 59.44
CA PHE B 151 18.89 -4.34 59.62
C PHE B 151 19.81 -5.23 60.44
N ASN B 152 19.48 -6.52 60.52
CA ASN B 152 20.28 -7.49 61.27
C ASN B 152 20.34 -8.78 60.46
N LEU B 153 21.52 -9.11 59.94
CA LEU B 153 21.70 -10.34 59.20
C LEU B 153 21.91 -11.50 60.17
N ASP B 154 21.40 -12.67 59.80
CA ASP B 154 21.45 -13.85 60.67
C ASP B 154 22.75 -14.60 60.39
N LEU B 155 23.79 -14.26 61.13
CA LEU B 155 25.07 -14.92 61.00
C LEU B 155 25.06 -16.28 61.70
N GLY B 156 25.96 -17.15 61.27
CA GLY B 156 26.10 -18.46 61.90
C GLY B 156 25.86 -19.59 60.92
N GLU B 157 26.79 -20.54 60.90
CA GLU B 157 26.65 -21.72 60.06
C GLU B 157 25.42 -22.51 60.48
N LYS B 158 24.72 -23.07 59.49
CA LYS B 158 23.51 -23.84 59.75
C LYS B 158 23.55 -25.15 58.99
N PRO B 159 22.89 -26.19 59.52
CA PRO B 159 22.94 -27.51 58.87
C PRO B 159 21.87 -27.68 57.79
N GLY B 160 21.89 -28.83 57.13
CA GLY B 160 20.88 -29.14 56.13
C GLY B 160 21.30 -28.75 54.72
N ASN B 161 20.33 -28.86 53.82
CA ASN B 161 20.53 -28.51 52.42
C ASN B 161 20.53 -27.00 52.24
N PHE B 162 20.97 -26.57 51.06
CA PHE B 162 20.85 -25.17 50.69
C PHE B 162 19.38 -24.77 50.66
N LYS B 163 19.04 -23.68 51.32
CA LYS B 163 17.66 -23.22 51.44
C LYS B 163 17.35 -21.98 50.62
N ASP B 164 18.27 -21.03 50.54
CA ASP B 164 18.04 -19.78 49.85
C ASP B 164 18.72 -19.78 48.49
N LEU B 165 17.94 -19.46 47.44
CA LEU B 165 18.46 -19.19 46.10
C LEU B 165 18.23 -17.71 45.81
N ARG B 166 19.31 -16.96 45.79
CA ARG B 166 19.26 -15.52 45.52
C ARG B 166 19.83 -15.27 44.13
N GLU B 167 19.02 -14.67 43.26
CA GLU B 167 19.39 -14.44 41.87
C GLU B 167 19.55 -12.95 41.62
N PHE B 168 20.54 -12.61 40.80
CA PHE B 168 20.81 -11.23 40.42
C PHE B 168 21.15 -11.18 38.94
N VAL B 169 20.79 -10.06 38.31
CA VAL B 169 21.24 -9.74 36.96
C VAL B 169 21.92 -8.38 37.02
N PHE B 170 23.15 -8.32 36.52
CA PHE B 170 23.94 -7.09 36.49
C PHE B 170 24.20 -6.73 35.03
N ARG B 171 23.93 -5.47 34.68
CA ARG B 171 24.10 -5.04 33.30
C ARG B 171 24.56 -3.59 33.28
N ASN B 172 25.71 -3.34 32.64
CA ASN B 172 26.28 -2.00 32.57
C ASN B 172 25.95 -1.39 31.21
N LYS B 173 25.30 -0.23 31.21
CA LYS B 173 24.83 0.37 29.96
C LYS B 173 24.59 1.86 30.17
N ASP B 174 25.15 2.68 29.28
CA ASP B 174 24.90 4.12 29.26
C ASP B 174 25.19 4.76 30.62
N GLY B 175 26.29 4.33 31.24
CA GLY B 175 26.70 4.89 32.50
C GLY B 175 25.89 4.43 33.69
N PHE B 176 25.01 3.45 33.52
CA PHE B 176 24.18 2.94 34.61
C PHE B 176 24.46 1.45 34.81
N LEU B 177 24.72 1.06 36.05
CA LEU B 177 24.75 -0.34 36.42
C LEU B 177 23.36 -0.74 36.88
N HIS B 178 22.66 -1.51 36.06
CA HIS B 178 21.33 -2.00 36.39
C HIS B 178 21.47 -3.30 37.17
N VAL B 179 20.80 -3.35 38.33
CA VAL B 179 20.81 -4.52 39.19
C VAL B 179 19.37 -4.95 39.40
N TYR B 180 19.03 -6.13 38.92
CA TYR B 180 17.75 -6.78 39.16
C TYR B 180 17.98 -7.96 40.10
N SER B 181 17.00 -8.21 40.99
CA SER B 181 17.19 -9.22 42.02
C SER B 181 15.93 -10.04 42.20
N GLY B 182 16.12 -11.23 42.80
CA GLY B 182 15.02 -12.10 43.12
C GLY B 182 15.44 -13.12 44.17
N TYR B 183 14.46 -13.67 44.86
CA TYR B 183 14.68 -14.64 45.92
C TYR B 183 13.77 -15.84 45.72
N GLN B 184 14.25 -17.01 46.17
CA GLN B 184 13.47 -18.22 46.05
C GLN B 184 13.83 -19.19 47.17
N PRO B 185 12.83 -19.81 47.81
CA PRO B 185 13.14 -20.89 48.76
C PRO B 185 13.34 -22.21 48.04
N ILE B 186 14.46 -22.89 48.33
CA ILE B 186 14.81 -24.15 47.70
C ILE B 186 15.19 -25.15 48.78
N SER B 187 15.34 -26.41 48.37
CA SER B 187 15.78 -27.48 49.25
C SER B 187 16.79 -28.37 48.52
N ALA B 188 17.73 -27.74 47.82
CA ALA B 188 18.66 -28.44 46.95
C ALA B 188 19.97 -28.73 47.68
N ALA B 189 20.47 -29.95 47.51
CA ALA B 189 21.76 -30.31 48.10
C ALA B 189 22.92 -29.73 47.30
N SER B 190 22.81 -29.70 45.98
CA SER B 190 23.86 -29.17 45.13
C SER B 190 23.26 -28.83 43.77
N GLY B 191 24.03 -28.09 42.98
CA GLY B 191 23.60 -27.71 41.65
C GLY B 191 22.69 -26.49 41.66
N LEU B 192 22.35 -26.04 40.46
CA LEU B 192 21.46 -24.89 40.29
C LEU B 192 20.05 -25.40 40.05
N PRO B 193 19.10 -25.17 40.96
CA PRO B 193 17.75 -25.71 40.75
C PRO B 193 17.12 -25.17 39.47
N THR B 194 16.38 -26.04 38.79
CA THR B 194 15.65 -25.65 37.59
C THR B 194 14.39 -24.89 37.98
N GLY B 195 14.05 -23.88 37.18
CA GLY B 195 12.83 -23.13 37.42
C GLY B 195 12.86 -21.79 36.72
N PHE B 196 11.81 -21.01 36.98
CA PHE B 196 11.63 -19.69 36.39
C PHE B 196 11.31 -18.71 37.51
N ASN B 197 11.97 -17.55 37.49
CA ASN B 197 11.72 -16.52 38.50
C ASN B 197 12.07 -15.17 37.90
N ALA B 198 11.07 -14.37 37.59
CA ALA B 198 11.31 -13.05 37.00
C ALA B 198 11.94 -12.12 38.02
N LEU B 199 13.01 -11.44 37.61
CA LEU B 199 13.75 -10.56 38.51
C LEU B 199 13.22 -9.13 38.37
N LYS B 200 13.05 -8.46 39.50
CA LYS B 200 12.56 -7.09 39.50
C LYS B 200 13.71 -6.10 39.62
N PRO B 201 13.62 -4.94 38.99
CA PRO B 201 14.68 -3.93 39.14
C PRO B 201 14.74 -3.42 40.58
N ILE B 202 15.95 -3.35 41.12
CA ILE B 202 16.13 -2.85 42.48
C ILE B 202 17.13 -1.70 42.49
N PHE B 203 18.03 -1.64 41.50
CA PHE B 203 18.98 -0.54 41.46
C PHE B 203 19.29 -0.15 40.02
N LYS B 204 19.49 1.15 39.81
CA LYS B 204 20.00 1.71 38.56
C LYS B 204 21.06 2.71 38.97
N LEU B 205 22.28 2.24 39.17
CA LEU B 205 23.32 3.05 39.80
C LEU B 205 24.01 3.93 38.76
N PRO B 206 24.08 5.26 38.98
CA PRO B 206 24.77 6.16 38.02
C PRO B 206 26.28 6.20 38.24
N LEU B 207 26.94 5.08 37.95
CA LEU B 207 28.36 4.95 38.26
C LEU B 207 29.27 5.47 37.16
N GLY B 208 28.95 5.16 35.90
CA GLY B 208 29.78 5.60 34.79
C GLY B 208 31.16 4.98 34.85
N ILE B 209 31.23 3.67 35.06
CA ILE B 209 32.49 2.96 35.23
C ILE B 209 32.62 1.93 34.11
N ASN B 210 33.87 1.70 33.72
CA ASN B 210 34.20 0.66 32.74
C ASN B 210 34.36 -0.66 33.49
N ILE B 211 33.37 -1.53 33.36
CA ILE B 211 33.32 -2.78 34.11
C ILE B 211 33.61 -3.93 33.16
N THR B 212 34.72 -4.63 33.40
CA THR B 212 35.06 -5.83 32.65
C THR B 212 35.23 -7.07 33.52
N ASN B 213 35.57 -6.90 34.79
CA ASN B 213 35.83 -8.03 35.67
C ASN B 213 35.15 -7.79 37.02
N PHE B 214 34.89 -8.89 37.72
CA PHE B 214 34.31 -8.80 39.06
C PHE B 214 34.77 -9.98 39.90
N ARG B 215 34.70 -9.80 41.22
CA ARG B 215 35.05 -10.85 42.17
C ARG B 215 33.99 -10.90 43.26
N THR B 216 33.49 -12.10 43.55
CA THR B 216 32.49 -12.26 44.60
C THR B 216 33.12 -12.07 45.97
N LEU B 217 32.32 -11.53 46.90
CA LEU B 217 32.73 -11.38 48.29
C LEU B 217 32.09 -12.48 49.12
N LEU B 218 32.91 -13.19 49.89
CA LEU B 218 32.46 -14.32 50.68
C LEU B 218 32.88 -14.10 52.13
N THR B 219 32.48 -15.02 53.00
CA THR B 219 32.85 -14.99 54.41
C THR B 219 33.52 -16.29 54.78
N ALA B 220 34.64 -16.20 55.49
CA ALA B 220 35.37 -17.35 56.00
C ALA B 220 35.04 -17.58 57.47
N PHE B 221 35.23 -18.82 57.91
CA PHE B 221 34.92 -19.25 59.27
C PHE B 221 36.18 -19.81 59.90
N PRO B 222 37.01 -18.97 60.51
CA PRO B 222 38.26 -19.46 61.10
C PRO B 222 38.00 -20.26 62.36
N PRO B 223 38.44 -21.52 62.41
CA PRO B 223 38.26 -22.28 63.66
C PRO B 223 39.16 -21.80 64.78
N ARG B 224 40.33 -21.28 64.47
CA ARG B 224 41.30 -20.77 65.43
C ARG B 224 41.76 -19.40 64.98
N PRO B 225 42.29 -18.58 65.90
CA PRO B 225 42.65 -17.20 65.55
C PRO B 225 43.78 -17.08 64.53
N ASP B 226 44.30 -18.19 64.00
CA ASP B 226 45.37 -18.11 63.00
C ASP B 226 45.13 -19.04 61.81
N TYR B 227 43.99 -19.75 61.75
CA TYR B 227 43.71 -20.67 60.68
C TYR B 227 42.38 -20.31 60.04
N TRP B 228 42.24 -20.65 58.76
CA TRP B 228 41.07 -20.31 57.98
C TRP B 228 40.24 -21.54 57.66
N GLY B 229 38.91 -21.38 57.73
CA GLY B 229 37.98 -22.44 57.39
C GLY B 229 36.84 -21.88 56.58
N THR B 230 35.97 -22.77 56.11
CA THR B 230 34.88 -22.39 55.22
C THR B 230 33.61 -23.13 55.60
N SER B 231 32.47 -22.52 55.30
CA SER B 231 31.17 -23.15 55.36
C SER B 231 30.67 -23.43 53.94
N ALA B 232 29.64 -24.25 53.84
CA ALA B 232 29.13 -24.68 52.54
C ALA B 232 28.34 -23.55 51.89
N ALA B 233 28.72 -23.20 50.66
CA ALA B 233 27.92 -22.29 49.85
C ALA B 233 28.33 -22.46 48.40
N ALA B 234 27.45 -22.05 47.48
CA ALA B 234 27.78 -22.12 46.07
C ALA B 234 27.20 -20.92 45.34
N TYR B 235 27.87 -20.52 44.26
CA TYR B 235 27.30 -19.52 43.36
C TYR B 235 27.64 -19.91 41.92
N PHE B 236 26.85 -19.36 41.01
CA PHE B 236 26.89 -19.72 39.61
C PHE B 236 26.86 -18.45 38.77
N VAL B 237 27.64 -18.44 37.70
CA VAL B 237 27.77 -17.27 36.83
C VAL B 237 27.41 -17.68 35.41
N GLY B 238 26.56 -16.86 34.76
CA GLY B 238 26.27 -17.01 33.35
C GLY B 238 26.32 -15.66 32.66
N TYR B 239 26.35 -15.70 31.33
CA TYR B 239 26.62 -14.52 30.52
C TYR B 239 25.44 -14.18 29.64
N LEU B 240 25.06 -12.89 29.61
CA LEU B 240 23.94 -12.41 28.82
C LEU B 240 24.35 -12.21 27.37
N LYS B 241 23.39 -12.44 26.47
CA LYS B 241 23.57 -12.22 25.04
C LYS B 241 22.38 -11.45 24.50
N PRO B 242 22.55 -10.69 23.42
CA PRO B 242 21.41 -10.01 22.79
C PRO B 242 20.52 -11.02 22.08
N THR B 243 19.24 -11.02 22.43
CA THR B 243 18.30 -12.00 21.88
C THR B 243 16.88 -11.48 22.08
N THR B 244 15.95 -12.16 21.43
CA THR B 244 14.54 -11.83 21.50
C THR B 244 13.82 -12.83 22.40
N PHE B 245 13.01 -12.31 23.33
CA PHE B 245 12.25 -13.12 24.27
C PHE B 245 10.78 -12.73 24.19
N MET B 246 9.91 -13.72 24.31
CA MET B 246 8.47 -13.50 24.43
C MET B 246 8.09 -13.70 25.89
N LEU B 247 7.73 -12.61 26.57
CA LEU B 247 7.35 -12.65 27.97
C LEU B 247 5.84 -12.78 28.10
N LYS B 248 5.41 -13.40 29.20
CA LYS B 248 3.99 -13.60 29.49
C LYS B 248 3.63 -12.83 30.75
N TYR B 249 2.67 -11.91 30.65
CA TYR B 249 2.14 -11.18 31.78
C TYR B 249 0.77 -11.74 32.13
N ASP B 250 0.60 -12.14 33.39
CA ASP B 250 -0.62 -12.75 33.86
C ASP B 250 -1.58 -11.69 34.40
N GLU B 251 -2.63 -12.13 35.11
CA GLU B 251 -3.68 -11.23 35.53
C GLU B 251 -3.15 -10.10 36.42
N ASN B 252 -2.27 -10.43 37.36
CA ASN B 252 -1.74 -9.42 38.28
C ASN B 252 -0.61 -8.61 37.65
N GLY B 253 -0.23 -8.91 36.42
CA GLY B 253 0.85 -8.16 35.78
C GLY B 253 2.24 -8.63 36.16
N THR B 254 2.39 -9.87 36.58
CA THR B 254 3.69 -10.45 36.89
C THR B 254 4.14 -11.34 35.74
N ILE B 255 5.44 -11.33 35.46
CA ILE B 255 5.99 -12.20 34.43
C ILE B 255 6.06 -13.61 35.00
N THR B 256 5.28 -14.52 34.42
CA THR B 256 5.21 -15.90 34.89
C THR B 256 5.86 -16.91 33.96
N ASP B 257 6.20 -16.50 32.73
CA ASP B 257 6.80 -17.43 31.78
C ASP B 257 7.42 -16.64 30.64
N ALA B 258 8.32 -17.29 29.91
CA ALA B 258 8.96 -16.66 28.76
C ALA B 258 9.39 -17.74 27.78
N VAL B 259 9.57 -17.32 26.52
CA VAL B 259 10.09 -18.16 25.47
C VAL B 259 11.32 -17.49 24.88
N ASP B 260 12.40 -18.26 24.75
CA ASP B 260 13.64 -17.78 24.13
C ASP B 260 13.57 -18.11 22.64
N CYS B 261 13.38 -17.08 21.81
CA CYS B 261 13.08 -17.31 20.41
C CYS B 261 14.20 -18.03 19.68
N SER B 262 15.43 -17.93 20.17
CA SER B 262 16.59 -18.47 19.46
C SER B 262 17.01 -19.85 19.96
N GLN B 263 16.28 -20.46 20.89
CA GLN B 263 16.72 -21.72 21.47
C GLN B 263 16.68 -22.85 20.45
N ASN B 264 15.58 -22.98 19.73
CA ASN B 264 15.39 -24.08 18.79
C ASN B 264 14.25 -23.72 17.85
N PRO B 265 14.07 -24.47 16.76
CA PRO B 265 13.01 -24.11 15.80
C PRO B 265 11.63 -23.99 16.42
N LEU B 266 11.29 -24.83 17.39
CA LEU B 266 9.97 -24.73 18.01
C LEU B 266 9.81 -23.41 18.73
N ALA B 267 10.86 -22.94 19.43
CA ALA B 267 10.79 -21.66 20.09
C ALA B 267 10.64 -20.52 19.08
N GLU B 268 11.35 -20.61 17.96
CA GLU B 268 11.20 -19.60 16.92
C GLU B 268 9.78 -19.57 16.38
N LEU B 269 9.17 -20.74 16.16
CA LEU B 269 7.79 -20.79 15.70
C LEU B 269 6.85 -20.18 16.73
N LYS B 270 7.07 -20.50 18.02
CA LYS B 270 6.23 -19.93 19.07
C LYS B 270 6.33 -18.41 19.07
N CYS B 271 7.55 -17.87 18.96
CA CYS B 271 7.72 -16.42 18.94
C CYS B 271 7.06 -15.81 17.71
N SER B 272 7.15 -16.48 16.56
CA SER B 272 6.55 -15.94 15.34
C SER B 272 5.03 -15.89 15.45
N VAL B 273 4.40 -16.97 15.94
CA VAL B 273 2.95 -16.99 16.05
C VAL B 273 2.43 -16.27 17.28
N LYS B 274 3.31 -15.89 18.21
CA LYS B 274 2.92 -15.16 19.42
C LYS B 274 1.93 -15.97 20.26
N SER B 275 2.32 -17.21 20.58
CA SER B 275 1.49 -18.05 21.44
C SER B 275 2.37 -19.16 22.03
N PHE B 276 2.10 -19.51 23.27
CA PHE B 276 2.80 -20.61 23.92
C PHE B 276 2.28 -21.98 23.49
N GLU B 277 1.13 -22.04 22.83
CA GLU B 277 0.53 -23.28 22.38
C GLU B 277 0.48 -23.31 20.86
N ILE B 278 1.02 -24.36 20.27
CA ILE B 278 1.03 -24.57 18.82
C ILE B 278 0.21 -25.82 18.52
N ASP B 279 -0.65 -25.72 17.52
CA ASP B 279 -1.46 -26.87 17.11
C ASP B 279 -0.64 -27.83 16.27
N LYS B 280 -1.18 -29.03 16.09
CA LYS B 280 -0.52 -30.04 15.27
C LYS B 280 -0.44 -29.58 13.81
N GLY B 281 0.70 -29.84 13.18
CA GLY B 281 0.86 -29.54 11.78
C GLY B 281 2.31 -29.22 11.46
N ILE B 282 2.50 -28.70 10.25
CA ILE B 282 3.81 -28.30 9.74
C ILE B 282 3.78 -26.80 9.48
N TYR B 283 4.82 -26.11 9.93
CA TYR B 283 4.89 -24.66 9.89
C TYR B 283 6.21 -24.22 9.27
N GLN B 284 6.14 -23.23 8.39
CA GLN B 284 7.34 -22.64 7.82
C GLN B 284 8.01 -21.75 8.85
N THR B 285 9.32 -21.90 9.01
CA THR B 285 10.10 -21.09 9.93
C THR B 285 11.15 -20.31 9.14
N SER B 286 12.03 -19.64 9.86
CA SER B 286 13.08 -18.86 9.20
C SER B 286 13.97 -19.75 8.36
N ASN B 287 14.44 -19.19 7.25
CA ASN B 287 15.43 -19.89 6.43
C ASN B 287 16.69 -20.12 7.25
N PHE B 288 17.35 -21.26 6.99
CA PHE B 288 18.50 -21.64 7.78
C PHE B 288 19.52 -20.49 7.83
N ARG B 289 19.86 -20.09 9.05
CA ARG B 289 20.74 -18.95 9.29
C ARG B 289 22.08 -19.42 9.83
N VAL B 290 23.15 -18.75 9.41
CA VAL B 290 24.50 -19.02 9.88
C VAL B 290 25.07 -17.72 10.42
N ALA B 291 25.60 -17.77 11.64
CA ALA B 291 26.18 -16.58 12.24
C ALA B 291 27.68 -16.53 11.98
N PRO B 292 28.22 -15.38 11.56
CA PRO B 292 29.67 -15.31 11.32
C PRO B 292 30.47 -15.54 12.59
N SER B 293 31.61 -16.19 12.43
CA SER B 293 32.51 -16.46 13.55
C SER B 293 33.83 -15.74 13.46
N LYS B 294 34.21 -15.24 12.29
CA LYS B 294 35.50 -14.61 12.09
C LYS B 294 35.33 -13.28 11.39
N GLU B 295 36.37 -12.45 11.47
CA GLU B 295 36.37 -11.11 10.91
C GLU B 295 37.50 -10.98 9.90
N VAL B 296 37.18 -10.46 8.72
CA VAL B 296 38.14 -10.23 7.65
C VAL B 296 38.16 -8.73 7.35
N VAL B 297 39.34 -8.14 7.37
CA VAL B 297 39.52 -6.73 7.04
C VAL B 297 40.60 -6.63 5.98
N ARG B 298 40.29 -6.02 4.85
CA ARG B 298 41.22 -5.94 3.72
C ARG B 298 41.30 -4.50 3.24
N PHE B 299 42.38 -3.82 3.60
CA PHE B 299 42.75 -2.51 3.10
C PHE B 299 44.01 -2.61 2.27
N PRO B 300 44.27 -1.66 1.37
CA PRO B 300 45.46 -1.75 0.53
C PRO B 300 46.72 -1.43 1.30
N ASN B 301 47.86 -1.76 0.70
CA ASN B 301 49.16 -1.52 1.31
C ASN B 301 49.40 -0.01 1.37
N ILE B 302 49.24 0.57 2.55
CA ILE B 302 49.49 1.99 2.76
C ILE B 302 50.41 2.14 3.96
N THR B 303 51.48 2.89 3.79
CA THR B 303 52.48 3.07 4.84
C THR B 303 52.60 4.50 5.35
N ASN B 304 52.41 5.49 4.49
CA ASN B 304 52.63 6.88 4.85
C ASN B 304 51.37 7.50 5.45
N LEU B 305 51.59 8.39 6.41
CA LEU B 305 50.50 9.21 6.94
C LEU B 305 50.13 10.30 5.93
N CYS B 306 48.84 10.63 5.88
CA CYS B 306 48.39 11.66 4.96
C CYS B 306 49.03 12.99 5.33
N PRO B 307 49.22 13.89 4.36
CA PRO B 307 49.97 15.13 4.60
C PRO B 307 49.16 16.17 5.39
N PHE B 308 48.74 15.79 6.59
CA PHE B 308 47.97 16.71 7.43
C PHE B 308 48.75 17.99 7.67
N GLY B 309 50.07 17.90 7.82
CA GLY B 309 50.86 19.10 8.07
C GLY B 309 51.02 19.97 6.85
N GLU B 310 51.00 19.38 5.66
CA GLU B 310 51.10 20.19 4.44
C GLU B 310 49.79 20.90 4.12
N VAL B 311 48.66 20.30 4.47
CA VAL B 311 47.35 20.88 4.17
C VAL B 311 46.94 21.85 5.26
N PHE B 312 46.76 21.33 6.48
CA PHE B 312 46.21 22.13 7.57
C PHE B 312 47.23 23.06 8.20
N ASN B 313 48.52 22.86 7.95
CA ASN B 313 49.57 23.68 8.55
C ASN B 313 50.41 24.36 7.48
N ALA B 314 49.82 24.64 6.33
CA ALA B 314 50.52 25.33 5.26
C ALA B 314 50.88 26.75 5.68
N THR B 315 51.97 27.26 5.12
CA THR B 315 52.44 28.58 5.50
C THR B 315 51.55 29.69 4.94
N THR B 316 50.97 29.48 3.75
CA THR B 316 50.12 30.47 3.11
C THR B 316 48.86 29.80 2.60
N PHE B 317 47.77 30.57 2.57
CA PHE B 317 46.51 30.11 2.03
C PHE B 317 46.06 31.03 0.90
N PRO B 318 45.32 30.52 -0.08
CA PRO B 318 44.91 31.35 -1.21
C PRO B 318 43.78 32.30 -0.84
N SER B 319 43.43 33.16 -1.80
CA SER B 319 42.21 33.93 -1.72
C SER B 319 41.02 33.08 -2.16
N VAL B 320 39.84 33.42 -1.64
CA VAL B 320 38.68 32.59 -1.90
C VAL B 320 38.33 32.59 -3.39
N TYR B 321 38.53 33.70 -4.08
CA TYR B 321 38.25 33.73 -5.51
C TYR B 321 39.22 32.84 -6.27
N ALA B 322 40.46 32.72 -5.80
CA ALA B 322 41.48 31.87 -6.40
C ALA B 322 41.80 30.68 -5.51
N TRP B 323 40.77 30.09 -4.90
CA TRP B 323 40.97 28.97 -3.99
C TRP B 323 41.77 27.87 -4.68
N GLU B 324 42.59 27.15 -3.91
CA GLU B 324 43.50 26.17 -4.50
C GLU B 324 43.11 24.75 -4.11
N ARG B 325 43.14 23.86 -5.10
CA ARG B 325 42.80 22.46 -4.92
C ARG B 325 44.06 21.60 -4.92
N LYS B 326 44.07 20.58 -4.07
CA LYS B 326 45.21 19.68 -3.95
C LYS B 326 44.73 18.24 -3.88
N ARG B 327 45.41 17.35 -4.58
CA ARG B 327 45.04 15.93 -4.61
C ARG B 327 45.76 15.17 -3.51
N ILE B 328 45.05 14.20 -2.93
CA ILE B 328 45.60 13.39 -1.84
C ILE B 328 45.36 11.92 -2.17
N SER B 329 46.42 11.11 -2.07
CA SER B 329 46.33 9.70 -2.41
C SER B 329 47.43 8.93 -1.69
N ASN B 330 47.21 7.63 -1.56
CA ASN B 330 48.20 6.70 -0.99
C ASN B 330 48.66 7.15 0.39
N CYS B 331 47.72 7.16 1.34
CA CYS B 331 48.06 7.56 2.70
C CYS B 331 46.99 7.08 3.68
N VAL B 332 47.34 7.20 4.96
CA VAL B 332 46.46 6.81 6.06
C VAL B 332 45.90 8.08 6.69
N ALA B 333 44.57 8.17 6.72
CA ALA B 333 43.87 9.32 7.30
C ALA B 333 43.64 9.06 8.78
N ASP B 334 44.73 9.17 9.54
CA ASP B 334 44.67 9.04 11.00
C ASP B 334 44.57 10.45 11.58
N TYR B 335 43.36 11.01 11.50
CA TYR B 335 43.17 12.42 11.82
C TYR B 335 43.34 12.71 13.30
N SER B 336 43.45 11.69 14.16
CA SER B 336 43.70 11.94 15.57
C SER B 336 45.00 12.70 15.79
N VAL B 337 45.94 12.62 14.85
CA VAL B 337 47.18 13.39 14.97
C VAL B 337 46.87 14.88 14.99
N LEU B 338 45.80 15.30 14.30
CA LEU B 338 45.40 16.70 14.32
C LEU B 338 44.98 17.16 15.71
N TYR B 339 44.54 16.24 16.58
CA TYR B 339 44.03 16.63 17.88
C TYR B 339 45.04 17.50 18.62
N ASN B 340 46.33 17.18 18.51
CA ASN B 340 47.34 17.88 19.28
C ASN B 340 47.67 19.26 18.73
N SER B 341 47.40 19.52 17.44
CA SER B 341 47.89 20.73 16.78
C SER B 341 46.79 21.69 16.34
N THR B 342 45.63 21.20 15.92
CA THR B 342 44.61 22.03 15.32
C THR B 342 43.34 22.02 16.15
N SER B 343 42.71 23.20 16.27
CA SER B 343 41.42 23.35 16.91
C SER B 343 40.47 23.99 15.91
N PHE B 344 39.37 23.31 15.60
CA PHE B 344 38.47 23.69 14.53
C PHE B 344 37.20 24.31 15.09
N SER B 345 36.96 25.57 14.74
CA SER B 345 35.70 26.22 15.10
C SER B 345 34.52 25.56 14.41
N THR B 346 34.68 25.21 13.13
CA THR B 346 33.62 24.58 12.34
C THR B 346 34.12 23.26 11.80
N PHE B 347 33.33 22.21 12.01
CA PHE B 347 33.60 20.90 11.41
C PHE B 347 32.27 20.25 11.09
N LYS B 348 31.90 20.21 9.81
CA LYS B 348 30.64 19.61 9.40
C LYS B 348 30.87 18.66 8.24
N CYS B 349 30.30 17.47 8.31
CA CYS B 349 30.47 16.47 7.26
C CYS B 349 29.13 16.16 6.60
N TYR B 350 29.16 16.01 5.28
CA TYR B 350 27.99 15.75 4.47
C TYR B 350 28.18 14.43 3.72
N GLY B 351 27.13 13.61 3.72
CA GLY B 351 27.19 12.32 3.07
C GLY B 351 27.86 11.23 3.86
N VAL B 352 28.31 11.52 5.07
CA VAL B 352 29.00 10.53 5.90
C VAL B 352 28.96 11.02 7.35
N SER B 353 28.85 10.07 8.28
CA SER B 353 28.84 10.40 9.70
C SER B 353 30.26 10.54 10.22
N ALA B 354 30.45 11.48 11.14
CA ALA B 354 31.79 11.78 11.65
C ALA B 354 32.39 10.57 12.38
N THR B 355 31.57 9.73 12.98
CA THR B 355 32.06 8.61 13.76
C THR B 355 32.43 7.39 12.92
N LYS B 356 32.20 7.42 11.61
CA LYS B 356 32.56 6.33 10.73
C LYS B 356 33.84 6.60 9.95
N LEU B 357 34.39 7.81 10.04
CA LEU B 357 35.55 8.17 9.22
C LEU B 357 36.72 7.22 9.45
N ASN B 358 36.88 6.70 10.66
CA ASN B 358 38.02 5.84 10.96
C ASN B 358 37.89 4.45 10.35
N ASP B 359 36.72 4.07 9.83
CA ASP B 359 36.50 2.73 9.31
C ASP B 359 36.28 2.70 7.80
N LEU B 360 36.74 3.72 7.09
CA LEU B 360 36.43 3.87 5.67
C LEU B 360 37.71 4.11 4.87
N CYS B 361 37.61 3.84 3.57
CA CYS B 361 38.60 4.25 2.59
C CYS B 361 37.95 5.23 1.62
N PHE B 362 38.73 6.22 1.19
CA PHE B 362 38.20 7.37 0.46
C PHE B 362 38.76 7.40 -0.95
N SER B 363 37.88 7.61 -1.93
CA SER B 363 38.25 7.65 -3.34
C SER B 363 38.32 9.08 -3.84
N ASN B 364 39.36 9.38 -4.63
CA ASN B 364 39.47 10.65 -5.34
C ASN B 364 39.36 11.83 -4.37
N VAL B 365 40.33 11.89 -3.46
CA VAL B 365 40.30 12.85 -2.36
C VAL B 365 40.97 14.15 -2.78
N TYR B 366 40.24 15.24 -2.62
CA TYR B 366 40.76 16.58 -2.90
C TYR B 366 40.53 17.48 -1.69
N ALA B 367 41.45 18.41 -1.50
CA ALA B 367 41.37 19.42 -0.45
C ALA B 367 41.44 20.78 -1.10
N ASP B 368 40.36 21.56 -0.96
CA ASP B 368 40.30 22.93 -1.40
C ASP B 368 40.59 23.85 -0.23
N SER B 369 41.51 24.78 -0.40
CA SER B 369 41.93 25.67 0.67
C SER B 369 41.70 27.12 0.25
N PHE B 370 41.25 27.92 1.22
CA PHE B 370 41.13 29.36 1.04
C PHE B 370 40.90 30.02 2.41
N VAL B 371 40.78 31.34 2.39
CA VAL B 371 40.52 32.14 3.59
C VAL B 371 39.30 33.01 3.34
N VAL B 372 38.47 33.18 4.37
CA VAL B 372 37.28 34.03 4.29
C VAL B 372 37.13 34.82 5.57
N LYS B 373 36.09 35.64 5.62
CA LYS B 373 35.71 36.37 6.82
C LYS B 373 34.90 35.48 7.74
N GLY B 374 34.91 35.81 9.03
CA GLY B 374 34.15 35.03 9.98
C GLY B 374 32.67 34.97 9.63
N ASP B 375 32.08 36.12 9.32
CA ASP B 375 30.68 36.15 8.94
C ASP B 375 30.42 35.32 7.68
N ASP B 376 31.43 35.16 6.83
CA ASP B 376 31.28 34.46 5.56
C ASP B 376 31.42 32.95 5.67
N VAL B 377 31.93 32.43 6.79
CA VAL B 377 32.14 31.00 6.92
C VAL B 377 30.81 30.26 6.78
N ARG B 378 29.73 30.85 7.30
CA ARG B 378 28.42 30.22 7.18
C ARG B 378 28.01 29.98 5.73
N GLN B 379 28.61 30.72 4.80
CA GLN B 379 28.29 30.56 3.38
C GLN B 379 28.97 29.35 2.76
N ILE B 380 29.97 28.76 3.42
CA ILE B 380 30.67 27.59 2.87
C ILE B 380 29.85 26.38 3.28
N ALA B 381 28.79 26.13 2.51
CA ALA B 381 27.86 25.04 2.77
C ALA B 381 26.90 24.95 1.59
N PRO B 382 26.39 23.77 1.26
CA PRO B 382 25.48 23.66 0.12
C PRO B 382 24.21 24.47 0.35
N GLY B 383 23.68 25.04 -0.74
CA GLY B 383 22.43 25.76 -0.70
C GLY B 383 22.52 27.18 -0.20
N GLN B 384 23.71 27.69 0.08
CA GLN B 384 23.84 29.04 0.60
C GLN B 384 23.78 30.08 -0.53
N THR B 385 23.53 31.33 -0.13
CA THR B 385 23.57 32.46 -1.03
C THR B 385 24.38 33.58 -0.38
N GLY B 386 24.80 34.53 -1.19
CA GLY B 386 25.66 35.60 -0.76
C GLY B 386 26.84 35.77 -1.68
N VAL B 387 27.68 36.76 -1.36
CA VAL B 387 28.77 37.12 -2.24
C VAL B 387 29.72 35.94 -2.44
N ILE B 388 30.08 35.27 -1.35
CA ILE B 388 31.04 34.17 -1.45
C ILE B 388 30.43 32.99 -2.21
N ALA B 389 29.21 32.60 -1.86
CA ALA B 389 28.60 31.45 -2.51
C ALA B 389 28.13 31.76 -3.91
N ASP B 390 27.98 33.04 -4.26
CA ASP B 390 27.53 33.41 -5.60
C ASP B 390 28.69 33.59 -6.57
N TYR B 391 29.74 34.29 -6.14
CA TYR B 391 30.77 34.75 -7.06
C TYR B 391 32.15 34.16 -6.83
N ASN B 392 32.39 33.48 -5.70
CA ASN B 392 33.73 33.05 -5.35
C ASN B 392 33.87 31.53 -5.25
N TYR B 393 33.05 30.87 -4.44
CA TYR B 393 33.21 29.44 -4.18
C TYR B 393 31.84 28.84 -3.92
N LYS B 394 31.46 27.85 -4.74
CA LYS B 394 30.14 27.26 -4.70
C LYS B 394 30.26 25.77 -4.46
N LEU B 395 29.48 25.25 -3.50
CA LEU B 395 29.47 23.82 -3.23
C LEU B 395 28.29 23.15 -3.92
N PRO B 396 28.43 21.91 -4.37
CA PRO B 396 27.30 21.22 -5.00
C PRO B 396 26.20 20.93 -3.99
N ASP B 397 24.98 20.76 -4.51
CA ASP B 397 23.87 20.39 -3.67
C ASP B 397 24.08 19.00 -3.07
N ASP B 398 24.67 18.09 -3.83
CA ASP B 398 24.93 16.72 -3.39
C ASP B 398 26.37 16.55 -2.91
N PHE B 399 26.89 17.57 -2.25
CA PHE B 399 28.27 17.52 -1.76
C PHE B 399 28.48 16.33 -0.82
N THR B 400 29.58 15.63 -1.03
CA THR B 400 30.03 14.58 -0.13
C THR B 400 31.42 14.94 0.34
N GLY B 401 31.59 15.09 1.65
CA GLY B 401 32.89 15.53 2.15
C GLY B 401 32.73 16.18 3.51
N CYS B 402 33.65 17.09 3.80
CA CYS B 402 33.65 17.76 5.09
C CYS B 402 34.20 19.17 4.93
N VAL B 403 33.65 20.08 5.72
CA VAL B 403 34.08 21.47 5.78
C VAL B 403 34.70 21.70 7.14
N LEU B 404 35.95 22.16 7.14
CA LEU B 404 36.67 22.52 8.35
C LEU B 404 37.04 24.00 8.26
N ALA B 405 36.75 24.74 9.31
CA ALA B 405 37.14 26.14 9.37
C ALA B 405 37.68 26.43 10.75
N TRP B 406 38.76 27.22 10.81
CA TRP B 406 39.30 27.62 12.09
C TRP B 406 39.76 29.06 12.05
N ASN B 407 39.57 29.75 13.17
CA ASN B 407 39.97 31.13 13.31
C ASN B 407 41.48 31.26 13.15
N THR B 408 41.90 32.27 12.40
CA THR B 408 43.30 32.46 12.07
C THR B 408 43.72 33.90 12.30
N ARG B 409 43.13 34.54 13.31
CA ARG B 409 43.36 35.96 13.53
C ARG B 409 44.82 36.23 13.87
N ASN B 410 45.46 35.33 14.61
CA ASN B 410 46.79 35.62 15.13
C ASN B 410 47.83 35.74 14.02
N ILE B 411 47.69 34.94 12.96
CA ILE B 411 48.66 34.93 11.88
C ILE B 411 48.16 35.63 10.62
N ASP B 412 46.85 35.64 10.36
CA ASP B 412 46.30 36.21 9.14
C ASP B 412 45.82 37.65 9.31
N ALA B 413 45.98 38.24 10.49
CA ALA B 413 45.55 39.61 10.74
C ALA B 413 46.69 40.40 11.36
N THR B 414 46.70 41.70 11.12
CA THR B 414 47.77 42.58 11.58
C THR B 414 47.18 43.83 12.21
N GLN B 415 47.99 44.48 13.03
CA GLN B 415 47.58 45.76 13.61
C GLN B 415 47.39 46.81 12.52
N THR B 416 48.26 46.81 11.51
CA THR B 416 48.14 47.77 10.43
C THR B 416 47.00 47.41 9.48
N GLY B 417 46.67 46.12 9.38
CA GLY B 417 45.62 45.68 8.48
C GLY B 417 46.17 44.93 7.28
N ASN B 418 45.85 43.65 7.16
CA ASN B 418 46.34 42.81 6.08
C ASN B 418 45.29 42.77 4.98
N TYR B 419 45.69 43.18 3.77
CA TYR B 419 44.77 43.30 2.64
C TYR B 419 45.11 42.32 1.52
N ASN B 420 45.84 41.25 1.82
CA ASN B 420 46.29 40.34 0.76
C ASN B 420 45.17 39.47 0.23
N TYR B 421 44.19 39.13 1.07
CA TYR B 421 43.11 38.25 0.66
C TYR B 421 42.00 39.04 -0.03
N LYS B 422 41.37 38.41 -1.01
CA LYS B 422 40.43 39.08 -1.89
C LYS B 422 39.22 38.20 -2.15
N TYR B 423 38.14 38.84 -2.61
CA TYR B 423 36.94 38.13 -3.03
C TYR B 423 36.26 38.94 -4.13
N ARG B 424 35.62 38.23 -5.05
CA ARG B 424 34.94 38.87 -6.17
C ARG B 424 33.58 39.38 -5.72
N SER B 425 33.37 40.69 -5.82
CA SER B 425 32.13 41.31 -5.35
C SER B 425 31.11 41.54 -6.45
N LEU B 426 31.52 41.52 -7.72
CA LEU B 426 30.61 41.75 -8.84
C LEU B 426 30.86 40.69 -9.91
N ARG B 427 29.78 40.21 -10.53
CA ARG B 427 29.90 39.24 -11.60
C ARG B 427 28.57 39.14 -12.33
N HIS B 428 28.64 38.92 -13.65
CA HIS B 428 27.45 38.67 -14.47
C HIS B 428 27.08 37.20 -14.33
N GLY B 429 26.23 36.89 -13.37
CA GLY B 429 25.81 35.53 -13.12
C GLY B 429 26.61 34.88 -12.00
N LYS B 430 26.10 33.73 -11.57
CA LYS B 430 26.66 33.00 -10.43
C LYS B 430 27.55 31.86 -10.91
N LEU B 431 28.54 31.53 -10.10
CA LEU B 431 29.45 30.44 -10.41
C LEU B 431 28.72 29.10 -10.35
N ARG B 432 29.24 28.13 -11.09
CA ARG B 432 28.81 26.75 -10.97
C ARG B 432 29.60 26.05 -9.89
N PRO B 433 29.11 24.92 -9.38
CA PRO B 433 29.78 24.26 -8.26
C PRO B 433 31.23 23.90 -8.58
N PHE B 434 32.11 24.16 -7.61
CA PHE B 434 33.53 23.80 -7.71
C PHE B 434 34.20 24.41 -8.95
N GLU B 435 33.66 25.53 -9.44
CA GLU B 435 34.26 26.23 -10.55
C GLU B 435 34.95 27.49 -10.05
N ARG B 436 35.99 27.89 -10.75
CA ARG B 436 36.86 28.98 -10.33
C ARG B 436 36.90 30.04 -11.43
N ASP B 437 36.93 31.31 -11.01
CA ASP B 437 37.01 32.44 -11.93
C ASP B 437 38.07 33.40 -11.40
N ILE B 438 39.25 33.41 -12.02
CA ILE B 438 40.36 34.26 -11.61
C ILE B 438 40.58 35.40 -12.59
N SER B 439 39.63 35.66 -13.48
CA SER B 439 39.74 36.79 -14.39
C SER B 439 39.53 38.09 -13.63
N ASN B 440 40.24 39.14 -14.07
CA ASN B 440 40.12 40.48 -13.51
C ASN B 440 39.93 41.46 -14.66
N VAL B 441 38.68 41.64 -15.08
CA VAL B 441 38.34 42.57 -16.15
C VAL B 441 37.33 43.56 -15.61
N PRO B 442 37.36 44.83 -16.03
CA PRO B 442 36.41 45.81 -15.47
C PRO B 442 34.97 45.38 -15.65
N PHE B 443 34.16 45.66 -14.65
CA PHE B 443 32.76 45.25 -14.62
C PHE B 443 31.86 46.47 -14.80
N SER B 444 30.85 46.33 -15.66
CA SER B 444 29.85 47.36 -15.88
C SER B 444 28.48 46.71 -15.75
N PRO B 445 27.58 47.26 -14.91
CA PRO B 445 26.29 46.60 -14.72
C PRO B 445 25.47 46.49 -15.99
N ASP B 446 25.75 47.31 -17.01
CA ASP B 446 25.06 47.21 -18.28
C ASP B 446 25.61 46.10 -19.17
N GLY B 447 26.66 45.42 -18.73
CA GLY B 447 27.21 44.30 -19.49
C GLY B 447 27.87 44.68 -20.79
N LYS B 448 28.64 45.76 -20.79
CA LYS B 448 29.41 46.20 -21.95
C LYS B 448 30.84 46.44 -21.54
N PRO B 449 31.78 46.35 -22.48
CA PRO B 449 33.19 46.60 -22.13
C PRO B 449 33.35 47.98 -21.50
N CYS B 450 34.22 48.05 -20.51
CA CYS B 450 34.36 49.23 -19.66
C CYS B 450 35.83 49.62 -19.54
N THR B 451 36.06 50.78 -18.90
CA THR B 451 37.39 51.26 -18.56
C THR B 451 37.29 51.98 -17.22
N PRO B 452 38.21 51.70 -16.29
CA PRO B 452 37.94 51.97 -14.86
C PRO B 452 37.48 53.39 -14.60
N PRO B 453 38.08 54.40 -15.26
CA PRO B 453 37.71 55.78 -14.91
C PRO B 453 36.22 56.09 -15.04
N ALA B 454 35.54 55.51 -16.03
CA ALA B 454 34.16 55.86 -16.30
C ALA B 454 33.29 55.69 -15.05
N PHE B 455 32.14 56.37 -15.02
CA PHE B 455 31.33 56.40 -13.80
C PHE B 455 30.68 55.05 -13.52
N ASN B 456 30.30 54.31 -14.57
CA ASN B 456 29.65 53.02 -14.41
C ASN B 456 30.64 51.85 -14.42
N CYS B 457 31.87 52.10 -14.00
CA CYS B 457 32.94 51.12 -14.08
C CYS B 457 33.40 50.73 -12.68
N TYR B 458 33.63 49.44 -12.48
CA TYR B 458 34.09 48.92 -11.20
C TYR B 458 35.04 47.76 -11.43
N TRP B 459 36.13 47.74 -10.68
CA TRP B 459 36.98 46.55 -10.63
C TRP B 459 36.29 45.49 -9.77
N PRO B 460 36.16 44.25 -10.24
CA PRO B 460 35.27 43.29 -9.57
C PRO B 460 35.84 42.61 -8.34
N LEU B 461 37.07 42.91 -7.91
CA LEU B 461 37.69 42.26 -6.77
C LEU B 461 37.82 43.25 -5.62
N ASN B 462 37.39 42.83 -4.43
CA ASN B 462 37.48 43.62 -3.22
C ASN B 462 38.40 42.94 -2.22
N ASP B 463 39.16 43.72 -1.47
CA ASP B 463 40.15 43.22 -0.53
C ASP B 463 39.55 43.19 0.87
N TYR B 464 39.55 42.01 1.49
CA TYR B 464 39.27 41.92 2.91
C TYR B 464 40.25 42.78 3.68
N GLY B 465 39.74 43.56 4.63
CA GLY B 465 40.61 44.24 5.56
C GLY B 465 40.62 43.55 6.91
N PHE B 466 41.65 42.76 7.19
CA PHE B 466 41.74 41.98 8.42
C PHE B 466 42.65 42.73 9.40
N TYR B 467 42.05 43.24 10.47
CA TYR B 467 42.78 43.91 11.54
C TYR B 467 42.72 43.06 12.80
N ILE B 468 43.73 43.25 13.66
CA ILE B 468 43.76 42.51 14.92
C ILE B 468 42.57 42.90 15.79
N THR B 469 42.27 44.19 15.85
CA THR B 469 41.20 44.69 16.71
C THR B 469 39.81 44.51 16.11
N ASN B 470 39.67 43.74 15.04
CA ASN B 470 38.37 43.53 14.43
C ASN B 470 37.51 42.60 15.29
N GLY B 471 36.21 42.70 15.11
CA GLY B 471 35.29 41.78 15.75
C GLY B 471 35.36 40.40 15.12
N ILE B 472 34.76 39.43 15.82
CA ILE B 472 34.87 38.04 15.38
C ILE B 472 34.28 37.87 13.99
N GLY B 473 33.24 38.64 13.66
CA GLY B 473 32.65 38.55 12.33
C GLY B 473 33.56 39.02 11.23
N TYR B 474 34.52 39.91 11.54
CA TYR B 474 35.47 40.44 10.58
C TYR B 474 36.89 39.96 10.86
N GLN B 475 37.03 38.71 11.26
CA GLN B 475 38.33 38.12 11.50
C GLN B 475 38.58 36.98 10.50
N PRO B 476 39.83 36.76 10.12
CA PRO B 476 40.10 35.76 9.07
C PRO B 476 39.92 34.35 9.58
N TYR B 477 39.30 33.53 8.75
CA TYR B 477 39.14 32.10 9.03
C TYR B 477 39.70 31.32 7.87
N ARG B 478 40.53 30.32 8.17
CA ARG B 478 41.03 29.41 7.15
C ARG B 478 40.04 28.26 6.98
N VAL B 479 39.72 27.95 5.73
CA VAL B 479 38.72 26.94 5.39
C VAL B 479 39.37 25.91 4.49
N VAL B 480 39.16 24.64 4.83
CA VAL B 480 39.55 23.49 4.02
C VAL B 480 38.30 22.67 3.77
N VAL B 481 38.02 22.40 2.50
CA VAL B 481 36.92 21.54 2.10
C VAL B 481 37.52 20.26 1.55
N LEU B 482 37.21 19.14 2.19
CA LEU B 482 37.66 17.83 1.74
C LEU B 482 36.52 17.19 0.97
N SER B 483 36.78 16.80 -0.27
CA SER B 483 35.79 16.17 -1.13
C SER B 483 36.28 14.80 -1.56
N PHE B 484 35.36 13.83 -1.57
CA PHE B 484 35.71 12.47 -1.90
C PHE B 484 34.46 11.67 -2.21
N GLU B 485 34.66 10.49 -2.79
CA GLU B 485 33.66 9.46 -2.92
C GLU B 485 34.08 8.28 -2.05
N LEU B 486 33.12 7.44 -1.67
CA LEU B 486 33.34 6.52 -0.56
C LEU B 486 33.38 5.06 -0.95
N LEU B 487 32.33 4.52 -1.58
CA LEU B 487 32.22 3.06 -1.70
C LEU B 487 31.77 2.67 -3.10
N ASN B 488 32.39 3.27 -4.13
CA ASN B 488 32.02 2.94 -5.49
C ASN B 488 33.21 2.91 -6.45
N ALA B 489 34.43 3.07 -5.97
CA ALA B 489 35.58 3.17 -6.86
C ALA B 489 36.84 2.80 -6.08
N PRO B 490 37.95 2.53 -6.76
CA PRO B 490 39.19 2.25 -6.05
C PRO B 490 39.62 3.42 -5.17
N ALA B 491 40.25 3.10 -4.05
CA ALA B 491 40.71 4.09 -3.09
C ALA B 491 42.14 3.80 -2.68
N THR B 492 42.91 4.87 -2.46
CA THR B 492 44.27 4.76 -1.95
C THR B 492 44.46 5.51 -0.64
N VAL B 493 43.44 6.20 -0.15
CA VAL B 493 43.46 6.85 1.15
C VAL B 493 42.56 6.05 2.08
N CYS B 494 43.09 5.59 3.21
CA CYS B 494 42.33 4.70 4.06
C CYS B 494 42.49 5.08 5.53
N GLY B 495 41.50 4.72 6.34
CA GLY B 495 41.53 4.97 7.75
C GLY B 495 42.52 4.08 8.47
N PRO B 496 42.91 4.45 9.69
CA PRO B 496 43.91 3.66 10.42
C PRO B 496 43.34 2.36 10.96
N LYS B 497 43.28 1.33 10.13
CA LYS B 497 42.72 0.04 10.50
C LYS B 497 43.72 -1.05 10.17
N LEU B 498 43.60 -2.18 10.86
CA LEU B 498 44.51 -3.31 10.70
C LEU B 498 43.86 -4.37 9.84
N SER B 499 44.55 -4.76 8.77
CA SER B 499 44.07 -5.82 7.91
C SER B 499 44.36 -7.19 8.53
N THR B 500 43.57 -8.18 8.11
CA THR B 500 43.72 -9.55 8.57
C THR B 500 43.89 -10.46 7.36
N ASP B 501 44.10 -11.74 7.62
CA ASP B 501 44.22 -12.71 6.55
C ASP B 501 42.88 -12.91 5.85
N LEU B 502 42.94 -13.22 4.56
CA LEU B 502 41.74 -13.48 3.77
C LEU B 502 41.24 -14.88 4.06
N ILE B 503 40.01 -14.99 4.55
CA ILE B 503 39.38 -16.26 4.86
C ILE B 503 38.30 -16.52 3.82
N LYS B 504 38.30 -17.73 3.26
CA LYS B 504 37.43 -18.08 2.14
C LYS B 504 36.63 -19.32 2.48
N ASN B 505 35.44 -19.40 1.91
CA ASN B 505 34.52 -20.52 2.13
C ASN B 505 34.04 -20.61 3.57
N GLN B 506 33.97 -19.48 4.27
CA GLN B 506 33.47 -19.43 5.64
C GLN B 506 32.69 -18.15 5.85
N CYS B 507 31.55 -18.26 6.52
CA CYS B 507 30.76 -17.08 6.85
C CYS B 507 31.55 -16.17 7.75
N VAL B 508 31.82 -14.94 7.29
CA VAL B 508 32.64 -13.99 8.03
C VAL B 508 31.98 -12.61 7.97
N ASN B 509 32.39 -11.77 8.92
CA ASN B 509 32.11 -10.34 8.86
C ASN B 509 33.28 -9.68 8.13
N PHE B 510 33.03 -9.14 6.95
CA PHE B 510 34.09 -8.61 6.10
C PHE B 510 34.01 -7.09 6.03
N ASN B 511 35.17 -6.48 5.80
CA ASN B 511 35.29 -5.04 5.57
C ASN B 511 36.33 -4.86 4.47
N PHE B 512 35.86 -4.58 3.25
CA PHE B 512 36.71 -4.36 2.09
C PHE B 512 36.72 -2.86 1.77
N ASN B 513 37.86 -2.22 2.03
CA ASN B 513 38.04 -0.79 1.71
C ASN B 513 36.95 0.06 2.32
N GLY B 514 36.44 -0.34 3.47
CA GLY B 514 35.42 0.39 4.19
C GLY B 514 34.01 -0.13 4.00
N LEU B 515 33.77 -0.95 2.97
CA LEU B 515 32.46 -1.55 2.78
C LEU B 515 32.36 -2.77 3.70
N THR B 516 31.45 -2.71 4.66
CA THR B 516 31.27 -3.77 5.63
C THR B 516 30.07 -4.63 5.28
N GLY B 517 30.11 -5.87 5.74
CA GLY B 517 29.01 -6.79 5.48
C GLY B 517 29.30 -8.14 6.09
N THR B 518 28.40 -9.08 5.79
CA THR B 518 28.53 -10.45 6.25
C THR B 518 28.32 -11.39 5.08
N GLY B 519 29.22 -12.35 4.90
CA GLY B 519 29.09 -13.24 3.76
C GLY B 519 30.22 -14.24 3.69
N VAL B 520 30.16 -15.06 2.65
CA VAL B 520 31.17 -16.06 2.33
C VAL B 520 31.90 -15.59 1.08
N LEU B 521 33.24 -15.60 1.13
CA LEU B 521 34.08 -15.14 0.04
C LEU B 521 34.65 -16.34 -0.71
N THR B 522 34.57 -16.31 -2.04
CA THR B 522 35.11 -17.35 -2.88
C THR B 522 35.91 -16.74 -4.02
N PRO B 523 36.81 -17.50 -4.64
CA PRO B 523 37.49 -17.00 -5.83
C PRO B 523 36.51 -16.79 -6.97
N SER B 524 36.77 -15.76 -7.77
CA SER B 524 35.85 -15.31 -8.81
C SER B 524 36.49 -15.40 -10.18
N SER B 525 35.67 -15.66 -11.19
CA SER B 525 36.10 -15.65 -12.58
C SER B 525 35.84 -14.32 -13.28
N LYS B 526 35.23 -13.36 -12.58
CA LYS B 526 34.98 -12.05 -13.17
C LYS B 526 36.29 -11.34 -13.47
N ARG B 527 36.28 -10.52 -14.52
CA ARG B 527 37.45 -9.77 -14.95
C ARG B 527 37.14 -8.28 -14.84
N PHE B 528 37.58 -7.66 -13.75
CA PHE B 528 37.35 -6.24 -13.54
C PHE B 528 38.33 -5.41 -14.35
N GLN B 529 37.84 -4.28 -14.86
CA GLN B 529 38.72 -3.30 -15.47
C GLN B 529 39.53 -2.60 -14.38
N PRO B 530 40.65 -1.98 -14.74
CA PRO B 530 41.45 -1.29 -13.72
C PRO B 530 40.69 -0.23 -12.94
N PHE B 531 39.68 0.40 -13.55
CA PHE B 531 38.94 1.47 -12.89
C PHE B 531 37.75 0.95 -12.08
N GLN B 532 37.55 -0.36 -12.02
CA GLN B 532 36.43 -0.96 -11.30
C GLN B 532 36.91 -1.65 -10.04
N GLN B 533 36.23 -1.40 -8.93
CA GLN B 533 36.56 -1.98 -7.63
C GLN B 533 35.49 -2.91 -7.10
N PHE B 534 34.22 -2.62 -7.34
CA PHE B 534 33.10 -3.41 -6.84
C PHE B 534 32.23 -3.86 -8.01
N GLY B 535 31.50 -4.93 -7.78
CA GLY B 535 30.52 -5.41 -8.76
C GLY B 535 29.18 -5.62 -8.10
N ARG B 536 28.11 -5.32 -8.84
CA ARG B 536 26.77 -5.37 -8.32
C ARG B 536 25.89 -6.23 -9.21
N ASP B 537 24.95 -6.93 -8.60
CA ASP B 537 24.00 -7.77 -9.31
C ASP B 537 22.75 -6.97 -9.63
N VAL B 538 21.72 -7.64 -10.16
CA VAL B 538 20.51 -6.95 -10.59
C VAL B 538 19.80 -6.30 -9.41
N SER B 539 20.00 -6.82 -8.20
CA SER B 539 19.39 -6.25 -7.01
C SER B 539 20.18 -5.10 -6.41
N ASP B 540 21.29 -4.70 -7.03
CA ASP B 540 22.20 -3.69 -6.52
C ASP B 540 22.96 -4.17 -5.30
N PHE B 541 22.95 -5.47 -5.02
CA PHE B 541 23.73 -6.03 -3.93
C PHE B 541 25.18 -6.21 -4.38
N THR B 542 26.12 -5.79 -3.54
CA THR B 542 27.54 -5.88 -3.87
C THR B 542 27.96 -7.34 -3.83
N ASP B 543 28.09 -7.95 -5.00
CA ASP B 543 28.31 -9.38 -5.11
C ASP B 543 29.73 -9.77 -5.48
N SER B 544 30.60 -8.80 -5.77
CA SER B 544 31.99 -9.11 -6.06
C SER B 544 32.87 -7.92 -5.68
N VAL B 545 34.15 -8.19 -5.48
CA VAL B 545 35.07 -7.16 -5.04
C VAL B 545 36.50 -7.59 -5.38
N ARG B 546 37.32 -6.63 -5.76
CA ARG B 546 38.74 -6.88 -6.00
C ARG B 546 39.50 -6.70 -4.70
N ASP B 547 40.28 -7.72 -4.33
CA ASP B 547 41.04 -7.65 -3.10
C ASP B 547 42.04 -6.49 -3.19
N PRO B 548 42.05 -5.58 -2.21
CA PRO B 548 42.99 -4.44 -2.30
C PRO B 548 44.45 -4.83 -2.34
N LYS B 549 44.81 -5.99 -1.79
CA LYS B 549 46.21 -6.37 -1.66
C LYS B 549 46.68 -7.29 -2.79
N THR B 550 45.98 -8.41 -3.00
CA THR B 550 46.39 -9.38 -4.02
C THR B 550 45.80 -9.08 -5.38
N SER B 551 44.87 -8.14 -5.49
CA SER B 551 44.15 -7.82 -6.73
C SER B 551 43.29 -8.97 -7.22
N GLU B 552 43.11 -10.01 -6.41
CA GLU B 552 42.23 -11.10 -6.77
C GLU B 552 40.78 -10.65 -6.73
N ILE B 553 39.97 -11.22 -7.61
CA ILE B 553 38.54 -10.95 -7.67
C ILE B 553 37.82 -12.00 -6.85
N LEU B 554 37.01 -11.55 -5.88
CA LEU B 554 36.32 -12.43 -4.95
C LEU B 554 34.82 -12.24 -5.09
N ASP B 555 34.10 -13.35 -5.14
CA ASP B 555 32.65 -13.36 -5.11
C ASP B 555 32.16 -13.43 -3.67
N ILE B 556 31.11 -12.67 -3.39
CA ILE B 556 30.52 -12.56 -2.05
C ILE B 556 29.14 -13.19 -2.10
N SER B 557 28.87 -14.08 -1.15
CA SER B 557 27.57 -14.73 -1.08
C SER B 557 26.97 -14.58 0.30
N PRO B 558 25.64 -14.58 0.41
CA PRO B 558 25.01 -14.54 1.74
C PRO B 558 25.29 -15.80 2.53
N CYS B 559 25.33 -15.64 3.86
CA CYS B 559 25.52 -16.79 4.75
C CYS B 559 24.24 -17.62 4.87
N SER B 560 23.09 -16.96 4.99
CA SER B 560 21.82 -17.65 5.25
C SER B 560 21.20 -18.09 3.94
N PHE B 561 20.70 -19.32 3.92
CA PHE B 561 20.18 -19.93 2.71
C PHE B 561 19.48 -21.23 3.07
N GLY B 562 18.32 -21.47 2.48
CA GLY B 562 17.66 -22.75 2.60
C GLY B 562 16.37 -22.69 3.41
N GLY B 563 15.35 -23.38 2.92
CA GLY B 563 14.08 -23.42 3.61
C GLY B 563 14.07 -24.45 4.73
N VAL B 564 13.40 -24.10 5.83
CA VAL B 564 13.28 -24.95 7.01
C VAL B 564 11.83 -24.95 7.46
N SER B 565 11.32 -26.13 7.83
CA SER B 565 9.97 -26.23 8.35
C SER B 565 9.96 -27.16 9.56
N VAL B 566 8.98 -26.96 10.43
CA VAL B 566 8.87 -27.65 11.70
C VAL B 566 7.58 -28.45 11.73
N ILE B 567 7.68 -29.73 12.08
CA ILE B 567 6.53 -30.62 12.20
C ILE B 567 6.31 -30.90 13.68
N THR B 568 5.10 -30.63 14.15
CA THR B 568 4.79 -30.88 15.55
C THR B 568 3.44 -31.57 15.68
N PRO B 569 3.28 -32.45 16.68
CA PRO B 569 1.97 -33.04 16.95
C PRO B 569 1.08 -32.21 17.86
N GLY B 570 1.51 -31.01 18.24
CA GLY B 570 0.77 -30.20 19.19
C GLY B 570 1.54 -30.05 20.50
N THR B 571 1.70 -28.81 20.96
CA THR B 571 2.48 -28.59 22.17
C THR B 571 1.84 -29.28 23.38
N ASN B 572 0.51 -29.29 23.44
CA ASN B 572 -0.16 -29.97 24.54
C ASN B 572 0.13 -31.46 24.53
N THR B 573 0.15 -32.08 23.34
CA THR B 573 0.43 -33.50 23.25
C THR B 573 1.88 -33.81 23.59
N SER B 574 2.81 -33.04 23.04
CA SER B 574 4.23 -33.32 23.24
C SER B 574 5.03 -32.07 22.88
N SER B 575 6.28 -32.04 23.36
CA SER B 575 7.23 -30.99 23.02
C SER B 575 8.27 -31.47 22.03
N GLU B 576 8.11 -32.66 21.47
CA GLU B 576 9.03 -33.20 20.48
C GLU B 576 8.60 -32.77 19.08
N VAL B 577 9.57 -32.37 18.26
CA VAL B 577 9.31 -31.90 16.91
C VAL B 577 10.26 -32.60 15.94
N ALA B 578 9.86 -32.59 14.67
CA ALA B 578 10.73 -32.96 13.57
C ALA B 578 11.02 -31.71 12.75
N VAL B 579 12.16 -31.71 12.05
CA VAL B 579 12.56 -30.55 11.26
C VAL B 579 12.91 -31.02 9.85
N LEU B 580 12.37 -30.32 8.85
CA LEU B 580 12.61 -30.62 7.45
C LEU B 580 13.43 -29.51 6.83
N TYR B 581 14.54 -29.88 6.19
CA TYR B 581 15.42 -28.97 5.48
C TYR B 581 15.29 -29.24 3.99
N GLN B 582 14.70 -28.29 3.27
CA GLN B 582 14.36 -28.51 1.87
C GLN B 582 15.60 -28.56 0.98
N ASP B 583 16.68 -27.88 1.36
CA ASP B 583 17.83 -27.68 0.50
C ASP B 583 19.09 -28.31 1.10
N VAL B 584 18.95 -29.48 1.72
CA VAL B 584 20.07 -30.19 2.31
C VAL B 584 20.00 -31.65 1.90
N ASN B 585 21.12 -32.21 1.45
CA ASN B 585 21.23 -33.63 1.13
C ASN B 585 22.01 -34.31 2.25
N CYS B 586 21.37 -35.24 2.94
CA CYS B 586 21.99 -35.99 4.03
C CYS B 586 21.99 -37.48 3.75
N THR B 587 21.95 -37.87 2.47
CA THR B 587 21.95 -39.28 2.12
C THR B 587 23.23 -39.96 2.58
N ASP B 588 24.37 -39.31 2.38
CA ASP B 588 25.65 -39.88 2.78
C ASP B 588 26.32 -39.01 3.85
N SER B 601 30.16 -30.59 7.29
CA SER B 601 29.04 -30.59 8.22
C SER B 601 27.77 -30.09 7.53
N TRP B 602 26.68 -30.81 7.72
CA TRP B 602 25.42 -30.44 7.09
C TRP B 602 24.92 -29.11 7.66
N ARG B 603 24.12 -28.41 6.85
CA ARG B 603 23.48 -27.18 7.27
C ARG B 603 22.15 -27.50 7.95
N VAL B 604 22.26 -28.01 9.18
CA VAL B 604 21.11 -28.37 9.99
C VAL B 604 21.33 -27.85 11.40
N HIS B 605 20.28 -27.92 12.22
CA HIS B 605 20.33 -27.33 13.55
C HIS B 605 21.04 -28.25 14.55
N SER B 606 20.55 -29.47 14.71
CA SER B 606 21.10 -30.37 15.72
C SER B 606 21.51 -31.73 15.16
N THR B 607 20.77 -32.27 14.19
CA THR B 607 21.04 -33.60 13.68
C THR B 607 21.00 -34.63 14.80
N GLY B 608 19.99 -34.53 15.67
CA GLY B 608 19.89 -35.38 16.83
C GLY B 608 19.92 -36.86 16.52
N ASN B 609 18.90 -37.37 15.84
CA ASN B 609 18.82 -38.79 15.52
C ASN B 609 17.70 -38.98 14.50
N ASN B 610 17.67 -40.17 13.91
CA ASN B 610 16.69 -40.52 12.88
C ASN B 610 16.79 -39.58 11.68
N VAL B 611 17.99 -39.09 11.40
CA VAL B 611 18.21 -38.27 10.22
C VAL B 611 18.07 -39.13 8.97
N PHE B 612 17.22 -38.71 8.03
CA PHE B 612 17.16 -39.43 6.77
C PHE B 612 16.56 -38.53 5.69
N GLN B 613 16.80 -38.91 4.44
CA GLN B 613 16.47 -38.10 3.29
C GLN B 613 15.15 -38.56 2.68
N THR B 614 14.29 -37.59 2.37
CA THR B 614 13.05 -37.80 1.65
C THR B 614 13.05 -36.91 0.41
N GLN B 615 12.06 -37.13 -0.45
CA GLN B 615 11.96 -36.30 -1.65
C GLN B 615 11.81 -34.83 -1.31
N ALA B 616 11.29 -34.52 -0.12
CA ALA B 616 11.09 -33.15 0.31
C ALA B 616 12.32 -32.56 1.00
N GLY B 617 13.36 -33.36 1.24
CA GLY B 617 14.59 -32.87 1.83
C GLY B 617 15.02 -33.72 3.01
N CYS B 618 15.93 -33.18 3.80
CA CYS B 618 16.47 -33.91 4.94
C CYS B 618 15.54 -33.76 6.14
N LEU B 619 14.98 -34.87 6.60
CA LEU B 619 14.08 -34.87 7.75
C LEU B 619 14.84 -35.40 8.96
N ILE B 620 14.79 -34.65 10.05
CA ILE B 620 15.52 -34.95 11.28
C ILE B 620 14.53 -34.99 12.43
N GLY B 621 14.56 -36.06 13.20
CA GLY B 621 13.67 -36.22 14.33
C GLY B 621 12.42 -37.03 14.07
N ALA B 622 12.34 -37.72 12.94
CA ALA B 622 11.22 -38.58 12.62
C ALA B 622 11.72 -39.96 12.22
N GLU B 623 10.91 -40.97 12.48
CA GLU B 623 11.26 -42.35 12.17
C GLU B 623 10.54 -42.78 10.90
N HIS B 624 11.30 -43.19 9.89
CA HIS B 624 10.70 -43.66 8.65
C HIS B 624 10.02 -45.01 8.87
N VAL B 625 8.84 -45.16 8.26
CA VAL B 625 8.10 -46.42 8.27
C VAL B 625 7.72 -46.75 6.83
N ASP B 626 7.89 -48.01 6.46
CA ASP B 626 7.64 -48.44 5.09
C ASP B 626 6.15 -48.65 4.79
N THR B 627 5.29 -48.56 5.80
CA THR B 627 3.85 -48.70 5.58
C THR B 627 3.28 -47.38 5.09
N SER B 628 2.17 -47.48 4.35
CA SER B 628 1.48 -46.33 3.80
C SER B 628 0.15 -46.15 4.54
N TYR B 629 -0.10 -44.92 5.00
CA TYR B 629 -1.35 -44.56 5.63
C TYR B 629 -1.93 -43.34 4.92
N GLU B 630 -3.05 -42.85 5.42
CA GLU B 630 -3.62 -41.61 4.90
C GLU B 630 -2.84 -40.43 5.46
N CYS B 631 -2.83 -39.33 4.72
CA CYS B 631 -2.04 -38.17 5.11
C CYS B 631 -2.64 -37.53 6.34
N ASP B 632 -1.81 -37.32 7.37
CA ASP B 632 -2.20 -36.59 8.56
C ASP B 632 -1.58 -35.19 8.58
N ILE B 633 -0.26 -35.10 8.46
CA ILE B 633 0.44 -33.84 8.28
C ILE B 633 1.21 -33.91 6.97
N PRO B 634 0.74 -33.24 5.92
CA PRO B 634 1.42 -33.32 4.62
C PRO B 634 2.79 -32.66 4.69
N ILE B 635 3.83 -33.44 4.44
CA ILE B 635 5.19 -32.91 4.40
C ILE B 635 5.52 -32.38 3.01
N GLY B 636 5.12 -33.10 1.97
CA GLY B 636 5.36 -32.68 0.60
C GLY B 636 6.05 -33.76 -0.21
N ALA B 637 5.99 -33.63 -1.53
CA ALA B 637 6.62 -34.59 -2.43
C ALA B 637 6.15 -36.01 -2.14
N GLY B 638 4.88 -36.16 -1.76
CA GLY B 638 4.32 -37.45 -1.47
C GLY B 638 4.57 -37.97 -0.08
N ILE B 639 5.23 -37.20 0.78
CA ILE B 639 5.58 -37.63 2.13
C ILE B 639 4.65 -36.95 3.13
N CYS B 640 4.13 -37.73 4.07
CA CYS B 640 3.30 -37.24 5.16
C CYS B 640 3.89 -37.68 6.48
N ALA B 641 3.45 -37.04 7.56
CA ALA B 641 3.91 -37.32 8.91
C ALA B 641 2.73 -37.55 9.83
N SER B 642 2.99 -38.26 10.94
CA SER B 642 1.97 -38.51 11.93
C SER B 642 2.64 -38.81 13.26
N TYR B 643 1.81 -38.95 14.30
CA TYR B 643 2.26 -39.28 15.65
C TYR B 643 1.75 -40.66 15.98
N HIS B 644 2.65 -41.64 16.01
CA HIS B 644 2.26 -43.04 16.14
C HIS B 644 3.02 -43.69 17.29
N THR B 645 2.42 -44.73 17.87
CA THR B 645 3.13 -45.57 18.81
C THR B 645 4.21 -46.35 18.09
N VAL B 646 5.41 -46.36 18.66
CA VAL B 646 6.58 -46.96 18.01
C VAL B 646 7.16 -48.02 18.94
N SER B 647 7.81 -49.00 18.36
CA SER B 647 8.45 -50.09 19.12
C SER B 647 9.48 -49.53 20.08
N GLN B 654 5.54 -45.92 23.95
CA GLN B 654 6.26 -44.75 23.46
C GLN B 654 5.69 -44.29 22.12
N LYS B 655 5.43 -42.98 22.02
CA LYS B 655 4.90 -42.37 20.82
C LYS B 655 5.96 -41.47 20.20
N SER B 656 5.99 -41.44 18.86
CA SER B 656 7.00 -40.68 18.14
C SER B 656 6.44 -40.22 16.80
N ILE B 657 7.14 -39.27 16.20
CA ILE B 657 6.78 -38.77 14.88
C ILE B 657 7.30 -39.73 13.83
N VAL B 658 6.42 -40.18 12.94
CA VAL B 658 6.74 -41.13 11.89
C VAL B 658 6.40 -40.49 10.55
N ALA B 659 7.33 -40.57 9.60
CA ALA B 659 7.15 -40.07 8.25
C ALA B 659 7.00 -41.24 7.30
N TYR B 660 6.12 -41.11 6.31
CA TYR B 660 5.84 -42.20 5.41
C TYR B 660 5.38 -41.64 4.06
N THR B 661 5.22 -42.54 3.10
CA THR B 661 4.67 -42.19 1.80
C THR B 661 3.15 -42.18 1.89
N MET B 662 2.54 -41.13 1.32
CA MET B 662 1.09 -41.02 1.37
C MET B 662 0.44 -42.20 0.64
N SER B 663 -0.68 -42.66 1.19
CA SER B 663 -1.51 -43.65 0.53
C SER B 663 -2.51 -42.93 -0.37
N LEU B 664 -2.56 -43.32 -1.65
CA LEU B 664 -3.48 -42.68 -2.57
C LEU B 664 -4.89 -43.26 -2.46
N GLY B 665 -5.03 -44.47 -1.94
CA GLY B 665 -6.33 -45.07 -1.79
C GLY B 665 -6.22 -46.58 -1.86
N ALA B 666 -7.35 -47.22 -1.59
CA ALA B 666 -7.44 -48.68 -1.56
C ALA B 666 -7.33 -49.21 -2.98
N ASP B 667 -6.20 -49.82 -3.30
CA ASP B 667 -6.01 -50.39 -4.63
C ASP B 667 -7.01 -51.51 -4.87
N SER B 668 -7.64 -51.49 -6.04
CA SER B 668 -8.62 -52.50 -6.40
C SER B 668 -8.38 -52.92 -7.85
N SER B 669 -8.86 -54.11 -8.18
CA SER B 669 -8.62 -54.67 -9.51
C SER B 669 -9.73 -54.30 -10.49
N ILE B 670 -10.96 -54.73 -10.21
CA ILE B 670 -12.08 -54.53 -11.12
C ILE B 670 -11.62 -54.83 -12.54
N ALA B 671 -11.30 -56.09 -12.81
CA ALA B 671 -10.76 -56.44 -14.12
C ALA B 671 -11.79 -56.22 -15.21
N TYR B 672 -11.31 -55.79 -16.38
CA TYR B 672 -12.18 -55.60 -17.52
C TYR B 672 -12.66 -56.94 -18.07
N SER B 673 -13.89 -56.93 -18.59
CA SER B 673 -14.42 -58.07 -19.32
C SER B 673 -15.30 -57.54 -20.45
N ASN B 674 -15.44 -58.33 -21.50
CA ASN B 674 -16.20 -57.93 -22.67
C ASN B 674 -17.51 -58.69 -22.83
N ASN B 675 -17.85 -59.58 -21.90
CA ASN B 675 -19.14 -60.26 -21.96
C ASN B 675 -19.77 -60.42 -20.58
N THR B 676 -19.37 -59.63 -19.60
CA THR B 676 -19.96 -59.72 -18.26
C THR B 676 -20.23 -58.31 -17.74
N ILE B 677 -21.34 -58.19 -17.02
CA ILE B 677 -21.79 -56.92 -16.46
C ILE B 677 -22.17 -57.11 -15.00
N ALA B 678 -21.87 -56.11 -14.19
CA ALA B 678 -22.24 -56.10 -12.77
C ALA B 678 -23.48 -55.21 -12.60
N ILE B 679 -24.54 -55.78 -12.04
CA ILE B 679 -25.81 -55.08 -11.85
C ILE B 679 -26.10 -55.03 -10.36
N PRO B 680 -26.32 -53.85 -9.77
CA PRO B 680 -26.71 -53.81 -8.34
C PRO B 680 -28.03 -54.53 -8.12
N THR B 681 -28.12 -55.21 -6.98
CA THR B 681 -29.34 -55.88 -6.57
C THR B 681 -30.06 -55.19 -5.41
N ASN B 682 -29.37 -54.33 -4.67
CA ASN B 682 -29.97 -53.61 -3.56
C ASN B 682 -29.49 -52.18 -3.60
N PHE B 683 -29.95 -51.37 -2.65
CA PHE B 683 -29.57 -49.97 -2.61
C PHE B 683 -29.64 -49.47 -1.17
N SER B 684 -29.05 -48.31 -0.96
CA SER B 684 -29.13 -47.60 0.32
C SER B 684 -29.55 -46.16 0.07
N ILE B 685 -30.24 -45.60 1.05
CA ILE B 685 -30.53 -44.17 1.08
C ILE B 685 -29.46 -43.51 1.92
N SER B 686 -28.67 -42.65 1.31
CA SER B 686 -27.59 -41.96 2.00
C SER B 686 -27.96 -40.50 2.17
N ILE B 687 -27.68 -39.95 3.35
CA ILE B 687 -27.84 -38.54 3.62
C ILE B 687 -26.47 -37.99 3.97
N THR B 688 -26.03 -37.00 3.21
CA THR B 688 -24.72 -36.39 3.42
C THR B 688 -24.87 -34.89 3.62
N THR B 689 -23.99 -34.32 4.44
CA THR B 689 -24.05 -32.92 4.78
C THR B 689 -23.03 -32.15 3.95
N GLU B 690 -23.47 -31.03 3.38
CA GLU B 690 -22.61 -30.12 2.65
C GLU B 690 -22.70 -28.75 3.31
N VAL B 691 -21.59 -28.27 3.86
CA VAL B 691 -21.54 -27.01 4.59
C VAL B 691 -21.04 -25.93 3.64
N MET B 692 -21.80 -24.84 3.55
CA MET B 692 -21.43 -23.75 2.64
C MET B 692 -21.55 -22.41 3.33
N PRO B 693 -20.46 -21.64 3.43
CA PRO B 693 -20.58 -20.24 3.85
C PRO B 693 -21.48 -19.47 2.90
N VAL B 694 -22.25 -18.54 3.45
CA VAL B 694 -23.16 -17.75 2.64
C VAL B 694 -22.88 -16.27 2.85
N SER B 695 -22.34 -15.91 4.01
CA SER B 695 -22.06 -14.51 4.31
C SER B 695 -20.98 -14.44 5.37
N MET B 696 -20.40 -13.25 5.51
CA MET B 696 -19.43 -12.96 6.55
C MET B 696 -19.86 -11.68 7.26
N ALA B 697 -19.11 -11.30 8.28
CA ALA B 697 -19.50 -10.18 9.12
C ALA B 697 -19.48 -8.88 8.33
N LYS B 698 -20.54 -8.09 8.49
CA LYS B 698 -20.56 -6.74 7.94
C LYS B 698 -19.87 -5.80 8.91
N THR B 699 -18.88 -5.06 8.43
CA THR B 699 -18.07 -4.21 9.28
C THR B 699 -18.01 -2.80 8.71
N SER B 700 -17.79 -1.84 9.59
CA SER B 700 -17.52 -0.46 9.20
C SER B 700 -16.45 0.10 10.13
N VAL B 701 -15.74 1.10 9.62
CA VAL B 701 -14.61 1.69 10.29
C VAL B 701 -14.83 3.18 10.41
N ASP B 702 -14.64 3.72 11.62
CA ASP B 702 -14.57 5.16 11.81
C ASP B 702 -13.10 5.52 11.64
N CYS B 703 -12.76 5.91 10.41
CA CYS B 703 -11.37 6.17 10.05
C CYS B 703 -10.72 7.14 11.03
N ASN B 704 -11.41 8.24 11.33
CA ASN B 704 -10.87 9.20 12.28
C ASN B 704 -10.65 8.57 13.65
N MET B 705 -11.60 7.76 14.12
CA MET B 705 -11.45 7.14 15.42
C MET B 705 -10.24 6.22 15.46
N TYR B 706 -10.10 5.36 14.45
CA TYR B 706 -8.99 4.41 14.44
C TYR B 706 -7.65 5.12 14.35
N ILE B 707 -7.53 6.13 13.47
CA ILE B 707 -6.23 6.73 13.23
C ILE B 707 -5.86 7.70 14.33
N CYS B 708 -6.82 8.51 14.80
CA CYS B 708 -6.54 9.60 15.71
C CYS B 708 -7.14 9.44 17.09
N GLY B 709 -8.06 8.50 17.28
CA GLY B 709 -8.74 8.42 18.57
C GLY B 709 -9.54 9.67 18.84
N ASP B 710 -9.30 10.29 19.99
CA ASP B 710 -10.00 11.50 20.41
C ASP B 710 -9.11 12.74 20.36
N SER B 711 -8.06 12.72 19.55
CA SER B 711 -7.15 13.85 19.43
C SER B 711 -7.65 14.81 18.37
N THR B 712 -7.77 16.09 18.75
CA THR B 712 -8.20 17.10 17.79
C THR B 712 -7.07 17.47 16.82
N GLU B 713 -5.85 17.58 17.34
CA GLU B 713 -4.72 17.91 16.47
C GLU B 713 -4.54 16.86 15.38
N CYS B 714 -4.61 15.59 15.77
CA CYS B 714 -4.49 14.52 14.79
C CYS B 714 -5.64 14.56 13.79
N ALA B 715 -6.84 14.93 14.25
CA ALA B 715 -7.96 15.02 13.33
C ALA B 715 -7.73 16.10 12.27
N ASN B 716 -7.22 17.26 12.69
CA ASN B 716 -6.91 18.31 11.73
C ASN B 716 -5.80 17.87 10.77
N LEU B 717 -4.78 17.20 11.30
CA LEU B 717 -3.70 16.72 10.44
C LEU B 717 -4.21 15.68 9.45
N LEU B 718 -5.14 14.83 9.87
CA LEU B 718 -5.71 13.84 8.96
C LEU B 718 -6.54 14.52 7.88
N LEU B 719 -7.28 15.57 8.24
CA LEU B 719 -7.98 16.34 7.22
C LEU B 719 -6.98 16.91 6.20
N GLN B 720 -5.89 17.49 6.70
CA GLN B 720 -4.89 18.06 5.79
C GLN B 720 -4.25 16.98 4.92
N TYR B 721 -4.07 15.78 5.48
CA TYR B 721 -3.41 14.70 4.74
C TYR B 721 -4.21 14.29 3.51
N GLY B 722 -5.53 14.25 3.64
CA GLY B 722 -6.38 13.85 2.53
C GLY B 722 -7.32 12.73 2.95
N SER B 723 -8.52 12.76 2.41
CA SER B 723 -9.58 11.83 2.80
C SER B 723 -9.56 10.64 1.85
N PHE B 724 -8.79 9.62 2.20
CA PHE B 724 -8.91 8.31 1.59
C PHE B 724 -9.92 7.44 2.33
N CYS B 725 -10.48 7.95 3.44
CA CYS B 725 -11.40 7.16 4.24
C CYS B 725 -12.73 6.96 3.56
N THR B 726 -13.17 7.93 2.76
CA THR B 726 -14.43 7.76 2.03
C THR B 726 -14.35 6.58 1.08
N GLN B 727 -13.22 6.39 0.41
CA GLN B 727 -13.05 5.24 -0.47
C GLN B 727 -13.13 3.93 0.32
N LEU B 728 -12.45 3.87 1.47
CA LEU B 728 -12.46 2.67 2.29
C LEU B 728 -13.89 2.34 2.73
N ASN B 729 -14.62 3.35 3.19
CA ASN B 729 -15.98 3.11 3.68
C ASN B 729 -16.93 2.77 2.54
N ARG B 730 -16.71 3.33 1.35
CA ARG B 730 -17.49 2.94 0.19
C ARG B 730 -17.31 1.46 -0.10
N ALA B 731 -16.06 0.99 -0.09
CA ALA B 731 -15.80 -0.43 -0.32
C ALA B 731 -16.46 -1.29 0.75
N LEU B 732 -16.30 -0.91 2.02
CA LEU B 732 -16.85 -1.72 3.10
C LEU B 732 -18.38 -1.76 3.07
N SER B 733 -19.01 -0.62 2.77
CA SER B 733 -20.47 -0.59 2.68
C SER B 733 -20.95 -1.44 1.52
N GLY B 734 -20.23 -1.41 0.40
CA GLY B 734 -20.54 -2.33 -0.68
C GLY B 734 -20.48 -3.78 -0.22
N ILE B 735 -19.45 -4.11 0.57
CA ILE B 735 -19.33 -5.48 1.07
C ILE B 735 -20.52 -5.84 1.95
N ALA B 736 -20.95 -4.92 2.81
CA ALA B 736 -22.05 -5.20 3.72
C ALA B 736 -23.35 -5.44 2.96
N VAL B 737 -23.65 -4.54 2.01
CA VAL B 737 -24.84 -4.73 1.18
C VAL B 737 -24.74 -6.05 0.44
N GLU B 738 -23.53 -6.42 0.02
CA GLU B 738 -23.31 -7.69 -0.66
C GLU B 738 -23.64 -8.87 0.26
N GLN B 739 -23.29 -8.76 1.55
CA GLN B 739 -23.60 -9.83 2.49
C GLN B 739 -25.11 -10.02 2.62
N ASP B 740 -25.83 -8.90 2.76
CA ASP B 740 -27.28 -9.01 2.84
C ASP B 740 -27.85 -9.60 1.55
N ARG B 741 -27.32 -9.20 0.40
CA ARG B 741 -27.76 -9.76 -0.87
C ARG B 741 -27.49 -11.26 -0.95
N ASN B 742 -26.31 -11.69 -0.47
CA ASN B 742 -25.98 -13.11 -0.47
C ASN B 742 -27.01 -13.90 0.32
N THR B 743 -27.31 -13.44 1.54
CA THR B 743 -28.29 -14.15 2.36
C THR B 743 -29.65 -14.19 1.68
N ARG B 744 -30.08 -13.06 1.11
CA ARG B 744 -31.38 -13.03 0.45
C ARG B 744 -31.42 -13.97 -0.74
N GLU B 745 -30.35 -14.03 -1.53
CA GLU B 745 -30.33 -14.87 -2.72
C GLU B 745 -30.34 -16.34 -2.32
N VAL B 746 -29.65 -16.70 -1.24
CA VAL B 746 -29.63 -18.10 -0.83
C VAL B 746 -30.98 -18.52 -0.28
N PHE B 747 -31.53 -17.74 0.66
CA PHE B 747 -32.66 -18.20 1.45
C PHE B 747 -34.02 -17.70 0.95
N ALA B 748 -34.10 -16.49 0.41
CA ALA B 748 -35.39 -15.92 0.02
C ALA B 748 -35.76 -16.33 -1.41
N GLN B 749 -35.97 -17.63 -1.58
CA GLN B 749 -36.33 -18.19 -2.88
C GLN B 749 -37.76 -18.72 -2.91
N VAL B 750 -38.57 -18.41 -1.90
CA VAL B 750 -39.98 -18.81 -1.87
C VAL B 750 -40.83 -17.55 -1.91
N LYS B 751 -41.88 -17.59 -2.72
CA LYS B 751 -42.81 -16.47 -2.78
C LYS B 751 -43.67 -16.40 -1.52
N GLN B 752 -44.18 -17.54 -1.06
CA GLN B 752 -45.08 -17.60 0.07
C GLN B 752 -44.48 -18.44 1.19
N MET B 753 -44.66 -17.99 2.42
CA MET B 753 -44.13 -18.67 3.60
C MET B 753 -45.09 -19.78 3.98
N TYR B 754 -44.85 -20.98 3.45
CA TYR B 754 -45.73 -22.10 3.70
C TYR B 754 -45.72 -22.48 5.18
N LYS B 755 -46.89 -22.81 5.71
CA LYS B 755 -47.02 -23.10 7.13
C LYS B 755 -46.43 -24.46 7.46
N THR B 756 -45.82 -24.56 8.64
CA THR B 756 -45.28 -25.83 9.10
C THR B 756 -46.41 -26.83 9.34
N PRO B 757 -46.36 -28.02 8.75
CA PRO B 757 -47.44 -28.98 8.97
C PRO B 757 -47.58 -29.36 10.44
N THR B 758 -48.82 -29.63 10.84
CA THR B 758 -49.07 -30.10 12.20
C THR B 758 -48.40 -31.45 12.45
N LEU B 759 -48.52 -32.37 11.50
CA LEU B 759 -47.94 -33.70 11.60
C LEU B 759 -46.62 -33.74 10.85
N LYS B 760 -45.59 -34.30 11.48
CA LYS B 760 -44.25 -34.35 10.91
C LYS B 760 -43.93 -35.67 10.23
N ASP B 761 -44.91 -36.55 10.07
CA ASP B 761 -44.72 -37.85 9.45
C ASP B 761 -45.47 -37.87 8.12
N PHE B 762 -44.75 -38.13 7.03
CA PHE B 762 -45.31 -38.14 5.68
C PHE B 762 -45.07 -39.52 5.08
N GLY B 763 -46.09 -40.37 5.09
CA GLY B 763 -45.96 -41.70 4.52
C GLY B 763 -44.89 -42.54 5.19
N GLY B 764 -44.54 -42.24 6.44
CA GLY B 764 -43.50 -42.93 7.16
C GLY B 764 -42.19 -42.17 7.24
N PHE B 765 -41.99 -41.16 6.40
CA PHE B 765 -40.79 -40.34 6.47
C PHE B 765 -40.95 -39.31 7.58
N ASN B 766 -40.04 -39.35 8.54
CA ASN B 766 -40.15 -38.56 9.77
C ASN B 766 -39.34 -37.27 9.60
N PHE B 767 -40.04 -36.14 9.52
CA PHE B 767 -39.43 -34.84 9.29
C PHE B 767 -39.20 -34.05 10.57
N SER B 768 -39.42 -34.67 11.74
CA SER B 768 -39.45 -33.92 12.99
C SER B 768 -38.13 -33.18 13.23
N GLN B 769 -37.00 -33.82 12.94
CA GLN B 769 -35.71 -33.22 13.25
C GLN B 769 -35.45 -31.97 12.42
N ILE B 770 -36.00 -31.89 11.21
CA ILE B 770 -35.69 -30.81 10.28
C ILE B 770 -36.79 -29.77 10.22
N LEU B 771 -37.81 -29.87 11.07
CA LEU B 771 -38.88 -28.89 11.11
C LEU B 771 -39.04 -28.35 12.54
N PRO B 772 -39.45 -27.10 12.69
CA PRO B 772 -39.50 -26.51 14.04
C PRO B 772 -40.48 -27.25 14.94
N ASP B 773 -40.12 -27.33 16.22
CA ASP B 773 -40.95 -28.01 17.20
C ASP B 773 -42.03 -27.07 17.73
N PRO B 774 -43.31 -27.40 17.61
CA PRO B 774 -44.35 -26.48 18.11
C PRO B 774 -44.25 -26.18 19.59
N LEU B 775 -43.82 -27.15 20.40
CA LEU B 775 -43.84 -26.98 21.85
C LEU B 775 -42.63 -26.19 22.34
N LYS B 776 -41.44 -26.49 21.83
CA LYS B 776 -40.23 -25.86 22.34
C LYS B 776 -40.21 -24.38 22.00
N PRO B 777 -39.45 -23.57 22.75
CA PRO B 777 -39.41 -22.13 22.49
C PRO B 777 -38.41 -21.72 21.41
N THR B 778 -37.60 -22.66 20.90
CA THR B 778 -36.55 -22.28 19.97
C THR B 778 -37.11 -21.67 18.69
N LYS B 779 -38.15 -22.28 18.13
CA LYS B 779 -38.77 -21.94 16.85
C LYS B 779 -37.93 -22.46 15.69
N ARG B 780 -36.76 -23.05 15.92
CA ARG B 780 -35.96 -23.70 14.89
C ARG B 780 -35.98 -25.20 15.11
N SER B 781 -35.57 -25.93 14.09
CA SER B 781 -35.57 -27.38 14.16
C SER B 781 -34.43 -27.87 15.04
N PHE B 782 -34.50 -29.15 15.41
CA PHE B 782 -33.52 -29.73 16.32
C PHE B 782 -32.13 -29.75 15.69
N ILE B 783 -32.04 -30.18 14.43
CA ILE B 783 -30.76 -30.19 13.74
C ILE B 783 -30.20 -28.78 13.67
N GLU B 784 -31.06 -27.79 13.44
CA GLU B 784 -30.61 -26.41 13.43
C GLU B 784 -30.02 -26.02 14.79
N ASP B 785 -30.65 -26.47 15.87
CA ASP B 785 -30.11 -26.20 17.20
C ASP B 785 -28.73 -26.81 17.36
N LEU B 786 -28.56 -28.06 16.94
CA LEU B 786 -27.24 -28.69 17.04
C LEU B 786 -26.20 -27.91 16.23
N LEU B 787 -26.56 -27.54 14.99
CA LEU B 787 -25.62 -26.80 14.16
C LEU B 787 -25.23 -25.48 14.80
N PHE B 788 -26.20 -24.75 15.35
CA PHE B 788 -25.89 -23.49 16.00
C PHE B 788 -25.08 -23.70 17.27
N ASN B 789 -25.16 -24.88 17.88
CA ASN B 789 -24.29 -25.20 19.01
C ASN B 789 -22.86 -25.48 18.56
N LYS B 790 -22.68 -26.10 17.40
CA LYS B 790 -21.33 -26.50 16.97
C LYS B 790 -20.41 -25.30 16.82
N VAL B 791 -20.92 -24.20 16.25
CA VAL B 791 -20.09 -23.05 15.92
C VAL B 791 -20.06 -22.08 17.09
N THR B 792 -18.87 -21.64 17.47
CA THR B 792 -18.70 -20.64 18.53
C THR B 792 -18.64 -19.26 17.88
N LEU B 793 -19.60 -18.41 18.21
CA LEU B 793 -19.78 -17.13 17.53
C LEU B 793 -19.16 -15.96 18.28
N ALA B 794 -18.36 -16.22 19.32
CA ALA B 794 -17.72 -15.18 20.12
C ALA B 794 -18.83 -14.42 20.84
N ASP B 795 -19.03 -13.13 20.59
CA ASP B 795 -20.04 -12.37 21.30
C ASP B 795 -21.43 -12.62 20.73
N ALA B 796 -22.41 -12.71 21.62
CA ALA B 796 -23.80 -12.82 21.22
C ALA B 796 -24.43 -11.44 21.15
N GLY B 797 -25.22 -11.20 20.11
CA GLY B 797 -25.80 -9.91 19.88
C GLY B 797 -24.76 -8.89 19.42
N PHE B 798 -25.26 -7.81 18.82
CA PHE B 798 -24.42 -6.77 18.25
C PHE B 798 -24.50 -5.46 19.02
N MET B 799 -25.00 -5.49 20.26
CA MET B 799 -25.16 -4.30 21.08
C MET B 799 -24.25 -4.40 22.29
N LYS B 800 -23.41 -3.39 22.49
CA LYS B 800 -22.48 -3.34 23.61
C LYS B 800 -22.49 -1.91 24.13
N GLN B 801 -23.16 -1.69 25.26
CA GLN B 801 -23.34 -0.35 25.78
C GLN B 801 -22.02 0.19 26.36
N TYR B 802 -21.91 1.51 26.35
CA TYR B 802 -20.72 2.18 26.89
C TYR B 802 -20.54 1.86 28.37
N GLY B 803 -21.63 1.87 29.12
CA GLY B 803 -21.55 1.52 30.53
C GLY B 803 -21.09 0.08 30.74
N GLU B 804 -21.52 -0.82 29.86
CA GLU B 804 -21.07 -2.22 29.97
C GLU B 804 -19.56 -2.31 29.83
N CYS B 805 -18.99 -1.68 28.81
CA CYS B 805 -17.54 -1.73 28.61
C CYS B 805 -16.81 -1.07 29.76
N LEU B 806 -17.33 0.08 30.23
CA LEU B 806 -16.64 0.77 31.32
C LEU B 806 -16.74 0.03 32.65
N GLY B 807 -17.78 -0.79 32.81
CA GLY B 807 -17.97 -1.51 34.07
C GLY B 807 -17.21 -2.81 34.18
N ASP B 808 -16.62 -3.29 33.09
CA ASP B 808 -15.87 -4.54 33.06
C ASP B 808 -14.51 -4.33 32.39
N ILE B 809 -13.83 -3.26 32.80
CA ILE B 809 -12.53 -2.95 32.20
C ILE B 809 -11.51 -4.05 32.52
N ASN B 810 -11.61 -4.62 33.73
CA ASN B 810 -10.63 -5.61 34.14
C ASN B 810 -10.54 -6.77 33.15
N ALA B 811 -11.69 -7.27 32.70
CA ALA B 811 -11.72 -8.25 31.62
C ALA B 811 -11.46 -7.52 30.31
N ARG B 812 -10.27 -7.71 29.75
CA ARG B 812 -9.90 -7.02 28.52
C ARG B 812 -10.65 -7.61 27.34
N ASP B 813 -11.96 -7.35 27.29
CA ASP B 813 -12.78 -7.89 26.22
C ASP B 813 -12.30 -7.38 24.86
N LEU B 814 -12.25 -8.27 23.88
CA LEU B 814 -11.79 -7.90 22.55
C LEU B 814 -12.78 -6.96 21.86
N ILE B 815 -14.08 -7.22 22.04
CA ILE B 815 -15.10 -6.42 21.37
C ILE B 815 -15.04 -4.98 21.86
N CYS B 816 -14.89 -4.77 23.17
CA CYS B 816 -14.75 -3.41 23.68
C CYS B 816 -13.49 -2.76 23.12
N ALA B 817 -12.41 -3.52 23.03
CA ALA B 817 -11.15 -2.95 22.52
C ALA B 817 -11.29 -2.50 21.08
N GLN B 818 -11.99 -3.27 20.25
CA GLN B 818 -12.12 -2.89 18.84
C GLN B 818 -13.23 -1.87 18.62
N LYS B 819 -14.21 -1.77 19.52
CA LYS B 819 -15.20 -0.70 19.41
C LYS B 819 -14.62 0.64 19.85
N PHE B 820 -13.73 0.61 20.85
CA PHE B 820 -13.07 1.84 21.29
C PHE B 820 -12.10 2.37 20.24
N ASN B 821 -11.79 1.59 19.20
CA ASN B 821 -10.87 2.00 18.15
C ASN B 821 -11.58 2.22 16.82
N GLY B 822 -12.90 2.36 16.83
CA GLY B 822 -13.66 2.74 15.65
C GLY B 822 -14.10 1.62 14.76
N LEU B 823 -13.88 0.36 15.15
CA LEU B 823 -14.27 -0.79 14.35
C LEU B 823 -15.58 -1.34 14.87
N THR B 824 -16.61 -1.36 14.01
CA THR B 824 -17.93 -1.81 14.44
C THR B 824 -18.43 -2.89 13.49
N VAL B 825 -19.20 -3.82 14.04
CA VAL B 825 -19.82 -4.90 13.29
C VAL B 825 -21.32 -4.63 13.24
N LEU B 826 -21.88 -4.62 12.03
CA LEU B 826 -23.29 -4.32 11.88
C LEU B 826 -24.12 -5.60 11.84
N PRO B 827 -25.31 -5.61 12.44
CA PRO B 827 -26.11 -6.83 12.44
C PRO B 827 -26.58 -7.17 11.04
N PRO B 828 -26.71 -8.46 10.71
CA PRO B 828 -27.31 -8.83 9.43
C PRO B 828 -28.78 -8.40 9.37
N LEU B 829 -29.23 -8.08 8.16
CA LEU B 829 -30.60 -7.62 7.98
C LEU B 829 -31.59 -8.70 8.40
N LEU B 830 -31.37 -9.93 7.97
CA LEU B 830 -32.23 -11.04 8.33
C LEU B 830 -31.73 -11.67 9.63
N THR B 831 -32.58 -11.72 10.65
CA THR B 831 -32.18 -12.33 11.90
C THR B 831 -32.18 -13.85 11.76
N ASP B 832 -31.57 -14.52 12.76
CA ASP B 832 -31.54 -15.97 12.74
C ASP B 832 -32.95 -16.55 12.71
N ASP B 833 -33.90 -15.88 13.37
CA ASP B 833 -35.28 -16.36 13.37
C ASP B 833 -35.89 -16.28 11.99
N MET B 834 -35.64 -15.18 11.26
CA MET B 834 -36.20 -15.06 9.91
C MET B 834 -35.57 -16.07 8.96
N ILE B 835 -34.26 -16.29 9.08
CA ILE B 835 -33.62 -17.30 8.25
C ILE B 835 -34.18 -18.68 8.56
N ALA B 836 -34.40 -18.95 9.84
CA ALA B 836 -35.00 -20.23 10.22
C ALA B 836 -36.42 -20.36 9.67
N ALA B 837 -37.17 -19.25 9.65
CA ALA B 837 -38.50 -19.27 9.05
C ALA B 837 -38.43 -19.57 7.56
N TYR B 838 -37.46 -18.97 6.86
CA TYR B 838 -37.26 -19.28 5.45
C TYR B 838 -36.96 -20.76 5.25
N THR B 839 -36.06 -21.30 6.08
CA THR B 839 -35.72 -22.71 5.97
C THR B 839 -36.92 -23.60 6.24
N ALA B 840 -37.72 -23.25 7.25
CA ALA B 840 -38.91 -24.02 7.57
C ALA B 840 -39.91 -23.98 6.42
N ALA B 841 -40.07 -22.80 5.81
CA ALA B 841 -40.97 -22.70 4.66
C ALA B 841 -40.48 -23.55 3.50
N LEU B 842 -39.16 -23.54 3.24
CA LEU B 842 -38.63 -24.35 2.17
C LEU B 842 -38.86 -25.84 2.42
N VAL B 843 -38.58 -26.28 3.65
CA VAL B 843 -38.78 -27.69 4.00
C VAL B 843 -40.25 -28.07 3.88
N SER B 844 -41.15 -27.22 4.38
CA SER B 844 -42.57 -27.51 4.30
C SER B 844 -43.04 -27.56 2.85
N GLY B 845 -42.55 -26.63 2.02
CA GLY B 845 -42.94 -26.63 0.62
C GLY B 845 -42.49 -27.89 -0.10
N THR B 846 -41.25 -28.32 0.14
CA THR B 846 -40.79 -29.54 -0.50
C THR B 846 -41.50 -30.76 0.06
N ALA B 847 -41.96 -30.71 1.31
CA ALA B 847 -42.68 -31.84 1.87
C ALA B 847 -44.09 -31.94 1.32
N THR B 848 -44.79 -30.81 1.19
CA THR B 848 -46.19 -30.82 0.78
C THR B 848 -46.35 -30.67 -0.73
N ALA B 849 -45.62 -29.74 -1.34
CA ALA B 849 -45.73 -29.50 -2.77
C ALA B 849 -44.66 -30.23 -3.56
N GLY B 850 -43.42 -30.17 -3.10
CA GLY B 850 -42.32 -30.85 -3.77
C GLY B 850 -41.50 -29.89 -4.63
N TRP B 851 -41.31 -30.25 -5.89
CA TRP B 851 -40.57 -29.42 -6.83
C TRP B 851 -41.45 -28.40 -7.54
N THR B 852 -42.77 -28.53 -7.44
CA THR B 852 -43.67 -27.72 -8.25
C THR B 852 -43.69 -26.26 -7.82
N PHE B 853 -43.26 -25.93 -6.61
CA PHE B 853 -43.34 -24.56 -6.14
C PHE B 853 -42.13 -23.73 -6.53
N GLY B 854 -41.15 -24.32 -7.21
CA GLY B 854 -40.01 -23.55 -7.70
C GLY B 854 -40.25 -22.98 -9.08
N ALA B 855 -41.23 -23.53 -9.80
CA ALA B 855 -41.54 -23.11 -11.17
C ALA B 855 -42.71 -22.15 -11.22
N GLY B 856 -43.86 -22.56 -10.68
CA GLY B 856 -45.07 -21.75 -10.70
C GLY B 856 -45.71 -21.73 -9.32
N ALA B 857 -47.01 -22.00 -9.30
CA ALA B 857 -47.75 -22.07 -8.04
C ALA B 857 -47.57 -23.44 -7.41
N ALA B 858 -47.32 -23.45 -6.11
CA ALA B 858 -47.09 -24.70 -5.39
C ALA B 858 -48.28 -25.64 -5.58
N LEU B 859 -48.00 -26.84 -6.09
CA LEU B 859 -49.01 -27.86 -6.31
C LEU B 859 -48.85 -28.96 -5.27
N GLN B 860 -49.92 -29.27 -4.56
CA GLN B 860 -49.87 -30.29 -3.53
C GLN B 860 -49.74 -31.68 -4.13
N ILE B 861 -49.01 -32.54 -3.44
CA ILE B 861 -48.79 -33.92 -3.87
C ILE B 861 -48.44 -34.77 -2.65
N PRO B 862 -48.99 -35.97 -2.51
CA PRO B 862 -48.57 -36.84 -1.39
C PRO B 862 -47.09 -37.16 -1.46
N PHE B 863 -46.45 -37.24 -0.29
CA PHE B 863 -44.99 -37.36 -0.25
C PHE B 863 -44.52 -38.66 -0.91
N ALA B 864 -45.26 -39.75 -0.72
CA ALA B 864 -44.86 -41.01 -1.33
C ALA B 864 -44.86 -40.91 -2.85
N MET B 865 -45.87 -40.24 -3.42
CA MET B 865 -45.91 -40.05 -4.87
C MET B 865 -44.75 -39.17 -5.34
N GLN B 866 -44.41 -38.14 -4.56
CA GLN B 866 -43.26 -37.32 -4.89
C GLN B 866 -41.98 -38.16 -4.91
N MET B 867 -41.83 -39.04 -3.92
CA MET B 867 -40.67 -39.92 -3.89
C MET B 867 -40.66 -40.87 -5.08
N ALA B 868 -41.84 -41.33 -5.49
CA ALA B 868 -41.92 -42.19 -6.67
C ALA B 868 -41.46 -41.44 -7.92
N TYR B 869 -41.88 -40.19 -8.05
CA TYR B 869 -41.44 -39.36 -9.17
C TYR B 869 -39.93 -39.16 -9.14
N ARG B 870 -39.37 -38.87 -7.97
CA ARG B 870 -37.93 -38.64 -7.88
C ARG B 870 -37.13 -39.93 -8.05
N PHE B 871 -37.74 -41.09 -7.77
CA PHE B 871 -37.12 -42.36 -8.11
C PHE B 871 -37.11 -42.56 -9.62
N ASN B 872 -38.24 -42.28 -10.27
CA ASN B 872 -38.28 -42.31 -11.72
C ASN B 872 -37.25 -41.37 -12.33
N GLY B 873 -36.92 -40.29 -11.63
CA GLY B 873 -35.98 -39.31 -12.13
C GLY B 873 -34.53 -39.71 -12.07
N ILE B 874 -34.20 -40.91 -11.61
CA ILE B 874 -32.82 -41.40 -11.62
C ILE B 874 -32.76 -42.77 -12.28
N GLY B 875 -33.75 -43.08 -13.13
CA GLY B 875 -33.75 -44.31 -13.88
C GLY B 875 -34.30 -45.53 -13.15
N VAL B 876 -34.84 -45.36 -11.95
CA VAL B 876 -35.43 -46.45 -11.19
C VAL B 876 -36.95 -46.34 -11.28
N THR B 877 -37.61 -47.42 -11.67
CA THR B 877 -39.05 -47.39 -11.84
C THR B 877 -39.75 -47.11 -10.52
N GLN B 878 -40.94 -46.52 -10.60
CA GLN B 878 -41.72 -46.21 -9.41
C GLN B 878 -42.06 -47.47 -8.62
N ASN B 879 -42.20 -48.60 -9.32
CA ASN B 879 -42.51 -49.85 -8.66
C ASN B 879 -41.53 -50.14 -7.53
N VAL B 880 -40.26 -49.81 -7.73
CA VAL B 880 -39.25 -50.06 -6.70
C VAL B 880 -39.59 -49.28 -5.44
N LEU B 881 -39.95 -48.00 -5.59
CA LEU B 881 -40.24 -47.17 -4.42
C LEU B 881 -41.51 -47.63 -3.73
N TYR B 882 -42.58 -47.84 -4.50
CA TYR B 882 -43.86 -48.21 -3.88
C TYR B 882 -43.76 -49.57 -3.19
N GLU B 883 -43.11 -50.54 -3.83
CA GLU B 883 -43.05 -51.90 -3.31
C GLU B 883 -42.07 -52.06 -2.15
N ASN B 884 -41.23 -51.07 -1.90
CA ASN B 884 -40.31 -51.08 -0.77
C ASN B 884 -40.42 -49.79 0.03
N GLN B 885 -41.66 -49.29 0.17
CA GLN B 885 -41.86 -47.98 0.77
C GLN B 885 -41.42 -47.96 2.23
N LYS B 886 -41.82 -48.97 3.00
CA LYS B 886 -41.52 -48.97 4.43
C LYS B 886 -40.01 -49.12 4.68
N GLN B 887 -39.35 -50.00 3.93
CA GLN B 887 -37.91 -50.15 4.08
C GLN B 887 -37.19 -48.85 3.73
N ILE B 888 -37.59 -48.19 2.66
CA ILE B 888 -36.94 -46.95 2.26
C ILE B 888 -37.18 -45.87 3.30
N ALA B 889 -38.39 -45.81 3.84
CA ALA B 889 -38.68 -44.84 4.90
C ALA B 889 -37.82 -45.10 6.13
N ASN B 890 -37.66 -46.37 6.51
CA ASN B 890 -36.81 -46.70 7.64
C ASN B 890 -35.37 -46.29 7.37
N GLN B 891 -34.88 -46.54 6.16
CA GLN B 891 -33.52 -46.14 5.82
C GLN B 891 -33.36 -44.64 5.91
N PHE B 892 -34.34 -43.88 5.40
CA PHE B 892 -34.28 -42.42 5.49
C PHE B 892 -34.26 -41.95 6.93
N ASN B 893 -35.13 -42.53 7.77
CA ASN B 893 -35.17 -42.15 9.18
C ASN B 893 -33.86 -42.48 9.88
N LYS B 894 -33.30 -43.65 9.60
CA LYS B 894 -32.04 -44.03 10.20
C LYS B 894 -30.91 -43.11 9.76
N ALA B 895 -30.92 -42.70 8.49
CA ALA B 895 -29.93 -41.73 8.03
C ALA B 895 -30.08 -40.40 8.76
N ILE B 896 -31.32 -39.95 8.95
CA ILE B 896 -31.55 -38.71 9.69
C ILE B 896 -30.98 -38.84 11.10
N SER B 897 -31.26 -39.96 11.75
CA SER B 897 -30.78 -40.18 13.12
C SER B 897 -29.26 -40.24 13.15
N GLN B 898 -28.64 -40.84 12.14
CA GLN B 898 -27.18 -40.95 12.13
C GLN B 898 -26.52 -39.59 11.93
N ILE B 899 -27.05 -38.77 11.02
CA ILE B 899 -26.55 -37.40 10.91
C ILE B 899 -26.77 -36.64 12.22
N GLN B 900 -27.91 -36.86 12.86
CA GLN B 900 -28.16 -36.21 14.15
C GLN B 900 -27.12 -36.59 15.18
N GLU B 901 -26.83 -37.89 15.30
CA GLU B 901 -25.86 -38.35 16.29
C GLU B 901 -24.46 -37.85 15.97
N SER B 902 -24.04 -37.94 14.70
CA SER B 902 -22.73 -37.43 14.32
C SER B 902 -22.61 -35.95 14.62
N LEU B 903 -23.69 -35.20 14.43
CA LEU B 903 -23.67 -33.79 14.79
C LEU B 903 -23.66 -33.59 16.29
N THR B 904 -24.27 -34.52 17.04
CA THR B 904 -24.30 -34.44 18.50
C THR B 904 -22.98 -34.94 19.09
N THR B 905 -21.90 -34.29 18.66
CA THR B 905 -20.55 -34.67 19.04
C THR B 905 -19.66 -33.45 18.84
N THR B 906 -18.47 -33.50 19.45
CA THR B 906 -17.51 -32.41 19.36
C THR B 906 -16.71 -32.41 18.06
N SER B 907 -17.18 -33.12 17.04
CA SER B 907 -16.49 -33.15 15.75
C SER B 907 -16.49 -31.77 15.10
N THR B 908 -15.48 -31.52 14.29
CA THR B 908 -15.36 -30.25 13.56
C THR B 908 -16.01 -30.34 12.18
N ALA B 909 -17.28 -30.76 12.16
CA ALA B 909 -18.00 -30.86 10.90
C ALA B 909 -18.18 -29.48 10.26
N LEU B 910 -18.51 -28.48 11.06
CA LEU B 910 -18.69 -27.12 10.56
C LEU B 910 -17.40 -26.31 10.68
N GLY B 911 -16.31 -26.84 10.12
CA GLY B 911 -15.05 -26.13 10.18
C GLY B 911 -14.99 -24.95 9.24
N LYS B 912 -15.78 -24.96 8.18
CA LYS B 912 -15.76 -23.85 7.22
C LYS B 912 -16.39 -22.59 7.82
N LEU B 913 -17.56 -22.74 8.44
CA LEU B 913 -18.21 -21.58 9.06
C LEU B 913 -17.39 -21.05 10.23
N GLN B 914 -16.84 -21.96 11.05
CA GLN B 914 -15.96 -21.53 12.12
C GLN B 914 -14.73 -20.82 11.57
N ASP B 915 -14.23 -21.28 10.42
CA ASP B 915 -13.09 -20.61 9.79
C ASP B 915 -13.46 -19.20 9.36
N VAL B 916 -14.66 -19.03 8.81
CA VAL B 916 -15.09 -17.68 8.42
C VAL B 916 -15.16 -16.77 9.64
N VAL B 917 -15.77 -17.26 10.72
CA VAL B 917 -15.89 -16.46 11.94
C VAL B 917 -14.51 -16.10 12.47
N ASN B 918 -13.62 -17.10 12.52
CA ASN B 918 -12.28 -16.87 13.02
C ASN B 918 -11.53 -15.86 12.16
N GLN B 919 -11.71 -15.94 10.85
CA GLN B 919 -11.03 -15.01 9.95
C GLN B 919 -11.48 -13.58 10.21
N ASN B 920 -12.78 -13.37 10.34
CA ASN B 920 -13.27 -12.02 10.62
C ASN B 920 -12.71 -11.51 11.95
N ALA B 921 -12.82 -12.33 13.00
CA ALA B 921 -12.34 -11.91 14.31
C ALA B 921 -10.85 -11.62 14.29
N GLN B 922 -10.07 -12.48 13.62
CA GLN B 922 -8.63 -12.30 13.57
C GLN B 922 -8.26 -11.04 12.80
N ALA B 923 -8.98 -10.75 11.70
CA ALA B 923 -8.69 -9.53 10.96
C ALA B 923 -8.91 -8.31 11.83
N LEU B 924 -10.04 -8.27 12.55
CA LEU B 924 -10.28 -7.12 13.42
C LEU B 924 -9.26 -7.04 14.55
N ASN B 925 -8.89 -8.17 15.12
CA ASN B 925 -7.96 -8.16 16.25
C ASN B 925 -6.55 -7.77 15.81
N THR B 926 -6.11 -8.22 14.64
CA THR B 926 -4.81 -7.77 14.15
C THR B 926 -4.84 -6.30 13.78
N LEU B 927 -5.98 -5.80 13.30
CA LEU B 927 -6.11 -4.37 13.09
C LEU B 927 -5.94 -3.60 14.40
N VAL B 928 -6.53 -4.13 15.48
CA VAL B 928 -6.36 -3.49 16.78
C VAL B 928 -4.92 -3.56 17.26
N LYS B 929 -4.26 -4.71 17.06
CA LYS B 929 -2.89 -4.87 17.55
C LYS B 929 -1.90 -4.04 16.75
N GLN B 930 -2.17 -3.80 15.46
CA GLN B 930 -1.25 -3.05 14.63
C GLN B 930 -1.12 -1.59 15.07
N LEU B 931 -2.01 -1.11 15.94
CA LEU B 931 -1.89 0.26 16.43
C LEU B 931 -0.65 0.44 17.30
N SER B 932 -0.01 -0.63 17.75
CA SER B 932 1.16 -0.55 18.59
C SER B 932 2.46 -0.42 17.81
N SER B 933 2.40 -0.52 16.49
CA SER B 933 3.62 -0.53 15.67
C SER B 933 4.04 0.88 15.34
N ASN B 934 5.25 1.25 15.73
CA ASN B 934 5.85 2.48 15.20
C ASN B 934 6.10 2.29 13.71
N PHE B 935 5.77 3.31 12.94
CA PHE B 935 5.93 3.27 11.49
C PHE B 935 7.09 4.16 11.06
N GLY B 936 8.18 4.10 11.83
CA GLY B 936 9.27 5.05 11.69
C GLY B 936 9.18 6.22 12.64
N ALA B 937 8.09 6.37 13.37
CA ALA B 937 7.95 7.43 14.35
C ALA B 937 8.65 7.04 15.65
N ILE B 938 8.93 8.06 16.47
CA ILE B 938 9.61 7.82 17.74
C ILE B 938 8.78 6.91 18.64
N SER B 939 7.46 6.92 18.48
CA SER B 939 6.58 6.13 19.31
C SER B 939 5.29 5.87 18.56
N SER B 940 4.56 4.85 19.01
CA SER B 940 3.24 4.54 18.48
C SER B 940 2.12 5.15 19.32
N VAL B 941 2.46 5.88 20.37
CA VAL B 941 1.48 6.44 21.30
C VAL B 941 1.30 7.92 20.94
N LEU B 942 0.11 8.24 20.42
CA LEU B 942 -0.16 9.61 19.99
C LEU B 942 -0.05 10.59 21.15
N ASN B 943 -0.61 10.22 22.31
CA ASN B 943 -0.59 11.12 23.46
C ASN B 943 0.84 11.43 23.89
N ASP B 944 1.72 10.43 23.85
CA ASP B 944 3.12 10.67 24.19
C ASP B 944 3.75 11.68 23.24
N ILE B 945 3.54 11.50 21.94
CA ILE B 945 4.09 12.42 20.95
C ILE B 945 3.60 13.83 21.20
N LEU B 946 2.29 13.97 21.42
CA LEU B 946 1.72 15.32 21.58
C LEU B 946 2.14 15.94 22.91
N SER B 947 2.44 15.12 23.92
CA SER B 947 2.89 15.67 25.20
C SER B 947 4.35 16.11 25.14
N ARG B 948 5.19 15.40 24.39
CA ARG B 948 6.60 15.76 24.35
C ARG B 948 6.93 16.81 23.28
N LEU B 949 6.31 16.73 22.11
CA LEU B 949 6.73 17.51 20.96
C LEU B 949 5.72 18.62 20.63
N ASP B 950 6.23 19.72 20.10
CA ASP B 950 5.40 20.84 19.69
C ASP B 950 4.81 20.57 18.31
N LYS B 951 4.21 21.59 17.71
CA LYS B 951 3.34 21.38 16.54
C LYS B 951 4.09 20.75 15.37
N VAL B 952 5.31 21.21 15.10
CA VAL B 952 6.00 20.86 13.85
C VAL B 952 6.54 19.43 13.91
N GLU B 953 7.37 19.15 14.90
CA GLU B 953 7.91 17.80 15.04
C GLU B 953 6.80 16.79 15.30
N ALA B 954 5.83 17.17 16.14
CA ALA B 954 4.67 16.32 16.33
C ALA B 954 3.97 16.06 15.01
N GLU B 955 3.89 17.07 14.15
CA GLU B 955 3.25 16.88 12.85
C GLU B 955 4.03 15.86 12.01
N VAL B 956 5.35 15.92 12.05
CA VAL B 956 6.15 14.95 11.30
C VAL B 956 5.87 13.53 11.78
N GLN B 957 5.97 13.32 13.10
CA GLN B 957 5.77 11.99 13.64
C GLN B 957 4.33 11.50 13.38
N ILE B 958 3.36 12.39 13.54
CA ILE B 958 1.96 12.02 13.36
C ILE B 958 1.67 11.74 11.91
N ASP B 959 2.36 12.41 10.98
CA ASP B 959 2.22 12.09 9.57
C ASP B 959 2.72 10.68 9.30
N ARG B 960 3.85 10.31 9.89
CA ARG B 960 4.31 8.92 9.75
C ARG B 960 3.26 7.95 10.27
N LEU B 961 2.72 8.21 11.46
CA LEU B 961 1.73 7.32 12.05
C LEU B 961 0.46 7.25 11.19
N ILE B 962 0.04 8.39 10.65
CA ILE B 962 -1.16 8.43 9.82
C ILE B 962 -0.94 7.58 8.57
N THR B 963 0.22 7.72 7.93
CA THR B 963 0.52 6.90 6.77
C THR B 963 0.45 5.43 7.12
N GLY B 964 1.07 5.04 8.23
CA GLY B 964 1.08 3.64 8.61
C GLY B 964 -0.30 3.09 8.89
N ARG B 965 -1.11 3.84 9.64
CA ARG B 965 -2.43 3.34 10.01
C ARG B 965 -3.38 3.36 8.82
N LEU B 966 -3.23 4.33 7.91
CA LEU B 966 -3.98 4.29 6.67
C LEU B 966 -3.61 3.06 5.86
N GLN B 967 -2.33 2.70 5.82
CA GLN B 967 -1.92 1.49 5.12
C GLN B 967 -2.54 0.26 5.79
N SER B 968 -2.58 0.24 7.12
CA SER B 968 -3.20 -0.89 7.82
C SER B 968 -4.67 -1.02 7.44
N LEU B 969 -5.40 0.10 7.42
CA LEU B 969 -6.81 0.06 7.05
C LEU B 969 -6.98 -0.36 5.59
N GLN B 970 -6.11 0.11 4.71
CA GLN B 970 -6.20 -0.25 3.30
C GLN B 970 -5.94 -1.75 3.10
N THR B 971 -4.96 -2.30 3.82
CA THR B 971 -4.72 -3.73 3.77
C THR B 971 -5.93 -4.50 4.27
N TYR B 972 -6.52 -4.04 5.38
CA TYR B 972 -7.72 -4.69 5.89
C TYR B 972 -8.83 -4.69 4.85
N VAL B 973 -9.04 -3.55 4.19
CA VAL B 973 -10.14 -3.43 3.23
C VAL B 973 -9.87 -4.29 2.00
N THR B 974 -8.62 -4.33 1.54
CA THR B 974 -8.29 -5.17 0.39
C THR B 974 -8.52 -6.64 0.71
N GLN B 975 -8.05 -7.09 1.87
CA GLN B 975 -8.26 -8.48 2.26
C GLN B 975 -9.74 -8.78 2.43
N GLN B 976 -10.50 -7.81 2.96
CA GLN B 976 -11.93 -7.99 3.09
C GLN B 976 -12.59 -8.12 1.73
N LEU B 977 -12.15 -7.32 0.75
CA LEU B 977 -12.72 -7.43 -0.60
C LEU B 977 -12.43 -8.80 -1.21
N ILE B 978 -11.20 -9.29 -1.05
CA ILE B 978 -10.88 -10.61 -1.60
C ILE B 978 -11.68 -11.71 -0.91
N ARG B 979 -11.77 -11.64 0.42
CA ARG B 979 -12.56 -12.63 1.16
C ARG B 979 -14.03 -12.55 0.77
N ALA B 980 -14.52 -11.34 0.53
CA ALA B 980 -15.92 -11.16 0.11
C ALA B 980 -16.15 -11.72 -1.28
N ALA B 981 -15.16 -11.60 -2.17
CA ALA B 981 -15.29 -12.25 -3.48
C ALA B 981 -15.39 -13.76 -3.33
N GLU B 982 -14.54 -14.34 -2.48
CA GLU B 982 -14.63 -15.78 -2.24
C GLU B 982 -15.98 -16.16 -1.64
N ILE B 983 -16.45 -15.38 -0.66
CA ILE B 983 -17.72 -15.66 -0.01
C ILE B 983 -18.87 -15.50 -0.99
N ARG B 984 -18.78 -14.54 -1.92
CA ARG B 984 -19.82 -14.36 -2.92
C ARG B 984 -19.84 -15.53 -3.89
N ALA B 985 -18.67 -16.06 -4.25
CA ALA B 985 -18.66 -17.27 -5.06
C ALA B 985 -19.35 -18.41 -4.32
N SER B 986 -19.05 -18.56 -3.03
CA SER B 986 -19.70 -19.59 -2.23
C SER B 986 -21.20 -19.37 -2.17
N ALA B 987 -21.64 -18.11 -1.99
CA ALA B 987 -23.05 -17.82 -1.88
C ALA B 987 -23.79 -18.04 -3.20
N ASN B 988 -23.16 -17.70 -4.32
CA ASN B 988 -23.75 -17.99 -5.62
C ASN B 988 -23.89 -19.49 -5.83
N LEU B 989 -22.86 -20.25 -5.46
CA LEU B 989 -22.96 -21.70 -5.55
C LEU B 989 -24.07 -22.23 -4.65
N ALA B 990 -24.21 -21.67 -3.44
CA ALA B 990 -25.25 -22.11 -2.53
C ALA B 990 -26.63 -21.79 -3.08
N ALA B 991 -26.80 -20.62 -3.70
CA ALA B 991 -28.07 -20.30 -4.33
C ALA B 991 -28.38 -21.25 -5.48
N THR B 992 -27.36 -21.59 -6.27
CA THR B 992 -27.55 -22.56 -7.34
C THR B 992 -27.95 -23.92 -6.78
N LYS B 993 -27.33 -24.33 -5.67
CA LYS B 993 -27.68 -25.59 -5.04
C LYS B 993 -29.10 -25.56 -4.51
N MET B 994 -29.51 -24.44 -3.91
CA MET B 994 -30.88 -24.33 -3.43
C MET B 994 -31.87 -24.41 -4.58
N SER B 995 -31.51 -23.85 -5.73
CA SER B 995 -32.42 -23.87 -6.87
C SER B 995 -32.49 -25.26 -7.51
N GLU B 996 -31.35 -25.96 -7.62
CA GLU B 996 -31.29 -27.17 -8.42
C GLU B 996 -31.39 -28.46 -7.62
N CYS B 997 -31.15 -28.42 -6.31
CA CYS B 997 -31.27 -29.59 -5.45
C CYS B 997 -32.46 -29.53 -4.50
N VAL B 998 -32.82 -28.35 -4.01
CA VAL B 998 -33.95 -28.21 -3.10
C VAL B 998 -35.25 -28.00 -3.86
N LEU B 999 -35.26 -27.10 -4.83
CA LEU B 999 -36.45 -26.82 -5.63
C LEU B 999 -36.58 -27.75 -6.83
N GLY B 1000 -35.66 -28.68 -7.01
CA GLY B 1000 -35.75 -29.64 -8.10
C GLY B 1000 -34.71 -30.72 -7.93
N GLN B 1001 -34.83 -31.74 -8.76
CA GLN B 1001 -33.92 -32.88 -8.76
C GLN B 1001 -32.85 -32.67 -9.83
N SER B 1002 -31.59 -32.64 -9.41
CA SER B 1002 -30.48 -32.36 -10.31
C SER B 1002 -29.94 -33.65 -10.91
N LYS B 1003 -29.75 -33.64 -12.23
CA LYS B 1003 -29.12 -34.74 -12.93
C LYS B 1003 -27.61 -34.57 -13.07
N ARG B 1004 -27.06 -33.44 -12.61
CA ARG B 1004 -25.63 -33.24 -12.65
C ARG B 1004 -24.94 -34.21 -11.69
N VAL B 1005 -23.81 -34.75 -12.12
CA VAL B 1005 -23.10 -35.77 -11.34
C VAL B 1005 -22.34 -35.09 -10.21
N ASP B 1006 -22.58 -35.55 -8.99
CA ASP B 1006 -21.82 -35.10 -7.81
C ASP B 1006 -22.05 -33.61 -7.52
N PHE B 1007 -23.17 -33.06 -7.95
CA PHE B 1007 -23.51 -31.69 -7.61
C PHE B 1007 -24.33 -31.62 -6.32
N CYS B 1008 -25.35 -32.46 -6.21
CA CYS B 1008 -26.19 -32.53 -5.02
C CYS B 1008 -25.90 -33.87 -4.35
N GLY B 1009 -24.86 -33.89 -3.52
CA GLY B 1009 -24.46 -35.10 -2.85
C GLY B 1009 -23.87 -36.14 -3.78
N LYS B 1010 -23.17 -37.13 -3.23
CA LYS B 1010 -22.54 -38.18 -4.01
C LYS B 1010 -23.54 -39.31 -4.22
N GLY B 1011 -23.83 -39.63 -5.47
CA GLY B 1011 -24.79 -40.65 -5.83
C GLY B 1011 -25.88 -40.08 -6.70
N TYR B 1012 -26.93 -40.88 -6.90
CA TYR B 1012 -28.09 -40.46 -7.68
C TYR B 1012 -28.97 -39.60 -6.80
N HIS B 1013 -28.86 -38.28 -6.98
CA HIS B 1013 -29.58 -37.35 -6.11
C HIS B 1013 -31.08 -37.62 -6.15
N LEU B 1014 -31.67 -37.71 -4.96
CA LEU B 1014 -33.12 -37.75 -4.80
C LEU B 1014 -33.69 -36.43 -4.36
N MET B 1015 -33.12 -35.81 -3.34
CA MET B 1015 -33.63 -34.51 -2.89
C MET B 1015 -32.63 -33.89 -1.92
N SER B 1016 -32.96 -32.71 -1.42
CA SER B 1016 -32.08 -32.04 -0.48
C SER B 1016 -32.92 -31.17 0.46
N PHE B 1017 -32.36 -30.89 1.62
CA PHE B 1017 -33.00 -30.04 2.62
C PHE B 1017 -32.01 -28.98 3.08
N PRO B 1018 -32.41 -27.72 3.20
CA PRO B 1018 -31.53 -26.70 3.77
C PRO B 1018 -31.73 -26.55 5.27
N GLN B 1019 -30.63 -26.27 5.96
CA GLN B 1019 -30.64 -25.96 7.38
C GLN B 1019 -29.78 -24.74 7.61
N ALA B 1020 -30.35 -23.73 8.26
CA ALA B 1020 -29.60 -22.53 8.57
C ALA B 1020 -28.46 -22.85 9.52
N ALA B 1021 -27.33 -22.18 9.36
CA ALA B 1021 -26.21 -22.28 10.27
C ALA B 1021 -25.57 -20.90 10.35
N PRO B 1022 -24.86 -20.62 11.43
CA PRO B 1022 -24.25 -19.28 11.55
C PRO B 1022 -23.39 -18.94 10.35
N HIS B 1023 -23.77 -17.88 9.63
CA HIS B 1023 -23.06 -17.38 8.47
C HIS B 1023 -23.07 -18.36 7.30
N GLY B 1024 -24.02 -19.28 7.23
CA GLY B 1024 -24.02 -20.21 6.13
C GLY B 1024 -25.20 -21.14 6.17
N VAL B 1025 -25.14 -22.13 5.27
CA VAL B 1025 -26.20 -23.12 5.13
C VAL B 1025 -25.58 -24.51 5.15
N VAL B 1026 -26.40 -25.49 5.50
CA VAL B 1026 -26.02 -26.89 5.48
C VAL B 1026 -27.07 -27.64 4.68
N PHE B 1027 -26.64 -28.31 3.62
CA PHE B 1027 -27.55 -29.09 2.79
C PHE B 1027 -27.46 -30.55 3.20
N LEU B 1028 -28.61 -31.13 3.55
CA LEU B 1028 -28.74 -32.57 3.73
C LEU B 1028 -29.16 -33.13 2.38
N HIS B 1029 -28.23 -33.76 1.68
CA HIS B 1029 -28.47 -34.34 0.37
C HIS B 1029 -28.86 -35.79 0.56
N VAL B 1030 -30.06 -36.15 0.09
CA VAL B 1030 -30.56 -37.52 0.11
C VAL B 1030 -30.35 -38.11 -1.27
N THR B 1031 -29.55 -39.17 -1.33
CA THR B 1031 -29.11 -39.80 -2.57
C THR B 1031 -29.35 -41.30 -2.51
N TYR B 1032 -29.43 -41.90 -3.69
CA TYR B 1032 -29.65 -43.34 -3.86
C TYR B 1032 -28.33 -43.98 -4.26
N VAL B 1033 -27.78 -44.82 -3.40
CA VAL B 1033 -26.49 -45.46 -3.63
C VAL B 1033 -26.74 -46.94 -3.91
N PRO B 1034 -26.53 -47.43 -5.13
CA PRO B 1034 -26.70 -48.86 -5.39
C PRO B 1034 -25.64 -49.68 -4.67
N SER B 1035 -25.95 -50.96 -4.46
CA SER B 1035 -25.09 -51.84 -3.69
C SER B 1035 -25.48 -53.28 -3.96
N GLN B 1036 -24.61 -54.19 -3.52
CA GLN B 1036 -24.81 -55.63 -3.69
C GLN B 1036 -24.88 -56.01 -5.17
N GLU B 1037 -23.77 -55.74 -5.88
CA GLU B 1037 -23.71 -56.02 -7.30
C GLU B 1037 -23.55 -57.51 -7.55
N ARG B 1038 -24.24 -58.01 -8.57
CA ARG B 1038 -24.15 -59.38 -9.02
C ARG B 1038 -23.69 -59.41 -10.46
N ASN B 1039 -22.83 -60.38 -10.79
CA ASN B 1039 -22.28 -60.51 -12.12
C ASN B 1039 -23.19 -61.35 -13.01
N PHE B 1040 -23.23 -60.99 -14.28
CA PHE B 1040 -24.04 -61.71 -15.26
C PHE B 1040 -23.31 -61.71 -16.60
N THR B 1041 -23.67 -62.67 -17.44
CA THR B 1041 -23.21 -62.69 -18.82
C THR B 1041 -24.17 -61.87 -19.68
N THR B 1042 -23.64 -60.92 -20.42
CA THR B 1042 -24.43 -59.97 -21.18
C THR B 1042 -24.22 -60.15 -22.68
N ALA B 1043 -25.05 -59.45 -23.46
CA ALA B 1043 -25.04 -59.53 -24.90
C ALA B 1043 -25.51 -58.20 -25.47
N PRO B 1044 -24.77 -57.60 -26.40
CA PRO B 1044 -25.19 -56.29 -26.94
C PRO B 1044 -26.55 -56.32 -27.61
N ALA B 1045 -26.91 -57.42 -28.25
CA ALA B 1045 -28.19 -57.51 -28.94
C ALA B 1045 -28.58 -58.98 -29.03
N ILE B 1046 -29.83 -59.22 -29.43
CA ILE B 1046 -30.39 -60.56 -29.51
C ILE B 1046 -30.80 -60.82 -30.96
N CYS B 1047 -30.29 -61.90 -31.53
CA CYS B 1047 -30.68 -62.29 -32.89
C CYS B 1047 -31.89 -63.22 -32.81
N HIS B 1048 -33.01 -62.78 -33.37
CA HIS B 1048 -34.22 -63.59 -33.43
C HIS B 1048 -34.67 -63.67 -34.88
N GLU B 1049 -34.99 -64.88 -35.34
CA GLU B 1049 -35.28 -65.11 -36.74
C GLU B 1049 -34.10 -64.66 -37.59
N GLY B 1050 -34.16 -63.42 -38.09
CA GLY B 1050 -33.06 -62.87 -38.85
C GLY B 1050 -32.85 -61.40 -38.57
N LYS B 1051 -33.27 -60.94 -37.39
CA LYS B 1051 -33.22 -59.53 -37.03
C LYS B 1051 -32.57 -59.36 -35.66
N ALA B 1052 -31.97 -58.20 -35.45
CA ALA B 1052 -31.28 -57.87 -34.22
C ALA B 1052 -32.18 -56.98 -33.38
N TYR B 1053 -32.64 -57.50 -32.24
CA TYR B 1053 -33.39 -56.72 -31.27
C TYR B 1053 -32.43 -56.16 -30.23
N PHE B 1054 -32.73 -54.96 -29.77
CA PHE B 1054 -31.92 -54.20 -28.83
C PHE B 1054 -32.74 -53.86 -27.60
N PRO B 1055 -32.09 -53.63 -26.46
CA PRO B 1055 -32.84 -53.56 -25.20
C PRO B 1055 -33.84 -52.43 -25.12
N ARG B 1056 -33.70 -51.38 -25.94
CA ARG B 1056 -34.55 -50.20 -25.79
C ARG B 1056 -34.28 -49.55 -24.44
N GLU B 1057 -35.12 -49.82 -23.45
CA GLU B 1057 -34.91 -49.33 -22.09
C GLU B 1057 -34.57 -50.53 -21.21
N GLY B 1058 -33.28 -50.80 -21.07
CA GLY B 1058 -32.82 -51.91 -20.28
C GLY B 1058 -31.49 -52.44 -20.80
N VAL B 1059 -31.13 -53.61 -20.31
CA VAL B 1059 -29.92 -54.30 -20.77
C VAL B 1059 -30.17 -55.80 -20.66
N PHE B 1060 -29.62 -56.55 -21.62
CA PHE B 1060 -29.74 -57.99 -21.60
C PHE B 1060 -28.73 -58.59 -20.63
N VAL B 1061 -29.17 -59.59 -19.86
CA VAL B 1061 -28.30 -60.31 -18.94
C VAL B 1061 -28.72 -61.78 -18.93
N PHE B 1062 -27.76 -62.63 -18.56
CA PHE B 1062 -27.96 -64.07 -18.48
C PHE B 1062 -28.08 -64.44 -17.01
N ASN B 1063 -29.26 -64.93 -16.61
CA ASN B 1063 -29.50 -65.27 -15.22
C ASN B 1063 -28.94 -66.65 -14.85
N GLY B 1064 -28.43 -67.40 -15.82
CA GLY B 1064 -27.91 -68.72 -15.58
C GLY B 1064 -28.56 -69.76 -16.46
N THR B 1065 -29.86 -69.59 -16.69
CA THR B 1065 -30.64 -70.50 -17.53
C THR B 1065 -31.40 -69.78 -18.63
N SER B 1066 -31.87 -68.57 -18.40
CA SER B 1066 -32.64 -67.81 -19.37
C SER B 1066 -32.12 -66.39 -19.44
N TRP B 1067 -32.30 -65.76 -20.61
CA TRP B 1067 -31.91 -64.38 -20.81
C TRP B 1067 -33.06 -63.45 -20.41
N PHE B 1068 -32.72 -62.37 -19.71
CA PHE B 1068 -33.69 -61.40 -19.25
C PHE B 1068 -33.22 -59.99 -19.61
N ILE B 1069 -34.16 -59.06 -19.58
CA ILE B 1069 -33.89 -57.65 -19.77
C ILE B 1069 -34.15 -56.93 -18.46
N THR B 1070 -33.16 -56.19 -17.97
CA THR B 1070 -33.26 -55.56 -16.67
C THR B 1070 -32.76 -54.12 -16.73
N GLN B 1071 -33.36 -53.28 -15.91
CA GLN B 1071 -32.87 -51.91 -15.75
C GLN B 1071 -31.49 -51.92 -15.11
N ARG B 1072 -30.70 -50.89 -15.40
CA ARG B 1072 -29.28 -50.93 -15.08
C ARG B 1072 -29.03 -50.78 -13.57
N ASN B 1073 -29.72 -49.85 -12.93
CA ASN B 1073 -29.41 -49.48 -11.55
C ASN B 1073 -30.11 -50.35 -10.51
N PHE B 1074 -30.92 -51.32 -10.91
CA PHE B 1074 -31.61 -52.18 -9.97
C PHE B 1074 -31.98 -53.47 -10.68
N PHE B 1075 -31.49 -54.60 -10.17
CA PHE B 1075 -31.70 -55.88 -10.84
C PHE B 1075 -33.16 -56.28 -10.72
N SER B 1076 -33.93 -56.05 -11.78
CA SER B 1076 -35.33 -56.47 -11.86
C SER B 1076 -35.52 -57.18 -13.20
N PRO B 1077 -35.12 -58.45 -13.30
CA PRO B 1077 -35.22 -59.14 -14.58
C PRO B 1077 -36.66 -59.21 -15.08
N GLN B 1078 -36.83 -59.04 -16.38
CA GLN B 1078 -38.13 -59.12 -17.02
C GLN B 1078 -38.04 -59.98 -18.27
N ILE B 1079 -39.12 -60.69 -18.57
CA ILE B 1079 -39.15 -61.53 -19.76
C ILE B 1079 -38.96 -60.65 -20.98
N ILE B 1080 -38.10 -61.09 -21.90
CA ILE B 1080 -37.79 -60.31 -23.09
C ILE B 1080 -38.94 -60.44 -24.08
N THR B 1081 -39.47 -59.31 -24.52
CA THR B 1081 -40.67 -59.31 -25.35
C THR B 1081 -40.62 -58.08 -26.26
N THR B 1082 -41.39 -58.15 -27.35
CA THR B 1082 -41.35 -57.08 -28.34
C THR B 1082 -41.66 -55.72 -27.72
N ASP B 1083 -42.42 -55.69 -26.62
CA ASP B 1083 -42.76 -54.43 -25.98
C ASP B 1083 -41.52 -53.70 -25.49
N ASN B 1084 -40.59 -54.43 -24.88
CA ASN B 1084 -39.39 -53.82 -24.29
C ASN B 1084 -38.19 -53.85 -25.22
N THR B 1085 -38.35 -54.33 -26.45
CA THR B 1085 -37.26 -54.36 -27.42
C THR B 1085 -37.70 -53.72 -28.72
N PHE B 1086 -36.73 -53.15 -29.43
CA PHE B 1086 -36.96 -52.57 -30.76
C PHE B 1086 -35.96 -53.16 -31.73
N VAL B 1087 -36.44 -53.58 -32.89
CA VAL B 1087 -35.63 -54.30 -33.87
C VAL B 1087 -35.01 -53.31 -34.84
N SER B 1088 -33.82 -53.66 -35.34
CA SER B 1088 -33.11 -52.79 -36.27
C SER B 1088 -32.07 -53.62 -37.02
N GLY B 1089 -32.24 -53.75 -38.33
CA GLY B 1089 -31.25 -54.40 -39.16
C GLY B 1089 -31.23 -55.91 -39.00
N SER B 1090 -30.15 -56.50 -39.50
CA SER B 1090 -29.94 -57.95 -39.46
C SER B 1090 -28.84 -58.29 -38.47
N CYS B 1091 -28.69 -59.59 -38.22
CA CYS B 1091 -27.74 -60.08 -37.22
C CYS B 1091 -26.29 -60.04 -37.70
N ASP B 1092 -26.06 -59.93 -39.01
CA ASP B 1092 -24.69 -59.96 -39.52
C ASP B 1092 -23.88 -58.79 -39.00
N VAL B 1093 -24.47 -57.60 -38.97
CA VAL B 1093 -23.72 -56.40 -38.59
C VAL B 1093 -23.31 -56.47 -37.12
N VAL B 1094 -24.22 -56.93 -36.25
CA VAL B 1094 -23.93 -56.95 -34.83
C VAL B 1094 -22.69 -57.78 -34.55
N ILE B 1095 -21.83 -57.28 -33.67
CA ILE B 1095 -20.55 -57.92 -33.41
C ILE B 1095 -20.73 -59.10 -32.46
N GLY B 1096 -21.19 -58.83 -31.24
CA GLY B 1096 -21.32 -59.85 -30.23
C GLY B 1096 -22.74 -60.31 -30.01
N ILE B 1097 -23.53 -60.39 -31.08
CA ILE B 1097 -24.93 -60.77 -30.94
C ILE B 1097 -25.03 -62.19 -30.37
N ILE B 1098 -26.09 -62.43 -29.61
CA ILE B 1098 -26.35 -63.72 -28.98
C ILE B 1098 -27.66 -64.26 -29.50
N ASN B 1099 -27.66 -65.54 -29.88
CA ASN B 1099 -28.89 -66.20 -30.30
C ASN B 1099 -29.82 -66.36 -29.10
N ASN B 1100 -31.09 -65.99 -29.28
CA ASN B 1100 -32.06 -66.08 -28.21
C ASN B 1100 -33.45 -65.96 -28.83
N THR B 1101 -34.46 -66.16 -28.00
CA THR B 1101 -35.85 -66.02 -28.41
C THR B 1101 -36.46 -64.77 -27.76
N VAL B 1102 -37.34 -64.11 -28.50
CA VAL B 1102 -38.04 -62.92 -28.03
C VAL B 1102 -39.53 -63.20 -28.11
N TYR B 1103 -40.19 -63.21 -26.96
CA TYR B 1103 -41.62 -63.44 -26.89
C TYR B 1103 -42.38 -62.25 -27.48
N ASP B 1104 -43.63 -62.49 -27.85
CA ASP B 1104 -44.51 -61.43 -28.33
C ASP B 1104 -45.81 -61.44 -27.53
N PRO B 1105 -46.29 -60.28 -27.09
CA PRO B 1105 -47.52 -60.27 -26.29
C PRO B 1105 -48.72 -60.84 -27.03
N LEU B 1106 -48.78 -60.65 -28.35
CA LEU B 1106 -49.90 -61.18 -29.12
C LEU B 1106 -49.93 -62.70 -29.13
N GLN B 1107 -48.83 -63.35 -28.75
CA GLN B 1107 -48.83 -64.80 -28.68
C GLN B 1107 -49.92 -65.36 -27.79
N PRO B 1108 -50.37 -64.66 -26.73
CA PRO B 1108 -51.48 -65.20 -25.93
C PRO B 1108 -52.73 -65.45 -26.74
N GLU B 1109 -53.02 -64.61 -27.74
CA GLU B 1109 -54.18 -64.81 -28.59
C GLU B 1109 -53.87 -65.83 -29.68
N LYS C 1 -15.75 66.92 25.65
CA LYS C 1 -15.40 66.08 26.84
C LYS C 1 -16.23 64.81 26.84
N CYS C 2 -15.96 63.92 27.80
CA CYS C 2 -16.69 62.67 27.92
C CYS C 2 -18.00 62.90 28.65
N LEU C 3 -19.11 62.64 27.97
CA LEU C 3 -20.44 62.83 28.52
C LEU C 3 -21.08 61.47 28.85
N ASP C 4 -21.86 61.43 29.91
CA ASP C 4 -22.51 60.21 30.38
C ASP C 4 -24.01 60.34 30.20
N PHE C 5 -24.64 59.28 29.69
CA PHE C 5 -26.09 59.23 29.60
C PHE C 5 -26.66 58.63 30.88
N ASP C 6 -27.56 59.38 31.52
CA ASP C 6 -28.13 58.98 32.80
C ASP C 6 -29.52 58.40 32.59
N ASP C 7 -29.91 57.49 33.47
CA ASP C 7 -31.23 56.87 33.44
C ASP C 7 -31.41 56.04 32.16
N ARG C 8 -30.40 55.23 31.86
CA ARG C 8 -30.43 54.34 30.70
C ARG C 8 -30.90 52.97 31.13
N THR C 9 -31.86 52.42 30.39
CA THR C 9 -32.33 51.07 30.68
C THR C 9 -31.19 50.09 30.42
N PRO C 10 -30.94 49.14 31.33
CA PRO C 10 -29.84 48.21 31.12
C PRO C 10 -30.07 47.38 29.86
N PRO C 11 -29.00 46.98 29.17
CA PRO C 11 -29.18 46.13 27.99
C PRO C 11 -29.91 44.84 28.34
N ALA C 12 -30.79 44.41 27.45
CA ALA C 12 -31.59 43.21 27.69
C ALA C 12 -30.86 41.93 27.31
N ASN C 13 -29.91 42.01 26.39
CA ASN C 13 -29.17 40.83 25.91
C ASN C 13 -30.13 39.77 25.39
N THR C 14 -31.09 40.21 24.57
CA THR C 14 -32.01 39.27 23.94
C THR C 14 -31.25 38.35 22.99
N GLN C 15 -31.74 37.12 22.87
CA GLN C 15 -31.07 36.08 22.11
C GLN C 15 -31.84 35.77 20.84
N PHE C 16 -31.10 35.59 19.74
CA PHE C 16 -31.65 35.18 18.46
C PHE C 16 -30.73 34.14 17.85
N LEU C 17 -31.12 33.64 16.67
CA LEU C 17 -30.34 32.64 15.96
C LEU C 17 -29.63 33.27 14.77
N SER C 18 -28.48 32.70 14.42
CA SER C 18 -27.65 33.22 13.34
C SER C 18 -28.01 32.67 11.97
N SER C 19 -28.83 31.61 11.90
CA SER C 19 -29.21 30.98 10.63
C SER C 19 -27.92 30.55 9.93
N HIS C 20 -27.72 30.88 8.65
CA HIS C 20 -26.55 30.45 7.89
C HIS C 20 -25.60 31.60 7.59
N ARG C 21 -25.53 32.60 8.47
CA ARG C 21 -24.74 33.78 8.23
C ARG C 21 -23.32 33.62 8.81
N GLY C 22 -22.41 34.45 8.32
CA GLY C 22 -21.06 34.53 8.83
C GLY C 22 -19.99 33.91 7.96
N VAL C 23 -20.37 33.22 6.87
CA VAL C 23 -19.37 32.59 6.02
C VAL C 23 -18.57 33.65 5.28
N TYR C 24 -17.25 33.47 5.23
CA TYR C 24 -16.37 34.35 4.50
C TYR C 24 -15.43 33.53 3.63
N TYR C 25 -14.66 34.22 2.79
CA TYR C 25 -13.75 33.54 1.87
C TYR C 25 -12.50 33.08 2.63
N PRO C 26 -12.20 31.78 2.66
CA PRO C 26 -11.09 31.32 3.51
C PRO C 26 -9.71 31.68 2.98
N ASP C 27 -9.56 31.96 1.69
CA ASP C 27 -8.25 32.29 1.12
C ASP C 27 -8.46 33.17 -0.10
N ASP C 28 -7.40 33.37 -0.87
CA ASP C 28 -7.40 34.27 -2.02
C ASP C 28 -7.33 33.51 -3.35
N ILE C 29 -7.63 32.21 -3.35
CA ILE C 29 -7.51 31.39 -4.54
C ILE C 29 -8.86 31.35 -5.26
N PHE C 30 -8.84 31.63 -6.55
CA PHE C 30 -10.07 31.55 -7.34
C PHE C 30 -10.47 30.10 -7.56
N ARG C 31 -11.73 29.78 -7.29
CA ARG C 31 -12.30 28.47 -7.55
C ARG C 31 -13.68 28.66 -8.14
N SER C 32 -14.14 27.69 -8.93
CA SER C 32 -15.43 27.80 -9.57
C SER C 32 -16.02 26.42 -9.78
N ASN C 33 -17.34 26.31 -9.60
CA ASN C 33 -18.06 25.06 -9.80
C ASN C 33 -17.43 23.93 -9.02
N VAL C 34 -17.25 24.13 -7.71
CA VAL C 34 -16.54 23.16 -6.89
C VAL C 34 -17.04 23.21 -5.45
N LEU C 35 -16.98 22.06 -4.78
CA LEU C 35 -17.24 21.96 -3.36
C LEU C 35 -15.91 21.82 -2.64
N HIS C 36 -15.65 22.71 -1.69
CA HIS C 36 -14.35 22.82 -1.03
C HIS C 36 -14.53 22.66 0.47
N LEU C 37 -13.82 21.69 1.05
CA LEU C 37 -13.89 21.42 2.47
C LEU C 37 -12.74 22.14 3.18
N VAL C 38 -13.07 22.90 4.23
CA VAL C 38 -12.09 23.74 4.90
C VAL C 38 -12.40 23.78 6.39
N GLN C 39 -11.37 23.67 7.21
CA GLN C 39 -11.48 23.76 8.66
C GLN C 39 -10.92 25.09 9.10
N ASP C 40 -11.71 25.86 9.85
CA ASP C 40 -11.29 27.19 10.28
C ASP C 40 -12.27 27.69 11.34
N HIS C 41 -12.07 28.92 11.78
CA HIS C 41 -12.93 29.55 12.78
C HIS C 41 -14.14 30.13 12.08
N PHE C 42 -15.27 29.42 12.16
CA PHE C 42 -16.51 29.84 11.54
C PHE C 42 -17.57 30.05 12.61
N LEU C 43 -18.60 30.81 12.26
CA LEU C 43 -19.76 30.94 13.13
C LEU C 43 -20.68 29.75 12.87
N PRO C 44 -20.86 28.84 13.83
CA PRO C 44 -21.70 27.66 13.56
C PRO C 44 -23.12 28.06 13.21
N PHE C 45 -23.72 27.30 12.30
CA PHE C 45 -25.07 27.60 11.84
C PHE C 45 -26.05 27.55 13.00
N ASP C 46 -26.97 28.52 13.04
CA ASP C 46 -28.01 28.58 14.05
C ASP C 46 -27.42 28.62 15.46
N SER C 47 -26.39 29.43 15.65
CA SER C 47 -25.83 29.67 16.96
C SER C 47 -26.52 30.87 17.61
N ASN C 48 -26.26 31.04 18.90
CA ASN C 48 -26.87 32.14 19.65
C ASN C 48 -26.16 33.45 19.34
N VAL C 49 -26.96 34.48 19.03
CA VAL C 49 -26.46 35.82 18.81
C VAL C 49 -27.18 36.76 19.77
N THR C 50 -26.42 37.65 20.40
CA THR C 50 -26.96 38.59 21.37
C THR C 50 -27.22 39.93 20.70
N ARG C 51 -28.42 40.47 20.91
CA ARG C 51 -28.85 41.72 20.31
C ARG C 51 -28.63 42.89 21.27
N PHE C 52 -28.25 44.03 20.70
CA PHE C 52 -28.12 45.29 21.42
C PHE C 52 -28.76 46.37 20.57
N ILE C 53 -29.60 47.20 21.18
CA ILE C 53 -30.42 48.13 20.42
C ILE C 53 -30.19 49.54 20.91
N THR C 54 -30.44 50.51 20.02
CA THR C 54 -30.56 51.92 20.36
C THR C 54 -31.96 52.35 19.97
N PHE C 55 -32.79 52.62 20.99
CA PHE C 55 -34.17 53.06 20.81
C PHE C 55 -34.71 53.52 22.15
N GLY C 56 -35.41 54.65 22.14
CA GLY C 56 -35.97 55.17 23.37
C GLY C 56 -34.88 55.44 24.39
N LEU C 57 -35.01 54.84 25.57
CA LEU C 57 -34.04 55.02 26.65
C LEU C 57 -32.88 54.05 26.57
N ASN C 58 -32.84 53.18 25.56
CA ASN C 58 -31.76 52.21 25.42
C ASN C 58 -30.63 52.80 24.60
N PHE C 59 -29.43 52.81 25.19
CA PHE C 59 -28.19 53.16 24.49
C PHE C 59 -27.21 52.06 24.83
N ASP C 60 -27.26 50.96 24.08
CA ASP C 60 -26.55 49.73 24.43
C ASP C 60 -25.16 49.75 23.80
N ASN C 61 -24.17 50.22 24.56
CA ASN C 61 -22.77 50.16 24.14
C ASN C 61 -21.89 49.60 25.26
N PRO C 62 -22.16 48.38 25.71
CA PRO C 62 -21.34 47.78 26.77
C PRO C 62 -20.04 47.21 26.20
N ILE C 63 -19.15 46.85 27.12
CA ILE C 63 -17.92 46.13 26.75
C ILE C 63 -18.29 44.66 26.59
N ILE C 64 -18.00 44.11 25.42
CA ILE C 64 -18.40 42.75 25.06
C ILE C 64 -17.12 41.95 24.84
N PRO C 65 -17.00 40.74 25.38
CA PRO C 65 -15.77 39.97 25.18
C PRO C 65 -15.58 39.57 23.73
N PHE C 66 -14.31 39.46 23.33
CA PHE C 66 -13.94 39.11 21.97
C PHE C 66 -13.84 37.59 21.77
N LYS C 67 -13.28 36.88 22.74
CA LYS C 67 -13.10 35.43 22.70
C LYS C 67 -12.19 35.10 21.51
N ASP C 68 -12.62 34.29 20.55
CA ASP C 68 -11.79 33.85 19.43
C ASP C 68 -12.28 34.46 18.12
N GLY C 69 -12.66 35.73 18.14
CA GLY C 69 -13.16 36.41 16.97
C GLY C 69 -14.69 36.39 16.93
N ILE C 70 -15.26 37.39 16.27
CA ILE C 70 -16.69 37.63 16.35
C ILE C 70 -17.30 37.86 14.97
N TYR C 71 -18.61 37.62 14.89
CA TYR C 71 -19.45 38.05 13.78
C TYR C 71 -20.37 39.14 14.29
N PHE C 72 -20.40 40.25 13.56
CA PHE C 72 -21.12 41.46 13.98
C PHE C 72 -22.06 41.88 12.86
N ALA C 73 -23.36 41.83 13.12
CA ALA C 73 -24.37 42.25 12.16
C ALA C 73 -25.02 43.54 12.65
N ALA C 74 -25.38 44.42 11.72
CA ALA C 74 -26.01 45.69 12.06
C ALA C 74 -27.20 45.90 11.15
N THR C 75 -28.39 45.98 11.74
CA THR C 75 -29.61 46.34 11.03
C THR C 75 -29.96 47.78 11.35
N GLU C 76 -29.98 48.62 10.32
CA GLU C 76 -30.20 50.04 10.55
C GLU C 76 -30.79 50.68 9.29
N LYS C 77 -31.23 51.92 9.46
CA LYS C 77 -31.77 52.72 8.36
C LYS C 77 -31.23 54.14 8.34
N SER C 78 -30.56 54.60 9.39
CA SER C 78 -30.04 55.96 9.45
C SER C 78 -28.55 56.01 9.82
N ASN C 79 -27.83 54.92 9.59
CA ASN C 79 -26.38 54.89 9.79
C ASN C 79 -26.01 55.27 11.22
N VAL C 80 -26.62 54.57 12.18
CA VAL C 80 -26.36 54.86 13.59
C VAL C 80 -25.03 54.26 14.04
N ILE C 81 -24.76 53.01 13.64
CA ILE C 81 -23.53 52.34 14.05
C ILE C 81 -22.39 52.83 13.17
N ARG C 82 -21.32 53.31 13.81
CA ARG C 82 -20.22 53.95 13.10
C ARG C 82 -18.90 53.20 13.19
N GLY C 83 -18.70 52.32 14.18
CA GLY C 83 -17.44 51.63 14.27
C GLY C 83 -17.31 50.85 15.57
N TRP C 84 -16.06 50.52 15.89
CA TRP C 84 -15.73 49.68 17.04
C TRP C 84 -14.42 50.14 17.66
N VAL C 85 -14.24 49.77 18.92
CA VAL C 85 -12.97 49.82 19.62
C VAL C 85 -12.62 48.41 20.06
N PHE C 86 -11.43 47.95 19.70
CA PHE C 86 -10.93 46.65 20.13
C PHE C 86 -9.73 46.85 21.05
N GLY C 87 -9.70 46.07 22.13
CA GLY C 87 -8.59 46.17 23.06
C GLY C 87 -8.67 45.06 24.08
N SER C 88 -7.87 45.21 25.15
CA SER C 88 -7.86 44.27 26.25
C SER C 88 -8.36 44.89 27.54
N THR C 89 -7.74 45.97 28.00
CA THR C 89 -8.16 46.66 29.22
C THR C 89 -9.12 47.81 28.95
N MET C 90 -9.30 48.19 27.69
CA MET C 90 -10.23 49.27 27.31
C MET C 90 -9.91 50.56 28.03
N ASN C 91 -8.63 50.83 28.27
CA ASN C 91 -8.18 52.08 28.84
C ASN C 91 -6.77 52.36 28.31
N ASN C 92 -6.13 53.40 28.81
CA ASN C 92 -4.83 53.83 28.32
C ASN C 92 -3.67 53.02 28.89
N LYS C 93 -3.94 51.87 29.50
CA LYS C 93 -2.87 51.01 29.99
C LYS C 93 -2.40 50.00 28.95
N SER C 94 -3.21 49.73 27.93
CA SER C 94 -2.86 48.80 26.87
C SER C 94 -3.21 49.42 25.52
N GLN C 95 -2.69 48.81 24.46
CA GLN C 95 -2.95 49.29 23.11
C GLN C 95 -4.36 48.91 22.68
N SER C 96 -5.02 49.83 21.99
CA SER C 96 -6.36 49.64 21.45
C SER C 96 -6.39 50.12 20.01
N VAL C 97 -7.35 49.62 19.25
CA VAL C 97 -7.54 50.03 17.86
C VAL C 97 -8.99 50.46 17.66
N ILE C 98 -9.18 51.65 17.11
CA ILE C 98 -10.49 52.19 16.79
C ILE C 98 -10.67 52.14 15.28
N ILE C 99 -11.79 51.59 14.83
CA ILE C 99 -12.17 51.55 13.42
C ILE C 99 -13.50 52.28 13.32
N MET C 100 -13.54 53.41 12.61
CA MET C 100 -14.75 54.23 12.63
C MET C 100 -14.92 55.02 11.35
N ASN C 101 -16.18 55.14 10.91
CA ASN C 101 -16.59 56.07 9.87
C ASN C 101 -17.01 57.37 10.54
N ASN C 102 -16.29 58.46 10.26
CA ASN C 102 -16.60 59.76 10.83
C ASN C 102 -17.37 60.65 9.86
N SER C 103 -18.19 60.05 8.99
CA SER C 103 -19.08 60.70 8.04
C SER C 103 -18.33 61.29 6.83
N THR C 104 -17.00 61.25 6.80
CA THR C 104 -16.25 61.67 5.63
C THR C 104 -15.06 60.78 5.31
N ASN C 105 -14.61 59.92 6.21
CA ASN C 105 -13.49 59.03 5.98
C ASN C 105 -13.63 57.81 6.87
N LEU C 106 -12.97 56.74 6.48
CA LEU C 106 -12.81 55.56 7.34
C LEU C 106 -11.45 55.69 8.02
N VAL C 107 -11.46 55.73 9.35
CA VAL C 107 -10.26 55.97 10.14
C VAL C 107 -9.99 54.74 10.99
N ILE C 108 -8.77 54.21 10.89
CA ILE C 108 -8.32 53.10 11.72
C ILE C 108 -7.06 53.58 12.44
N ARG C 109 -7.13 53.62 13.77
CA ARG C 109 -6.02 54.13 14.56
C ARG C 109 -5.76 53.19 15.74
N ALA C 110 -4.50 52.78 15.89
CA ALA C 110 -4.09 51.93 17.01
C ALA C 110 -3.14 52.72 17.89
N CYS C 111 -3.58 53.01 19.11
CA CYS C 111 -2.79 53.80 20.04
C CYS C 111 -3.16 53.41 21.46
N ASN C 112 -2.60 54.12 22.43
CA ASN C 112 -3.05 54.04 23.82
C ASN C 112 -4.15 55.07 23.99
N PHE C 113 -5.40 54.63 23.88
CA PHE C 113 -6.55 55.52 23.93
C PHE C 113 -7.10 55.61 25.35
N GLU C 114 -7.27 56.84 25.84
CA GLU C 114 -8.01 57.07 27.08
C GLU C 114 -9.50 57.08 26.75
N LEU C 115 -10.01 55.87 26.47
CA LEU C 115 -11.35 55.73 25.95
C LEU C 115 -12.39 56.29 26.90
N CYS C 116 -13.38 56.99 26.35
CA CYS C 116 -14.52 57.43 27.13
C CYS C 116 -15.42 56.24 27.45
N ASP C 117 -15.96 56.23 28.66
CA ASP C 117 -16.86 55.15 29.05
C ASP C 117 -18.12 55.13 28.18
N ASN C 118 -18.51 56.28 27.64
CA ASN C 118 -19.70 56.41 26.80
C ASN C 118 -19.31 57.16 25.53
N PRO C 119 -18.61 56.49 24.61
CA PRO C 119 -18.20 57.18 23.38
C PRO C 119 -19.27 57.12 22.30
N PHE C 120 -19.55 58.25 21.67
CA PHE C 120 -20.56 58.29 20.62
C PHE C 120 -20.34 59.51 19.73
N PHE C 121 -20.90 59.42 18.53
CA PHE C 121 -21.02 60.58 17.66
C PHE C 121 -22.34 61.30 17.95
N VAL C 122 -22.46 62.51 17.41
CA VAL C 122 -23.64 63.35 17.65
C VAL C 122 -24.17 63.83 16.32
N VAL C 123 -25.46 63.58 16.07
CA VAL C 123 -26.14 64.02 14.86
C VAL C 123 -27.40 64.78 15.27
N LEU C 124 -27.60 65.95 14.69
CA LEU C 124 -28.74 66.80 15.01
C LEU C 124 -29.88 66.52 14.03
N LYS C 125 -31.05 66.16 14.57
CA LYS C 125 -32.21 65.91 13.72
C LYS C 125 -32.67 67.17 12.98
N SER C 126 -32.32 68.35 13.50
CA SER C 126 -32.85 69.59 12.94
C SER C 126 -32.47 69.75 11.47
N ASN C 127 -31.19 69.53 11.16
CA ASN C 127 -30.73 69.65 9.77
C ASN C 127 -29.75 68.54 9.38
N ASN C 128 -29.76 67.41 10.08
CA ASN C 128 -28.93 66.26 9.74
C ASN C 128 -27.47 66.66 9.56
N THR C 129 -26.92 67.32 10.57
CA THR C 129 -25.52 67.71 10.60
C THR C 129 -24.87 67.08 11.82
N GLN C 130 -23.71 66.46 11.61
CA GLN C 130 -22.97 65.86 12.71
C GLN C 130 -22.15 66.92 13.41
N ILE C 131 -22.19 66.92 14.74
CA ILE C 131 -21.42 67.86 15.54
C ILE C 131 -20.19 67.14 16.07
N PRO C 132 -19.05 67.81 16.24
CA PRO C 132 -17.87 67.14 16.79
C PRO C 132 -18.18 66.53 18.14
N SER C 133 -17.72 65.30 18.34
CA SER C 133 -17.94 64.58 19.59
C SER C 133 -16.64 63.99 20.09
N TYR C 134 -16.70 63.15 21.12
CA TYR C 134 -15.52 62.55 21.72
C TYR C 134 -15.66 61.03 21.72
N ILE C 135 -14.68 60.36 21.12
CA ILE C 135 -14.53 58.92 21.25
C ILE C 135 -13.45 58.55 22.26
N PHE C 136 -12.44 59.40 22.43
CA PHE C 136 -11.37 59.17 23.39
C PHE C 136 -10.91 60.52 23.90
N ASN C 137 -10.24 60.50 25.06
CA ASN C 137 -9.75 61.73 25.65
C ASN C 137 -8.32 62.06 25.26
N ASN C 138 -7.51 61.05 24.94
CA ASN C 138 -6.10 61.28 24.64
C ASN C 138 -5.54 60.05 23.93
N ALA C 139 -4.35 60.21 23.36
CA ALA C 139 -3.64 59.13 22.68
C ALA C 139 -2.19 59.53 22.43
N PHE C 140 -1.23 58.65 22.76
CA PHE C 140 0.18 59.03 22.69
C PHE C 140 1.12 58.00 22.05
N ASN C 141 0.75 56.72 21.98
CA ASN C 141 1.67 55.69 21.49
C ASN C 141 1.15 55.03 20.22
N CYS C 142 0.69 55.84 19.27
CA CYS C 142 0.11 55.30 18.05
C CYS C 142 1.13 54.46 17.29
N THR C 143 0.71 53.24 16.91
CA THR C 143 1.55 52.34 16.14
C THR C 143 1.02 52.08 14.74
N PHE C 144 -0.25 52.36 14.48
CA PHE C 144 -0.85 52.14 13.17
C PHE C 144 -1.88 53.23 12.91
N GLU C 145 -1.86 53.77 11.69
CA GLU C 145 -2.78 54.84 11.32
C GLU C 145 -3.15 54.67 9.86
N TYR C 146 -4.45 54.77 9.56
CA TYR C 146 -4.92 54.63 8.19
C TYR C 146 -6.17 55.46 8.00
N VAL C 147 -6.19 56.25 6.93
CA VAL C 147 -7.35 57.07 6.57
C VAL C 147 -7.67 56.79 5.10
N SER C 148 -8.93 56.48 4.82
CA SER C 148 -9.35 56.10 3.48
C SER C 148 -9.68 57.36 2.65
N LYS C 149 -10.11 57.13 1.41
CA LYS C 149 -10.50 58.22 0.54
C LYS C 149 -11.76 58.90 1.06
N ASP C 150 -11.89 60.19 0.77
CA ASP C 150 -12.99 60.97 1.27
C ASP C 150 -14.31 60.54 0.63
N PHE C 151 -15.39 60.71 1.38
CA PHE C 151 -16.74 60.39 0.90
C PHE C 151 -17.72 61.28 1.67
N ASN C 152 -19.01 60.97 1.55
CA ASN C 152 -20.05 61.72 2.24
C ASN C 152 -21.09 60.74 2.75
N LEU C 153 -21.20 60.60 4.07
CA LEU C 153 -22.20 59.73 4.67
C LEU C 153 -23.54 60.46 4.77
N ASP C 154 -24.61 59.70 4.60
CA ASP C 154 -25.97 60.27 4.60
C ASP C 154 -26.49 60.29 6.02
N LEU C 155 -26.35 61.44 6.69
CA LEU C 155 -26.81 61.60 8.05
C LEU C 155 -28.28 61.98 8.08
N GLY C 156 -28.90 61.76 9.22
CA GLY C 156 -30.30 62.11 9.43
C GLY C 156 -31.15 60.88 9.66
N GLU C 157 -32.06 60.99 10.63
CA GLU C 157 -32.99 59.90 10.92
C GLU C 157 -33.91 59.66 9.74
N LYS C 158 -34.27 58.41 9.52
CA LYS C 158 -35.15 58.03 8.44
C LYS C 158 -36.28 57.15 8.98
N PRO C 159 -37.46 57.20 8.36
CA PRO C 159 -38.58 56.38 8.82
C PRO C 159 -38.61 55.01 8.14
N GLY C 160 -39.52 54.18 8.63
CA GLY C 160 -39.73 52.86 8.06
C GLY C 160 -38.94 51.78 8.76
N ASN C 161 -38.93 50.61 8.12
CA ASN C 161 -38.22 49.46 8.64
C ASN C 161 -36.73 49.60 8.43
N PHE C 162 -35.97 48.75 9.11
CA PHE C 162 -34.53 48.65 8.86
C PHE C 162 -34.30 48.22 7.42
N LYS C 163 -33.43 48.95 6.73
CA LYS C 163 -33.18 48.71 5.31
C LYS C 163 -31.82 48.12 5.02
N ASP C 164 -30.80 48.42 5.84
CA ASP C 164 -29.44 47.98 5.58
C ASP C 164 -29.01 46.95 6.62
N LEU C 165 -28.53 45.81 6.15
CA LEU C 165 -27.89 44.79 6.97
C LEU C 165 -26.41 44.77 6.60
N ARG C 166 -25.56 45.25 7.50
CA ARG C 166 -24.12 45.27 7.28
C ARG C 166 -23.49 44.22 8.19
N GLU C 167 -22.78 43.27 7.59
CA GLU C 167 -22.18 42.16 8.31
C GLU C 167 -20.67 42.27 8.29
N PHE C 168 -20.04 41.90 9.40
CA PHE C 168 -18.60 41.91 9.52
C PHE C 168 -18.15 40.66 10.27
N VAL C 169 -16.95 40.20 9.94
CA VAL C 169 -16.27 39.15 10.70
C VAL C 169 -14.91 39.69 11.10
N PHE C 170 -14.60 39.62 12.39
CA PHE C 170 -13.34 40.08 12.94
C PHE C 170 -12.60 38.90 13.54
N ARG C 171 -11.33 38.72 13.16
CA ARG C 171 -10.54 37.60 13.62
C ARG C 171 -9.11 38.03 13.85
N ASN C 172 -8.61 37.87 15.07
CA ASN C 172 -7.25 38.25 15.43
C ASN C 172 -6.37 37.00 15.41
N LYS C 173 -5.33 37.01 14.58
CA LYS C 173 -4.49 35.84 14.42
C LYS C 173 -3.12 36.24 13.90
N ASP C 174 -2.07 35.75 14.57
CA ASP C 174 -0.69 35.94 14.11
C ASP C 174 -0.38 37.41 13.88
N GLY C 175 -0.83 38.25 14.81
CA GLY C 175 -0.55 39.67 14.73
C GLY C 175 -1.34 40.42 13.68
N PHE C 176 -2.38 39.81 13.11
CA PHE C 176 -3.19 40.44 12.08
C PHE C 176 -4.65 40.42 12.51
N LEU C 177 -5.29 41.58 12.44
CA LEU C 177 -6.74 41.67 12.59
C LEU C 177 -7.36 41.56 11.19
N HIS C 178 -7.98 40.42 10.90
CA HIS C 178 -8.65 40.21 9.64
C HIS C 178 -10.09 40.70 9.76
N VAL C 179 -10.49 41.56 8.83
CA VAL C 179 -11.83 42.12 8.77
C VAL C 179 -12.43 41.76 7.42
N TYR C 180 -13.48 40.94 7.44
CA TYR C 180 -14.29 40.64 6.28
C TYR C 180 -15.63 41.36 6.41
N SER C 181 -16.20 41.78 5.29
CA SER C 181 -17.41 42.60 5.33
C SER C 181 -18.38 42.17 4.23
N GLY C 182 -19.63 42.60 4.41
CA GLY C 182 -20.67 42.35 3.43
C GLY C 182 -21.85 43.24 3.68
N TYR C 183 -22.62 43.48 2.62
CA TYR C 183 -23.81 44.32 2.69
C TYR C 183 -25.00 43.56 2.11
N GLN C 184 -26.19 43.89 2.62
CA GLN C 184 -27.41 43.29 2.13
C GLN C 184 -28.57 44.25 2.31
N PRO C 185 -29.44 44.40 1.30
CA PRO C 185 -30.68 45.17 1.50
C PRO C 185 -31.75 44.30 2.15
N ILE C 186 -32.40 44.83 3.19
CA ILE C 186 -33.43 44.12 3.92
C ILE C 186 -34.62 45.05 4.12
N SER C 187 -35.72 44.47 4.59
CA SER C 187 -36.93 45.23 4.94
C SER C 187 -37.52 44.68 6.23
N ALA C 188 -36.66 44.47 7.22
CA ALA C 188 -37.06 43.82 8.47
C ALA C 188 -37.36 44.87 9.53
N ALA C 189 -38.45 44.65 10.26
CA ALA C 189 -38.81 45.54 11.36
C ALA C 189 -37.92 45.30 12.59
N SER C 190 -37.60 44.04 12.88
CA SER C 190 -36.76 43.73 14.02
C SER C 190 -36.17 42.33 13.82
N GLY C 191 -35.18 42.01 14.63
CA GLY C 191 -34.52 40.72 14.58
C GLY C 191 -33.46 40.66 13.49
N LEU C 192 -32.75 39.53 13.46
CA LEU C 192 -31.70 39.30 12.48
C LEU C 192 -32.29 38.51 11.32
N PRO C 193 -32.37 39.08 10.12
CA PRO C 193 -32.96 38.34 8.99
C PRO C 193 -32.19 37.06 8.70
N THR C 194 -32.94 36.02 8.35
CA THR C 194 -32.34 34.75 7.96
C THR C 194 -31.83 34.83 6.53
N GLY C 195 -30.69 34.21 6.26
CA GLY C 195 -30.16 34.18 4.92
C GLY C 195 -28.70 33.79 4.92
N PHE C 196 -28.11 33.87 3.73
CA PHE C 196 -26.70 33.53 3.50
C PHE C 196 -26.06 34.65 2.70
N ASN C 197 -24.85 35.05 3.10
CA ASN C 197 -24.12 36.09 2.39
C ASN C 197 -22.64 35.93 2.69
N ALA C 198 -21.88 35.48 1.70
CA ALA C 198 -20.44 35.32 1.88
C ALA C 198 -19.77 36.67 2.04
N LEU C 199 -18.84 36.75 2.99
CA LEU C 199 -18.15 37.99 3.32
C LEU C 199 -16.78 38.00 2.65
N LYS C 200 -16.44 39.12 2.02
CA LYS C 200 -15.16 39.22 1.34
C LYS C 200 -14.13 39.89 2.22
N PRO C 201 -12.86 39.54 2.08
CA PRO C 201 -11.82 40.22 2.87
C PRO C 201 -11.68 41.67 2.44
N ILE C 202 -11.63 42.57 3.43
CA ILE C 202 -11.47 43.98 3.14
C ILE C 202 -10.26 44.55 3.88
N PHE C 203 -9.88 43.94 5.00
CA PHE C 203 -8.70 44.42 5.71
C PHE C 203 -7.95 43.26 6.35
N LYS C 204 -6.62 43.39 6.38
CA LYS C 204 -5.73 42.52 7.13
C LYS C 204 -4.75 43.46 7.84
N LEU C 205 -5.13 43.92 9.02
CA LEU C 205 -4.41 45.01 9.68
C LEU C 205 -3.25 44.44 10.49
N PRO C 206 -2.00 44.90 10.28
CA PRO C 206 -0.85 44.41 11.06
C PRO C 206 -0.73 45.10 12.42
N LEU C 207 -1.70 44.83 13.30
CA LEU C 207 -1.77 45.57 14.56
C LEU C 207 -0.88 44.95 15.62
N GLY C 208 -0.88 43.63 15.74
CA GLY C 208 -0.09 42.97 16.76
C GLY C 208 -0.55 43.33 18.16
N ILE C 209 -1.86 43.29 18.39
CA ILE C 209 -2.46 43.72 19.65
C ILE C 209 -3.20 42.56 20.29
N ASN C 210 -3.18 42.53 21.62
CA ASN C 210 -3.92 41.56 22.40
C ASN C 210 -5.37 42.05 22.53
N ILE C 211 -6.30 41.38 21.84
CA ILE C 211 -7.68 41.82 21.76
C ILE C 211 -8.54 40.80 22.50
N THR C 212 -9.20 41.25 23.56
CA THR C 212 -10.15 40.43 24.31
C THR C 212 -11.52 41.04 24.46
N ASN C 213 -11.67 42.36 24.34
CA ASN C 213 -12.93 43.03 24.53
C ASN C 213 -13.11 44.10 23.45
N PHE C 214 -14.35 44.45 23.17
CA PHE C 214 -14.65 45.51 22.22
C PHE C 214 -15.93 46.21 22.62
N ARG C 215 -16.10 47.43 22.11
CA ARG C 215 -17.30 48.22 22.34
C ARG C 215 -17.71 48.89 21.04
N THR C 216 -18.99 48.77 20.68
CA THR C 216 -19.48 49.39 19.47
C THR C 216 -19.57 50.90 19.62
N LEU C 217 -19.36 51.60 18.52
CA LEU C 217 -19.52 53.05 18.47
C LEU C 217 -20.83 53.38 17.77
N LEU C 218 -21.66 54.19 18.43
CA LEU C 218 -22.96 54.59 17.90
C LEU C 218 -23.03 56.11 17.88
N THR C 219 -24.15 56.63 17.40
CA THR C 219 -24.41 58.06 17.38
C THR C 219 -25.71 58.35 18.11
N ALA C 220 -25.70 59.39 18.94
CA ALA C 220 -26.86 59.86 19.67
C ALA C 220 -27.48 61.05 18.95
N PHE C 221 -28.76 61.29 19.23
CA PHE C 221 -29.55 62.33 18.59
C PHE C 221 -30.13 63.23 19.68
N PRO C 222 -29.37 64.22 20.15
CA PRO C 222 -29.85 65.07 21.23
C PRO C 222 -30.95 66.00 20.74
N PRO C 223 -32.14 65.94 21.33
CA PRO C 223 -33.19 66.88 20.94
C PRO C 223 -32.91 68.30 21.39
N ARG C 224 -32.22 68.48 22.51
CA ARG C 224 -31.87 69.77 23.06
C ARG C 224 -30.38 69.77 23.40
N PRO C 225 -29.77 70.96 23.49
CA PRO C 225 -28.31 71.02 23.68
C PRO C 225 -27.82 70.46 25.01
N ASP C 226 -28.74 70.00 25.86
CA ASP C 226 -28.37 69.43 27.16
C ASP C 226 -29.01 68.08 27.43
N TYR C 227 -29.76 67.53 26.48
CA TYR C 227 -30.44 66.26 26.66
C TYR C 227 -30.05 65.30 25.54
N TRP C 228 -30.10 64.01 25.84
CA TRP C 228 -29.68 62.97 24.91
C TRP C 228 -30.88 62.16 24.45
N GLY C 229 -30.87 61.80 23.16
CA GLY C 229 -31.89 60.95 22.58
C GLY C 229 -31.26 59.93 21.65
N THR C 230 -32.11 59.05 21.11
CA THR C 230 -31.63 57.96 20.29
C THR C 230 -32.55 57.76 19.09
N SER C 231 -31.98 57.22 18.03
CA SER C 231 -32.72 56.74 16.87
C SER C 231 -32.66 55.22 16.83
N ALA C 232 -33.61 54.62 16.10
CA ALA C 232 -33.72 53.17 16.07
C ALA C 232 -32.54 52.56 15.34
N ALA C 233 -31.91 51.57 15.95
CA ALA C 233 -30.90 50.76 15.29
C ALA C 233 -30.65 49.51 16.14
N ALA C 234 -30.13 48.46 15.50
CA ALA C 234 -29.82 47.25 16.25
C ALA C 234 -28.55 46.62 15.70
N TYR C 235 -27.84 45.92 16.58
CA TYR C 235 -26.71 45.11 16.15
C TYR C 235 -26.69 43.81 16.96
N PHE C 236 -26.03 42.81 16.39
CA PHE C 236 -26.03 41.46 16.91
C PHE C 236 -24.61 40.93 16.89
N VAL C 237 -24.25 40.20 17.95
CA VAL C 237 -22.90 39.68 18.12
C VAL C 237 -22.97 38.17 18.30
N GLY C 238 -22.12 37.44 17.56
CA GLY C 238 -21.95 36.01 17.75
C GLY C 238 -20.47 35.66 17.74
N TYR C 239 -20.18 34.44 18.17
CA TYR C 239 -18.81 34.02 18.43
C TYR C 239 -18.39 32.88 17.51
N LEU C 240 -17.17 32.99 16.98
CA LEU C 240 -16.62 31.98 16.09
C LEU C 240 -16.05 30.81 16.88
N LYS C 241 -16.13 29.62 16.28
CA LYS C 241 -15.55 28.41 16.83
C LYS C 241 -14.81 27.66 15.74
N PRO C 242 -13.79 26.88 16.11
CA PRO C 242 -13.11 26.04 15.10
C PRO C 242 -14.01 24.90 14.66
N THR C 243 -14.22 24.79 13.35
CA THR C 243 -15.13 23.79 12.80
C THR C 243 -14.83 23.63 11.32
N THR C 244 -15.42 22.57 10.75
CA THR C 244 -15.25 22.24 9.34
C THR C 244 -16.49 22.64 8.56
N PHE C 245 -16.28 23.33 7.44
CA PHE C 245 -17.35 23.77 6.57
C PHE C 245 -17.09 23.26 5.16
N MET C 246 -18.17 22.96 4.44
CA MET C 246 -18.10 22.64 3.02
C MET C 246 -18.71 23.81 2.26
N LEU C 247 -17.86 24.56 1.55
CA LEU C 247 -18.28 25.73 0.78
C LEU C 247 -18.57 25.34 -0.66
N LYS C 248 -19.47 26.09 -1.30
CA LYS C 248 -19.87 25.85 -2.67
C LYS C 248 -19.48 27.06 -3.52
N TYR C 249 -18.65 26.83 -4.54
CA TYR C 249 -18.26 27.86 -5.49
C TYR C 249 -19.03 27.63 -6.78
N ASP C 250 -19.73 28.67 -7.24
CA ASP C 250 -20.57 28.59 -8.43
C ASP C 250 -19.76 28.97 -9.67
N GLU C 251 -20.46 29.19 -10.79
CA GLU C 251 -19.77 29.40 -12.06
C GLU C 251 -18.87 30.62 -12.02
N ASN C 252 -19.33 31.71 -11.40
CA ASN C 252 -18.54 32.93 -11.34
C ASN C 252 -17.47 32.90 -10.25
N GLY C 253 -17.41 31.83 -9.47
CA GLY C 253 -16.43 31.75 -8.41
C GLY C 253 -16.83 32.45 -7.12
N THR C 254 -18.14 32.62 -6.89
CA THR C 254 -18.63 33.21 -5.66
C THR C 254 -19.18 32.12 -4.75
N ILE C 255 -18.94 32.27 -3.45
CA ILE C 255 -19.48 31.34 -2.47
C ILE C 255 -20.98 31.62 -2.35
N THR C 256 -21.81 30.65 -2.76
CA THR C 256 -23.25 30.80 -2.74
C THR C 256 -23.93 29.93 -1.68
N ASP C 257 -23.23 28.98 -1.08
CA ASP C 257 -23.84 28.12 -0.08
C ASP C 257 -22.73 27.44 0.71
N ALA C 258 -23.11 26.92 1.89
CA ALA C 258 -22.18 26.20 2.73
C ALA C 258 -22.93 25.21 3.60
N VAL C 259 -22.21 24.21 4.07
CA VAL C 259 -22.73 23.21 5.01
C VAL C 259 -21.82 23.20 6.22
N ASP C 260 -22.42 23.28 7.40
CA ASP C 260 -21.70 23.20 8.67
C ASP C 260 -21.66 21.76 9.12
N CYS C 261 -20.49 21.13 9.05
CA CYS C 261 -20.38 19.69 9.22
C CYS C 261 -20.77 19.23 10.61
N SER C 262 -20.74 20.11 11.61
CA SER C 262 -20.99 19.73 13.00
C SER C 262 -22.40 20.06 13.48
N GLN C 263 -23.28 20.55 12.59
CA GLN C 263 -24.60 20.97 13.04
C GLN C 263 -25.44 19.78 13.50
N ASN C 264 -25.48 18.72 12.70
CA ASN C 264 -26.31 17.56 12.99
C ASN C 264 -25.82 16.39 12.15
N PRO C 265 -26.30 15.18 12.43
CA PRO C 265 -25.82 14.02 11.65
C PRO C 265 -26.00 14.17 10.14
N LEU C 266 -27.08 14.80 9.68
CA LEU C 266 -27.27 14.97 8.24
C LEU C 266 -26.17 15.84 7.65
N ALA C 267 -25.80 16.90 8.35
CA ALA C 267 -24.72 17.76 7.86
C ALA C 267 -23.40 17.01 7.82
N GLU C 268 -23.14 16.18 8.84
CA GLU C 268 -21.93 15.37 8.83
C GLU C 268 -21.91 14.43 7.64
N LEU C 269 -23.05 13.80 7.34
CA LEU C 269 -23.12 12.91 6.18
C LEU C 269 -22.87 13.69 4.89
N LYS C 270 -23.47 14.89 4.77
CA LYS C 270 -23.24 15.70 3.58
C LYS C 270 -21.77 16.05 3.42
N CYS C 271 -21.10 16.42 4.51
CA CYS C 271 -19.68 16.74 4.44
C CYS C 271 -18.85 15.53 4.08
N SER C 272 -19.24 14.35 4.59
CA SER C 272 -18.47 13.14 4.30
C SER C 272 -18.61 12.75 2.83
N VAL C 273 -19.82 12.80 2.28
CA VAL C 273 -20.01 12.42 0.88
C VAL C 273 -19.65 13.54 -0.08
N LYS C 274 -19.42 14.75 0.41
CA LYS C 274 -19.03 15.89 -0.42
C LYS C 274 -20.10 16.20 -1.47
N SER C 275 -21.34 16.35 -1.01
CA SER C 275 -22.43 16.74 -1.89
C SER C 275 -23.56 17.31 -1.05
N PHE C 276 -24.24 18.32 -1.61
CA PHE C 276 -25.39 18.91 -0.94
C PHE C 276 -26.65 18.07 -1.08
N GLU C 277 -26.67 17.09 -1.99
CA GLU C 277 -27.82 16.23 -2.21
C GLU C 277 -27.49 14.81 -1.80
N ILE C 278 -28.31 14.25 -0.91
CA ILE C 278 -28.18 12.88 -0.45
C ILE C 278 -29.37 12.08 -0.95
N ASP C 279 -29.11 10.87 -1.42
CA ASP C 279 -30.18 10.00 -1.88
C ASP C 279 -30.85 9.30 -0.70
N LYS C 280 -32.01 8.71 -0.97
CA LYS C 280 -32.73 7.97 0.05
C LYS C 280 -31.96 6.73 0.48
N GLY C 281 -31.89 6.50 1.77
CA GLY C 281 -31.27 5.29 2.29
C GLY C 281 -30.76 5.52 3.70
N ILE C 282 -29.88 4.60 4.12
CA ILE C 282 -29.28 4.61 5.44
C ILE C 282 -27.76 4.65 5.26
N TYR C 283 -27.10 5.54 6.01
CA TYR C 283 -25.69 5.81 5.85
C TYR C 283 -24.99 5.74 7.19
N GLN C 284 -23.84 5.07 7.24
CA GLN C 284 -23.01 5.10 8.44
C GLN C 284 -22.36 6.46 8.57
N THR C 285 -22.38 7.00 9.78
CA THR C 285 -21.74 8.27 10.09
C THR C 285 -20.70 8.04 11.20
N SER C 286 -20.13 9.12 11.70
CA SER C 286 -19.13 9.01 12.75
C SER C 286 -19.73 8.36 13.99
N ASN C 287 -18.89 7.60 14.68
CA ASN C 287 -19.29 7.03 15.97
C ASN C 287 -19.62 8.16 16.94
N PHE C 288 -20.52 7.87 17.87
CA PHE C 288 -20.98 8.90 18.79
C PHE C 288 -19.80 9.52 19.53
N ARG C 289 -19.58 10.81 19.31
CA ARG C 289 -18.46 11.53 19.89
C ARG C 289 -18.93 12.38 21.06
N VAL C 290 -18.11 12.46 22.10
CA VAL C 290 -18.38 13.28 23.27
C VAL C 290 -17.21 14.23 23.45
N ALA C 291 -17.51 15.52 23.59
CA ALA C 291 -16.46 16.50 23.77
C ALA C 291 -16.20 16.75 25.25
N PRO C 292 -14.95 16.79 25.68
CA PRO C 292 -14.67 17.05 27.10
C PRO C 292 -15.12 18.44 27.51
N SER C 293 -15.58 18.55 28.76
CA SER C 293 -16.03 19.83 29.31
C SER C 293 -15.17 20.34 30.45
N LYS C 294 -14.38 19.48 31.09
CA LYS C 294 -13.59 19.86 32.25
C LYS C 294 -12.15 19.40 32.08
N GLU C 295 -11.27 19.98 32.88
CA GLU C 295 -9.84 19.74 32.84
C GLU C 295 -9.37 19.20 34.17
N VAL C 296 -8.64 18.09 34.15
CA VAL C 296 -8.06 17.47 35.32
C VAL C 296 -6.54 17.49 35.19
N VAL C 297 -5.86 18.01 36.20
CA VAL C 297 -4.40 18.06 36.22
C VAL C 297 -3.94 17.45 37.54
N ARG C 298 -3.10 16.42 37.45
CA ARG C 298 -2.67 15.69 38.65
C ARG C 298 -1.15 15.54 38.62
N PHE C 299 -0.48 16.38 39.40
CA PHE C 299 0.95 16.29 39.68
C PHE C 299 1.16 15.91 41.15
N PRO C 300 2.32 15.36 41.50
CA PRO C 300 2.55 14.96 42.89
C PRO C 300 2.78 16.17 43.78
N ASN C 301 2.68 15.94 45.08
CA ASN C 301 2.92 16.98 46.07
C ASN C 301 4.39 17.37 46.03
N ILE C 302 4.68 18.52 45.44
CA ILE C 302 6.03 19.07 45.40
C ILE C 302 5.97 20.51 45.88
N THR C 303 6.86 20.85 46.81
CA THR C 303 6.87 22.18 47.42
C THR C 303 8.14 22.97 47.15
N ASN C 304 9.30 22.32 47.08
CA ASN C 304 10.56 23.01 46.95
C ASN C 304 10.89 23.29 45.48
N LEU C 305 11.53 24.42 45.24
CA LEU C 305 12.09 24.71 43.93
C LEU C 305 13.33 23.85 43.69
N CYS C 306 13.55 23.47 42.44
CA CYS C 306 14.71 22.68 42.11
C CYS C 306 15.98 23.48 42.38
N PRO C 307 17.10 22.81 42.65
CA PRO C 307 18.32 23.53 43.09
C PRO C 307 19.06 24.19 41.93
N PHE C 308 18.36 25.08 41.22
CA PHE C 308 18.98 25.78 40.11
C PHE C 308 20.23 26.52 40.55
N GLY C 309 20.20 27.13 41.74
CA GLY C 309 21.37 27.84 42.23
C GLY C 309 22.53 26.92 42.53
N GLU C 310 22.24 25.73 43.07
CA GLU C 310 23.32 24.81 43.41
C GLU C 310 23.97 24.23 42.16
N VAL C 311 23.22 24.07 41.08
CA VAL C 311 23.75 23.46 39.86
C VAL C 311 24.37 24.52 38.97
N PHE C 312 23.56 25.46 38.49
CA PHE C 312 24.04 26.43 37.51
C PHE C 312 24.88 27.53 38.13
N ASN C 313 24.82 27.71 39.44
CA ASN C 313 25.56 28.76 40.12
C ASN C 313 26.55 28.18 41.13
N ALA C 314 27.03 26.97 40.88
CA ALA C 314 28.02 26.35 41.75
C ALA C 314 29.32 27.11 41.73
N THR C 315 30.04 27.07 42.85
CA THR C 315 31.29 27.83 42.96
C THR C 315 32.39 27.24 42.09
N THR C 316 32.41 25.92 41.92
CA THR C 316 33.44 25.25 41.13
C THR C 316 32.80 24.23 40.20
N PHE C 317 33.49 23.96 39.09
CA PHE C 317 33.05 22.97 38.12
C PHE C 317 34.17 21.98 37.88
N PRO C 318 33.84 20.73 37.55
CA PRO C 318 34.88 19.72 37.35
C PRO C 318 35.60 19.88 36.02
N SER C 319 36.63 19.06 35.83
CA SER C 319 37.25 18.90 34.52
C SER C 319 36.45 17.90 33.70
N VAL C 320 36.52 18.06 32.37
CA VAL C 320 35.65 17.29 31.49
C VAL C 320 35.96 15.80 31.59
N TYR C 321 37.22 15.44 31.84
CA TYR C 321 37.55 14.03 31.99
C TYR C 321 37.00 13.46 33.30
N ALA C 322 36.90 14.29 34.33
CA ALA C 322 36.39 13.89 35.64
C ALA C 322 35.01 14.51 35.90
N TRP C 323 34.17 14.56 34.88
CA TRP C 323 32.87 15.20 35.01
C TRP C 323 32.05 14.52 36.10
N GLU C 324 31.34 15.32 36.89
CA GLU C 324 30.58 14.83 38.03
C GLU C 324 29.09 14.84 37.71
N ARG C 325 28.39 13.83 38.21
CA ARG C 325 26.96 13.67 38.04
C ARG C 325 26.24 13.96 39.35
N LYS C 326 25.02 14.50 39.25
CA LYS C 326 24.25 14.89 40.41
C LYS C 326 22.79 14.53 40.20
N ARG C 327 22.18 13.89 41.19
CA ARG C 327 20.78 13.50 41.10
C ARG C 327 19.88 14.64 41.58
N ILE C 328 18.74 14.80 40.91
CA ILE C 328 17.78 15.85 41.22
C ILE C 328 16.40 15.19 41.34
N SER C 329 15.71 15.45 42.45
CA SER C 329 14.42 14.83 42.69
C SER C 329 13.61 15.67 43.64
N ASN C 330 12.29 15.49 43.59
CA ASN C 330 11.35 16.13 44.52
C ASN C 330 11.48 17.65 44.46
N CYS C 331 11.18 18.22 43.30
CA CYS C 331 11.25 19.67 43.15
C CYS C 331 10.45 20.12 41.93
N VAL C 332 10.33 21.45 41.82
CA VAL C 332 9.60 22.09 40.74
C VAL C 332 10.62 22.74 39.81
N ALA C 333 10.62 22.30 38.56
CA ALA C 333 11.51 22.84 37.53
C ALA C 333 10.87 24.10 36.93
N ASP C 334 10.86 25.16 37.73
CA ASP C 334 10.39 26.47 37.28
C ASP C 334 11.62 27.25 36.80
N TYR C 335 12.06 26.92 35.58
CA TYR C 335 13.32 27.45 35.08
C TYR C 335 13.24 28.93 34.75
N SER C 336 12.06 29.54 34.78
CA SER C 336 11.96 30.97 34.51
C SER C 336 12.79 31.79 35.49
N VAL C 337 13.05 31.27 36.69
CA VAL C 337 13.91 31.98 37.62
C VAL C 337 15.29 32.21 37.01
N LEU C 338 15.79 31.20 36.29
CA LEU C 338 17.09 31.34 35.64
C LEU C 338 17.14 32.55 34.72
N TYR C 339 15.99 33.01 34.23
CA TYR C 339 15.97 34.16 33.34
C TYR C 339 16.70 35.34 33.97
N ASN C 340 16.59 35.49 35.28
CA ASN C 340 17.16 36.67 35.93
C ASN C 340 18.65 36.57 36.20
N SER C 341 19.24 35.38 36.12
CA SER C 341 20.61 35.18 36.57
C SER C 341 21.53 34.61 35.52
N THR C 342 21.04 33.77 34.62
CA THR C 342 21.89 33.03 33.70
C THR C 342 21.54 33.35 32.25
N SER C 343 22.57 33.61 31.45
CA SER C 343 22.45 33.77 30.02
C SER C 343 23.22 32.66 29.32
N PHE C 344 22.54 31.92 28.45
CA PHE C 344 23.08 30.70 27.88
C PHE C 344 23.44 30.91 26.41
N SER C 345 24.71 30.75 26.08
CA SER C 345 25.14 30.81 24.69
C SER C 345 24.56 29.66 23.89
N THR C 346 24.52 28.46 24.47
CA THR C 346 24.01 27.27 23.80
C THR C 346 22.90 26.66 24.65
N PHE C 347 21.77 26.36 24.02
CA PHE C 347 20.69 25.63 24.67
C PHE C 347 20.02 24.76 23.63
N LYS C 348 20.21 23.45 23.72
CA LYS C 348 19.68 22.53 22.73
C LYS C 348 19.06 21.33 23.44
N CYS C 349 17.85 20.97 23.04
CA CYS C 349 17.12 19.89 23.69
C CYS C 349 16.82 18.77 22.70
N TYR C 350 17.01 17.54 23.15
CA TYR C 350 16.81 16.35 22.35
C TYR C 350 15.75 15.47 22.99
N GLY C 351 14.85 14.94 22.16
CA GLY C 351 13.78 14.11 22.63
C GLY C 351 12.58 14.85 23.18
N VAL C 352 12.64 16.18 23.24
CA VAL C 352 11.56 16.99 23.80
C VAL C 352 11.67 18.38 23.22
N SER C 353 10.52 19.04 23.06
CA SER C 353 10.48 20.40 22.55
C SER C 353 10.59 21.39 23.70
N ALA C 354 11.36 22.47 23.47
CA ALA C 354 11.63 23.43 24.53
C ALA C 354 10.36 24.06 25.06
N THR C 355 9.33 24.20 24.23
CA THR C 355 8.11 24.88 24.64
C THR C 355 7.18 24.01 25.47
N LYS C 356 7.48 22.71 25.60
CA LYS C 356 6.65 21.80 26.39
C LYS C 356 7.23 21.53 27.78
N LEU C 357 8.43 22.03 28.08
CA LEU C 357 9.08 21.70 29.34
C LEU C 357 8.23 22.09 30.54
N ASN C 358 7.47 23.18 30.43
CA ASN C 358 6.67 23.65 31.55
C ASN C 358 5.48 22.76 31.87
N ASP C 359 5.12 21.83 30.98
CA ASP C 359 3.92 21.02 31.14
C ASP C 359 4.24 19.56 31.41
N LEU C 360 5.46 19.23 31.82
CA LEU C 360 5.91 17.86 31.95
C LEU C 360 6.43 17.58 33.35
N CYS C 361 6.53 16.29 33.67
CA CYS C 361 7.22 15.79 34.84
C CYS C 361 8.32 14.84 34.38
N PHE C 362 9.48 14.93 35.04
CA PHE C 362 10.70 14.28 34.56
C PHE C 362 11.12 13.17 35.52
N SER C 363 11.48 12.02 34.94
CA SER C 363 11.94 10.86 35.70
C SER C 363 13.45 10.73 35.60
N ASN C 364 14.08 10.31 36.69
CA ASN C 364 15.50 9.97 36.72
C ASN C 364 16.35 11.10 36.17
N VAL C 365 16.23 12.25 36.80
CA VAL C 365 16.89 13.47 36.34
C VAL C 365 18.31 13.50 36.88
N TYR C 366 19.28 13.71 36.00
CA TYR C 366 20.67 13.89 36.38
C TYR C 366 21.25 15.10 35.67
N ALA C 367 22.16 15.78 36.35
CA ALA C 367 22.84 16.95 35.81
C ALA C 367 24.34 16.69 35.84
N ASP C 368 24.95 16.59 34.65
CA ASP C 368 26.38 16.45 34.51
C ASP C 368 26.98 17.82 34.22
N SER C 369 28.05 18.16 34.92
CA SER C 369 28.62 19.50 34.85
C SER C 369 30.12 19.41 34.55
N PHE C 370 30.60 20.29 33.67
CA PHE C 370 32.03 20.36 33.41
C PHE C 370 32.35 21.64 32.65
N VAL C 371 33.63 21.81 32.31
CA VAL C 371 34.13 22.98 31.60
C VAL C 371 34.91 22.52 30.39
N VAL C 372 34.76 23.25 29.27
CA VAL C 372 35.48 22.95 28.04
C VAL C 372 35.91 24.24 27.37
N LYS C 373 36.60 24.12 26.24
CA LYS C 373 36.91 25.24 25.37
C LYS C 373 35.69 25.63 24.54
N GLY C 374 35.68 26.88 24.10
CA GLY C 374 34.61 27.32 23.22
C GLY C 374 34.53 26.48 21.96
N ASP C 375 35.67 26.23 21.32
CA ASP C 375 35.69 25.40 20.13
C ASP C 375 35.17 23.99 20.42
N ASP C 376 35.33 23.51 21.65
CA ASP C 376 34.94 22.15 21.99
C ASP C 376 33.47 22.01 22.35
N VAL C 377 32.74 23.12 22.57
CA VAL C 377 31.35 23.03 22.98
C VAL C 377 30.53 22.30 21.93
N ARG C 378 30.83 22.54 20.65
CA ARG C 378 30.12 21.85 19.59
C ARG C 378 30.23 20.34 19.71
N GLN C 379 31.27 19.85 20.38
CA GLN C 379 31.46 18.41 20.52
C GLN C 379 30.52 17.79 21.54
N ILE C 380 29.88 18.60 22.39
CA ILE C 380 28.95 18.07 23.38
C ILE C 380 27.59 17.91 22.71
N ALA C 381 27.41 16.81 21.99
CA ALA C 381 26.22 16.53 21.21
C ALA C 381 26.32 15.13 20.65
N PRO C 382 25.22 14.43 20.45
CA PRO C 382 25.31 13.07 19.92
C PRO C 382 25.93 13.03 18.54
N GLY C 383 26.69 11.96 18.28
CA GLY C 383 27.26 11.72 16.98
C GLY C 383 28.50 12.52 16.66
N GLN C 384 29.07 13.24 17.63
CA GLN C 384 30.25 14.04 17.37
C GLN C 384 31.52 13.20 17.48
N THR C 385 32.59 13.72 16.88
CA THR C 385 33.91 13.14 16.99
C THR C 385 34.90 14.23 17.37
N GLY C 386 36.02 13.82 17.95
CA GLY C 386 37.01 14.75 18.43
C GLY C 386 37.58 14.31 19.76
N VAL C 387 38.53 15.08 20.30
CA VAL C 387 39.20 14.65 21.53
C VAL C 387 38.21 14.53 22.68
N ILE C 388 37.32 15.51 22.82
CA ILE C 388 36.37 15.49 23.94
C ILE C 388 35.37 14.36 23.77
N ALA C 389 34.73 14.27 22.61
CA ALA C 389 33.71 13.26 22.40
C ALA C 389 34.30 11.86 22.32
N ASP C 390 35.60 11.73 22.07
CA ASP C 390 36.22 10.41 21.98
C ASP C 390 36.75 9.94 23.33
N TYR C 391 37.46 10.79 24.06
CA TYR C 391 38.21 10.37 25.22
C TYR C 391 37.70 10.92 26.54
N ASN C 392 36.81 11.92 26.53
CA ASN C 392 36.42 12.60 27.75
C ASN C 392 34.96 12.46 28.10
N TYR C 393 34.04 12.78 27.19
CA TYR C 393 32.62 12.80 27.51
C TYR C 393 31.83 12.47 26.25
N LYS C 394 31.09 11.37 26.28
CA LYS C 394 30.34 10.88 25.14
C LYS C 394 28.86 10.87 25.46
N LEU C 395 28.05 11.40 24.54
CA LEU C 395 26.60 11.36 24.69
C LEU C 395 26.01 10.20 23.91
N PRO C 396 24.94 9.57 24.37
CA PRO C 396 24.32 8.49 23.61
C PRO C 396 23.69 8.99 22.32
N ASP C 397 23.54 8.08 21.37
CA ASP C 397 22.87 8.42 20.12
C ASP C 397 21.40 8.75 20.35
N ASP C 398 20.77 8.12 21.32
CA ASP C 398 19.36 8.34 21.64
C ASP C 398 19.20 9.23 22.87
N PHE C 399 20.08 10.21 23.02
CA PHE C 399 20.05 11.09 24.18
C PHE C 399 18.70 11.79 24.31
N THR C 400 18.16 11.79 25.52
CA THR C 400 16.97 12.57 25.86
C THR C 400 17.36 13.53 26.96
N GLY C 401 17.20 14.81 26.72
CA GLY C 401 17.61 15.79 27.69
C GLY C 401 17.92 17.11 27.02
N CYS C 402 18.83 17.86 27.64
CA CYS C 402 19.18 19.18 27.15
C CYS C 402 20.63 19.49 27.49
N VAL C 403 21.26 20.23 26.58
CA VAL C 403 22.63 20.71 26.74
C VAL C 403 22.57 22.21 26.89
N LEU C 404 23.12 22.72 27.98
CA LEU C 404 23.26 24.15 28.22
C LEU C 404 24.73 24.48 28.35
N ALA C 405 25.16 25.52 27.64
CA ALA C 405 26.54 25.97 27.75
C ALA C 405 26.54 27.50 27.81
N TRP C 406 27.39 28.05 28.67
CA TRP C 406 27.53 29.49 28.74
C TRP C 406 28.98 29.87 28.97
N ASN C 407 29.37 30.97 28.34
CA ASN C 407 30.72 31.48 28.44
C ASN C 407 31.03 31.87 29.88
N THR C 408 32.21 31.48 30.35
CA THR C 408 32.60 31.68 31.73
C THR C 408 33.98 32.34 31.81
N ARG C 409 34.27 33.22 30.85
CA ARG C 409 35.60 33.81 30.75
C ARG C 409 35.95 34.63 31.99
N ASN C 410 34.97 35.35 32.54
CA ASN C 410 35.27 36.31 33.60
C ASN C 410 35.77 35.62 34.87
N ILE C 411 35.22 34.44 35.18
CA ILE C 411 35.59 33.76 36.42
C ILE C 411 36.50 32.56 36.19
N ASP C 412 36.43 31.90 35.03
CA ASP C 412 37.22 30.70 34.78
C ASP C 412 38.53 30.99 34.05
N ALA C 413 38.82 32.24 33.72
CA ALA C 413 40.05 32.60 33.03
C ALA C 413 40.76 33.72 33.78
N THR C 414 42.08 33.75 33.65
CA THR C 414 42.91 34.70 34.38
C THR C 414 43.91 35.36 33.44
N GLN C 415 44.41 36.52 33.85
CA GLN C 415 45.44 37.18 33.08
C GLN C 415 46.71 36.34 33.01
N THR C 416 47.03 35.65 34.10
CA THR C 416 48.19 34.77 34.15
C THR C 416 47.96 33.44 33.46
N GLY C 417 46.70 33.04 33.25
CA GLY C 417 46.39 31.76 32.65
C GLY C 417 46.07 30.70 33.68
N ASN C 418 44.83 30.19 33.64
CA ASN C 418 44.36 29.20 34.60
C ASN C 418 44.45 27.82 33.97
N TYR C 419 45.22 26.93 34.58
CA TYR C 419 45.50 25.60 34.05
C TYR C 419 44.86 24.49 34.87
N ASN C 420 43.81 24.80 35.63
CA ASN C 420 43.22 23.80 36.52
C ASN C 420 42.38 22.77 35.77
N TYR C 421 41.81 23.15 34.64
CA TYR C 421 40.92 22.26 33.90
C TYR C 421 41.72 21.41 32.92
N LYS C 422 41.29 20.16 32.74
CA LYS C 422 42.07 19.18 32.01
C LYS C 422 41.17 18.35 31.10
N TYR C 423 41.79 17.73 30.10
CA TYR C 423 41.11 16.81 29.21
C TYR C 423 42.10 15.73 28.78
N ARG C 424 41.58 14.52 28.56
CA ARG C 424 42.41 13.40 28.17
C ARG C 424 42.66 13.45 26.68
N SER C 425 43.93 13.53 26.28
CA SER C 425 44.28 13.67 24.87
C SER C 425 44.72 12.37 24.21
N LEU C 426 45.01 11.33 24.97
CA LEU C 426 45.42 10.04 24.42
C LEU C 426 44.67 8.92 25.14
N ARG C 427 44.28 7.91 24.38
CA ARG C 427 43.57 6.77 24.96
C ARG C 427 43.51 5.65 23.93
N HIS C 428 43.60 4.41 24.42
CA HIS C 428 43.45 3.23 23.58
C HIS C 428 41.97 2.93 23.44
N GLY C 429 41.36 3.49 22.40
CA GLY C 429 39.95 3.30 22.16
C GLY C 429 39.11 4.44 22.72
N LYS C 430 37.87 4.51 22.24
CA LYS C 430 36.97 5.61 22.58
C LYS C 430 36.07 5.22 23.75
N LEU C 431 35.63 6.24 24.50
CA LEU C 431 34.76 6.01 25.64
C LEU C 431 33.37 5.58 25.19
N ARG C 432 32.70 4.83 26.06
CA ARG C 432 31.30 4.51 25.86
C ARG C 432 30.42 5.65 26.38
N PRO C 433 29.16 5.71 25.96
CA PRO C 433 28.31 6.84 26.36
C PRO C 433 28.17 6.96 27.87
N PHE C 434 28.25 8.20 28.34
CA PHE C 434 28.07 8.56 29.76
C PHE C 434 29.03 7.80 30.68
N GLU C 435 30.12 7.27 30.14
CA GLU C 435 31.14 6.61 30.94
C GLU C 435 32.27 7.57 31.22
N ARG C 436 32.99 7.29 32.31
CA ARG C 436 34.04 8.16 32.80
C ARG C 436 35.33 7.37 32.96
N ASP C 437 36.46 8.07 32.79
CA ASP C 437 37.78 7.48 32.95
C ASP C 437 38.67 8.51 33.62
N ILE C 438 38.93 8.31 34.91
CA ILE C 438 39.77 9.23 35.69
C ILE C 438 41.12 8.62 36.00
N SER C 439 41.49 7.52 35.34
CA SER C 439 42.81 6.94 35.53
C SER C 439 43.87 7.83 34.88
N ASN C 440 45.05 7.86 35.49
CA ASN C 440 46.19 8.62 34.98
C ASN C 440 47.40 7.68 34.97
N VAL C 441 47.55 6.93 33.89
CA VAL C 441 48.68 6.01 33.73
C VAL C 441 49.42 6.38 32.45
N PRO C 442 50.74 6.24 32.40
CA PRO C 442 51.47 6.63 31.18
C PRO C 442 50.97 5.89 29.96
N PHE C 443 50.95 6.59 28.83
CA PHE C 443 50.41 6.08 27.58
C PHE C 443 51.52 5.91 26.55
N SER C 444 51.52 4.78 25.86
CA SER C 444 52.45 4.52 24.77
C SER C 444 51.64 4.01 23.57
N PRO C 445 51.86 4.56 22.37
CA PRO C 445 51.03 4.15 21.24
C PRO C 445 51.16 2.67 20.89
N ASP C 446 52.24 2.01 21.31
CA ASP C 446 52.39 0.58 21.10
C ASP C 446 51.58 -0.25 22.08
N GLY C 447 50.94 0.37 23.06
CA GLY C 447 50.11 -0.35 24.01
C GLY C 447 50.86 -1.29 24.93
N LYS C 448 51.98 -0.83 25.48
CA LYS C 448 52.77 -1.59 26.42
C LYS C 448 53.05 -0.72 27.65
N PRO C 449 53.37 -1.33 28.78
CA PRO C 449 53.70 -0.55 29.98
C PRO C 449 54.77 0.49 29.66
N CYS C 450 54.67 1.63 30.34
CA CYS C 450 55.40 2.83 29.94
C CYS C 450 55.90 3.58 31.16
N THR C 451 56.92 4.40 30.96
CA THR C 451 57.47 5.27 31.99
C THR C 451 57.72 6.64 31.34
N PRO C 452 57.46 7.74 32.04
CA PRO C 452 57.41 9.05 31.39
C PRO C 452 58.67 9.38 30.62
N PRO C 453 59.86 9.13 31.17
CA PRO C 453 61.08 9.58 30.48
C PRO C 453 61.25 9.00 29.09
N ALA C 454 60.79 7.78 28.85
CA ALA C 454 61.00 7.14 27.56
C ALA C 454 60.52 8.04 26.42
N PHE C 455 61.15 7.90 25.26
CA PHE C 455 60.88 8.80 24.15
C PHE C 455 59.44 8.65 23.66
N ASN C 456 58.92 7.42 23.62
CA ASN C 456 57.58 7.14 23.12
C ASN C 456 56.55 7.11 24.24
N CYS C 457 56.79 7.86 25.31
CA CYS C 457 55.94 7.83 26.50
C CYS C 457 55.36 9.21 26.75
N TYR C 458 54.04 9.26 26.97
CA TYR C 458 53.32 10.50 27.18
C TYR C 458 52.35 10.35 28.33
N TRP C 459 52.19 11.42 29.10
CA TRP C 459 51.12 11.48 30.09
C TRP C 459 49.80 11.83 29.39
N PRO C 460 48.72 11.09 29.64
CA PRO C 460 47.54 11.20 28.78
C PRO C 460 46.65 12.41 29.03
N LEU C 461 46.94 13.25 30.03
CA LEU C 461 46.08 14.38 30.37
C LEU C 461 46.77 15.69 30.00
N ASN C 462 46.04 16.56 29.31
CA ASN C 462 46.52 17.88 28.93
C ASN C 462 45.70 18.96 29.62
N ASP C 463 46.35 20.06 29.95
CA ASP C 463 45.75 21.16 30.69
C ASP C 463 45.29 22.23 29.71
N TYR C 464 43.99 22.54 29.73
CA TYR C 464 43.50 23.75 29.08
C TYR C 464 44.25 24.95 29.64
N GLY C 465 44.68 25.85 28.75
CA GLY C 465 45.23 27.11 29.19
C GLY C 465 44.26 28.25 28.89
N PHE C 466 43.53 28.70 29.90
CA PHE C 466 42.51 29.73 29.74
C PHE C 466 43.10 31.07 30.16
N TYR C 467 43.26 31.98 29.21
CA TYR C 467 43.72 33.33 29.47
C TYR C 467 42.59 34.32 29.21
N ILE C 468 42.66 35.47 29.88
CA ILE C 468 41.65 36.50 29.66
C ILE C 468 41.70 37.01 28.23
N THR C 469 42.91 37.20 27.70
CA THR C 469 43.10 37.74 26.36
C THR C 469 42.94 36.69 25.26
N ASN C 470 42.38 35.53 25.56
CA ASN C 470 42.22 34.49 24.56
C ASN C 470 41.04 34.81 23.64
N GLY C 471 41.07 34.23 22.45
CA GLY C 471 39.95 34.32 21.54
C GLY C 471 38.77 33.52 22.03
N ILE C 472 37.62 33.77 21.41
CA ILE C 472 36.38 33.14 21.87
C ILE C 472 36.47 31.62 21.75
N GLY C 473 37.24 31.11 20.78
CA GLY C 473 37.38 29.68 20.63
C GLY C 473 38.23 29.03 21.70
N TYR C 474 39.08 29.81 22.37
CA TYR C 474 39.94 29.32 23.44
C TYR C 474 39.55 29.94 24.78
N GLN C 475 38.24 30.08 25.01
CA GLN C 475 37.74 30.63 26.26
C GLN C 475 36.92 29.57 26.99
N PRO C 476 36.88 29.62 28.33
CA PRO C 476 36.20 28.55 29.07
C PRO C 476 34.70 28.69 28.98
N TYR C 477 34.03 27.55 28.78
CA TYR C 477 32.59 27.48 28.78
C TYR C 477 32.15 26.43 29.79
N ARG C 478 31.16 26.78 30.61
CA ARG C 478 30.57 25.83 31.54
C ARG C 478 29.40 25.14 30.85
N VAL C 479 29.37 23.81 30.94
CA VAL C 479 28.39 22.97 30.27
C VAL C 479 27.66 22.15 31.32
N VAL C 480 26.34 22.14 31.24
CA VAL C 480 25.48 21.29 32.04
C VAL C 480 24.61 20.48 31.09
N VAL C 481 24.67 19.17 31.23
CA VAL C 481 23.83 18.25 30.48
C VAL C 481 22.80 17.68 31.43
N LEU C 482 21.52 17.94 31.14
CA LEU C 482 20.42 17.40 31.92
C LEU C 482 19.87 16.20 31.17
N SER C 483 19.83 15.06 31.84
CA SER C 483 19.34 13.82 31.25
C SER C 483 18.17 13.30 32.07
N PHE C 484 17.17 12.73 31.38
CA PHE C 484 15.97 12.28 32.05
C PHE C 484 15.13 11.45 31.09
N GLU C 485 14.21 10.67 31.67
CA GLU C 485 13.11 10.06 30.94
C GLU C 485 11.83 10.82 31.26
N LEU C 486 10.83 10.69 30.39
CA LEU C 486 9.70 11.61 30.42
C LEU C 486 8.38 10.97 30.83
N LEU C 487 7.90 9.94 30.14
CA LEU C 487 6.52 9.50 30.32
C LEU C 487 6.44 7.98 30.36
N ASN C 488 7.31 7.35 31.16
CA ASN C 488 7.26 5.90 31.28
C ASN C 488 7.57 5.39 32.69
N ALA C 489 7.69 6.27 33.68
CA ALA C 489 8.12 5.85 35.00
C ALA C 489 7.69 6.91 36.01
N PRO C 490 7.71 6.59 37.30
CA PRO C 490 7.39 7.61 38.32
C PRO C 490 8.36 8.77 38.25
N ALA C 491 7.85 9.96 38.57
CA ALA C 491 8.64 11.18 38.55
C ALA C 491 8.40 11.98 39.81
N THR C 492 9.45 12.67 40.26
CA THR C 492 9.37 13.56 41.41
C THR C 492 9.76 15.00 41.07
N VAL C 493 10.24 15.27 39.86
CA VAL C 493 10.52 16.61 39.39
C VAL C 493 9.42 16.99 38.41
N CYS C 494 8.76 18.12 38.66
CA CYS C 494 7.61 18.49 37.82
C CYS C 494 7.67 19.96 37.46
N GLY C 495 7.00 20.30 36.36
CA GLY C 495 6.91 21.67 35.93
C GLY C 495 5.98 22.47 36.82
N PRO C 496 6.09 23.81 36.77
CA PRO C 496 5.26 24.64 37.64
C PRO C 496 3.81 24.71 37.17
N LYS C 497 3.03 23.71 37.53
CA LYS C 497 1.63 23.62 37.11
C LYS C 497 0.75 23.38 38.33
N LEU C 498 -0.50 23.78 38.22
CA LEU C 498 -1.47 23.68 39.32
C LEU C 498 -2.35 22.46 39.12
N SER C 499 -2.45 21.63 40.15
CA SER C 499 -3.31 20.48 40.11
C SER C 499 -4.76 20.87 40.38
N THR C 500 -5.68 20.02 39.96
CA THR C 500 -7.11 20.23 40.16
C THR C 500 -7.72 18.96 40.75
N ASP C 501 -8.93 19.10 41.26
CA ASP C 501 -9.61 17.96 41.86
C ASP C 501 -9.81 16.85 40.84
N LEU C 502 -9.68 15.61 41.30
CA LEU C 502 -9.89 14.46 40.43
C LEU C 502 -11.37 14.33 40.10
N ILE C 503 -11.67 14.20 38.81
CA ILE C 503 -13.04 14.06 38.32
C ILE C 503 -13.15 12.69 37.65
N LYS C 504 -14.18 11.94 38.01
CA LYS C 504 -14.33 10.56 37.58
C LYS C 504 -15.71 10.37 36.97
N ASN C 505 -15.80 9.45 36.01
CA ASN C 505 -17.03 9.16 35.28
C ASN C 505 -17.50 10.34 34.44
N GLN C 506 -16.57 11.16 33.95
CA GLN C 506 -16.90 12.26 33.07
C GLN C 506 -15.77 12.45 32.05
N CYS C 507 -16.15 12.66 30.79
CA CYS C 507 -15.17 12.93 29.75
C CYS C 507 -14.42 14.22 30.06
N VAL C 508 -13.12 14.12 30.27
CA VAL C 508 -12.30 15.26 30.67
C VAL C 508 -11.02 15.28 29.85
N ASN C 509 -10.39 16.45 29.81
CA ASN C 509 -9.02 16.58 29.33
C ASN C 509 -8.10 16.43 30.54
N PHE C 510 -7.33 15.35 30.56
CA PHE C 510 -6.51 15.02 31.72
C PHE C 510 -5.03 15.23 31.40
N ASN C 511 -4.27 15.54 32.45
CA ASN C 511 -2.82 15.66 32.40
C ASN C 511 -2.27 15.01 33.67
N PHE C 512 -1.77 13.79 33.53
CA PHE C 512 -1.19 13.03 34.63
C PHE C 512 0.33 13.03 34.49
N ASN C 513 1.00 13.77 35.36
CA ASN C 513 2.47 13.80 35.40
C ASN C 513 3.05 14.19 34.03
N GLY C 514 2.33 14.98 33.26
CA GLY C 514 2.77 15.45 31.97
C GLY C 514 2.17 14.71 30.80
N LEU C 515 1.60 13.53 31.03
CA LEU C 515 0.92 12.80 29.97
C LEU C 515 -0.48 13.38 29.80
N THR C 516 -0.73 14.01 28.66
CA THR C 516 -2.00 14.64 28.36
C THR C 516 -2.86 13.73 27.51
N GLY C 517 -4.17 13.92 27.62
CA GLY C 517 -5.09 13.13 26.82
C GLY C 517 -6.52 13.52 27.14
N THR C 518 -7.44 12.78 26.53
CA THR C 518 -8.87 12.98 26.75
C THR C 518 -9.50 11.63 27.06
N GLY C 519 -10.30 11.58 28.12
CA GLY C 519 -10.90 10.30 28.49
C GLY C 519 -11.74 10.41 29.74
N VAL C 520 -12.29 9.26 30.12
CA VAL C 520 -13.06 9.09 31.35
C VAL C 520 -12.22 8.28 32.32
N LEU C 521 -12.14 8.76 33.56
CA LEU C 521 -11.34 8.13 34.60
C LEU C 521 -12.25 7.37 35.56
N THR C 522 -11.91 6.13 35.86
CA THR C 522 -12.67 5.30 36.78
C THR C 522 -11.71 4.63 37.76
N PRO C 523 -12.22 4.20 38.92
CA PRO C 523 -11.36 3.42 39.83
C PRO C 523 -10.96 2.09 39.22
N SER C 524 -9.76 1.64 39.55
CA SER C 524 -9.16 0.47 38.92
C SER C 524 -8.88 -0.61 39.95
N SER C 525 -8.96 -1.86 39.50
CA SER C 525 -8.59 -3.02 40.30
C SER C 525 -7.15 -3.47 40.06
N LYS C 526 -6.44 -2.85 39.12
CA LYS C 526 -5.07 -3.22 38.85
C LYS C 526 -4.18 -2.90 40.05
N ARG C 527 -3.13 -3.69 40.22
CA ARG C 527 -2.19 -3.52 41.32
C ARG C 527 -0.81 -3.25 40.72
N PHE C 528 -0.45 -1.98 40.62
CA PHE C 528 0.85 -1.60 40.11
C PHE C 528 1.94 -1.89 41.13
N GLN C 529 3.11 -2.25 40.64
CA GLN C 529 4.28 -2.34 41.50
C GLN C 529 4.77 -0.93 41.82
N PRO C 530 5.57 -0.78 42.88
CA PRO C 530 6.05 0.56 43.23
C PRO C 530 6.84 1.24 42.12
N PHE C 531 7.48 0.46 41.24
CA PHE C 531 8.29 1.03 40.17
C PHE C 531 7.50 1.28 38.90
N GLN C 532 6.19 1.05 38.90
CA GLN C 532 5.34 1.21 37.72
C GLN C 532 4.41 2.40 37.93
N GLN C 533 4.34 3.28 36.92
CA GLN C 533 3.49 4.47 36.95
C GLN C 533 2.34 4.40 35.97
N PHE C 534 2.56 3.84 34.77
CA PHE C 534 1.54 3.77 33.73
C PHE C 534 1.31 2.32 33.33
N GLY C 535 0.15 2.07 32.77
CA GLY C 535 -0.16 0.76 32.20
C GLY C 535 -0.68 0.91 30.78
N ARG C 536 -0.31 -0.05 29.95
CA ARG C 536 -0.64 0.00 28.52
C ARG C 536 -1.34 -1.29 28.12
N ASP C 537 -2.23 -1.16 27.13
CA ASP C 537 -2.96 -2.30 26.60
C ASP C 537 -2.22 -2.86 25.38
N VAL C 538 -2.83 -3.83 24.70
CA VAL C 538 -2.17 -4.48 23.58
C VAL C 538 -1.89 -3.50 22.46
N SER C 539 -2.71 -2.45 22.35
CA SER C 539 -2.52 -1.42 21.33
C SER C 539 -1.46 -0.40 21.73
N ASP C 540 -0.86 -0.53 22.92
CA ASP C 540 0.10 0.42 23.46
C ASP C 540 -0.54 1.72 23.91
N PHE C 541 -1.87 1.78 23.93
CA PHE C 541 -2.58 2.94 24.45
C PHE C 541 -2.53 2.94 25.97
N THR C 542 -2.25 4.10 26.56
CA THR C 542 -2.11 4.20 28.01
C THR C 542 -3.49 4.09 28.65
N ASP C 543 -3.79 2.91 29.21
CA ASP C 543 -5.12 2.61 29.70
C ASP C 543 -5.26 2.66 31.22
N SER C 544 -4.16 2.86 31.96
CA SER C 544 -4.24 2.99 33.40
C SER C 544 -3.11 3.86 33.88
N VAL C 545 -3.28 4.43 35.08
CA VAL C 545 -2.28 5.31 35.66
C VAL C 545 -2.46 5.27 37.18
N ARG C 546 -1.42 5.66 37.90
CA ARG C 546 -1.48 5.80 39.35
C ARG C 546 -1.54 7.28 39.70
N ASP C 547 -2.54 7.66 40.48
CA ASP C 547 -2.70 9.06 40.85
C ASP C 547 -1.46 9.50 41.62
N PRO C 548 -0.79 10.58 41.20
CA PRO C 548 0.43 11.00 41.92
C PRO C 548 0.19 11.38 43.37
N LYS C 549 -1.02 11.76 43.74
CA LYS C 549 -1.31 12.26 45.09
C LYS C 549 -1.89 11.20 46.01
N THR C 550 -2.94 10.50 45.58
CA THR C 550 -3.58 9.49 46.42
C THR C 550 -3.03 8.09 46.22
N SER C 551 -2.24 7.86 45.17
CA SER C 551 -1.70 6.55 44.82
C SER C 551 -2.78 5.59 44.34
N GLU C 552 -4.02 6.06 44.18
CA GLU C 552 -5.06 5.22 43.61
C GLU C 552 -4.75 4.90 42.16
N ILE C 553 -5.16 3.70 41.73
CA ILE C 553 -5.00 3.28 40.35
C ILE C 553 -6.30 3.60 39.61
N LEU C 554 -6.18 4.36 38.52
CA LEU C 554 -7.31 4.81 37.73
C LEU C 554 -7.21 4.23 36.33
N ASP C 555 -8.32 3.67 35.85
CA ASP C 555 -8.45 3.25 34.47
C ASP C 555 -8.93 4.41 33.62
N ILE C 556 -8.38 4.50 32.40
CA ILE C 556 -8.69 5.56 31.44
C ILE C 556 -9.42 4.92 30.27
N SER C 557 -10.52 5.54 29.86
CA SER C 557 -11.29 5.05 28.74
C SER C 557 -11.54 6.16 27.73
N PRO C 558 -11.70 5.83 26.45
CA PRO C 558 -12.03 6.86 25.47
C PRO C 558 -13.42 7.43 25.69
N CYS C 559 -13.58 8.70 25.31
CA CYS C 559 -14.89 9.34 25.41
C CYS C 559 -15.84 8.86 24.32
N SER C 560 -15.35 8.73 23.09
CA SER C 560 -16.20 8.41 21.95
C SER C 560 -16.39 6.91 21.82
N PHE C 561 -17.62 6.50 21.53
CA PHE C 561 -17.98 5.09 21.51
C PHE C 561 -19.39 4.95 20.95
N GLY C 562 -19.60 3.90 20.17
CA GLY C 562 -20.94 3.57 19.72
C GLY C 562 -21.16 3.94 18.25
N GLY C 563 -21.87 3.05 17.54
CA GLY C 563 -22.16 3.28 16.14
C GLY C 563 -23.43 4.11 15.95
N VAL C 564 -23.39 4.98 14.95
CA VAL C 564 -24.50 5.86 14.60
C VAL C 564 -24.74 5.78 13.11
N SER C 565 -26.01 5.69 12.71
CA SER C 565 -26.38 5.70 11.30
C SER C 565 -27.56 6.63 11.09
N VAL C 566 -27.68 7.14 9.87
CA VAL C 566 -28.65 8.18 9.52
C VAL C 566 -29.54 7.65 8.41
N ILE C 567 -30.86 7.75 8.61
CA ILE C 567 -31.86 7.33 7.65
C ILE C 567 -32.51 8.57 7.06
N THR C 568 -32.50 8.68 5.74
CA THR C 568 -33.09 9.83 5.07
C THR C 568 -33.92 9.36 3.88
N PRO C 569 -35.03 10.04 3.59
CA PRO C 569 -35.80 9.74 2.37
C PRO C 569 -35.33 10.47 1.13
N GLY C 570 -34.25 11.24 1.22
CA GLY C 570 -33.76 12.03 0.09
C GLY C 570 -33.87 13.50 0.43
N THR C 571 -32.77 14.22 0.24
CA THR C 571 -32.75 15.64 0.58
C THR C 571 -33.74 16.42 -0.27
N ASN C 572 -33.91 16.04 -1.54
CA ASN C 572 -34.89 16.70 -2.38
C ASN C 572 -36.30 16.47 -1.87
N THR C 573 -36.58 15.27 -1.36
CA THR C 573 -37.92 14.97 -0.86
C THR C 573 -38.19 15.67 0.47
N SER C 574 -37.21 15.67 1.37
CA SER C 574 -37.41 16.24 2.70
C SER C 574 -36.06 16.42 3.37
N SER C 575 -36.05 17.23 4.42
CA SER C 575 -34.87 17.44 5.25
C SER C 575 -34.99 16.76 6.61
N GLU C 576 -36.02 15.95 6.82
CA GLU C 576 -36.16 15.21 8.07
C GLU C 576 -35.40 13.90 7.99
N VAL C 577 -34.73 13.54 9.08
CA VAL C 577 -33.94 12.32 9.15
C VAL C 577 -34.30 11.57 10.43
N ALA C 578 -34.04 10.27 10.40
CA ALA C 578 -34.05 9.44 11.61
C ALA C 578 -32.61 9.04 11.92
N VAL C 579 -32.33 8.78 13.19
CA VAL C 579 -30.99 8.41 13.62
C VAL C 579 -31.08 7.12 14.43
N LEU C 580 -30.19 6.18 14.10
CA LEU C 580 -30.13 4.88 14.78
C LEU C 580 -28.83 4.82 15.57
N TYR C 581 -28.94 4.55 16.86
CA TYR C 581 -27.80 4.38 17.75
C TYR C 581 -27.72 2.89 18.11
N GLN C 582 -26.67 2.22 17.62
CA GLN C 582 -26.60 0.77 17.74
C GLN C 582 -26.30 0.32 19.16
N ASP C 583 -25.63 1.15 19.95
CA ASP C 583 -25.13 0.77 21.27
C ASP C 583 -25.75 1.61 22.37
N VAL C 584 -27.05 1.91 22.25
CA VAL C 584 -27.78 2.68 23.25
C VAL C 584 -29.09 1.96 23.54
N ASN C 585 -29.41 1.81 24.82
CA ASN C 585 -30.69 1.28 25.27
C ASN C 585 -31.54 2.43 25.79
N CYS C 586 -32.68 2.66 25.15
CA CYS C 586 -33.60 3.73 25.53
C CYS C 586 -34.98 3.18 25.87
N THR C 587 -35.05 1.91 26.28
CA THR C 587 -36.34 1.33 26.64
C THR C 587 -36.95 2.04 27.83
N ASP C 588 -36.15 2.37 28.83
CA ASP C 588 -36.64 3.06 30.02
C ASP C 588 -35.88 4.37 30.24
N SER C 601 -28.31 10.49 31.39
CA SER C 601 -28.69 10.96 30.06
C SER C 601 -28.18 10.01 28.97
N TRP C 602 -29.03 9.72 28.00
CA TRP C 602 -28.66 8.81 26.93
C TRP C 602 -27.56 9.42 26.07
N ARG C 603 -26.77 8.53 25.46
CA ARG C 603 -25.72 8.95 24.52
C ARG C 603 -26.33 9.06 23.11
N VAL C 604 -27.10 10.14 22.93
CA VAL C 604 -27.75 10.43 21.66
C VAL C 604 -27.54 11.91 21.35
N HIS C 605 -27.98 12.31 20.17
CA HIS C 605 -27.73 13.67 19.70
C HIS C 605 -28.78 14.65 20.23
N SER C 606 -30.04 14.41 19.90
CA SER C 606 -31.10 15.35 20.28
C SER C 606 -32.26 14.71 21.02
N THR C 607 -32.64 13.48 20.67
CA THR C 607 -33.79 12.82 21.29
C THR C 607 -35.04 13.69 21.18
N GLY C 608 -35.28 14.19 19.97
CA GLY C 608 -36.36 15.14 19.78
C GLY C 608 -37.73 14.56 20.10
N ASN C 609 -38.05 13.41 19.51
CA ASN C 609 -39.35 12.78 19.71
C ASN C 609 -39.36 11.45 18.98
N ASN C 610 -40.40 10.65 19.24
CA ASN C 610 -40.57 9.34 18.63
C ASN C 610 -39.41 8.41 18.96
N VAL C 611 -38.72 8.67 20.07
CA VAL C 611 -37.64 7.80 20.50
C VAL C 611 -38.20 6.45 20.89
N PHE C 612 -37.63 5.38 20.32
CA PHE C 612 -38.04 4.05 20.75
C PHE C 612 -36.98 3.03 20.36
N GLN C 613 -37.04 1.87 21.01
CA GLN C 613 -36.02 0.84 20.90
C GLN C 613 -36.42 -0.20 19.87
N THR C 614 -35.44 -0.67 19.09
CA THR C 614 -35.60 -1.76 18.15
C THR C 614 -34.44 -2.72 18.33
N GLN C 615 -34.54 -3.88 17.69
CA GLN C 615 -33.47 -4.86 17.78
C GLN C 615 -32.14 -4.28 17.30
N ALA C 616 -32.18 -3.30 16.41
CA ALA C 616 -30.97 -2.69 15.88
C ALA C 616 -30.44 -1.55 16.75
N GLY C 617 -31.21 -1.10 17.75
CA GLY C 617 -30.76 -0.06 18.65
C GLY C 617 -31.83 0.98 18.86
N CYS C 618 -31.42 2.12 19.39
CA CYS C 618 -32.36 3.20 19.69
C CYS C 618 -32.59 4.03 18.43
N LEU C 619 -33.82 4.04 17.94
CA LEU C 619 -34.19 4.83 16.78
C LEU C 619 -34.91 6.09 17.23
N ILE C 620 -34.45 7.23 16.73
CA ILE C 620 -34.96 8.54 17.10
C ILE C 620 -35.39 9.28 15.83
N GLY C 621 -36.62 9.75 15.82
CA GLY C 621 -37.14 10.47 14.67
C GLY C 621 -38.00 9.67 13.73
N ALA C 622 -38.43 8.47 14.13
CA ALA C 622 -39.29 7.64 13.30
C ALA C 622 -40.46 7.15 14.13
N GLU C 623 -41.61 7.00 13.47
CA GLU C 623 -42.84 6.55 14.11
C GLU C 623 -43.00 5.05 13.88
N HIS C 624 -43.06 4.29 14.96
CA HIS C 624 -43.24 2.86 14.86
C HIS C 624 -44.66 2.53 14.39
N VAL C 625 -44.76 1.57 13.46
CA VAL C 625 -46.03 1.08 12.98
C VAL C 625 -46.03 -0.44 13.10
N ASP C 626 -47.14 -1.00 13.57
CA ASP C 626 -47.23 -2.43 13.81
C ASP C 626 -47.53 -3.23 12.55
N THR C 627 -47.77 -2.57 11.43
CA THR C 627 -48.00 -3.27 10.17
C THR C 627 -46.68 -3.63 9.52
N SER C 628 -46.69 -4.73 8.76
CA SER C 628 -45.51 -5.22 8.06
C SER C 628 -45.65 -4.94 6.58
N TYR C 629 -44.61 -4.33 5.99
CA TYR C 629 -44.54 -4.07 4.57
C TYR C 629 -43.25 -4.69 4.03
N GLU C 630 -42.99 -4.46 2.74
CA GLU C 630 -41.72 -4.85 2.16
C GLU C 630 -40.64 -3.87 2.58
N CYS C 631 -39.40 -4.36 2.58
CA CYS C 631 -38.29 -3.51 3.01
C CYS C 631 -38.02 -2.43 1.97
N ASP C 632 -38.02 -1.17 2.41
CA ASP C 632 -37.62 -0.05 1.58
C ASP C 632 -36.21 0.41 1.91
N ILE C 633 -35.97 0.78 3.16
CA ILE C 633 -34.64 1.11 3.66
C ILE C 633 -34.31 0.14 4.78
N PRO C 634 -33.48 -0.88 4.52
CA PRO C 634 -33.17 -1.84 5.58
C PRO C 634 -32.41 -1.19 6.72
N ILE C 635 -32.98 -1.29 7.92
CA ILE C 635 -32.31 -0.79 9.13
C ILE C 635 -31.46 -1.87 9.75
N GLY C 636 -31.98 -3.10 9.81
CA GLY C 636 -31.24 -4.21 10.37
C GLY C 636 -32.02 -4.94 11.43
N ALA C 637 -31.59 -6.16 11.75
CA ALA C 637 -32.24 -6.99 12.75
C ALA C 637 -33.74 -7.12 12.45
N GLY C 638 -34.07 -7.25 11.16
CA GLY C 638 -35.45 -7.39 10.75
C GLY C 638 -36.26 -6.12 10.74
N ILE C 639 -35.63 -4.96 10.87
CA ILE C 639 -36.31 -3.68 10.92
C ILE C 639 -36.00 -2.91 9.65
N CYS C 640 -37.05 -2.35 9.03
CA CYS C 640 -36.93 -1.55 7.82
C CYS C 640 -37.65 -0.21 8.02
N ALA C 641 -37.18 0.81 7.32
CA ALA C 641 -37.76 2.14 7.39
C ALA C 641 -38.35 2.52 6.04
N SER C 642 -39.26 3.49 6.06
CA SER C 642 -39.86 4.01 4.84
C SER C 642 -40.43 5.38 5.10
N TYR C 643 -40.88 6.04 4.04
CA TYR C 643 -41.47 7.38 4.10
C TYR C 643 -42.95 7.23 3.74
N HIS C 644 -43.82 7.38 4.74
CA HIS C 644 -45.23 7.10 4.59
C HIS C 644 -46.07 8.27 5.06
N THR C 645 -47.26 8.40 4.48
CA THR C 645 -48.23 9.35 5.00
C THR C 645 -48.72 8.89 6.37
N VAL C 646 -48.72 9.80 7.33
CA VAL C 646 -49.05 9.47 8.72
C VAL C 646 -50.24 10.30 9.16
N SER C 647 -50.99 9.78 10.11
CA SER C 647 -52.16 10.48 10.65
C SER C 647 -51.76 11.83 11.23
N GLN C 654 -49.67 14.76 5.96
CA GLN C 654 -48.31 14.80 6.49
C GLN C 654 -47.59 13.49 6.24
N LYS C 655 -46.31 13.58 5.89
CA LYS C 655 -45.47 12.44 5.61
C LYS C 655 -44.36 12.36 6.65
N SER C 656 -43.99 11.13 7.03
CA SER C 656 -43.01 10.93 8.07
C SER C 656 -42.29 9.60 7.87
N ILE C 657 -41.16 9.46 8.57
CA ILE C 657 -40.38 8.23 8.53
C ILE C 657 -41.00 7.23 9.49
N VAL C 658 -41.31 6.03 8.98
CA VAL C 658 -41.94 4.98 9.76
C VAL C 658 -41.04 3.75 9.73
N ALA C 659 -40.79 3.18 10.90
CA ALA C 659 -40.00 1.96 11.05
C ALA C 659 -40.93 0.80 11.39
N TYR C 660 -40.61 -0.38 10.86
CA TYR C 660 -41.49 -1.53 11.02
C TYR C 660 -40.68 -2.81 10.86
N THR C 661 -41.34 -3.93 11.13
CA THR C 661 -40.75 -5.24 10.93
C THR C 661 -40.91 -5.65 9.47
N MET C 662 -39.83 -6.14 8.88
CA MET C 662 -39.86 -6.54 7.48
C MET C 662 -40.86 -7.67 7.27
N SER C 663 -41.53 -7.65 6.13
CA SER C 663 -42.41 -8.74 5.71
C SER C 663 -41.58 -9.75 4.93
N LEU C 664 -41.59 -11.00 5.38
CA LEU C 664 -40.85 -12.04 4.68
C LEU C 664 -41.55 -12.48 3.40
N GLY C 665 -42.86 -12.32 3.34
CA GLY C 665 -43.61 -12.72 2.17
C GLY C 665 -45.06 -12.96 2.51
N ALA C 666 -45.82 -13.33 1.48
CA ALA C 666 -47.25 -13.57 1.61
C ALA C 666 -47.47 -14.95 2.22
N ASP C 667 -47.92 -14.99 3.47
CA ASP C 667 -48.13 -16.26 4.15
C ASP C 667 -49.26 -17.02 3.47
N SER C 668 -49.05 -18.32 3.24
CA SER C 668 -50.04 -19.18 2.62
C SER C 668 -50.04 -20.52 3.33
N SER C 669 -51.15 -21.25 3.18
CA SER C 669 -51.31 -22.52 3.88
C SER C 669 -50.79 -23.69 3.04
N ILE C 670 -51.38 -23.91 1.87
CA ILE C 670 -51.03 -25.06 1.02
C ILE C 670 -50.98 -26.30 1.90
N ALA C 671 -52.10 -26.64 2.53
CA ALA C 671 -52.11 -27.75 3.48
C ALA C 671 -51.75 -29.06 2.79
N TYR C 672 -50.99 -29.89 3.48
CA TYR C 672 -50.63 -31.20 2.97
C TYR C 672 -51.86 -32.11 2.96
N SER C 673 -51.90 -32.98 1.95
CA SER C 673 -52.85 -34.07 1.91
C SER C 673 -52.12 -35.28 1.31
N ASN C 674 -52.64 -36.46 1.61
CA ASN C 674 -52.03 -37.71 1.18
C ASN C 674 -52.85 -38.47 0.16
N ASN C 675 -53.97 -37.91 -0.30
CA ASN C 675 -54.73 -38.53 -1.37
C ASN C 675 -55.27 -37.51 -2.36
N THR C 676 -54.70 -36.31 -2.42
CA THR C 676 -55.16 -35.30 -3.36
C THR C 676 -53.95 -34.62 -4.01
N ILE C 677 -54.12 -34.24 -5.26
CA ILE C 677 -53.07 -33.63 -6.07
C ILE C 677 -53.65 -32.45 -6.82
N ALA C 678 -52.84 -31.39 -6.97
CA ALA C 678 -53.21 -30.22 -7.75
C ALA C 678 -52.52 -30.29 -9.11
N ILE C 679 -53.31 -30.19 -10.18
CA ILE C 679 -52.80 -30.30 -11.55
C ILE C 679 -53.15 -29.01 -12.28
N PRO C 680 -52.19 -28.31 -12.88
CA PRO C 680 -52.53 -27.12 -13.66
C PRO C 680 -53.39 -27.48 -14.86
N THR C 681 -54.32 -26.57 -15.19
CA THR C 681 -55.18 -26.73 -16.35
C THR C 681 -54.87 -25.76 -17.47
N ASN C 682 -54.16 -24.66 -17.17
CA ASN C 682 -53.80 -23.68 -18.18
C ASN C 682 -52.34 -23.29 -17.95
N PHE C 683 -51.84 -22.37 -18.77
CA PHE C 683 -50.46 -21.94 -18.65
C PHE C 683 -50.31 -20.53 -19.22
N SER C 684 -49.18 -19.92 -18.91
CA SER C 684 -48.81 -18.63 -19.46
C SER C 684 -47.41 -18.72 -20.04
N ILE C 685 -47.16 -17.90 -21.05
CA ILE C 685 -45.84 -17.70 -21.61
C ILE C 685 -45.28 -16.42 -21.01
N SER C 686 -44.28 -16.55 -20.16
CA SER C 686 -43.67 -15.39 -19.50
C SER C 686 -42.34 -15.07 -20.17
N ILE C 687 -42.04 -13.79 -20.30
CA ILE C 687 -40.75 -13.34 -20.77
C ILE C 687 -40.17 -12.44 -19.68
N THR C 688 -39.01 -12.83 -19.16
CA THR C 688 -38.35 -12.09 -18.10
C THR C 688 -36.96 -11.67 -18.54
N THR C 689 -36.54 -10.48 -18.12
CA THR C 689 -35.26 -9.93 -18.53
C THR C 689 -34.21 -10.22 -17.47
N GLU C 690 -33.05 -10.68 -17.90
CA GLU C 690 -31.89 -10.90 -17.04
C GLU C 690 -30.76 -10.03 -17.54
N VAL C 691 -30.34 -9.07 -16.73
CA VAL C 691 -29.29 -8.12 -17.10
C VAL C 691 -27.99 -8.60 -16.50
N MET C 692 -26.96 -8.80 -17.34
CA MET C 692 -25.67 -9.28 -16.87
C MET C 692 -24.56 -8.40 -17.42
N PRO C 693 -23.72 -7.81 -16.57
CA PRO C 693 -22.50 -7.17 -17.08
C PRO C 693 -21.62 -8.19 -17.78
N VAL C 694 -20.96 -7.75 -18.86
CA VAL C 694 -20.02 -8.58 -19.60
C VAL C 694 -18.61 -8.02 -19.55
N SER C 695 -18.46 -6.69 -19.62
CA SER C 695 -17.15 -6.07 -19.65
C SER C 695 -17.22 -4.73 -18.94
N MET C 696 -16.04 -4.23 -18.56
CA MET C 696 -15.88 -2.91 -18.00
C MET C 696 -14.95 -2.10 -18.89
N ALA C 697 -14.75 -0.84 -18.53
CA ALA C 697 -13.94 0.05 -19.35
C ALA C 697 -12.47 -0.39 -19.32
N LYS C 698 -11.86 -0.44 -20.50
CA LYS C 698 -10.42 -0.67 -20.60
C LYS C 698 -9.69 0.64 -20.36
N THR C 699 -8.77 0.64 -19.41
CA THR C 699 -8.07 1.85 -19.01
C THR C 699 -6.57 1.61 -19.02
N SER C 700 -5.82 2.71 -19.15
CA SER C 700 -4.39 2.68 -19.00
C SER C 700 -3.94 4.01 -18.41
N VAL C 701 -2.77 3.99 -17.79
CA VAL C 701 -2.25 5.13 -17.05
C VAL C 701 -0.86 5.45 -17.55
N ASP C 702 -0.63 6.71 -17.88
CA ASP C 702 0.72 7.22 -18.12
C ASP C 702 1.28 7.61 -16.76
N CYS C 703 1.91 6.64 -16.11
CA CYS C 703 2.42 6.83 -14.75
C CYS C 703 3.14 8.16 -14.59
N ASN C 704 4.04 8.47 -15.53
CA ASN C 704 4.81 9.69 -15.43
C ASN C 704 3.92 10.92 -15.50
N MET C 705 2.93 10.92 -16.39
CA MET C 705 2.08 12.09 -16.52
C MET C 705 1.24 12.30 -15.26
N TYR C 706 0.70 11.23 -14.69
CA TYR C 706 -0.11 11.36 -13.47
C TYR C 706 0.75 11.85 -12.31
N ILE C 707 1.88 11.18 -12.06
CA ILE C 707 2.66 11.50 -10.86
C ILE C 707 3.35 12.86 -11.01
N CYS C 708 3.91 13.14 -12.19
CA CYS C 708 4.79 14.29 -12.37
C CYS C 708 4.25 15.35 -13.31
N GLY C 709 3.24 15.05 -14.11
CA GLY C 709 2.80 16.02 -15.10
C GLY C 709 3.87 16.25 -16.14
N ASP C 710 4.23 17.51 -16.35
CA ASP C 710 5.23 17.90 -17.34
C ASP C 710 6.52 18.38 -16.69
N SER C 711 6.79 17.99 -15.46
CA SER C 711 8.00 18.39 -14.75
C SER C 711 9.15 17.44 -15.08
N THR C 712 10.27 18.00 -15.52
CA THR C 712 11.44 17.18 -15.81
C THR C 712 12.12 16.72 -14.52
N GLU C 713 12.23 17.62 -13.53
CA GLU C 713 12.85 17.25 -12.26
C GLU C 713 12.11 16.10 -11.61
N CYS C 714 10.78 16.17 -11.60
CA CYS C 714 9.99 15.09 -11.02
C CYS C 714 10.17 13.81 -11.82
N ALA C 715 10.30 13.91 -13.15
CA ALA C 715 10.51 12.72 -13.96
C ALA C 715 11.82 12.03 -13.60
N ASN C 716 12.89 12.80 -13.45
CA ASN C 716 14.16 12.22 -13.04
C ASN C 716 14.08 11.60 -11.66
N LEU C 717 13.41 12.30 -10.72
CA LEU C 717 13.27 11.76 -9.37
C LEU C 717 12.46 10.47 -9.38
N LEU C 718 11.41 10.39 -10.21
CA LEU C 718 10.63 9.17 -10.31
C LEU C 718 11.45 8.04 -10.90
N LEU C 719 12.30 8.34 -11.89
CA LEU C 719 13.21 7.33 -12.41
C LEU C 719 14.11 6.81 -11.30
N GLN C 720 14.68 7.71 -10.50
CA GLN C 720 15.58 7.29 -9.43
C GLN C 720 14.86 6.57 -8.31
N TYR C 721 13.55 6.82 -8.14
CA TYR C 721 12.79 6.21 -7.06
C TYR C 721 12.48 4.74 -7.33
N GLY C 722 12.43 4.34 -8.59
CA GLY C 722 12.11 2.97 -8.92
C GLY C 722 10.89 2.86 -9.80
N SER C 723 10.90 1.93 -10.74
CA SER C 723 9.82 1.78 -11.72
C SER C 723 8.89 0.66 -11.28
N PHE C 724 7.87 1.03 -10.50
CA PHE C 724 6.73 0.15 -10.26
C PHE C 724 5.63 0.36 -11.29
N CYS C 725 5.82 1.32 -12.21
CA CYS C 725 4.80 1.63 -13.20
C CYS C 725 4.64 0.52 -14.23
N THR C 726 5.73 -0.18 -14.56
CA THR C 726 5.63 -1.29 -15.49
C THR C 726 4.71 -2.37 -14.96
N GLN C 727 4.80 -2.68 -13.67
CA GLN C 727 3.94 -3.69 -13.08
C GLN C 727 2.47 -3.25 -13.13
N LEU C 728 2.21 -1.98 -12.80
CA LEU C 728 0.85 -1.46 -12.85
C LEU C 728 0.28 -1.56 -14.26
N ASN C 729 1.06 -1.14 -15.26
CA ASN C 729 0.58 -1.19 -16.63
C ASN C 729 0.43 -2.61 -17.13
N ARG C 730 1.27 -3.54 -16.65
CA ARG C 730 1.07 -4.95 -16.98
C ARG C 730 -0.28 -5.44 -16.47
N ALA C 731 -0.60 -5.09 -15.23
CA ALA C 731 -1.91 -5.48 -14.69
C ALA C 731 -3.05 -4.88 -15.50
N LEU C 732 -2.94 -3.59 -15.82
CA LEU C 732 -4.04 -2.92 -16.54
C LEU C 732 -4.18 -3.47 -17.95
N SER C 733 -3.08 -3.75 -18.64
CA SER C 733 -3.17 -4.33 -19.98
C SER C 733 -3.76 -5.72 -19.93
N GLY C 734 -3.41 -6.51 -18.91
CA GLY C 734 -4.08 -7.78 -18.72
C GLY C 734 -5.57 -7.62 -18.56
N ILE C 735 -5.99 -6.61 -17.79
CA ILE C 735 -7.42 -6.37 -17.61
C ILE C 735 -8.09 -6.01 -18.94
N ALA C 736 -7.44 -5.16 -19.74
CA ALA C 736 -8.04 -4.75 -21.02
C ALA C 736 -8.20 -5.94 -21.96
N VAL C 737 -7.14 -6.75 -22.09
CA VAL C 737 -7.24 -7.96 -22.92
C VAL C 737 -8.33 -8.86 -22.38
N GLU C 738 -8.47 -8.93 -21.06
CA GLU C 738 -9.53 -9.74 -20.45
C GLU C 738 -10.91 -9.22 -20.83
N GLN C 739 -11.08 -7.90 -20.90
CA GLN C 739 -12.37 -7.34 -21.28
C GLN C 739 -12.73 -7.73 -22.71
N ASP C 740 -11.77 -7.61 -23.62
CA ASP C 740 -12.02 -8.03 -25.00
C ASP C 740 -12.35 -9.52 -25.06
N ARG C 741 -11.62 -10.32 -24.27
CA ARG C 741 -11.89 -11.76 -24.22
C ARG C 741 -13.30 -12.04 -23.70
N ASN C 742 -13.73 -11.29 -22.68
CA ASN C 742 -15.07 -11.47 -22.13
C ASN C 742 -16.12 -11.23 -23.20
N THR C 743 -15.99 -10.12 -23.93
CA THR C 743 -16.97 -9.82 -24.97
C THR C 743 -16.96 -10.90 -26.05
N ARG C 744 -15.77 -11.34 -26.47
CA ARG C 744 -15.70 -12.36 -27.50
C ARG C 744 -16.33 -13.66 -27.03
N GLU C 745 -16.06 -14.07 -25.79
CA GLU C 745 -16.61 -15.33 -25.29
C GLU C 745 -18.13 -15.26 -25.18
N VAL C 746 -18.67 -14.12 -24.75
CA VAL C 746 -20.12 -14.01 -24.60
C VAL C 746 -20.80 -14.00 -25.97
N PHE C 747 -20.31 -13.17 -26.88
CA PHE C 747 -21.06 -12.88 -28.11
C PHE C 747 -20.60 -13.68 -29.32
N ALA C 748 -19.30 -13.93 -29.46
CA ALA C 748 -18.77 -14.61 -30.64
C ALA C 748 -18.83 -16.13 -30.46
N GLN C 749 -20.05 -16.64 -30.30
CA GLN C 749 -20.31 -18.06 -30.15
C GLN C 749 -20.93 -18.68 -31.39
N VAL C 750 -21.00 -17.95 -32.49
CA VAL C 750 -21.60 -18.42 -33.73
C VAL C 750 -20.51 -18.48 -34.79
N LYS C 751 -20.44 -19.60 -35.52
CA LYS C 751 -19.43 -19.75 -36.56
C LYS C 751 -19.76 -18.86 -37.76
N GLN C 752 -21.01 -18.87 -38.22
CA GLN C 752 -21.42 -18.15 -39.42
C GLN C 752 -22.40 -17.05 -39.04
N MET C 753 -22.28 -15.91 -39.71
CA MET C 753 -23.15 -14.76 -39.45
C MET C 753 -24.41 -14.92 -40.30
N TYR C 754 -25.40 -15.60 -39.73
CA TYR C 754 -26.64 -15.85 -40.44
C TYR C 754 -27.33 -14.54 -40.79
N LYS C 755 -27.91 -14.49 -41.99
CA LYS C 755 -28.54 -13.27 -42.48
C LYS C 755 -29.88 -13.05 -41.81
N THR C 756 -30.20 -11.78 -41.55
CA THR C 756 -31.48 -11.44 -40.94
C THR C 756 -32.61 -11.77 -41.92
N PRO C 757 -33.62 -12.54 -41.51
CA PRO C 757 -34.69 -12.88 -42.46
C PRO C 757 -35.44 -11.66 -42.94
N THR C 758 -35.94 -11.73 -44.18
CA THR C 758 -36.74 -10.64 -44.72
C THR C 758 -38.04 -10.48 -43.93
N LEU C 759 -38.69 -11.59 -43.60
CA LEU C 759 -39.94 -11.57 -42.86
C LEU C 759 -39.66 -11.86 -41.39
N LYS C 760 -40.26 -11.06 -40.51
CA LYS C 760 -40.03 -11.17 -39.07
C LYS C 760 -41.11 -11.95 -38.35
N ASP C 761 -42.05 -12.56 -39.07
CA ASP C 761 -43.13 -13.33 -38.48
C ASP C 761 -42.91 -14.80 -38.79
N PHE C 762 -42.81 -15.62 -37.75
CA PHE C 762 -42.53 -17.05 -37.88
C PHE C 762 -43.69 -17.83 -37.26
N GLY C 763 -44.61 -18.30 -38.10
CA GLY C 763 -45.75 -19.04 -37.60
C GLY C 763 -46.62 -18.26 -36.65
N GLY C 764 -46.61 -16.93 -36.76
CA GLY C 764 -47.36 -16.07 -35.88
C GLY C 764 -46.54 -15.41 -34.79
N PHE C 765 -45.35 -15.94 -34.51
CA PHE C 765 -44.46 -15.32 -33.52
C PHE C 765 -43.76 -14.14 -34.16
N ASN C 766 -43.90 -12.97 -33.56
CA ASN C 766 -43.44 -11.71 -34.14
C ASN C 766 -42.08 -11.36 -33.53
N PHE C 767 -41.04 -11.43 -34.37
CA PHE C 767 -39.67 -11.17 -33.95
C PHE C 767 -39.22 -9.75 -34.27
N SER C 768 -40.12 -8.90 -34.76
CA SER C 768 -39.71 -7.60 -35.28
C SER C 768 -38.95 -6.79 -34.25
N GLN C 769 -39.37 -6.86 -32.98
CA GLN C 769 -38.77 -6.01 -31.95
C GLN C 769 -37.34 -6.42 -31.61
N ILE C 770 -36.97 -7.68 -31.85
CA ILE C 770 -35.67 -8.19 -31.47
C ILE C 770 -34.74 -8.41 -32.65
N LEU C 771 -35.16 -8.00 -33.85
CA LEU C 771 -34.31 -8.11 -35.03
C LEU C 771 -34.15 -6.74 -35.69
N PRO C 772 -33.01 -6.49 -36.33
CA PRO C 772 -32.77 -5.14 -36.89
C PRO C 772 -33.80 -4.79 -37.96
N ASP C 773 -34.15 -3.51 -38.00
CA ASP C 773 -35.14 -3.01 -38.95
C ASP C 773 -34.46 -2.69 -40.29
N PRO C 774 -34.91 -3.27 -41.40
CA PRO C 774 -34.24 -2.99 -42.68
C PRO C 774 -34.30 -1.53 -43.10
N LEU C 775 -35.33 -0.80 -42.69
CA LEU C 775 -35.52 0.58 -43.15
C LEU C 775 -34.78 1.59 -42.28
N LYS C 776 -34.85 1.45 -40.96
CA LYS C 776 -34.26 2.46 -40.09
C LYS C 776 -32.73 2.43 -40.19
N PRO C 777 -32.07 3.53 -39.83
CA PRO C 777 -30.60 3.58 -39.95
C PRO C 777 -29.86 2.99 -38.77
N THR C 778 -30.55 2.59 -37.71
CA THR C 778 -29.86 2.15 -36.50
C THR C 778 -29.01 0.90 -36.75
N LYS C 779 -29.54 -0.06 -37.50
CA LYS C 779 -28.96 -1.37 -37.76
C LYS C 779 -29.11 -2.31 -36.56
N ARG C 780 -29.64 -1.84 -35.44
CA ARG C 780 -29.95 -2.68 -34.29
C ARG C 780 -31.46 -2.82 -34.16
N SER C 781 -31.88 -3.70 -33.27
CA SER C 781 -33.29 -3.93 -33.05
C SER C 781 -33.89 -2.83 -32.17
N PHE C 782 -35.22 -2.81 -32.11
CA PHE C 782 -35.91 -1.78 -31.35
C PHE C 782 -35.60 -1.90 -29.86
N ILE C 783 -35.71 -3.12 -29.32
CA ILE C 783 -35.41 -3.34 -27.91
C ILE C 783 -33.99 -2.93 -27.60
N GLU C 784 -33.07 -3.21 -28.52
CA GLU C 784 -31.69 -2.79 -28.33
C GLU C 784 -31.58 -1.27 -28.26
N ASP C 785 -32.34 -0.55 -29.09
CA ASP C 785 -32.36 0.91 -29.02
C ASP C 785 -32.87 1.37 -27.67
N LEU C 786 -33.95 0.78 -27.18
CA LEU C 786 -34.47 1.14 -25.86
C LEU C 786 -33.41 0.93 -24.79
N LEU C 787 -32.77 -0.25 -24.81
CA LEU C 787 -31.76 -0.56 -23.79
C LEU C 787 -30.61 0.43 -23.85
N PHE C 788 -30.13 0.75 -25.05
CA PHE C 788 -29.04 1.71 -25.15
C PHE C 788 -29.47 3.11 -24.73
N ASN C 789 -30.77 3.41 -24.80
CA ASN C 789 -31.26 4.68 -24.28
C ASN C 789 -31.30 4.67 -22.76
N LYS C 790 -31.60 3.53 -22.14
CA LYS C 790 -31.77 3.49 -20.69
C LYS C 790 -30.49 3.89 -19.97
N VAL C 791 -29.34 3.40 -20.44
CA VAL C 791 -28.07 3.62 -19.75
C VAL C 791 -27.43 4.90 -20.24
N THR C 792 -26.86 5.66 -19.31
CA THR C 792 -26.14 6.89 -19.62
C THR C 792 -24.65 6.59 -19.60
N LEU C 793 -24.00 6.74 -20.76
CA LEU C 793 -22.61 6.32 -20.94
C LEU C 793 -21.62 7.47 -20.78
N ALA C 794 -22.07 8.63 -20.27
CA ALA C 794 -21.21 9.79 -20.09
C ALA C 794 -20.76 10.26 -21.47
N ASP C 795 -19.47 10.25 -21.79
CA ASP C 795 -19.00 10.72 -23.08
C ASP C 795 -19.24 9.68 -24.16
N ALA C 796 -19.62 10.16 -25.35
CA ALA C 796 -19.78 9.30 -26.51
C ALA C 796 -18.52 9.36 -27.38
N GLY C 797 -18.06 8.19 -27.81
CA GLY C 797 -16.83 8.13 -28.57
C GLY C 797 -15.61 8.26 -27.67
N PHE C 798 -14.50 7.64 -28.05
CA PHE C 798 -13.31 7.61 -27.23
C PHE C 798 -12.24 8.58 -27.72
N MET C 799 -12.58 9.51 -28.60
CA MET C 799 -11.63 10.45 -29.18
C MET C 799 -11.94 11.85 -28.66
N LYS C 800 -10.93 12.49 -28.07
CA LYS C 800 -11.07 13.85 -27.55
C LYS C 800 -9.84 14.62 -27.95
N GLN C 801 -9.96 15.49 -28.95
CA GLN C 801 -8.81 16.18 -29.50
C GLN C 801 -8.31 17.26 -28.54
N TYR C 802 -7.00 17.52 -28.61
CA TYR C 802 -6.39 18.54 -27.78
C TYR C 802 -7.05 19.90 -28.00
N GLY C 803 -7.35 20.23 -29.26
CA GLY C 803 -8.02 21.48 -29.55
C GLY C 803 -9.41 21.55 -28.92
N GLU C 804 -10.13 20.43 -28.90
CA GLU C 804 -11.44 20.41 -28.27
C GLU C 804 -11.33 20.76 -26.79
N CYS C 805 -10.41 20.12 -26.07
CA CYS C 805 -10.26 20.39 -24.65
C CYS C 805 -9.81 21.82 -24.40
N LEU C 806 -8.90 22.34 -25.23
CA LEU C 806 -8.43 23.69 -25.03
C LEU C 806 -9.49 24.73 -25.37
N GLY C 807 -10.42 24.40 -26.27
CA GLY C 807 -11.45 25.34 -26.66
C GLY C 807 -12.65 25.38 -25.73
N ASP C 808 -12.77 24.43 -24.82
CA ASP C 808 -13.88 24.37 -23.87
C ASP C 808 -13.37 24.29 -22.44
N ILE C 809 -12.38 25.12 -22.12
CA ILE C 809 -11.81 25.11 -20.77
C ILE C 809 -12.85 25.53 -19.74
N ASN C 810 -13.69 26.50 -20.09
CA ASN C 810 -14.66 27.01 -19.12
C ASN C 810 -15.55 25.88 -18.59
N ALA C 811 -15.98 24.98 -19.47
CA ALA C 811 -16.68 23.77 -19.04
C ALA C 811 -15.65 22.80 -18.49
N ARG C 812 -15.62 22.62 -17.18
CA ARG C 812 -14.62 21.76 -16.56
C ARG C 812 -14.97 20.29 -16.83
N ASP C 813 -14.80 19.86 -18.07
CA ASP C 813 -15.14 18.50 -18.46
C ASP C 813 -14.29 17.50 -17.69
N LEU C 814 -14.93 16.45 -17.19
CA LEU C 814 -14.20 15.43 -16.43
C LEU C 814 -13.23 14.67 -17.32
N ILE C 815 -13.64 14.35 -18.55
CA ILE C 815 -12.78 13.57 -19.44
C ILE C 815 -11.52 14.34 -19.77
N CYS C 816 -11.63 15.64 -20.04
CA CYS C 816 -10.45 16.44 -20.29
C CYS C 816 -9.54 16.45 -19.06
N ALA C 817 -10.12 16.57 -17.87
CA ALA C 817 -9.32 16.61 -16.66
C ALA C 817 -8.55 15.32 -16.43
N GLN C 818 -9.19 14.17 -16.70
CA GLN C 818 -8.52 12.90 -16.47
C GLN C 818 -7.58 12.51 -17.62
N LYS C 819 -7.80 13.04 -18.83
CA LYS C 819 -6.82 12.84 -19.89
C LYS C 819 -5.60 13.72 -19.73
N PHE C 820 -5.76 14.92 -19.18
CA PHE C 820 -4.63 15.78 -18.90
C PHE C 820 -3.76 15.25 -17.77
N ASN C 821 -4.23 14.24 -17.04
CA ASN C 821 -3.48 13.65 -15.93
C ASN C 821 -2.99 12.25 -16.23
N GLY C 822 -3.05 11.81 -17.49
CA GLY C 822 -2.43 10.57 -17.91
C GLY C 822 -3.33 9.37 -17.92
N LEU C 823 -4.61 9.52 -17.60
CA LEU C 823 -5.55 8.40 -17.53
C LEU C 823 -6.35 8.37 -18.82
N THR C 824 -6.28 7.24 -19.55
CA THR C 824 -6.93 7.12 -20.84
C THR C 824 -7.81 5.88 -20.85
N VAL C 825 -8.95 5.98 -21.54
CA VAL C 825 -9.88 4.87 -21.72
C VAL C 825 -9.75 4.39 -23.16
N LEU C 826 -9.48 3.10 -23.33
CA LEU C 826 -9.26 2.55 -24.65
C LEU C 826 -10.56 1.99 -25.22
N PRO C 827 -10.82 2.15 -26.52
CA PRO C 827 -12.07 1.65 -27.09
C PRO C 827 -12.10 0.13 -27.08
N PRO C 828 -13.27 -0.47 -26.88
CA PRO C 828 -13.37 -1.93 -27.02
C PRO C 828 -13.11 -2.37 -28.44
N LEU C 829 -12.57 -3.58 -28.58
CA LEU C 829 -12.22 -4.10 -29.90
C LEU C 829 -13.46 -4.23 -30.78
N LEU C 830 -14.51 -4.86 -30.26
CA LEU C 830 -15.77 -5.00 -30.98
C LEU C 830 -16.60 -3.74 -30.78
N THR C 831 -17.08 -3.18 -31.89
CA THR C 831 -17.92 -2.00 -31.81
C THR C 831 -19.35 -2.40 -31.43
N ASP C 832 -20.15 -1.40 -31.08
CA ASP C 832 -21.55 -1.65 -30.77
C ASP C 832 -22.27 -2.23 -31.98
N ASP C 833 -21.90 -1.79 -33.18
CA ASP C 833 -22.49 -2.34 -34.39
C ASP C 833 -22.10 -3.80 -34.59
N MET C 834 -20.83 -4.14 -34.31
CA MET C 834 -20.40 -5.52 -34.44
C MET C 834 -21.10 -6.42 -33.43
N ILE C 835 -21.26 -5.94 -32.19
CA ILE C 835 -21.95 -6.72 -31.17
C ILE C 835 -23.43 -6.87 -31.55
N ALA C 836 -24.03 -5.83 -32.11
CA ALA C 836 -25.40 -5.93 -32.57
C ALA C 836 -25.51 -6.94 -33.71
N ALA C 837 -24.51 -6.98 -34.58
CA ALA C 837 -24.51 -7.97 -35.65
C ALA C 837 -24.41 -9.39 -35.09
N TYR C 838 -23.58 -9.59 -34.07
CA TYR C 838 -23.50 -10.89 -33.42
C TYR C 838 -24.85 -11.28 -32.82
N THR C 839 -25.50 -10.33 -32.14
CA THR C 839 -26.81 -10.61 -31.54
C THR C 839 -27.84 -10.93 -32.61
N ALA C 840 -27.82 -10.18 -33.71
CA ALA C 840 -28.76 -10.44 -34.79
C ALA C 840 -28.53 -11.82 -35.39
N ALA C 841 -27.26 -12.20 -35.57
CA ALA C 841 -26.96 -13.53 -36.09
C ALA C 841 -27.46 -14.61 -35.15
N LEU C 842 -27.26 -14.42 -33.84
CA LEU C 842 -27.74 -15.41 -32.87
C LEU C 842 -29.25 -15.53 -32.92
N VAL C 843 -29.95 -14.40 -32.95
CA VAL C 843 -31.41 -14.42 -32.99
C VAL C 843 -31.90 -15.08 -34.27
N SER C 844 -31.30 -14.74 -35.40
CA SER C 844 -31.70 -15.34 -36.67
C SER C 844 -31.43 -16.83 -36.69
N GLY C 845 -30.30 -17.25 -36.13
CA GLY C 845 -29.99 -18.67 -36.09
C GLY C 845 -30.98 -19.46 -35.25
N THR C 846 -31.34 -18.92 -34.08
CA THR C 846 -32.33 -19.61 -33.26
C THR C 846 -33.71 -19.58 -33.90
N ALA C 847 -34.02 -18.53 -34.67
CA ALA C 847 -35.32 -18.47 -35.33
C ALA C 847 -35.41 -19.46 -36.48
N THR C 848 -34.33 -19.59 -37.26
CA THR C 848 -34.35 -20.42 -38.46
C THR C 848 -33.91 -21.86 -38.17
N ALA C 849 -32.75 -22.01 -37.53
CA ALA C 849 -32.22 -23.33 -37.23
C ALA C 849 -32.65 -23.83 -35.85
N GLY C 850 -32.50 -23.00 -34.83
CA GLY C 850 -32.90 -23.36 -33.48
C GLY C 850 -31.69 -23.72 -32.62
N TRP C 851 -31.75 -24.89 -32.00
CA TRP C 851 -30.67 -25.39 -31.17
C TRP C 851 -29.60 -26.13 -31.96
N THR C 852 -29.88 -26.47 -33.22
CA THR C 852 -29.00 -27.35 -33.97
C THR C 852 -27.69 -26.69 -34.40
N PHE C 853 -27.62 -25.36 -34.37
CA PHE C 853 -26.42 -24.68 -34.82
C PHE C 853 -25.40 -24.48 -33.71
N GLY C 854 -25.70 -24.89 -32.48
CA GLY C 854 -24.75 -24.81 -31.40
C GLY C 854 -23.89 -26.05 -31.30
N ALA C 855 -24.33 -27.14 -31.92
CA ALA C 855 -23.62 -28.43 -31.86
C ALA C 855 -22.78 -28.67 -33.11
N GLY C 856 -23.41 -28.64 -34.28
CA GLY C 856 -22.72 -28.87 -35.54
C GLY C 856 -23.10 -27.81 -36.56
N ALA C 857 -23.47 -28.27 -37.75
CA ALA C 857 -23.92 -27.37 -38.80
C ALA C 857 -25.39 -27.02 -38.59
N ALA C 858 -25.71 -25.75 -38.74
CA ALA C 858 -27.07 -25.29 -38.51
C ALA C 858 -28.04 -26.05 -39.40
N LEU C 859 -29.09 -26.60 -38.79
CA LEU C 859 -30.13 -27.34 -39.50
C LEU C 859 -31.42 -26.54 -39.47
N GLN C 860 -31.93 -26.20 -40.65
CA GLN C 860 -33.15 -25.42 -40.75
C GLN C 860 -34.36 -26.23 -40.30
N ILE C 861 -35.30 -25.55 -39.65
CA ILE C 861 -36.51 -26.17 -39.13
C ILE C 861 -37.58 -25.09 -39.01
N PRO C 862 -38.85 -25.38 -39.34
CA PRO C 862 -39.90 -24.38 -39.14
C PRO C 862 -40.05 -24.04 -37.66
N PHE C 863 -40.37 -22.78 -37.38
CA PHE C 863 -40.37 -22.30 -36.00
C PHE C 863 -41.42 -23.03 -35.15
N ALA C 864 -42.58 -23.33 -35.72
CA ALA C 864 -43.62 -24.02 -34.96
C ALA C 864 -43.15 -25.40 -34.52
N MET C 865 -42.45 -26.12 -35.42
CA MET C 865 -41.92 -27.44 -35.04
C MET C 865 -40.83 -27.31 -33.98
N GLN C 866 -40.01 -26.26 -34.06
CA GLN C 866 -39.03 -26.02 -33.01
C GLN C 866 -39.72 -25.80 -31.67
N MET C 867 -40.80 -25.02 -31.67
CA MET C 867 -41.54 -24.79 -30.44
C MET C 867 -42.17 -26.08 -29.93
N ALA C 868 -42.63 -26.94 -30.83
CA ALA C 868 -43.16 -28.23 -30.41
C ALA C 868 -42.08 -29.07 -29.73
N TYR C 869 -40.88 -29.09 -30.29
CA TYR C 869 -39.77 -29.81 -29.68
C TYR C 869 -39.44 -29.24 -28.31
N ARG C 870 -39.41 -27.90 -28.19
CA ARG C 870 -39.07 -27.29 -26.91
C ARG C 870 -40.17 -27.48 -25.88
N PHE C 871 -41.43 -27.60 -26.32
CA PHE C 871 -42.51 -27.97 -25.41
C PHE C 871 -42.33 -29.40 -24.92
N ASN C 872 -42.03 -30.31 -25.84
CA ASN C 872 -41.73 -31.68 -25.43
C ASN C 872 -40.55 -31.72 -24.46
N GLY C 873 -39.65 -30.75 -24.55
CA GLY C 873 -38.49 -30.71 -23.68
C GLY C 873 -38.75 -30.29 -22.26
N ILE C 874 -40.00 -30.02 -21.87
CA ILE C 874 -40.36 -29.71 -20.50
C ILE C 874 -41.48 -30.61 -19.99
N GLY C 875 -41.71 -31.73 -20.66
CA GLY C 875 -42.72 -32.68 -20.24
C GLY C 875 -44.11 -32.41 -20.76
N VAL C 876 -44.30 -31.40 -21.59
CA VAL C 876 -45.61 -31.08 -22.19
C VAL C 876 -45.63 -31.65 -23.60
N THR C 877 -46.65 -32.45 -23.90
CA THR C 877 -46.74 -33.08 -25.20
C THR C 877 -46.81 -32.02 -26.31
N GLN C 878 -46.55 -32.47 -27.54
CA GLN C 878 -46.50 -31.55 -28.68
C GLN C 878 -47.88 -31.04 -29.06
N ASN C 879 -48.91 -31.89 -28.92
CA ASN C 879 -50.25 -31.46 -29.28
C ASN C 879 -50.68 -30.24 -28.49
N VAL C 880 -50.12 -30.05 -27.29
CA VAL C 880 -50.44 -28.85 -26.52
C VAL C 880 -49.99 -27.61 -27.28
N LEU C 881 -48.80 -27.66 -27.88
CA LEU C 881 -48.32 -26.52 -28.64
C LEU C 881 -49.07 -26.37 -29.96
N TYR C 882 -49.27 -27.47 -30.68
CA TYR C 882 -49.90 -27.37 -32.00
C TYR C 882 -51.35 -26.93 -31.89
N GLU C 883 -52.13 -27.58 -31.04
CA GLU C 883 -53.56 -27.31 -30.93
C GLU C 883 -53.86 -25.96 -30.28
N ASN C 884 -52.86 -25.29 -29.72
CA ASN C 884 -53.03 -23.96 -29.15
C ASN C 884 -52.01 -22.99 -29.73
N GLN C 885 -51.62 -23.19 -30.98
CA GLN C 885 -50.53 -22.43 -31.57
C GLN C 885 -50.84 -20.94 -31.59
N LYS C 886 -52.04 -20.57 -32.05
CA LYS C 886 -52.38 -19.16 -32.18
C LYS C 886 -52.39 -18.47 -30.82
N GLN C 887 -52.98 -19.12 -29.81
CA GLN C 887 -53.01 -18.52 -28.48
C GLN C 887 -51.61 -18.36 -27.91
N ILE C 888 -50.76 -19.37 -28.10
CA ILE C 888 -49.41 -19.29 -27.56
C ILE C 888 -48.62 -18.19 -28.27
N ALA C 889 -48.81 -18.05 -29.59
CA ALA C 889 -48.16 -16.97 -30.31
C ALA C 889 -48.65 -15.61 -29.83
N ASN C 890 -49.95 -15.48 -29.57
CA ASN C 890 -50.47 -14.23 -29.05
C ASN C 890 -49.88 -13.92 -27.68
N GLN C 891 -49.77 -14.93 -26.81
CA GLN C 891 -49.17 -14.71 -25.50
C GLN C 891 -47.71 -14.28 -25.63
N PHE C 892 -46.96 -14.92 -26.54
CA PHE C 892 -45.58 -14.53 -26.76
C PHE C 892 -45.48 -13.08 -27.24
N ASN C 893 -46.33 -12.70 -28.20
CA ASN C 893 -46.31 -11.34 -28.71
C ASN C 893 -46.67 -10.33 -27.63
N LYS C 894 -47.68 -10.67 -26.81
CA LYS C 894 -48.07 -9.77 -25.73
C LYS C 894 -46.94 -9.63 -24.71
N ALA C 895 -46.24 -10.71 -24.42
CA ALA C 895 -45.09 -10.62 -23.52
C ALA C 895 -44.01 -9.73 -24.11
N ILE C 896 -43.74 -9.87 -25.41
CA ILE C 896 -42.76 -9.00 -26.07
C ILE C 896 -43.17 -7.55 -25.92
N SER C 897 -44.45 -7.25 -26.17
CA SER C 897 -44.94 -5.89 -26.06
C SER C 897 -44.85 -5.37 -24.63
N GLN C 898 -45.13 -6.22 -23.65
CA GLN C 898 -45.08 -5.79 -22.26
C GLN C 898 -43.65 -5.47 -21.83
N ILE C 899 -42.69 -6.32 -22.20
CA ILE C 899 -41.29 -5.99 -21.94
C ILE C 899 -40.91 -4.69 -22.66
N GLN C 900 -41.38 -4.51 -23.89
CA GLN C 900 -41.07 -3.29 -24.62
C GLN C 900 -41.59 -2.06 -23.87
N GLU C 901 -42.84 -2.12 -23.41
CA GLU C 901 -43.43 -0.98 -22.71
C GLU C 901 -42.74 -0.73 -21.37
N SER C 902 -42.50 -1.79 -20.60
CA SER C 902 -41.81 -1.62 -19.32
C SER C 902 -40.42 -1.02 -19.52
N LEU C 903 -39.76 -1.36 -20.63
CA LEU C 903 -38.46 -0.78 -20.91
C LEU C 903 -38.58 0.68 -21.34
N THR C 904 -39.65 1.01 -22.07
CA THR C 904 -39.83 2.38 -22.54
C THR C 904 -39.95 3.35 -21.36
N THR C 905 -40.75 2.99 -20.36
CA THR C 905 -40.94 3.86 -19.21
C THR C 905 -39.68 3.90 -18.37
N THR C 906 -39.33 5.11 -17.92
CA THR C 906 -38.11 5.28 -17.12
C THR C 906 -38.18 4.40 -15.87
N SER C 907 -37.06 3.75 -15.57
CA SER C 907 -36.95 2.86 -14.43
C SER C 907 -35.47 2.58 -14.18
N THR C 908 -35.20 1.66 -13.26
CA THR C 908 -33.84 1.22 -12.95
C THR C 908 -33.63 -0.24 -13.33
N ALA C 909 -34.25 -0.65 -14.46
CA ALA C 909 -34.12 -2.04 -14.89
C ALA C 909 -32.66 -2.39 -15.18
N LEU C 910 -31.95 -1.50 -15.87
CA LEU C 910 -30.53 -1.68 -16.14
C LEU C 910 -29.66 -1.00 -15.08
N GLY C 911 -29.94 -1.32 -13.81
CA GLY C 911 -29.16 -0.75 -12.74
C GLY C 911 -27.77 -1.33 -12.63
N LYS C 912 -27.59 -2.58 -13.05
CA LYS C 912 -26.28 -3.23 -12.96
C LYS C 912 -25.28 -2.59 -13.93
N LEU C 913 -25.69 -2.43 -15.19
CA LEU C 913 -24.80 -1.84 -16.18
C LEU C 913 -24.48 -0.39 -15.83
N GLN C 914 -25.49 0.36 -15.39
CA GLN C 914 -25.24 1.73 -14.95
C GLN C 914 -24.31 1.75 -13.76
N ASP C 915 -24.44 0.76 -12.86
CA ASP C 915 -23.53 0.67 -11.72
C ASP C 915 -22.10 0.44 -12.18
N VAL C 916 -21.91 -0.41 -13.19
CA VAL C 916 -20.56 -0.65 -13.72
C VAL C 916 -19.99 0.65 -14.28
N VAL C 917 -20.77 1.35 -15.11
CA VAL C 917 -20.31 2.59 -15.70
C VAL C 917 -19.96 3.60 -14.62
N ASN C 918 -20.83 3.73 -13.62
CA ASN C 918 -20.62 4.69 -12.55
C ASN C 918 -19.39 4.34 -11.74
N GLN C 919 -19.16 3.05 -11.50
CA GLN C 919 -17.98 2.63 -10.75
C GLN C 919 -16.70 3.01 -11.49
N ASN C 920 -16.65 2.74 -12.80
CA ASN C 920 -15.47 3.13 -13.56
C ASN C 920 -15.25 4.63 -13.52
N ALA C 921 -16.30 5.39 -13.78
CA ALA C 921 -16.18 6.85 -13.80
C ALA C 921 -15.75 7.38 -12.43
N GLN C 922 -16.33 6.83 -11.36
CA GLN C 922 -15.99 7.29 -10.02
C GLN C 922 -14.56 6.96 -9.66
N ALA C 923 -14.09 5.78 -10.04
CA ALA C 923 -12.70 5.42 -9.78
C ALA C 923 -11.75 6.40 -10.45
N LEU C 924 -12.00 6.69 -11.74
CA LEU C 924 -11.13 7.64 -12.42
C LEU C 924 -11.22 9.04 -11.80
N ASN C 925 -12.42 9.48 -11.45
CA ASN C 925 -12.59 10.82 -10.91
C ASN C 925 -11.95 10.96 -9.53
N THR C 926 -12.06 9.93 -8.69
CA THR C 926 -11.38 9.98 -7.40
C THR C 926 -9.87 9.92 -7.58
N LEU C 927 -9.39 9.20 -8.59
CA LEU C 927 -7.96 9.27 -8.89
C LEU C 927 -7.56 10.69 -9.23
N VAL C 928 -8.37 11.38 -10.02
CA VAL C 928 -8.06 12.78 -10.36
C VAL C 928 -8.06 13.65 -9.11
N LYS C 929 -9.07 13.46 -8.25
CA LYS C 929 -9.21 14.31 -7.08
C LYS C 929 -8.11 14.06 -6.04
N GLN C 930 -7.60 12.83 -5.97
CA GLN C 930 -6.58 12.51 -4.98
C GLN C 930 -5.27 13.25 -5.24
N LEU C 931 -5.11 13.87 -6.40
CA LEU C 931 -3.92 14.67 -6.67
C LEU C 931 -3.84 15.90 -5.77
N SER C 932 -4.95 16.32 -5.16
CA SER C 932 -4.96 17.49 -4.30
C SER C 932 -4.49 17.18 -2.88
N SER C 933 -4.29 15.91 -2.54
CA SER C 933 -3.97 15.52 -1.18
C SER C 933 -2.47 15.63 -0.94
N ASN C 934 -2.08 16.46 0.03
CA ASN C 934 -0.73 16.38 0.55
C ASN C 934 -0.52 15.02 1.17
N PHE C 935 0.71 14.51 1.09
CA PHE C 935 0.99 13.21 1.69
C PHE C 935 2.06 13.39 2.76
N GLY C 936 1.87 14.39 3.61
CA GLY C 936 2.90 14.82 4.52
C GLY C 936 3.82 15.88 3.96
N ALA C 937 3.61 16.29 2.71
CA ALA C 937 4.40 17.33 2.09
C ALA C 937 3.78 18.70 2.35
N ILE C 938 4.59 19.74 2.18
CA ILE C 938 4.12 21.11 2.45
C ILE C 938 2.96 21.47 1.53
N SER C 939 2.90 20.88 0.35
CA SER C 939 1.86 21.22 -0.62
C SER C 939 1.69 20.05 -1.57
N SER C 940 0.51 20.01 -2.20
CA SER C 940 0.23 19.03 -3.24
C SER C 940 0.53 19.56 -4.64
N VAL C 941 0.99 20.80 -4.76
CA VAL C 941 1.24 21.44 -6.05
C VAL C 941 2.73 21.33 -6.33
N LEU C 942 3.08 20.55 -7.35
CA LEU C 942 4.48 20.35 -7.69
C LEU C 942 5.15 21.66 -8.08
N ASN C 943 4.47 22.49 -8.87
CA ASN C 943 5.06 23.74 -9.32
C ASN C 943 5.38 24.66 -8.15
N ASP C 944 4.49 24.71 -7.15
CA ASP C 944 4.74 25.52 -5.98
C ASP C 944 6.00 25.06 -5.26
N ILE C 945 6.13 23.75 -5.05
CA ILE C 945 7.31 23.22 -4.37
C ILE C 945 8.58 23.56 -5.14
N LEU C 946 8.57 23.29 -6.45
CA LEU C 946 9.76 23.53 -7.26
C LEU C 946 10.08 25.01 -7.40
N SER C 947 9.08 25.89 -7.23
CA SER C 947 9.33 27.31 -7.27
C SER C 947 9.90 27.84 -5.96
N ARG C 948 9.50 27.26 -4.83
CA ARG C 948 9.97 27.76 -3.54
C ARG C 948 11.25 27.10 -3.05
N LEU C 949 11.47 25.84 -3.38
CA LEU C 949 12.54 25.06 -2.77
C LEU C 949 13.57 24.64 -3.81
N ASP C 950 14.82 24.52 -3.35
CA ASP C 950 15.92 24.10 -4.22
C ASP C 950 15.93 22.57 -4.33
N LYS C 951 17.00 22.02 -4.90
CA LYS C 951 16.99 20.63 -5.34
C LYS C 951 16.74 19.66 -4.19
N VAL C 952 17.38 19.87 -3.04
CA VAL C 952 17.41 18.85 -1.99
C VAL C 952 16.07 18.82 -1.25
N GLU C 953 15.63 19.95 -0.72
CA GLU C 953 14.36 19.98 0.00
C GLU C 953 13.20 19.69 -0.94
N ALA C 954 13.26 20.22 -2.15
CA ALA C 954 12.28 19.86 -3.16
C ALA C 954 12.27 18.36 -3.39
N GLU C 955 13.44 17.73 -3.38
CA GLU C 955 13.51 16.29 -3.57
C GLU C 955 12.81 15.57 -2.42
N VAL C 956 12.99 16.04 -1.19
CA VAL C 956 12.32 15.41 -0.05
C VAL C 956 10.81 15.49 -0.22
N GLN C 957 10.29 16.70 -0.48
CA GLN C 957 8.85 16.87 -0.62
C GLN C 957 8.31 16.06 -1.80
N ILE C 958 9.03 16.08 -2.92
CA ILE C 958 8.57 15.39 -4.11
C ILE C 958 8.62 13.89 -3.91
N ASP C 959 9.56 13.39 -3.11
CA ASP C 959 9.57 11.97 -2.76
C ASP C 959 8.32 11.60 -1.97
N ARG C 960 7.94 12.45 -1.02
CA ARG C 960 6.68 12.20 -0.31
C ARG C 960 5.51 12.14 -1.29
N LEU C 961 5.44 13.12 -2.21
CA LEU C 961 4.33 13.15 -3.16
C LEU C 961 4.36 11.92 -4.07
N ILE C 962 5.56 11.49 -4.49
CA ILE C 962 5.67 10.33 -5.36
C ILE C 962 5.19 9.09 -4.64
N THR C 963 5.59 8.91 -3.38
CA THR C 963 5.10 7.77 -2.62
C THR C 963 3.58 7.79 -2.55
N GLY C 964 3.00 8.95 -2.23
CA GLY C 964 1.54 9.03 -2.10
C GLY C 964 0.82 8.72 -3.40
N ARG C 965 1.28 9.31 -4.50
CA ARG C 965 0.59 9.11 -5.77
C ARG C 965 0.80 7.70 -6.32
N LEU C 966 1.97 7.11 -6.09
CA LEU C 966 2.16 5.71 -6.42
C LEU C 966 1.20 4.84 -5.63
N GLN C 967 1.00 5.15 -4.34
CA GLN C 967 0.03 4.40 -3.56
C GLN C 967 -1.37 4.56 -4.11
N SER C 968 -1.72 5.77 -4.53
CA SER C 968 -3.05 6.00 -5.12
C SER C 968 -3.24 5.15 -6.37
N LEU C 969 -2.24 5.16 -7.25
CA LEU C 969 -2.34 4.36 -8.48
C LEU C 969 -2.41 2.87 -8.16
N GLN C 970 -1.63 2.42 -7.18
CA GLN C 970 -1.65 1.01 -6.80
C GLN C 970 -3.01 0.60 -6.25
N THR C 971 -3.61 1.47 -5.42
CA THR C 971 -4.94 1.20 -4.92
C THR C 971 -5.95 1.13 -6.06
N TYR C 972 -5.85 2.05 -7.03
CA TYR C 972 -6.73 2.01 -8.18
C TYR C 972 -6.57 0.70 -8.95
N VAL C 973 -5.33 0.25 -9.14
CA VAL C 973 -5.10 -0.96 -9.92
C VAL C 973 -5.58 -2.20 -9.16
N THR C 974 -5.37 -2.24 -7.84
CA THR C 974 -5.88 -3.37 -7.05
C THR C 974 -7.40 -3.44 -7.13
N GLN C 975 -8.07 -2.29 -6.96
CA GLN C 975 -9.52 -2.27 -7.06
C GLN C 975 -9.98 -2.67 -8.45
N GLN C 976 -9.26 -2.23 -9.48
CA GLN C 976 -9.59 -2.63 -10.85
C GLN C 976 -9.44 -4.14 -11.03
N LEU C 977 -8.40 -4.73 -10.44
CA LEU C 977 -8.23 -6.18 -10.54
C LEU C 977 -9.38 -6.92 -9.87
N ILE C 978 -9.79 -6.46 -8.69
CA ILE C 978 -10.90 -7.13 -8.00
C ILE C 978 -12.20 -6.96 -8.79
N ARG C 979 -12.47 -5.75 -9.27
CA ARG C 979 -13.67 -5.53 -10.07
C ARG C 979 -13.63 -6.35 -11.34
N ALA C 980 -12.45 -6.50 -11.95
CA ALA C 980 -12.32 -7.30 -13.15
C ALA C 980 -12.55 -8.77 -12.86
N ALA C 981 -12.14 -9.24 -11.68
CA ALA C 981 -12.46 -10.62 -11.30
C ALA C 981 -13.96 -10.82 -11.18
N GLU C 982 -14.65 -9.87 -10.55
CA GLU C 982 -16.10 -9.97 -10.45
C GLU C 982 -16.76 -9.93 -11.82
N ILE C 983 -16.30 -9.02 -12.68
CA ILE C 983 -16.87 -8.90 -14.02
C ILE C 983 -16.57 -10.15 -14.85
N ARG C 984 -15.41 -10.77 -14.65
CA ARG C 984 -15.09 -12.00 -15.37
C ARG C 984 -15.98 -13.14 -14.91
N ALA C 985 -16.26 -13.21 -13.61
CA ALA C 985 -17.24 -14.20 -13.15
C ALA C 985 -18.59 -13.97 -13.82
N SER C 986 -19.02 -12.71 -13.88
CA SER C 986 -20.29 -12.39 -14.53
C SER C 986 -20.26 -12.77 -16.00
N ALA C 987 -19.14 -12.50 -16.69
CA ALA C 987 -19.05 -12.79 -18.12
C ALA C 987 -18.98 -14.28 -18.39
N ASN C 988 -18.31 -15.04 -17.53
CA ASN C 988 -18.31 -16.49 -17.66
C ASN C 988 -19.73 -17.03 -17.47
N LEU C 989 -20.46 -16.51 -16.48
CA LEU C 989 -21.84 -16.93 -16.33
C LEU C 989 -22.68 -16.54 -17.54
N ALA C 990 -22.42 -15.36 -18.10
CA ALA C 990 -23.16 -14.93 -19.28
C ALA C 990 -22.88 -15.83 -20.49
N ALA C 991 -21.62 -16.24 -20.65
CA ALA C 991 -21.29 -17.17 -21.72
C ALA C 991 -21.95 -18.53 -21.50
N THR C 992 -21.97 -18.99 -20.26
CA THR C 992 -22.67 -20.24 -19.95
C THR C 992 -24.16 -20.12 -20.28
N LYS C 993 -24.76 -18.97 -19.95
CA LYS C 993 -26.17 -18.75 -20.28
C LYS C 993 -26.38 -18.70 -21.79
N MET C 994 -25.47 -18.07 -22.52
CA MET C 994 -25.57 -18.05 -23.97
C MET C 994 -25.52 -19.46 -24.53
N SER C 995 -24.66 -20.31 -23.98
CA SER C 995 -24.53 -21.67 -24.48
C SER C 995 -25.74 -22.52 -24.13
N GLU C 996 -26.24 -22.43 -22.89
CA GLU C 996 -27.23 -23.38 -22.40
C GLU C 996 -28.67 -22.90 -22.52
N CYS C 997 -28.91 -21.60 -22.68
CA CYS C 997 -30.26 -21.05 -22.85
C CYS C 997 -30.55 -20.59 -24.27
N VAL C 998 -29.55 -20.04 -24.97
CA VAL C 998 -29.75 -19.56 -26.33
C VAL C 998 -29.48 -20.66 -27.35
N LEU C 999 -28.36 -21.36 -27.21
CA LEU C 999 -28.01 -22.44 -28.13
C LEU C 999 -28.62 -23.78 -27.74
N GLY C 1000 -29.43 -23.81 -26.69
CA GLY C 1000 -30.09 -25.04 -26.29
C GLY C 1000 -31.07 -24.76 -25.17
N GLN C 1001 -31.89 -25.76 -24.87
CA GLN C 1001 -32.89 -25.67 -23.82
C GLN C 1001 -32.32 -26.27 -22.55
N SER C 1002 -32.30 -25.48 -21.48
CA SER C 1002 -31.69 -25.87 -20.22
C SER C 1002 -32.73 -26.53 -19.31
N LYS C 1003 -32.36 -27.68 -18.74
CA LYS C 1003 -33.19 -28.35 -17.76
C LYS C 1003 -32.84 -27.95 -16.32
N ARG C 1004 -31.84 -27.12 -16.12
CA ARG C 1004 -31.50 -26.64 -14.79
C ARG C 1004 -32.60 -25.74 -14.26
N VAL C 1005 -32.90 -25.86 -12.97
CA VAL C 1005 -34.02 -25.14 -12.37
C VAL C 1005 -33.59 -23.71 -12.08
N ASP C 1006 -34.36 -22.75 -12.58
CA ASP C 1006 -34.15 -21.33 -12.32
C ASP C 1006 -32.81 -20.83 -12.84
N PHE C 1007 -32.30 -21.46 -13.90
CA PHE C 1007 -31.08 -20.97 -14.55
C PHE C 1007 -31.44 -20.02 -15.68
N CYS C 1008 -32.26 -20.48 -16.63
CA CYS C 1008 -32.72 -19.64 -17.74
C CYS C 1008 -34.14 -19.16 -17.42
N GLY C 1009 -34.22 -18.21 -16.50
CA GLY C 1009 -35.49 -17.64 -16.10
C GLY C 1009 -36.26 -18.54 -15.14
N LYS C 1010 -37.30 -17.96 -14.55
CA LYS C 1010 -38.13 -18.65 -13.58
C LYS C 1010 -39.30 -19.32 -14.29
N GLY C 1011 -39.39 -20.63 -14.19
CA GLY C 1011 -40.37 -21.43 -14.89
C GLY C 1011 -39.70 -22.50 -15.72
N TYR C 1012 -40.50 -23.16 -16.56
CA TYR C 1012 -39.96 -24.18 -17.45
C TYR C 1012 -39.41 -23.51 -18.70
N HIS C 1013 -38.08 -23.40 -18.77
CA HIS C 1013 -37.45 -22.67 -19.85
C HIS C 1013 -37.78 -23.27 -21.21
N LEU C 1014 -38.08 -22.40 -22.18
CA LEU C 1014 -38.28 -22.80 -23.57
C LEU C 1014 -37.18 -22.31 -24.48
N MET C 1015 -36.74 -21.07 -24.34
CA MET C 1015 -35.71 -20.49 -25.19
C MET C 1015 -35.37 -19.11 -24.64
N SER C 1016 -34.31 -18.52 -25.19
CA SER C 1016 -33.87 -17.20 -24.77
C SER C 1016 -33.32 -16.45 -25.96
N PHE C 1017 -33.27 -15.12 -25.84
CA PHE C 1017 -32.76 -14.25 -26.87
C PHE C 1017 -31.78 -13.27 -26.24
N PRO C 1018 -30.58 -13.11 -26.79
CA PRO C 1018 -29.67 -12.07 -26.30
C PRO C 1018 -29.94 -10.72 -26.94
N GLN C 1019 -29.73 -9.68 -26.14
CA GLN C 1019 -29.82 -8.30 -26.62
C GLN C 1019 -28.61 -7.56 -26.09
N ALA C 1020 -27.84 -6.96 -27.00
CA ALA C 1020 -26.68 -6.20 -26.59
C ALA C 1020 -27.11 -5.00 -25.76
N ALA C 1021 -26.31 -4.66 -24.76
CA ALA C 1021 -26.53 -3.48 -23.94
C ALA C 1021 -25.17 -2.91 -23.61
N PRO C 1022 -25.09 -1.61 -23.32
CA PRO C 1022 -23.79 -1.03 -22.99
C PRO C 1022 -23.07 -1.79 -21.90
N HIS C 1023 -21.91 -2.37 -22.24
CA HIS C 1023 -21.07 -3.11 -21.30
C HIS C 1023 -21.73 -4.39 -20.80
N GLY C 1024 -22.69 -4.95 -21.50
CA GLY C 1024 -23.34 -6.15 -21.00
C GLY C 1024 -24.36 -6.70 -21.96
N VAL C 1025 -25.09 -7.69 -21.46
CA VAL C 1025 -26.10 -8.39 -22.25
C VAL C 1025 -27.38 -8.47 -21.44
N VAL C 1026 -28.50 -8.60 -22.17
CA VAL C 1026 -29.81 -8.78 -21.57
C VAL C 1026 -30.44 -10.00 -22.22
N PHE C 1027 -30.77 -11.00 -21.41
CA PHE C 1027 -31.42 -12.21 -21.89
C PHE C 1027 -32.93 -12.08 -21.68
N LEU C 1028 -33.69 -12.35 -22.73
CA LEU C 1028 -35.15 -12.39 -22.66
C LEU C 1028 -35.55 -13.85 -22.52
N HIS C 1029 -35.56 -14.33 -21.28
CA HIS C 1029 -35.87 -15.73 -21.02
C HIS C 1029 -37.36 -15.95 -21.20
N VAL C 1030 -37.71 -16.87 -22.11
CA VAL C 1030 -39.10 -17.28 -22.34
C VAL C 1030 -39.34 -18.56 -21.58
N THR C 1031 -40.37 -18.57 -20.74
CA THR C 1031 -40.65 -19.68 -19.86
C THR C 1031 -42.13 -20.03 -19.90
N TYR C 1032 -42.40 -21.31 -19.68
CA TYR C 1032 -43.74 -21.84 -19.50
C TYR C 1032 -44.06 -21.84 -18.01
N VAL C 1033 -45.16 -21.21 -17.64
CA VAL C 1033 -45.58 -21.11 -16.25
C VAL C 1033 -46.98 -21.70 -16.11
N PRO C 1034 -47.14 -22.87 -15.50
CA PRO C 1034 -48.49 -23.42 -15.34
C PRO C 1034 -49.34 -22.57 -14.41
N SER C 1035 -50.65 -22.69 -14.59
CA SER C 1035 -51.60 -21.87 -13.84
C SER C 1035 -52.97 -22.54 -13.89
N GLN C 1036 -53.86 -22.04 -13.04
CA GLN C 1036 -55.23 -22.55 -12.92
C GLN C 1036 -55.24 -24.01 -12.49
N GLU C 1037 -54.67 -24.25 -11.30
CA GLU C 1037 -54.60 -25.60 -10.76
C GLU C 1037 -55.98 -26.07 -10.31
N ARG C 1038 -56.26 -27.35 -10.55
CA ARG C 1038 -57.48 -28.00 -10.11
C ARG C 1038 -57.11 -29.20 -9.24
N ASN C 1039 -57.89 -29.41 -8.18
CA ASN C 1039 -57.65 -30.49 -7.24
C ASN C 1039 -58.32 -31.77 -7.69
N PHE C 1040 -57.68 -32.90 -7.38
CA PHE C 1040 -58.21 -34.21 -7.70
C PHE C 1040 -57.80 -35.19 -6.63
N THR C 1041 -58.52 -36.30 -6.56
CA THR C 1041 -58.15 -37.43 -5.71
C THR C 1041 -57.20 -38.33 -6.49
N THR C 1042 -56.02 -38.59 -5.93
CA THR C 1042 -54.96 -39.29 -6.66
C THR C 1042 -54.82 -40.72 -6.17
N ALA C 1043 -53.95 -41.47 -6.85
CA ALA C 1043 -53.77 -42.90 -6.63
C ALA C 1043 -52.34 -43.31 -6.94
N PRO C 1044 -51.60 -43.86 -5.98
CA PRO C 1044 -50.23 -44.32 -6.30
C PRO C 1044 -50.20 -45.40 -7.36
N ALA C 1045 -51.19 -46.29 -7.38
CA ALA C 1045 -51.22 -47.38 -8.35
C ALA C 1045 -52.66 -47.87 -8.45
N ILE C 1046 -52.92 -48.67 -9.49
CA ILE C 1046 -54.26 -49.19 -9.76
C ILE C 1046 -54.20 -50.70 -9.69
N CYS C 1047 -55.04 -51.28 -8.83
CA CYS C 1047 -55.15 -52.73 -8.72
C CYS C 1047 -56.18 -53.23 -9.74
N HIS C 1048 -55.74 -54.05 -10.69
CA HIS C 1048 -56.64 -54.66 -11.66
C HIS C 1048 -56.42 -56.16 -11.65
N GLU C 1049 -57.52 -56.91 -11.61
CA GLU C 1049 -57.43 -58.36 -11.44
C GLU C 1049 -56.68 -58.67 -10.15
N GLY C 1050 -55.37 -58.92 -10.27
CA GLY C 1050 -54.55 -59.17 -9.10
C GLY C 1050 -53.18 -58.54 -9.21
N LYS C 1051 -53.04 -57.52 -10.06
CA LYS C 1051 -51.77 -56.89 -10.34
C LYS C 1051 -51.87 -55.39 -10.16
N ALA C 1052 -50.75 -54.78 -9.78
CA ALA C 1052 -50.67 -53.34 -9.55
C ALA C 1052 -50.06 -52.69 -10.79
N TYR C 1053 -50.87 -51.96 -11.53
CA TYR C 1053 -50.40 -51.15 -12.64
C TYR C 1053 -50.01 -49.76 -12.15
N PHE C 1054 -48.98 -49.21 -12.77
CA PHE C 1054 -48.46 -47.91 -12.42
C PHE C 1054 -48.47 -47.00 -13.64
N PRO C 1055 -48.58 -45.70 -13.45
CA PRO C 1055 -48.84 -44.79 -14.58
C PRO C 1055 -47.59 -44.42 -15.36
N ARG C 1056 -47.22 -45.25 -16.33
CA ARG C 1056 -46.07 -44.94 -17.17
C ARG C 1056 -46.18 -43.52 -17.70
N GLU C 1057 -45.25 -42.65 -17.28
CA GLU C 1057 -45.11 -41.28 -17.74
C GLU C 1057 -46.22 -40.35 -17.25
N GLY C 1058 -47.22 -40.86 -16.52
CA GLY C 1058 -48.32 -40.02 -16.07
C GLY C 1058 -48.66 -40.19 -14.61
N VAL C 1059 -49.79 -39.61 -14.18
CA VAL C 1059 -50.29 -39.77 -12.82
C VAL C 1059 -51.78 -40.03 -12.89
N PHE C 1060 -52.27 -40.91 -12.02
CA PHE C 1060 -53.70 -41.17 -11.92
C PHE C 1060 -54.39 -40.05 -11.16
N VAL C 1061 -55.60 -39.69 -11.62
CA VAL C 1061 -56.44 -38.72 -10.95
C VAL C 1061 -57.89 -39.13 -11.10
N PHE C 1062 -58.72 -38.62 -10.19
CA PHE C 1062 -60.15 -38.90 -10.15
C PHE C 1062 -60.89 -37.66 -10.63
N ASN C 1063 -61.59 -37.78 -11.75
CA ASN C 1063 -62.29 -36.64 -12.33
C ASN C 1063 -63.65 -36.39 -11.68
N GLY C 1064 -64.05 -37.23 -10.72
CA GLY C 1064 -65.34 -37.15 -10.07
C GLY C 1064 -66.22 -38.35 -10.31
N THR C 1065 -66.10 -38.96 -11.49
CA THR C 1065 -66.85 -40.15 -11.85
C THR C 1065 -65.95 -41.28 -12.34
N SER C 1066 -64.86 -40.98 -13.03
CA SER C 1066 -63.98 -41.98 -13.59
C SER C 1066 -62.53 -41.61 -13.31
N TRP C 1067 -61.67 -42.63 -13.29
CA TRP C 1067 -60.24 -42.43 -13.09
C TRP C 1067 -59.56 -42.26 -14.44
N PHE C 1068 -58.67 -41.26 -14.52
CA PHE C 1068 -57.93 -40.98 -15.74
C PHE C 1068 -56.45 -40.89 -15.42
N ILE C 1069 -55.62 -40.96 -16.46
CA ILE C 1069 -54.18 -40.79 -16.36
C ILE C 1069 -53.82 -39.52 -17.13
N THR C 1070 -53.13 -38.61 -16.45
CA THR C 1070 -52.82 -37.31 -17.03
C THR C 1070 -51.36 -36.97 -16.80
N GLN C 1071 -50.81 -36.18 -17.72
CA GLN C 1071 -49.48 -35.62 -17.54
C GLN C 1071 -49.51 -34.57 -16.43
N ARG C 1072 -48.35 -34.37 -15.79
CA ARG C 1072 -48.32 -33.61 -14.56
C ARG C 1072 -48.53 -32.13 -14.80
N ASN C 1073 -47.87 -31.55 -15.81
CA ASN C 1073 -47.82 -30.10 -15.97
C ASN C 1073 -48.97 -29.52 -16.78
N PHE C 1074 -49.89 -30.36 -17.27
CA PHE C 1074 -51.01 -29.85 -18.05
C PHE C 1074 -52.13 -30.88 -17.99
N PHE C 1075 -53.28 -30.48 -17.45
CA PHE C 1075 -54.37 -31.43 -17.23
C PHE C 1075 -54.93 -31.87 -18.57
N SER C 1076 -54.57 -33.07 -19.00
CA SER C 1076 -55.08 -33.69 -20.23
C SER C 1076 -55.46 -35.13 -19.90
N PRO C 1077 -56.62 -35.34 -19.29
CA PRO C 1077 -56.99 -36.70 -18.90
C PRO C 1077 -57.09 -37.63 -20.09
N GLN C 1078 -56.63 -38.86 -19.91
CA GLN C 1078 -56.70 -39.89 -20.93
C GLN C 1078 -57.22 -41.18 -20.31
N ILE C 1079 -57.92 -41.97 -21.12
CA ILE C 1079 -58.45 -43.23 -20.63
C ILE C 1079 -57.29 -44.15 -20.27
N ILE C 1080 -57.39 -44.77 -19.10
CA ILE C 1080 -56.31 -45.62 -18.60
C ILE C 1080 -56.32 -46.92 -19.38
N THR C 1081 -55.17 -47.28 -19.94
CA THR C 1081 -55.09 -48.44 -20.83
C THR C 1081 -53.67 -49.01 -20.73
N THR C 1082 -53.53 -50.27 -21.12
CA THR C 1082 -52.26 -50.97 -20.93
C THR C 1082 -51.11 -50.22 -21.61
N ASP C 1083 -51.39 -49.44 -22.65
CA ASP C 1083 -50.33 -48.72 -23.34
C ASP C 1083 -49.65 -47.71 -22.43
N ASN C 1084 -50.43 -46.97 -21.63
CA ASN C 1084 -49.89 -45.90 -20.80
C ASN C 1084 -49.62 -46.33 -19.36
N THR C 1085 -49.81 -47.61 -19.03
CA THR C 1085 -49.49 -48.13 -17.70
C THR C 1085 -48.59 -49.35 -17.84
N PHE C 1086 -47.81 -49.60 -16.79
CA PHE C 1086 -46.96 -50.78 -16.74
C PHE C 1086 -47.19 -51.52 -15.42
N VAL C 1087 -47.27 -52.84 -15.50
CA VAL C 1087 -47.67 -53.68 -14.37
C VAL C 1087 -46.42 -54.22 -13.69
N SER C 1088 -46.49 -54.35 -12.37
CA SER C 1088 -45.37 -54.87 -11.59
C SER C 1088 -45.89 -55.36 -10.24
N GLY C 1089 -45.71 -56.64 -9.96
CA GLY C 1089 -46.05 -57.18 -8.65
C GLY C 1089 -47.55 -57.34 -8.45
N SER C 1090 -47.91 -57.53 -7.19
CA SER C 1090 -49.29 -57.73 -6.77
C SER C 1090 -49.78 -56.53 -5.96
N CYS C 1091 -51.08 -56.51 -5.69
CA CYS C 1091 -51.71 -55.38 -5.02
C CYS C 1091 -51.44 -55.36 -3.52
N ASP C 1092 -51.01 -56.48 -2.93
CA ASP C 1092 -50.80 -56.52 -1.49
C ASP C 1092 -49.71 -55.55 -1.06
N VAL C 1093 -48.61 -55.48 -1.80
CA VAL C 1093 -47.48 -54.66 -1.39
C VAL C 1093 -47.85 -53.18 -1.43
N VAL C 1094 -48.56 -52.75 -2.47
CA VAL C 1094 -48.87 -51.33 -2.61
C VAL C 1094 -49.65 -50.84 -1.41
N ILE C 1095 -49.39 -49.59 -1.01
CA ILE C 1095 -49.97 -49.02 0.19
C ILE C 1095 -51.31 -48.37 -0.13
N GLY C 1096 -51.29 -47.36 -0.99
CA GLY C 1096 -52.48 -46.60 -1.31
C GLY C 1096 -53.19 -47.07 -2.55
N ILE C 1097 -52.96 -48.31 -2.96
CA ILE C 1097 -53.56 -48.83 -4.17
C ILE C 1097 -55.09 -48.73 -4.08
N ILE C 1098 -55.71 -48.35 -5.19
CA ILE C 1098 -57.15 -48.16 -5.27
C ILE C 1098 -57.70 -48.97 -6.43
N ASN C 1099 -58.77 -49.72 -6.17
CA ASN C 1099 -59.34 -50.59 -7.19
C ASN C 1099 -59.85 -49.77 -8.36
N ASN C 1100 -59.58 -50.25 -9.57
CA ASN C 1100 -60.06 -49.59 -10.78
C ASN C 1100 -59.85 -50.55 -11.96
N THR C 1101 -60.49 -50.24 -13.07
CA THR C 1101 -60.36 -51.05 -14.28
C THR C 1101 -59.34 -50.39 -15.23
N VAL C 1102 -58.63 -51.24 -15.97
CA VAL C 1102 -57.66 -50.79 -16.96
C VAL C 1102 -58.04 -51.40 -18.30
N TYR C 1103 -58.37 -50.55 -19.26
CA TYR C 1103 -58.75 -51.01 -20.58
C TYR C 1103 -57.53 -51.56 -21.32
N ASP C 1104 -57.79 -52.36 -22.35
CA ASP C 1104 -56.74 -52.87 -23.20
C ASP C 1104 -57.07 -52.56 -24.66
N PRO C 1105 -56.10 -52.09 -25.44
CA PRO C 1105 -56.40 -51.75 -26.84
C PRO C 1105 -56.88 -52.95 -27.65
N LEU C 1106 -56.38 -54.14 -27.35
CA LEU C 1106 -56.81 -55.33 -28.08
C LEU C 1106 -58.28 -55.64 -27.86
N GLN C 1107 -58.91 -55.05 -26.83
CA GLN C 1107 -60.33 -55.27 -26.61
C GLN C 1107 -61.18 -54.91 -27.83
N PRO C 1108 -60.79 -53.95 -28.68
CA PRO C 1108 -61.61 -53.68 -29.87
C PRO C 1108 -61.79 -54.89 -30.77
N GLU C 1109 -60.77 -55.74 -30.86
CA GLU C 1109 -60.87 -56.96 -31.65
C GLU C 1109 -61.58 -58.06 -30.87
C1 NAG D . 21.02 18.14 -39.84
C2 NAG D . 19.66 18.74 -39.46
C3 NAG D . 18.71 18.51 -40.62
C4 NAG D . 19.29 19.10 -41.90
C5 NAG D . 20.74 18.63 -42.12
C6 NAG D . 21.39 19.35 -43.28
C7 NAG D . 18.66 18.90 -37.22
C8 NAG D . 18.15 18.10 -36.05
N2 NAG D . 19.14 18.18 -38.25
O3 NAG D . 17.47 19.08 -40.30
O4 NAG D . 18.48 18.68 -42.96
O5 NAG D . 21.51 18.84 -40.95
O6 NAG D . 22.57 18.71 -43.70
O7 NAG D . 18.61 20.13 -37.24
C1 NAG D . 17.60 19.76 -43.35
C2 NAG D . 16.21 19.16 -43.61
C3 NAG D . 15.22 20.26 -43.99
C4 NAG D . 15.26 21.36 -42.93
C5 NAG D . 16.70 21.84 -42.74
C6 NAG D . 16.85 22.95 -41.72
C7 NAG D . 17.14 18.01 -45.65
C8 NAG D . 16.90 16.82 -46.55
N2 NAG D . 16.25 18.14 -44.63
O3 NAG D . 13.95 19.69 -44.10
O4 NAG D . 14.42 22.40 -43.38
O5 NAG D . 17.50 20.74 -42.34
O6 NAG D . 16.19 22.58 -40.53
O7 NAG D . 18.07 18.78 -45.85
C1 FUC D . 22.71 18.94 -45.13
C2 FUC D . 23.51 20.25 -45.33
C3 FUC D . 24.94 20.09 -44.83
C4 FUC D . 25.60 18.93 -45.57
C5 FUC D . 24.75 17.68 -45.34
C6 FUC D . 25.27 16.47 -46.10
O2 FUC D . 22.82 21.29 -44.68
O3 FUC D . 25.59 21.32 -45.02
O4 FUC D . 25.71 19.28 -46.93
O5 FUC D . 23.40 17.88 -45.74
C1 NAG E . 56.65 17.10 -25.08
C2 NAG E . 58.12 17.28 -25.50
C3 NAG E . 59.05 16.80 -24.39
C4 NAG E . 58.69 17.50 -23.09
C5 NAG E . 57.21 17.29 -22.80
C6 NAG E . 56.73 17.95 -21.53
C7 NAG E . 58.64 17.15 -27.91
C8 NAG E . 58.65 18.66 -27.89
N2 NAG E . 58.38 16.56 -26.72
O3 NAG E . 60.36 17.08 -24.79
O4 NAG E . 59.51 16.94 -22.09
O5 NAG E . 56.44 17.79 -23.87
O6 NAG E . 56.92 19.35 -21.62
O7 NAG E . 58.85 16.53 -28.93
C1 NAG E . 59.90 17.98 -21.17
C2 NAG E . 60.49 17.31 -19.92
C3 NAG E . 61.06 18.35 -18.97
C4 NAG E . 61.98 19.32 -19.71
C5 NAG E . 61.24 19.89 -20.92
C6 NAG E . 62.03 20.89 -21.72
C7 NAG E . 59.33 15.21 -19.38
C8 NAG E . 60.33 14.52 -20.28
N2 NAG E . 59.47 16.53 -19.26
O3 NAG E . 61.74 17.67 -17.95
O4 NAG E . 62.36 20.32 -18.79
O5 NAG E . 60.87 18.83 -21.75
O6 NAG E . 63.24 20.30 -22.15
O7 NAG E . 58.46 14.57 -18.81
C1 NAG F . 46.91 35.94 -13.01
C2 NAG F . 47.10 36.03 -11.49
C3 NAG F . 47.17 37.50 -11.09
C4 NAG F . 48.17 38.28 -11.93
C5 NAG F . 47.92 38.01 -13.42
C6 NAG F . 48.91 38.69 -14.33
C7 NAG F . 46.17 34.29 -10.02
C8 NAG F . 44.90 33.78 -9.39
N2 NAG F . 46.03 35.37 -10.80
O3 NAG F . 47.50 37.56 -9.72
O4 NAG F . 47.99 39.64 -11.62
O5 NAG F . 47.96 36.62 -13.65
O6 NAG F . 50.23 38.35 -13.94
O7 NAG F . 47.25 33.75 -9.80
C1 NAG F . 49.22 40.18 -11.09
C2 NAG F . 49.19 41.70 -11.25
C3 NAG F . 50.40 42.35 -10.59
C4 NAG F . 50.56 41.85 -9.16
C5 NAG F . 50.57 40.32 -9.17
C6 NAG F . 50.73 39.71 -7.79
C7 NAG F . 48.06 42.51 -13.30
C8 NAG F . 48.27 42.81 -14.76
N2 NAG F . 49.15 42.05 -12.65
O3 NAG F . 50.23 43.73 -10.64
O4 NAG F . 51.78 42.37 -8.68
O5 NAG F . 49.35 39.86 -9.72
O6 NAG F . 49.76 40.22 -6.92
O7 NAG F . 46.97 42.67 -12.76
C1 BMA F . 51.49 43.26 -7.58
C2 BMA F . 52.80 43.94 -7.19
C3 BMA F . 52.54 44.82 -5.95
C4 BMA F . 51.08 45.26 -5.80
C5 BMA F . 50.33 45.36 -7.14
C6 BMA F . 50.65 46.63 -7.91
O2 BMA F . 53.27 44.67 -8.28
O3 BMA F . 53.44 45.89 -6.02
O4 BMA F . 50.46 44.31 -4.96
O5 BMA F . 50.54 44.23 -7.97
O6 BMA F . 50.03 47.71 -7.23
C1 NAG G . 31.53 31.43 -18.84
C2 NAG G . 30.34 31.92 -18.01
C3 NAG G . 29.34 32.66 -18.89
C4 NAG G . 30.01 33.72 -19.75
C5 NAG G . 31.19 33.09 -20.49
C6 NAG G . 31.98 34.05 -21.34
C7 NAG G . 29.67 30.60 -16.03
C8 NAG G . 28.89 29.38 -15.59
N2 NAG G . 29.67 30.83 -17.35
O3 NAG G . 28.37 33.22 -18.05
O4 NAG G . 29.03 34.19 -20.65
O5 NAG G . 32.07 32.51 -19.54
O6 NAG G . 32.71 34.92 -20.51
O7 NAG G . 30.25 31.31 -15.22
C1 NAG G . 28.59 35.50 -20.27
C2 NAG G . 28.19 36.28 -21.52
C3 NAG G . 27.69 37.67 -21.14
C4 NAG G . 26.60 37.60 -20.07
C5 NAG G . 27.06 36.70 -18.93
C6 NAG G . 26.02 36.47 -17.86
C7 NAG G . 29.39 35.74 -23.61
C8 NAG G . 30.64 36.00 -24.40
N2 NAG G . 29.30 36.39 -22.44
O3 NAG G . 27.22 38.30 -22.31
O4 NAG G . 26.40 38.92 -19.63
O5 NAG G . 27.46 35.44 -19.42
O6 NAG G . 24.97 35.69 -18.39
O7 NAG G . 28.52 34.98 -24.02
C1 BMA G . 25.02 39.29 -19.70
C2 BMA G . 24.93 40.76 -19.32
C3 BMA G . 23.45 41.20 -19.28
C4 BMA G . 22.54 40.37 -20.20
C5 BMA G . 23.29 39.73 -21.38
C6 BMA G . 23.55 40.70 -22.52
O2 BMA G . 25.68 41.49 -20.24
O3 BMA G . 23.43 42.57 -19.57
O4 BMA G . 21.96 39.38 -19.38
O5 BMA G . 24.50 39.10 -21.01
O6 BMA G . 24.30 40.03 -23.50
C1 NAG H . 35.04 -12.11 -23.44
C2 NAG H . 36.55 -12.39 -23.54
C3 NAG H . 36.75 -13.34 -24.71
C4 NAG H . 35.88 -14.58 -24.61
C5 NAG H . 34.44 -14.21 -24.19
C6 NAG H . 33.54 -15.38 -23.87
C7 NAG H . 38.54 -10.97 -23.26
C8 NAG H . 39.14 -12.13 -22.49
N2 NAG H . 37.29 -11.18 -23.73
O3 NAG H . 38.12 -13.66 -24.78
O4 NAG H . 35.84 -15.17 -25.89
O5 NAG H . 34.44 -13.33 -23.09
O6 NAG H . 32.26 -14.90 -23.55
O7 NAG H . 39.17 -9.93 -23.43
C1 NAG H . 36.99 -16.01 -26.16
C2 NAG H . 37.13 -16.06 -27.69
C3 NAG H . 38.35 -16.87 -28.09
C4 NAG H . 39.59 -16.34 -27.36
C5 NAG H . 39.30 -16.33 -25.85
C6 NAG H . 40.46 -15.82 -25.03
C7 NAG H . 35.11 -17.51 -27.85
C8 NAG H . 33.94 -17.83 -28.74
N2 NAG H . 35.94 -16.56 -28.33
O3 NAG H . 38.50 -16.78 -29.48
O4 NAG H . 40.66 -17.18 -27.69
O5 NAG H . 38.18 -15.51 -25.59
O6 NAG H . 40.11 -15.81 -23.66
O7 NAG H . 35.26 -18.08 -26.77
C1 FUC H . 31.48 -14.83 -24.77
C2 FUC H . 30.04 -14.44 -24.41
C3 FUC H . 29.96 -13.01 -23.89
C4 FUC H . 30.59 -12.05 -24.92
C5 FUC H . 32.02 -12.52 -25.16
C6 FUC H . 32.76 -11.68 -26.18
O2 FUC H . 29.57 -15.37 -23.46
O3 FUC H . 28.61 -12.71 -23.64
O4 FUC H . 29.81 -12.06 -26.08
O5 FUC H . 32.01 -13.87 -25.64
C1 NAG I . -45.86 -22.48 -45.46
C2 NAG I . -47.33 -22.49 -44.97
C3 NAG I . -48.29 -21.55 -45.69
C4 NAG I . -47.55 -20.30 -46.15
C5 NAG I . -46.47 -20.79 -47.11
C6 NAG I . -45.81 -19.72 -47.92
C7 NAG I . -47.77 -24.74 -44.05
C8 NAG I . -47.13 -24.25 -42.77
N2 NAG I . -47.82 -23.84 -45.04
O3 NAG I . -49.35 -21.25 -44.81
O4 NAG I . -48.44 -19.32 -46.67
O5 NAG I . -45.49 -21.39 -46.29
O6 NAG I . -45.63 -18.56 -47.14
O7 NAG I . -48.22 -25.88 -44.15
C1 NAG I . -49.22 -19.67 -47.84
C2 NAG I . -48.59 -18.96 -49.06
C3 NAG I . -49.41 -19.26 -50.31
C4 NAG I . -49.63 -20.76 -50.47
C5 NAG I . -50.17 -21.33 -49.16
C6 NAG I . -50.44 -22.82 -49.19
C7 NAG I . -47.39 -16.80 -49.01
C8 NAG I . -47.56 -15.32 -48.72
N2 NAG I . -48.51 -17.53 -48.84
O3 NAG I . -48.73 -18.70 -51.41
O4 NAG I . -50.54 -20.94 -51.54
O5 NAG I . -49.24 -21.05 -48.13
O6 NAG I . -51.07 -23.21 -47.99
O7 NAG I . -46.33 -17.26 -49.38
C1 FUC I . -44.37 -18.64 -46.45
C2 FUC I . -43.87 -17.21 -46.21
C3 FUC I . -44.85 -16.48 -45.30
C4 FUC I . -45.00 -17.24 -43.99
C5 FUC I . -45.43 -18.69 -44.31
C6 FUC I . -45.50 -19.57 -43.09
O2 FUC I . -43.72 -16.59 -47.46
O3 FUC I . -44.37 -15.17 -45.13
O4 FUC I . -43.80 -17.19 -43.28
O5 FUC I . -44.50 -19.28 -45.21
C1 NAG J . -2.67 -48.50 -30.64
C2 NAG J . -2.21 -49.68 -31.51
C3 NAG J . -0.70 -49.85 -31.40
C4 NAG J . 0.02 -48.54 -31.68
C5 NAG J . -0.56 -47.45 -30.79
C6 NAG J . 0.07 -46.08 -31.01
C7 NAG J . -3.73 -51.56 -31.90
C8 NAG J . -4.31 -52.81 -31.28
N2 NAG J . -2.88 -50.88 -31.12
O3 NAG J . -0.32 -50.86 -32.30
O4 NAG J . 1.39 -48.75 -31.43
O5 NAG J . -1.94 -47.35 -31.02
O6 NAG J . 1.21 -45.95 -30.21
O7 NAG J . -4.03 -51.21 -33.03
C1 NAG J . 2.13 -48.42 -32.61
C2 NAG J . 3.61 -48.28 -32.22
C3 NAG J . 4.44 -47.98 -33.47
C4 NAG J . 4.19 -49.04 -34.53
C5 NAG J . 2.68 -49.14 -34.80
C6 NAG J . 2.31 -50.19 -35.81
C7 NAG J . 4.08 -47.47 -29.94
C8 NAG J . 4.23 -46.24 -29.09
N2 NAG J . 3.80 -47.24 -31.24
O3 NAG J . 5.79 -47.94 -33.08
O4 NAG J . 4.90 -48.65 -35.69
O5 NAG J . 2.02 -49.43 -33.58
O6 NAG J . 2.74 -51.45 -35.35
O7 NAG J . 4.21 -48.60 -29.47
C1 BMA J . 6.09 -49.47 -35.78
C2 BMA J . 6.36 -49.73 -37.26
C3 BMA J . 7.55 -50.71 -37.37
C4 BMA J . 8.48 -50.68 -36.15
C5 BMA J . 8.50 -49.34 -35.42
C6 BMA J . 9.38 -48.29 -36.11
O2 BMA J . 6.60 -48.50 -37.89
O3 BMA J . 8.21 -50.41 -38.58
O4 BMA J . 8.03 -51.71 -35.29
O5 BMA J . 7.20 -48.81 -35.21
O6 BMA J . 9.27 -47.10 -35.37
C1 NAG K . 47.25 39.18 -23.50
C2 NAG K . 48.45 39.96 -22.93
C3 NAG K . 48.52 41.33 -23.58
C4 NAG K . 48.51 41.22 -25.10
C5 NAG K . 47.32 40.38 -25.54
C6 NAG K . 47.27 40.15 -27.03
C7 NAG K . 49.31 39.71 -20.63
C8 NAG K . 50.54 39.09 -21.25
N2 NAG K . 48.35 40.09 -21.50
O3 NAG K . 49.68 41.97 -23.10
O4 NAG K . 48.44 42.53 -25.60
O5 NAG K . 47.36 39.13 -24.90
O6 NAG K . 45.96 39.89 -27.45
O7 NAG K . 49.20 39.84 -19.42
C1 NAG K . 49.49 42.73 -26.57
C2 NAG K . 49.15 43.98 -27.38
C3 NAG K . 50.27 44.29 -28.38
C4 NAG K . 51.61 44.33 -27.66
C5 NAG K . 51.80 43.04 -26.85
C6 NAG K . 53.10 42.99 -26.08
C7 NAG K . 47.61 42.79 -28.90
C8 NAG K . 46.24 42.82 -29.50
N2 NAG K . 47.90 43.81 -28.07
O3 NAG K . 49.97 45.49 -29.01
O4 NAG K . 52.60 44.48 -28.65
O5 NAG K . 50.73 42.91 -25.94
O6 NAG K . 53.16 44.07 -25.17
O7 NAG K . 48.41 41.91 -29.16
C1 BMA K . 53.00 45.86 -28.71
C2 BMA K . 54.27 45.94 -29.54
C3 BMA K . 54.80 47.40 -29.53
C4 BMA K . 53.69 48.43 -29.32
C5 BMA K . 52.31 47.95 -29.77
C6 BMA K . 52.12 48.01 -31.28
O2 BMA K . 53.98 45.48 -30.84
O3 BMA K . 55.51 47.58 -30.72
O4 BMA K . 53.68 48.72 -27.93
O5 BMA K . 51.99 46.65 -29.30
O6 BMA K . 50.89 47.37 -31.58
C1 FUC K . 45.68 38.48 -27.28
C2 FUC K . 44.21 38.25 -27.63
C3 FUC K . 43.97 38.46 -29.13
C4 FUC K . 44.91 37.57 -29.95
C5 FUC K . 46.34 37.88 -29.51
C6 FUC K . 47.37 37.00 -30.19
O2 FUC K . 43.41 39.10 -26.85
O3 FUC K . 42.61 38.20 -29.38
O4 FUC K . 44.56 36.23 -29.73
O5 FUC K . 46.50 37.70 -28.10
C1 NAG L . 2.73 47.97 -17.64
C2 NAG L . 1.23 48.28 -17.77
C3 NAG L . 0.75 47.73 -19.11
C4 NAG L . 1.61 48.21 -20.27
C5 NAG L . 3.11 48.14 -19.95
C6 NAG L . 3.97 48.87 -20.95
C7 NAG L . 0.12 48.37 -15.57
C8 NAG L . -0.65 47.55 -14.57
N2 NAG L . 0.49 47.71 -16.69
O3 NAG L . -0.59 48.12 -19.26
O4 NAG L . 1.32 47.35 -21.35
O5 NAG L . 3.38 48.67 -18.66
O6 NAG L . 3.49 50.20 -21.08
O7 NAG L . 0.40 49.54 -15.38
C1 NAG L . 0.36 47.95 -22.25
C2 NAG L . 1.18 48.74 -23.30
C3 NAG L . 1.78 47.86 -24.39
C4 NAG L . 1.52 46.40 -24.07
C5 NAG L . 0.00 46.28 -23.98
C6 NAG L . -0.51 44.87 -23.97
C7 NAG L . 0.22 51.02 -23.38
C8 NAG L . 0.95 51.27 -22.08
N2 NAG L . 0.38 49.78 -23.89
O3 NAG L . 3.14 48.16 -24.51
O4 NAG L . 2.04 45.63 -25.12
O5 NAG L . -0.45 46.93 -22.80
O6 NAG L . -1.91 44.86 -23.77
O7 NAG L . -0.47 51.88 -23.91
C1 FUC L . 4.50 51.22 -20.80
C2 FUC L . 5.29 50.86 -19.52
C3 FUC L . 6.45 49.88 -19.71
C4 FUC L . 7.31 50.30 -20.90
C5 FUC L . 6.40 50.39 -22.11
C6 FUC L . 7.12 50.78 -23.38
O2 FUC L . 4.38 50.42 -18.54
O3 FUC L . 7.16 49.82 -18.50
O4 FUC L . 7.94 51.53 -20.59
O5 FUC L . 5.38 51.37 -21.90
C1 NAG M . -12.36 14.16 -38.38
C2 NAG M . -13.77 14.21 -37.79
C3 NAG M . -14.79 13.79 -38.85
C4 NAG M . -14.61 14.65 -40.10
C5 NAG M . -13.16 14.60 -40.56
C6 NAG M . -12.87 15.49 -41.74
C7 NAG M . -13.77 12.11 -36.43
C8 NAG M . -13.41 11.31 -37.67
N2 NAG M . -13.91 13.44 -36.58
O3 NAG M . -16.07 13.90 -38.30
O4 NAG M . -15.48 14.11 -41.09
O5 NAG M . -12.31 15.00 -39.50
O6 NAG M . -12.60 16.80 -41.32
O7 NAG M . -13.91 11.55 -35.35
C1 NAG M . -16.65 14.95 -41.17
C2 NAG M . -17.09 15.04 -42.63
C3 NAG M . -18.33 15.93 -42.72
C4 NAG M . -19.41 15.43 -41.77
C5 NAG M . -18.84 15.25 -40.37
C6 NAG M . -19.82 14.67 -39.38
C7 NAG M . -15.41 14.87 -44.42
C8 NAG M . -14.32 15.63 -45.16
N2 NAG M . -16.03 15.57 -43.46
O3 NAG M . -18.76 15.94 -44.06
O4 NAG M . -20.46 16.37 -41.79
O5 NAG M . -17.70 14.40 -40.42
O6 NAG M . -20.25 13.40 -39.83
O7 NAG M . -15.67 13.72 -44.70
C1 BMA M . -21.62 15.78 -42.39
C2 BMA M . -22.82 16.64 -42.03
C3 BMA M . -24.11 15.97 -42.56
C4 BMA M . -23.85 15.06 -43.77
C5 BMA M . -22.63 15.45 -44.60
C6 BMA M . -22.88 16.62 -45.55
O2 BMA M . -22.62 17.93 -42.55
O3 BMA M . -25.02 17.00 -42.82
O4 BMA M . -23.70 13.75 -43.24
O5 BMA M . -21.49 15.73 -43.80
O6 BMA M . -23.32 17.71 -44.77
C1 FUC M . -13.85 17.49 -41.14
C2 FUC M . -13.86 18.11 -39.74
C3 FUC M . -12.79 19.20 -39.62
C4 FUC M . -13.00 20.24 -40.73
C5 FUC M . -12.99 19.52 -42.08
C6 FUC M . -13.26 20.44 -43.25
O2 FUC M . -13.66 17.09 -38.80
O3 FUC M . -12.88 19.75 -38.33
O4 FUC M . -14.21 20.92 -40.48
O5 FUC M . -13.99 18.51 -42.10
C1 NAG N . -20.25 -41.81 -43.38
C2 NAG N . -20.92 -43.05 -43.94
C3 NAG N . -19.96 -44.23 -43.83
C4 NAG N . -18.53 -43.92 -44.30
C5 NAG N . -18.08 -42.53 -43.82
C6 NAG N . -16.82 -42.00 -44.45
C7 NAG N . -22.69 -44.48 -42.88
C8 NAG N . -23.98 -44.38 -42.09
N2 NAG N . -22.14 -43.29 -43.20
O3 NAG N . -20.50 -45.29 -44.57
O4 NAG N . -17.77 -44.96 -43.73
O5 NAG N . -19.09 -41.57 -44.11
O6 NAG N . -16.68 -40.64 -44.09
O7 NAG N . -22.23 -45.57 -43.19
C1 NAG N . -16.38 -44.96 -44.12
C2 NAG N . -15.77 -46.18 -43.38
C3 NAG N . -15.22 -47.33 -44.22
C4 NAG N . -15.22 -47.09 -45.73
C5 NAG N . -15.06 -45.60 -45.95
C6 NAG N . -14.79 -45.19 -47.39
C7 NAG N . -14.12 -46.41 -41.51
C8 NAG N . -14.54 -47.86 -41.34
N2 NAG N . -14.75 -45.71 -42.47
O3 NAG N . -15.92 -48.49 -43.87
O4 NAG N . -14.16 -47.84 -46.28
O5 NAG N . -16.27 -45.04 -45.52
O6 NAG N . -15.88 -45.58 -48.20
O7 NAG N . -13.26 -45.92 -40.80
C1 BMA N . -13.38 -48.44 -45.21
C2 BMA N . -13.61 -49.93 -45.27
C3 BMA N . -12.95 -50.55 -46.52
C4 BMA N . -11.69 -49.86 -47.10
C5 BMA N . -11.34 -48.47 -46.56
C6 BMA N . -11.49 -47.35 -47.60
O2 BMA N . -15.00 -50.14 -45.25
O3 BMA N . -13.99 -50.69 -47.48
O4 BMA N . -10.63 -50.76 -46.79
O5 BMA N . -12.02 -48.11 -45.38
O6 BMA N . -12.73 -47.50 -48.25
C1 FUC N . -15.28 -40.37 -43.81
C2 FUC N . -15.21 -39.00 -43.12
C3 FUC N . -15.84 -39.06 -41.74
C4 FUC N . -15.19 -40.17 -40.91
C5 FUC N . -15.34 -41.48 -41.69
C6 FUC N . -14.70 -42.66 -41.00
O2 FUC N . -15.82 -38.06 -43.96
O3 FUC N . -15.69 -37.78 -41.16
O4 FUC N . -13.85 -39.83 -40.69
O5 FUC N . -14.75 -41.36 -42.98
C1 NAG O . 29.19 -26.42 28.49
C2 NAG O . 29.55 -26.37 27.01
C3 NAG O . 29.52 -27.80 26.47
C4 NAG O . 30.45 -28.68 27.30
C5 NAG O . 30.18 -28.52 28.81
C6 NAG O . 31.20 -29.26 29.64
C7 NAG O . 29.06 -24.59 25.39
C8 NAG O . 27.94 -23.82 24.71
N2 NAG O . 28.66 -25.54 26.26
O3 NAG O . 29.90 -27.77 25.13
O4 NAG O . 30.21 -30.02 26.90
O5 NAG O . 30.18 -27.15 29.17
O6 NAG O . 30.81 -29.36 30.99
O7 NAG O . 30.23 -24.34 25.16
C1 NAG O . 31.25 -30.44 25.99
C2 NAG O . 30.57 -31.23 24.86
C3 NAG O . 31.60 -31.66 23.83
C4 NAG O . 32.40 -30.45 23.37
C5 NAG O . 32.99 -29.73 24.58
C6 NAG O . 33.83 -28.52 24.25
C7 NAG O . 30.06 -33.05 26.52
C8 NAG O . 29.11 -34.19 26.75
N2 NAG O . 29.83 -32.37 25.37
O3 NAG O . 30.92 -32.27 22.76
O4 NAG O . 33.41 -30.91 22.50
O5 NAG O . 31.93 -29.35 25.44
O6 NAG O . 33.13 -27.68 23.37
O7 NAG O . 30.93 -32.78 27.32
C1 FUC O . 31.39 -30.57 31.52
C2 FUC O . 32.77 -30.24 32.10
C3 FUC O . 32.65 -29.34 33.33
C4 FUC O . 31.77 -30.03 34.37
C5 FUC O . 30.42 -30.34 33.72
C6 FUC O . 29.48 -31.10 34.64
O2 FUC O . 33.56 -29.67 31.09
O3 FUC O . 33.94 -29.06 33.79
O4 FUC O . 32.44 -31.19 34.82
O5 FUC O . 30.58 -31.12 32.54
C1 NAG P . 28.05 -1.31 57.77
C2 NAG P . 28.46 -1.20 59.24
C3 NAG P . 27.80 0.03 59.87
C4 NAG P . 28.14 1.26 59.04
C5 NAG P . 27.73 1.01 57.58
C6 NAG P . 28.05 2.17 56.66
C7 NAG P . 29.00 -3.27 60.45
C8 NAG P . 30.45 -2.91 60.21
N2 NAG P . 28.11 -2.40 59.96
O3 NAG P . 28.28 0.12 61.18
O4 NAG P . 27.43 2.33 59.61
O5 NAG P . 28.40 -0.13 57.10
O6 NAG P . 29.43 2.42 56.67
O7 NAG P . 28.69 -4.28 61.06
C1 NAG P . 28.26 3.51 59.56
C2 NAG P . 27.36 4.72 59.85
C3 NAG P . 28.21 6.00 59.95
C4 NAG P . 29.39 5.79 60.88
C5 NAG P . 30.16 4.56 60.44
C6 NAG P . 31.39 4.26 61.28
C7 NAG P . 25.10 4.46 58.92
C8 NAG P . 24.73 3.82 60.24
N2 NAG P . 26.38 4.86 58.81
O3 NAG P . 27.36 7.03 60.38
O4 NAG P . 30.19 6.95 60.81
O5 NAG P . 29.29 3.44 60.50
O6 NAG P . 31.02 4.12 62.62
O7 NAG P . 24.27 4.58 58.03
C1 NAG Q . 42.38 10.35 41.98
C2 NAG Q . 42.11 11.84 41.69
C3 NAG Q . 43.42 12.55 41.38
C4 NAG Q . 44.48 12.26 42.43
C5 NAG Q . 44.58 10.75 42.67
C6 NAG Q . 45.58 10.36 43.74
C7 NAG Q . 40.01 12.58 40.63
C8 NAG Q . 39.24 12.60 39.33
N2 NAG Q . 41.20 11.97 40.59
O3 NAG Q . 43.14 13.92 41.29
O4 NAG Q . 45.69 12.77 41.94
O5 NAG Q . 43.31 10.26 43.04
O6 NAG Q . 45.29 11.07 44.92
O7 NAG Q . 39.55 13.11 41.64
C1 NAG Q . 46.19 13.77 42.85
C2 NAG Q . 47.71 13.89 42.64
C3 NAG Q . 48.28 15.02 43.49
C4 NAG Q . 47.49 16.30 43.28
C5 NAG Q . 46.01 16.02 43.51
C6 NAG Q . 45.12 17.23 43.35
C7 NAG Q . 48.87 11.78 42.08
C8 NAG Q . 49.51 10.56 42.69
N2 NAG Q . 48.37 12.65 42.98
O3 NAG Q . 49.63 15.18 43.14
O4 NAG Q . 47.99 17.25 44.19
O5 NAG Q . 45.59 15.02 42.61
O6 NAG Q . 45.34 17.81 42.08
O7 NAG Q . 48.82 11.95 40.88
C1 BMA Q . 48.55 18.36 43.46
C2 BMA Q . 49.25 19.27 44.45
C3 BMA Q . 49.75 20.53 43.69
C4 BMA Q . 49.97 20.28 42.19
C5 BMA Q . 50.31 18.83 41.85
C6 BMA Q . 51.77 18.47 42.13
O2 BMA Q . 50.29 18.55 45.05
O3 BMA Q . 50.91 20.97 44.36
O4 BMA Q . 48.77 20.67 41.55
O5 BMA Q . 49.46 17.90 42.49
O6 BMA Q . 52.56 19.14 41.16
C1 NAG R . 37.96 -0.92 29.93
C2 NAG R . 38.11 -0.46 28.47
C3 NAG R . 38.92 -1.47 27.67
C4 NAG R . 40.24 -1.80 28.37
C5 NAG R . 39.94 -2.21 29.81
C6 NAG R . 41.18 -2.49 30.64
C7 NAG R . 36.25 0.89 27.53
C8 NAG R . 34.89 0.79 26.89
N2 NAG R . 36.81 -0.29 27.85
O3 NAG R . 39.14 -0.92 26.40
O4 NAG R . 40.83 -2.86 27.65
O5 NAG R . 39.24 -1.16 30.45
O6 NAG R . 41.88 -1.29 30.88
O7 NAG R . 36.78 1.96 27.74
C1 NAG R . 41.96 -2.39 26.89
C2 NAG R . 42.98 -3.52 26.77
C3 NAG R . 44.18 -3.03 25.96
C4 NAG R . 43.75 -2.43 24.63
C5 NAG R . 42.63 -1.41 24.86
C6 NAG R . 42.05 -0.84 23.59
C7 NAG R . 43.01 -5.14 28.62
C8 NAG R . 43.58 -5.41 29.99
N2 NAG R . 43.39 -3.98 28.06
O3 NAG R . 45.03 -4.14 25.77
O4 NAG R . 44.89 -1.81 24.09
O5 NAG R . 41.58 -2.01 25.59
O6 NAG R . 41.32 -1.83 22.91
O7 NAG R . 42.25 -5.93 28.07
C1 BMA R . 45.13 -2.23 22.73
C2 BMA R . 46.47 -1.64 22.33
C3 BMA R . 46.74 -1.96 20.84
C4 BMA R . 46.03 -3.24 20.36
C5 BMA R . 45.74 -4.24 21.48
C6 BMA R . 46.96 -5.06 21.88
O2 BMA R . 47.46 -2.16 23.18
O3 BMA R . 48.14 -2.01 20.69
O4 BMA R . 44.84 -2.82 19.75
O5 BMA R . 45.17 -3.64 22.64
O6 BMA R . 46.60 -5.85 23.00
C1 NAG S . -2.65 -12.68 41.92
C2 NAG S . -2.76 -12.37 43.42
C3 NAG S . -3.39 -13.58 44.09
C4 NAG S . -4.71 -13.97 43.43
C5 NAG S . -4.56 -13.98 41.91
C6 NAG S . -5.86 -14.19 41.14
C7 NAG S . -1.27 -11.22 45.01
C8 NAG S . -2.52 -10.56 45.54
N2 NAG S . -1.48 -12.07 43.99
O3 NAG S . -3.56 -13.27 45.45
O4 NAG S . -4.99 -15.29 43.86
O5 NAG S . -3.97 -12.79 41.44
O6 NAG S . -5.57 -14.23 39.76
O7 NAG S . -0.18 -10.99 45.49
C1 NAG S . -5.62 -15.34 45.16
C2 NAG S . -5.26 -16.71 45.76
C3 NAG S . -5.83 -16.85 47.17
C4 NAG S . -5.40 -15.67 48.02
C5 NAG S . -5.80 -14.36 47.31
C6 NAG S . -5.41 -13.12 48.07
C7 NAG S . -6.79 -17.83 44.13
C8 NAG S . -6.98 -19.12 43.37
N2 NAG S . -5.70 -17.80 44.91
O3 NAG S . -5.37 -18.07 47.70
O4 NAG S . -6.03 -15.79 49.27
O5 NAG S . -5.18 -14.33 46.04
O6 NAG S . -5.77 -11.98 47.33
O7 NAG S . -7.60 -16.92 44.04
C1 FUC S . -5.28 -15.60 39.38
C2 FUC S . -5.13 -15.65 37.86
C3 FUC S . -3.86 -14.92 37.41
C4 FUC S . -2.65 -15.48 38.15
C5 FUC S . -2.92 -15.34 39.65
C6 FUC S . -1.80 -15.87 40.52
O2 FUC S . -6.29 -15.12 37.28
O3 FUC S . -3.76 -15.07 36.00
O4 FUC S . -2.44 -16.80 37.76
O5 FUC S . -4.10 -16.05 40.00
C1 NAG T . -14.97 -61.35 -25.81
C2 NAG T . -15.18 -61.50 -27.32
C3 NAG T . -14.58 -62.80 -27.85
C4 NAG T . -13.12 -62.89 -27.39
C5 NAG T . -13.12 -62.85 -25.87
C6 NAG T . -11.75 -63.03 -25.26
C7 NAG T . -17.22 -60.37 -28.11
C8 NAG T . -18.70 -60.56 -28.34
N2 NAG T . -16.59 -61.46 -27.62
O3 NAG T . -14.70 -62.80 -29.24
O4 NAG T . -12.60 -64.10 -27.90
O5 NAG T . -13.63 -61.61 -25.45
O6 NAG T . -10.88 -62.07 -25.79
O7 NAG T . -16.66 -59.32 -28.36
C1 NAG T . -11.75 -63.81 -29.04
C2 NAG T . -10.43 -64.57 -28.78
C3 NAG T . -10.23 -65.91 -29.49
C4 NAG T . -11.39 -66.26 -30.42
C5 NAG T . -11.74 -64.97 -31.14
C6 NAG T . -12.59 -65.15 -32.37
C7 NAG T . -8.52 -63.10 -28.18
C8 NAG T . -7.41 -62.26 -28.78
N2 NAG T . -9.31 -63.72 -29.08
O3 NAG T . -10.01 -66.90 -28.52
O4 NAG T . -10.92 -67.25 -31.30
O5 NAG T . -12.46 -64.20 -30.20
O6 NAG T . -13.79 -65.79 -32.04
O7 NAG T . -8.68 -63.18 -26.97
C1 FUC T . -10.80 -60.95 -24.88
C2 FUC T . -9.40 -60.33 -25.01
C3 FUC T . -9.22 -59.77 -26.42
C4 FUC T . -10.32 -58.75 -26.73
C5 FUC T . -11.67 -59.43 -26.50
C6 FUC T . -12.85 -58.49 -26.67
O2 FUC T . -8.46 -61.32 -24.70
O3 FUC T . -7.92 -59.22 -26.49
O4 FUC T . -10.13 -57.63 -25.91
O5 FUC T . -11.75 -59.97 -25.18
C1 NAG U . -39.73 -38.84 14.70
C2 NAG U . -40.62 -39.73 15.60
C3 NAG U . -40.64 -39.17 17.02
C4 NAG U . -39.23 -38.96 17.54
C5 NAG U . -38.44 -38.12 16.54
C6 NAG U . -36.99 -37.91 16.93
C7 NAG U . -42.50 -40.93 14.57
C8 NAG U . -43.92 -40.78 14.08
N2 NAG U . -41.95 -39.81 15.07
O3 NAG U . -41.36 -40.07 17.82
O4 NAG U . -39.35 -38.30 18.78
O5 NAG U . -38.46 -38.75 15.28
O6 NAG U . -36.84 -36.65 17.54
O7 NAG U . -41.90 -41.99 14.51
C1 NAG U . -38.67 -39.08 19.78
C2 NAG U . -38.49 -38.19 21.03
C3 NAG U . -37.83 -39.00 22.13
C4 NAG U . -38.60 -40.29 22.39
C5 NAG U . -38.77 -41.05 21.07
C6 NAG U . -39.57 -42.32 21.20
C7 NAG U . -38.23 -35.78 20.61
C8 NAG U . -37.22 -34.70 20.29
N2 NAG U . -37.72 -37.02 20.73
O3 NAG U . -37.76 -38.20 23.28
O4 NAG U . -37.87 -41.04 23.34
O5 NAG U . -39.42 -40.22 20.14
O6 NAG U . -40.85 -42.03 21.72
O7 NAG U . -39.41 -35.53 20.73
C1 BMA U . -38.52 -40.93 24.62
C2 BMA U . -38.38 -42.26 25.34
C3 BMA U . -39.18 -42.19 26.65
C4 BMA U . -39.37 -40.75 27.18
C5 BMA U . -38.25 -39.81 26.76
C6 BMA U . -36.99 -39.95 27.61
O2 BMA U . -37.02 -42.53 25.53
O3 BMA U . -38.54 -43.05 27.57
O4 BMA U . -40.62 -40.32 26.68
O5 BMA U . -37.92 -39.91 25.39
O6 BMA U . -36.03 -39.05 27.10
C1 NAG V . 48.10 1.46 44.84
C2 NAG V . 48.83 2.52 45.65
C3 NAG V . 50.33 2.21 45.69
C4 NAG V . 50.56 0.78 46.15
C5 NAG V . 49.74 -0.18 45.29
C6 NAG V . 49.86 -1.63 45.70
C7 NAG V . 48.09 4.88 45.80
C8 NAG V . 47.70 4.58 47.22
N2 NAG V . 48.63 3.84 45.12
O3 NAG V . 50.95 3.14 46.53
O4 NAG V . 51.94 0.52 46.00
O5 NAG V . 48.38 0.19 45.36
O6 NAG V . 49.52 -2.48 44.63
O7 NAG V . 47.94 5.99 45.31
C1 NAG V . 52.47 0.03 47.25
C2 NAG V . 53.85 -0.59 46.95
C3 NAG V . 54.49 -1.07 48.26
C4 NAG V . 54.49 0.06 49.29
C5 NAG V . 53.07 0.61 49.44
C6 NAG V . 52.96 1.75 50.43
C7 NAG V . 52.91 -2.72 46.17
C8 NAG V . 52.96 -3.73 45.05
N2 NAG V . 53.74 -1.66 46.02
O3 NAG V . 55.79 -1.51 47.97
O4 NAG V . 54.97 -0.48 50.49
O5 NAG V . 52.61 1.06 48.19
O6 NAG V . 53.78 2.81 50.01
O7 NAG V . 52.16 -2.86 47.11
C1 BMA V . 56.37 -0.12 50.63
C2 BMA V . 56.79 -0.47 52.06
C3 BMA V . 58.24 0.02 52.28
C4 BMA V . 59.07 0.06 50.98
C5 BMA V . 58.56 -0.91 49.91
C6 BMA V . 58.98 -2.35 50.16
O2 BMA V . 56.64 -1.86 52.24
O3 BMA V . 58.80 -0.82 53.26
O4 BMA V . 59.00 1.40 50.52
O5 BMA V . 57.16 -0.85 49.71
O6 BMA V . 58.29 -3.15 49.22
C1 FUC V . 48.08 -2.63 44.60
C2 FUC V . 47.72 -3.44 43.35
C3 FUC V . 48.20 -4.89 43.46
C4 FUC V . 47.67 -5.53 44.73
C5 FUC V . 48.10 -4.66 45.92
C6 FUC V . 47.57 -5.15 47.25
O2 FUC V . 48.26 -2.78 42.24
O3 FUC V . 47.78 -5.55 42.28
O4 FUC V . 46.28 -5.65 44.62
O5 FUC V . 47.64 -3.32 45.75
C1 NAG W . 50.80 -5.83 -0.38
C2 NAG W . 50.99 -6.38 -1.79
C3 NAG W . 50.77 -7.89 -1.76
C4 NAG W . 51.64 -8.55 -0.70
C5 NAG W . 51.60 -7.78 0.63
C6 NAG W . 52.62 -8.28 1.63
C7 NAG W . 50.38 -4.68 -3.47
C8 NAG W . 49.26 -4.19 -4.36
N2 NAG W . 50.07 -5.75 -2.71
O3 NAG W . 51.04 -8.39 -3.04
O4 NAG W . 51.10 -9.85 -0.50
O5 NAG W . 51.81 -6.40 0.42
O6 NAG W . 53.90 -8.29 1.02
O7 NAG W . 51.46 -4.14 -3.46
C1 NAG W . 51.66 -10.79 -1.44
C2 NAG W . 52.98 -11.31 -0.84
C3 NAG W . 52.78 -12.38 0.23
C4 NAG W . 51.30 -12.56 0.50
C5 NAG W . 50.70 -12.94 -0.85
C6 NAG W . 49.31 -13.51 -0.77
C7 NAG W . 55.11 -11.31 -2.09
C8 NAG W . 55.55 -10.21 -1.15
N2 NAG W . 53.87 -11.78 -1.86
O3 NAG W . 53.50 -12.01 1.37
O4 NAG W . 51.17 -13.60 1.45
O5 NAG W . 50.69 -11.80 -1.68
O6 NAG W . 48.71 -13.13 0.45
O7 NAG W . 55.83 -11.74 -2.97
C1 FUC W . 54.90 -7.50 1.72
C2 FUC W . 54.30 -6.14 2.18
C3 FUC W . 53.51 -6.18 3.49
C4 FUC W . 54.29 -6.92 4.57
C5 FUC W . 54.60 -8.32 4.02
C6 FUC W . 55.35 -9.19 5.00
O2 FUC W . 53.55 -5.61 1.11
O3 FUC W . 53.22 -4.85 3.84
O4 FUC W . 55.45 -6.18 4.88
O5 FUC W . 55.40 -8.22 2.85
C1 NAG X . 21.76 -36.69 -2.68
C2 NAG X . 21.54 -36.59 -4.20
C3 NAG X . 21.29 -37.99 -4.77
C4 NAG X . 22.43 -38.92 -4.38
C5 NAG X . 22.63 -38.87 -2.86
C6 NAG X . 23.79 -39.71 -2.38
C7 NAG X . 19.16 -35.76 -4.23
C8 NAG X . 18.73 -36.95 -3.41
N2 NAG X . 20.48 -35.68 -4.55
O3 NAG X . 21.15 -37.87 -6.16
O4 NAG X . 22.07 -40.21 -4.81
O5 NAG X . 22.84 -37.54 -2.44
O6 NAG X . 24.97 -38.97 -2.47
O7 NAG X . 18.35 -34.92 -4.59
C1 NAG X . 22.77 -40.48 -6.06
C2 NAG X . 23.20 -41.95 -6.07
C3 NAG X . 23.94 -42.24 -7.38
C4 NAG X . 23.09 -41.82 -8.58
C5 NAG X . 22.63 -40.38 -8.40
C6 NAG X . 21.70 -39.89 -9.50
C7 NAG X . 23.67 -43.09 -3.94
C8 NAG X . 24.71 -43.27 -2.86
N2 NAG X . 24.03 -42.27 -4.94
O3 NAG X . 24.25 -43.61 -7.40
O4 NAG X . 23.90 -41.96 -9.72
O5 NAG X . 21.94 -40.24 -7.16
O6 NAG X . 20.56 -40.71 -9.55
O7 NAG X . 22.59 -43.67 -3.90
C1 BMA X . 23.35 -43.02 -10.55
C2 BMA X . 24.02 -42.92 -11.92
C3 BMA X . 23.37 -43.96 -12.85
C4 BMA X . 22.77 -45.16 -12.11
C5 BMA X . 23.43 -45.45 -10.76
C6 BMA X . 24.75 -46.20 -10.87
O2 BMA X . 25.40 -43.12 -11.75
O3 BMA X . 24.36 -44.32 -13.79
O4 BMA X . 21.40 -44.86 -11.94
O5 BMA X . 23.61 -44.28 -9.97
O6 BMA X . 25.62 -45.43 -11.68
C1 FUC X . 25.51 -39.09 -3.81
C2 FUC X . 25.79 -37.68 -4.33
C3 FUC X . 26.91 -37.02 -3.52
C4 FUC X . 28.16 -37.90 -3.54
C5 FUC X . 27.76 -39.29 -3.01
C6 FUC X . 28.89 -40.29 -3.05
O2 FUC X . 24.60 -36.95 -4.29
O3 FUC X . 27.14 -35.75 -4.09
O4 FUC X . 28.66 -37.94 -4.85
O5 FUC X . 26.70 -39.83 -3.80
C1 NAG Y . -31.88 -55.04 0.68
C2 NAG Y . -33.05 -55.98 0.41
C3 NAG Y . -34.11 -55.78 1.50
C4 NAG Y . -33.53 -55.78 2.91
C5 NAG Y . -32.27 -54.90 2.96
C6 NAG Y . -31.52 -54.91 4.28
C7 NAG Y . -34.84 -55.86 -1.33
C8 NAG Y . -35.05 -55.47 -2.78
N2 NAG Y . -33.57 -55.71 -0.90
O3 NAG Y . -35.07 -56.80 1.35
O4 NAG Y . -34.54 -55.24 3.73
O5 NAG Y . -31.36 -55.31 1.97
O6 NAG Y . -30.29 -54.28 4.09
O7 NAG Y . -35.76 -56.26 -0.64
C1 NAG Y . -34.62 -55.95 4.98
C2 NAG Y . -34.39 -54.92 6.09
C3 NAG Y . -35.72 -54.41 6.63
C4 NAG Y . -36.70 -54.32 5.47
C5 NAG Y . -37.04 -55.77 5.07
C6 NAG Y . -37.68 -55.91 3.71
C7 NAG Y . -32.69 -54.72 7.87
C8 NAG Y . -31.94 -55.50 8.92
N2 NAG Y . -33.57 -55.46 7.15
O3 NAG Y . -35.48 -53.15 7.21
O4 NAG Y . -37.80 -53.56 5.91
O5 NAG Y . -35.88 -56.59 5.09
O6 NAG Y . -36.85 -55.37 2.72
O7 NAG Y . -32.50 -53.53 7.70
C1 BMA Y . -39.03 -54.32 5.89
C2 BMA Y . -39.32 -54.76 7.32
C3 BMA Y . -40.58 -55.67 7.31
C4 BMA Y . -41.50 -55.42 6.09
C5 BMA Y . -41.42 -54.01 5.53
C6 BMA Y . -42.27 -53.00 6.31
O2 BMA Y . -39.48 -53.62 8.12
O3 BMA Y . -41.22 -55.47 8.54
O4 BMA Y . -41.11 -56.37 5.12
O5 BMA Y . -40.09 -53.52 5.41
O6 BMA Y . -41.90 -53.08 7.67
C1 FUC Y . -29.93 -53.56 5.28
C2 FUC Y . -28.76 -52.62 4.93
C3 FUC Y . -29.21 -51.51 3.98
C4 FUC Y . -30.41 -50.77 4.57
C5 FUC Y . -31.50 -51.79 4.86
C6 FUC Y . -32.74 -51.19 5.50
O2 FUC Y . -27.73 -53.39 4.39
O3 FUC Y . -28.11 -50.67 3.75
O4 FUC Y . -29.97 -50.09 5.72
O5 FUC Y . -31.01 -52.79 5.75
C1 NAG Z . -29.55 30.59 23.41
C2 NAG Z . -29.12 29.33 24.17
C3 NAG Z . -30.38 28.56 24.54
C4 NAG Z . -31.32 29.45 25.34
C5 NAG Z . -31.55 30.79 24.62
C6 NAG Z . -32.36 31.74 25.48
C7 NAG Z . -27.07 28.02 23.84
C8 NAG Z . -26.30 27.18 22.85
N2 NAG Z . -28.23 28.50 23.39
O3 NAG Z . -29.99 27.42 25.26
O4 NAG Z . -32.53 28.74 25.47
O5 NAG Z . -30.32 31.38 24.29
O6 NAG Z . -32.83 32.84 24.73
O7 NAG Z . -26.64 28.21 24.98
C1 NAG Z . -32.61 28.16 26.79
C2 NAG Z . -33.18 26.75 26.64
C3 NAG Z . -33.25 26.06 28.00
C4 NAG Z . -31.89 26.13 28.69
C5 NAG Z . -31.42 27.59 28.73
C6 NAG Z . -30.08 27.79 29.41
C7 NAG Z . -35.38 27.74 25.98
C8 NAG Z . -36.64 27.43 25.22
N2 NAG Z . -34.48 26.75 25.99
O3 NAG Z . -33.67 24.74 27.80
O4 NAG Z . -32.04 25.59 29.98
O5 NAG Z . -31.35 28.09 27.41
O6 NAG Z . -29.14 26.89 28.87
O7 NAG Z . -35.24 28.82 26.54
C1 FUC Z . -34.09 33.25 25.32
C2 FUC Z . -33.79 34.31 26.40
C3 FUC Z . -33.25 35.59 25.77
C4 FUC Z . -34.27 36.12 24.76
C5 FUC Z . -34.51 35.01 23.73
C6 FUC Z . -35.57 35.38 22.70
O2 FUC Z . -32.90 33.77 27.34
O3 FUC Z . -32.99 36.51 26.80
O4 FUC Z . -35.44 36.48 25.45
O5 FUC Z . -34.94 33.81 24.35
C1 NAG AA . -12.57 62.31 9.54
C2 NAG AA . -12.75 63.83 9.48
C3 NAG AA . -11.78 64.44 8.47
C4 NAG AA . -10.36 64.01 8.79
C5 NAG AA . -10.30 62.48 8.87
C6 NAG AA . -8.94 61.94 9.23
C7 NAG AA . -14.97 64.72 10.03
C8 NAG AA . -14.41 64.99 11.41
N2 NAG AA . -14.11 64.17 9.17
O3 NAG AA . -11.93 65.84 8.52
O4 NAG AA . -9.54 64.51 7.77
O5 NAG AA . -11.22 62.04 9.84
O6 NAG AA . -8.53 62.46 10.47
O7 NAG AA . -16.13 65.00 9.76
C1 NAG AA . -8.29 64.93 8.35
C2 NAG AA . -7.28 65.16 7.22
C3 NAG AA . -5.98 65.77 7.76
C4 NAG AA . -6.27 66.96 8.65
C5 NAG AA . -7.27 66.55 9.72
C6 NAG AA . -7.61 67.64 10.70
C7 NAG AA . -7.58 63.54 5.38
C8 NAG AA . -8.55 64.52 4.79
N2 NAG AA . -7.02 63.92 6.55
O3 NAG AA . -5.19 66.11 6.65
O4 NAG AA . -5.04 67.36 9.21
O5 NAG AA . -8.46 66.13 9.08
O6 NAG AA . -8.12 68.77 10.02
O7 NAG AA . -7.33 62.46 4.84
C1 NAG BA . 3.96 54.62 25.76
C2 NAG BA . 5.44 54.60 25.34
C3 NAG BA . 6.32 54.90 26.55
C4 NAG BA . 5.84 56.16 27.29
C5 NAG BA . 4.34 56.07 27.55
C6 NAG BA . 3.78 57.30 28.23
C7 NAG BA . 6.20 53.12 23.51
C8 NAG BA . 6.51 51.69 23.18
N2 NAG BA . 5.79 53.33 24.78
O3 NAG BA . 7.63 55.03 26.11
O4 NAG BA . 6.57 56.20 28.50
O5 NAG BA . 3.67 55.87 26.34
O6 NAG BA . 4.09 58.44 27.49
O7 NAG BA . 6.33 54.01 22.70
C1 NAG BA . 7.37 57.41 28.52
C2 NAG BA . 7.74 57.69 29.98
C3 NAG BA . 8.71 58.87 30.08
C4 NAG BA . 9.88 58.69 29.13
C5 NAG BA . 9.35 58.40 27.73
C6 NAG BA . 10.43 58.21 26.69
C7 NAG BA . 5.98 57.09 31.61
C8 NAG BA . 4.74 57.61 32.30
N2 NAG BA . 6.55 57.96 30.76
O3 NAG BA . 9.13 58.98 31.41
O4 NAG BA . 10.62 59.89 29.16
O5 NAG BA . 8.55 57.24 27.77
O6 NAG BA . 11.33 57.21 27.12
O7 NAG BA . 6.41 55.97 31.81
C1 BMA BA . 11.92 59.61 29.73
C2 BMA BA . 12.62 60.94 29.95
C3 BMA BA . 14.06 60.65 30.46
C4 BMA BA . 14.19 59.29 31.17
C5 BMA BA . 12.90 58.81 31.82
C6 BMA BA . 12.60 59.48 33.16
O2 BMA BA . 11.87 61.70 30.86
O3 BMA BA . 14.42 61.74 31.27
O4 BMA BA . 14.63 58.39 30.18
O5 BMA BA . 11.78 58.93 30.97
O6 BMA BA . 13.55 59.00 34.09
C1 NAG CA . -4.46 39.89 27.03
C2 NAG CA . -3.66 38.68 27.52
C3 NAG CA . -4.37 38.01 28.69
C4 NAG CA . -4.74 39.02 29.77
C5 NAG CA . -5.50 40.18 29.15
C6 NAG CA . -5.87 41.28 30.12
C7 NAG CA . -2.30 37.43 25.88
C8 NAG CA . -2.37 36.40 24.79
N2 NAG CA . -3.47 37.73 26.46
O3 NAG CA . -3.53 37.00 29.18
O4 NAG CA . -5.53 38.34 30.72
O5 NAG CA . -4.70 40.74 28.13
O6 NAG CA . -4.71 41.93 30.56
O7 NAG CA . -1.24 37.95 26.19
C1 NAG CA . -4.77 38.08 31.91
C2 NAG CA . -5.73 38.05 33.11
C3 NAG CA . -4.95 37.77 34.39
C4 NAG CA . -4.08 36.53 34.25
C5 NAG CA . -3.26 36.61 32.96
C6 NAG CA . -2.45 35.36 32.67
C7 NAG CA . -7.73 39.48 32.86
C8 NAG CA . -8.26 40.87 33.06
N2 NAG CA . -6.44 39.30 33.22
O3 NAG CA . -5.89 37.63 35.43
O4 NAG CA . -3.23 36.53 35.37
O5 NAG CA . -4.11 36.83 31.85
O6 NAG CA . -3.31 34.29 32.37
O7 NAG CA . -8.43 38.59 32.39
C1 BMA CA . -3.29 35.27 36.07
C2 BMA CA . -2.48 35.43 37.34
C3 BMA CA . -2.41 34.08 38.09
C4 BMA CA . -3.62 33.17 37.80
C5 BMA CA . -4.87 33.93 37.37
C6 BMA CA . -5.63 34.55 38.55
O2 BMA CA . -3.07 36.45 38.11
O3 BMA CA . -2.26 34.38 39.45
O4 BMA CA . -3.20 32.29 36.77
O5 BMA CA . -4.63 34.93 36.39
O6 BMA CA . -6.70 35.31 38.02
C1 NAG DA . -22.64 35.36 -12.75
C2 NAG DA . -22.68 36.78 -13.35
C3 NAG DA . -24.06 36.96 -13.96
C4 NAG DA . -24.42 35.84 -14.92
C5 NAG DA . -24.05 34.47 -14.34
C6 NAG DA . -24.20 33.30 -15.29
C7 NAG DA . -21.81 38.95 -12.59
C8 NAG DA . -21.38 39.17 -14.02
N2 NAG DA . -22.43 37.78 -12.35
O3 NAG DA . -24.08 38.22 -14.58
O4 NAG DA . -25.82 35.90 -15.10
O5 NAG DA . -22.74 34.47 -13.82
O6 NAG DA . -23.87 32.12 -14.61
O7 NAG DA . -21.61 39.79 -11.73
C1 NAG DA . -26.25 36.88 -16.06
C2 NAG DA . -27.68 37.27 -15.68
C3 NAG DA . -28.22 38.36 -16.61
C4 NAG DA . -27.24 39.52 -16.64
C5 NAG DA . -25.85 39.01 -17.01
C6 NAG DA . -24.80 40.10 -17.07
C7 NAG DA . -28.50 35.04 -16.46
C8 NAG DA . -29.56 34.00 -16.20
N2 NAG DA . -28.56 36.13 -15.67
O3 NAG DA . -29.48 38.74 -16.14
O4 NAG DA . -27.74 40.45 -17.58
O5 NAG DA . -25.45 38.04 -16.06
O6 NAG DA . -23.54 39.53 -17.35
O7 NAG DA . -27.66 34.89 -17.35
C1 FUC DA . -25.07 31.59 -14.00
C2 FUC DA . -24.74 30.21 -13.40
C3 FUC DA . -23.81 30.34 -12.20
C4 FUC DA . -24.39 31.31 -11.18
C5 FUC DA . -24.65 32.64 -11.90
C6 FUC DA . -25.27 33.69 -11.00
O2 FUC DA . -24.19 29.41 -14.42
O3 FUC DA . -23.60 29.06 -11.67
O4 FUC DA . -25.57 30.75 -10.65
O5 FUC DA . -25.53 32.44 -12.99
C1 NAG EA . -54.47 -40.87 3.64
C2 NAG EA . -54.23 -42.37 3.89
C3 NAG EA . -55.27 -42.96 4.84
C4 NAG EA . -55.33 -42.10 6.09
C5 NAG EA . -55.74 -40.70 5.65
C6 NAG EA . -55.96 -39.74 6.81
C7 NAG EA . -53.11 -43.54 2.04
C8 NAG EA . -53.34 -44.26 0.74
N2 NAG EA . -54.22 -43.08 2.65
O3 NAG EA . -54.89 -44.28 5.12
O4 NAG EA . -56.27 -42.68 6.98
O5 NAG EA . -54.71 -40.19 4.85
O6 NAG EA . -54.81 -39.74 7.63
O7 NAG EA . -51.98 -43.40 2.51
C1 NAG EA . -55.54 -43.18 8.12
C2 NAG EA . -56.26 -42.60 9.37
C3 NAG EA . -57.14 -43.61 10.09
C4 NAG EA . -57.74 -44.53 9.05
C5 NAG EA . -56.57 -45.39 8.56
C6 NAG EA . -56.96 -46.40 7.51
C7 NAG EA . -55.32 -40.73 10.68
C8 NAG EA . -56.43 -39.88 10.11
N2 NAG EA . -55.31 -42.02 10.28
O3 NAG EA . -58.12 -42.90 10.80
O4 NAG EA . -58.73 -45.30 9.68
O5 NAG EA . -55.52 -44.60 8.04
O6 NAG EA . -55.80 -46.96 6.94
O7 NAG EA . -54.49 -40.26 11.45
C1 FUC EA . -53.96 -38.66 7.23
C2 FUC EA . -53.25 -38.13 8.48
C3 FUC EA . -52.33 -39.20 9.06
C4 FUC EA . -51.35 -39.68 8.00
C5 FUC EA . -52.14 -40.13 6.77
C6 FUC EA . -51.25 -40.53 5.61
O2 FUC EA . -54.22 -37.70 9.39
O3 FUC EA . -51.71 -38.66 10.20
O4 FUC EA . -50.45 -38.64 7.70
O5 FUC EA . -52.98 -39.09 6.32
C1 NAG FA . -44.89 -7.08 -35.17
C2 NAG FA . -46.04 -6.71 -36.11
C3 NAG FA . -45.83 -5.30 -36.65
C4 NAG FA . -45.61 -4.31 -35.52
C5 NAG FA . -44.49 -4.82 -34.61
C6 NAG FA . -44.26 -3.94 -33.40
C7 NAG FA . -47.18 -8.49 -37.35
C8 NAG FA . -47.09 -9.40 -38.55
N2 NAG FA . -46.14 -7.65 -37.18
O3 NAG FA . -46.95 -4.97 -37.43
O4 NAG FA . -45.28 -3.07 -36.11
O5 NAG FA . -44.81 -6.12 -34.16
O6 NAG FA . -43.42 -2.86 -33.74
O7 NAG FA . -48.14 -8.53 -36.59
C1 NAG FA . -46.23 -2.08 -35.66
C2 NAG FA . -45.66 -0.69 -36.00
C3 NAG FA . -46.68 0.37 -35.57
C4 NAG FA . -48.03 0.09 -36.20
C5 NAG FA . -48.46 -1.33 -35.87
C6 NAG FA . -49.78 -1.74 -36.50
C7 NAG FA . -43.21 -0.48 -35.98
C8 NAG FA . -42.02 -0.23 -35.10
N2 NAG FA . -44.40 -0.47 -35.35
O3 NAG FA . -46.17 1.63 -35.96
O4 NAG FA . -48.93 1.05 -35.66
O5 NAG FA . -47.47 -2.24 -36.32
O6 NAG FA . -49.67 -1.63 -37.90
O7 NAG FA . -43.09 -0.68 -37.18
C1 BMA FA . -49.17 2.06 -36.67
C2 BMA FA . -50.61 2.52 -36.53
C3 BMA FA . -50.94 3.51 -37.66
C4 BMA FA . -49.68 4.21 -38.23
C5 BMA FA . -48.55 4.35 -37.21
C6 BMA FA . -48.76 5.50 -36.23
O2 BMA FA . -50.78 3.09 -35.25
O3 BMA FA . -51.90 4.41 -37.18
O4 BMA FA . -49.27 3.44 -39.34
O5 BMA FA . -48.30 3.15 -36.49
O6 BMA FA . -47.67 5.50 -35.33
C1 NAG GA . -4.76 57.37 31.75
C2 NAG GA . -3.87 58.60 32.00
C3 NAG GA . -4.04 59.05 33.45
C4 NAG GA . -5.50 59.26 33.80
C5 NAG GA . -6.29 58.00 33.45
C6 NAG GA . -7.78 58.13 33.69
C7 NAG GA . -1.72 58.99 30.87
C8 NAG GA . -2.40 60.14 30.16
N2 NAG GA . -2.49 58.30 31.74
O3 NAG GA . -3.28 60.22 33.62
O4 NAG GA . -5.57 59.53 35.18
O5 NAG GA . -6.09 57.69 32.08
O6 NAG GA . -8.37 56.86 33.84
O7 NAG GA . -0.55 58.72 30.66
C1 NAG GA . -6.32 60.73 35.39
C2 NAG GA . -6.69 60.80 36.88
C3 NAG GA . -7.42 62.11 37.18
C4 NAG GA . -6.61 63.30 36.68
C5 NAG GA . -6.28 63.09 35.20
C6 NAG GA . -5.46 64.21 34.59
C7 NAG GA . -8.64 59.32 36.61
C8 NAG GA . -9.32 58.10 37.16
N2 NAG GA . -7.51 59.67 37.24
O3 NAG GA . -7.63 62.17 38.57
O4 NAG GA . -7.41 64.45 36.86
O5 NAG GA . -5.56 61.88 35.06
O6 NAG GA . -4.24 64.34 35.29
O7 NAG GA . -9.10 59.94 35.66
C1 BMA GA . -6.97 65.12 38.07
C2 BMA GA . -7.60 66.51 38.07
C3 BMA GA . -7.06 67.30 39.27
C4 BMA GA . -6.62 66.41 40.44
C5 BMA GA . -7.35 65.05 40.48
C6 BMA GA . -8.77 65.15 41.02
O2 BMA GA . -9.00 66.36 38.10
O3 BMA GA . -8.05 68.23 39.62
O4 BMA GA . -5.23 66.22 40.30
O5 BMA GA . -7.36 64.41 39.21
O6 BMA GA . -9.39 63.90 40.82
C1 FUC GA . -8.65 56.32 32.53
C2 FUC GA . -9.17 54.88 32.72
C3 FUC GA . -10.56 54.89 33.37
C4 FUC GA . -11.51 55.76 32.56
C5 FUC GA . -10.90 57.16 32.45
C6 FUC GA . -11.73 58.10 31.60
O2 FUC GA . -8.23 54.17 33.48
O3 FUC GA . -10.98 53.55 33.45
O4 FUC GA . -11.72 55.16 31.31
O5 FUC GA . -9.60 57.09 31.86
C1 NAG HA . -0.68 15.11 48.88
C2 NAG HA . -0.81 13.74 49.55
C3 NAG HA . -2.29 13.37 49.59
C4 NAG HA . -3.13 14.48 50.20
C5 NAG HA . -2.75 15.86 49.66
C6 NAG HA . -3.39 17.00 50.42
C7 NAG HA . 1.16 12.30 49.21
C8 NAG HA . 1.75 11.24 48.32
N2 NAG HA . -0.06 12.74 48.84
O3 NAG HA . -2.40 12.16 50.31
O4 NAG HA . -4.47 14.19 49.85
O5 NAG HA . -1.35 16.03 49.69
O6 NAG HA . -3.11 16.85 51.78
O7 NAG HA . 1.75 12.71 50.20
C1 NAG HA . -5.09 13.30 50.80
C2 NAG HA . -5.60 14.19 51.97
C3 NAG HA . -6.92 14.89 51.67
C4 NAG HA . -7.29 14.65 50.22
C5 NAG HA . -7.40 13.13 50.09
C6 NAG HA . -8.08 12.67 48.81
C7 NAG HA . -5.10 13.73 54.35
C8 NAG HA . -4.26 14.97 54.31
N2 NAG HA . -5.70 13.42 53.19
O3 NAG HA . -6.77 16.25 51.96
O4 NAG HA . -8.52 15.29 49.99
O5 NAG HA . -6.11 12.57 50.15
O6 NAG HA . -8.30 13.77 47.96
O7 NAG HA . -5.22 13.05 55.36
C1 FUC HA . -2.43 18.01 52.38
C2 FUC HA . -1.29 18.50 51.45
C3 FUC HA . -1.72 19.43 50.33
C4 FUC HA . -2.64 20.54 50.86
C5 FUC HA . -3.82 19.85 51.54
C6 FUC HA . -4.83 20.82 52.09
O2 FUC HA . -0.60 17.38 50.98
O3 FUC HA . -0.56 19.92 49.71
O4 FUC HA . -1.90 21.36 51.72
O5 FUC HA . -3.36 19.05 52.63
C1 NAG IA . -32.68 -2.69 27.37
C2 NAG IA . -32.26 -4.15 27.59
C3 NAG IA . -33.49 -5.03 27.76
C4 NAG IA . -34.36 -4.48 28.88
C5 NAG IA . -34.67 -3.00 28.63
C6 NAG IA . -35.46 -2.35 29.73
C7 NAG IA . -31.69 -4.78 25.22
C8 NAG IA . -33.08 -4.38 24.79
N2 NAG IA . -31.40 -4.63 26.53
O3 NAG IA . -33.06 -6.34 28.02
O4 NAG IA . -35.55 -5.25 28.91
O5 NAG IA . -33.45 -2.29 28.48
O6 NAG IA . -34.59 -1.91 30.74
O7 NAG IA . -30.88 -5.21 24.42
C1 NAG IA . -35.45 -6.21 29.97
C2 NAG IA . -36.84 -6.37 30.62
C3 NAG IA . -36.74 -7.40 31.75
C4 NAG IA . -36.13 -8.69 31.25
C5 NAG IA . -34.80 -8.40 30.53
C6 NAG IA . -34.15 -9.62 29.93
C7 NAG IA . -38.41 -4.48 30.59
C8 NAG IA . -38.75 -3.17 31.27
N2 NAG IA . -37.34 -5.12 31.10
O3 NAG IA . -38.04 -7.59 32.25
O4 NAG IA . -35.91 -9.50 32.39
O5 NAG IA . -35.03 -7.46 29.49
O6 NAG IA . -35.03 -10.22 29.01
O7 NAG IA . -39.07 -4.91 29.67
C1 BMA IA . -36.77 -10.67 32.29
C2 BMA IA . -36.26 -11.70 33.30
C3 BMA IA . -37.09 -12.99 33.14
C4 BMA IA . -38.49 -12.75 32.56
C5 BMA IA . -39.04 -11.35 32.84
C6 BMA IA . -39.62 -11.19 34.24
O2 BMA IA . -36.36 -11.13 34.58
O3 BMA IA . -37.11 -13.61 34.41
O4 BMA IA . -38.37 -12.98 31.17
O5 BMA IA . -38.10 -10.33 32.58
O6 BMA IA . -38.60 -11.51 35.17
C1 FUC IA . -34.33 -3.00 31.65
C2 FUC IA . -32.81 -3.13 31.80
C3 FUC IA . -32.24 -1.91 32.52
C4 FUC IA . -32.95 -1.69 33.85
C5 FUC IA . -34.45 -1.60 33.58
C6 FUC IA . -35.28 -1.46 34.85
O2 FUC IA . -32.25 -3.32 30.54
O3 FUC IA . -30.86 -2.12 32.66
O4 FUC IA . -32.62 -2.76 34.70
O5 FUC IA . -34.91 -2.77 32.90
C1 NAG JA . -56.35 -20.57 -20.96
C2 NAG JA . -57.28 -21.37 -21.89
C3 NAG JA . -57.42 -20.60 -23.21
C4 NAG JA . -57.69 -19.11 -23.03
C5 NAG JA . -56.81 -18.52 -21.91
C6 NAG JA . -57.13 -17.10 -21.52
C7 NAG JA . -56.98 -23.52 -23.11
C8 NAG JA . -56.28 -24.85 -23.02
N2 NAG JA . -56.75 -22.68 -22.08
O3 NAG JA . -58.41 -21.22 -23.98
O4 NAG JA . -57.38 -18.49 -24.26
O5 NAG JA . -56.92 -19.31 -20.75
O6 NAG JA . -56.34 -16.76 -20.40
O7 NAG JA . -57.72 -23.25 -24.05
C1 NAG JA . -58.52 -17.84 -24.86
C2 NAG JA . -59.12 -16.83 -23.88
C3 NAG JA . -59.25 -15.41 -24.45
C4 NAG JA . -59.64 -15.35 -25.93
C5 NAG JA . -59.19 -16.58 -26.70
C6 NAG JA . -58.78 -16.29 -28.12
C7 NAG JA . -61.21 -16.72 -22.52
C8 NAG JA . -60.69 -15.48 -21.83
N2 NAG JA . -60.43 -17.28 -23.45
O3 NAG JA . -58.07 -14.70 -24.16
O4 NAG JA . -61.05 -15.26 -25.91
O5 NAG JA . -58.10 -17.17 -26.02
O6 NAG JA . -59.60 -15.29 -28.67
O7 NAG JA . -62.32 -17.17 -22.23
C1 BMA JA . -61.53 -14.14 -26.69
C2 BMA JA . -61.76 -12.97 -25.73
C3 BMA JA . -62.45 -11.84 -26.52
C4 BMA JA . -62.28 -11.98 -28.04
C5 BMA JA . -60.93 -12.59 -28.45
C6 BMA JA . -59.79 -11.58 -28.39
O2 BMA JA . -60.53 -12.60 -25.18
O3 BMA JA . -61.94 -10.62 -26.02
O4 BMA JA . -63.35 -12.79 -28.48
O5 BMA JA . -60.61 -13.73 -27.69
O6 BMA JA . -60.22 -10.44 -29.10
C1 FUC JA . -55.83 -15.42 -20.60
C2 FUC JA . -54.71 -15.20 -19.57
C3 FUC JA . -53.50 -16.08 -19.89
C4 FUC JA . -53.05 -15.83 -21.32
C5 FUC JA . -54.24 -16.10 -22.25
C6 FUC JA . -53.93 -15.86 -23.71
O2 FUC JA . -55.23 -15.44 -18.30
O3 FUC JA . -52.51 -15.78 -18.94
O4 FUC JA . -52.57 -14.51 -21.42
O5 FUC JA . -55.33 -15.26 -21.89
C1 NAG KA . 30.91 49.64 -2.98
C2 NAG KA . 30.74 50.50 -4.24
C3 NAG KA . 32.06 51.21 -4.55
C4 NAG KA . 32.56 51.96 -3.32
C5 NAG KA . 32.61 51.01 -2.12
C6 NAG KA . 33.07 51.67 -0.83
C7 NAG KA . 29.07 49.61 -5.80
C8 NAG KA . 28.87 48.68 -6.97
N2 NAG KA . 30.33 49.68 -5.34
O3 NAG KA . 31.85 52.07 -5.63
O4 NAG KA . 33.84 52.47 -3.63
O5 NAG KA . 31.32 50.47 -1.91
O6 NAG KA . 32.29 52.81 -0.58
O7 NAG KA . 28.15 50.25 -5.33
C1 NAG LA . 23.65 54.53 6.08
C2 NAG LA . 25.04 53.86 6.14
C3 NAG LA . 26.16 54.89 6.09
C4 NAG LA . 25.95 55.89 4.96
C5 NAG LA . 24.55 56.50 5.08
C6 NAG LA . 24.23 57.51 4.02
C7 NAG LA . 26.24 52.70 8.02
C8 NAG LA . 25.99 51.87 9.25
N2 NAG LA . 25.13 53.06 7.35
O3 NAG LA . 27.38 54.21 5.96
O4 NAG LA . 26.95 56.87 5.07
O5 NAG LA . 23.62 55.44 4.99
O6 NAG LA . 24.35 56.90 2.74
O7 NAG LA . 27.38 52.99 7.67
C1 NAG MA . -37.28 -43.17 -50.80
C2 NAG MA . -35.83 -43.44 -51.20
C3 NAG MA . -35.77 -44.49 -52.30
C4 NAG MA . -36.50 -45.75 -51.83
C5 NAG MA . -37.93 -45.37 -51.41
C6 NAG MA . -38.72 -46.54 -50.87
C7 NAG MA . -35.66 -41.27 -52.40
C8 NAG MA . -34.72 -40.12 -52.67
N2 NAG MA . -35.15 -42.23 -51.61
O3 NAG MA . -34.43 -44.75 -52.59
O4 NAG MA . -36.50 -46.67 -52.89
O5 NAG MA . -37.88 -44.37 -50.41
O6 NAG MA . -38.53 -47.65 -51.72
O7 NAG MA . -36.78 -41.31 -52.86
C1 NAG NA . -57.39 -34.65 -46.45
C2 NAG NA . -57.51 -33.31 -47.20
C3 NAG NA . -58.90 -32.71 -47.02
C4 NAG NA . -59.99 -33.73 -47.31
C5 NAG NA . -59.73 -34.97 -46.44
C6 NAG NA . -60.76 -36.06 -46.59
C7 NAG NA . -55.57 -31.81 -47.51
C8 NAG NA . -54.64 -30.88 -46.79
N2 NAG NA . -56.52 -32.38 -46.74
O3 NAG NA . -58.99 -31.59 -47.87
O4 NAG NA . -61.23 -33.13 -47.01
O5 NAG NA . -58.46 -35.49 -46.79
O6 NAG NA . -60.36 -37.19 -45.86
O7 NAG NA . -55.46 -32.03 -48.70
C1 EIC OA . 23.54 38.16 2.27
C2 EIC OA . 22.25 38.62 1.59
C3 EIC OA . 20.97 37.90 1.99
C4 EIC OA . 20.01 38.81 2.76
C5 EIC OA . 19.27 39.80 1.88
C6 EIC OA . 17.76 39.68 1.97
C7 EIC OA . 17.23 38.34 1.48
C8 EIC OA . 15.70 38.31 1.36
C9 EIC OA . 15.21 38.99 0.14
C10 EIC OA . 13.95 39.25 -0.20
C11 EIC OA . 12.72 38.88 0.59
C12 EIC OA . 11.52 39.59 0.03
C13 EIC OA . 11.34 40.90 -0.15
C14 EIC OA . 12.28 42.02 0.15
C15 EIC OA . 12.52 42.15 1.65
C16 EIC OA . 12.07 43.48 2.22
C17 EIC OA . 13.17 44.53 2.23
C18 EIC OA . 13.66 44.82 0.82
O1 EIC OA . 24.43 39.01 2.49
O2 EIC OA . 23.61 36.94 2.54
H21 EIC OA . 22.36 38.55 0.63
H22 EIC OA . 22.14 39.57 1.76
H31 EIC OA . 21.18 37.13 2.53
H32 EIC OA . 20.52 37.57 1.20
H41 EIC OA . 20.51 39.30 3.44
H42 EIC OA . 19.37 38.27 3.24
H51 EIC OA . 19.54 39.68 0.96
H52 EIC OA . 19.54 40.70 2.11
H61 EIC OA . 17.35 40.40 1.45
H62 EIC OA . 17.47 39.83 2.89
H71 EIC OA . 17.51 37.64 2.08
H72 EIC OA . 17.62 38.14 0.62
H81 EIC OA . 15.33 38.74 2.15
H82 EIC OA . 15.39 37.39 1.40
H91 EIC OA . 15.87 39.28 -0.45
H1O1 EIC OA . 13.78 39.69 -1.01
H111 EIC OA . 12.83 39.13 1.52
H112 EIC OA . 12.59 37.93 0.56
H121 EIC OA . 10.82 39.03 -0.20
H131 EIC OA . 10.53 41.17 -0.50
H141 EIC OA . 11.96 42.85 -0.21
H142 EIC OA . 13.13 41.84 -0.29
H151 EIC OA . 13.47 42.03 1.83
H152 EIC OA . 12.07 41.43 2.11
H161 EIC OA . 11.76 43.35 3.13
H162 EIC OA . 11.31 43.81 1.72
H171 EIC OA . 13.91 44.23 2.77
H172 EIC OA . 12.85 45.35 2.63
H181 EIC OA . 14.26 45.58 0.79
H182 EIC OA . 14.14 44.06 0.45
H183 EIC OA . 12.92 45.01 0.22
C1 NAG PA . 64.99 15.88 -40.98
C2 NAG PA . 66.45 15.84 -40.52
C3 NAG PA . 66.76 17.10 -39.69
C4 NAG PA . 66.43 18.33 -40.51
C5 NAG PA . 64.98 18.24 -41.02
C6 NAG PA . 64.60 19.41 -41.89
C7 NAG PA . 66.44 14.21 -38.59
C8 NAG PA . 65.58 15.13 -37.78
N2 NAG PA . 66.79 14.62 -39.83
O3 NAG PA . 68.11 17.06 -39.32
O4 NAG PA . 66.61 19.45 -39.67
O5 NAG PA . 64.80 17.04 -41.75
O6 NAG PA . 65.64 19.70 -42.80
O7 NAG PA . 66.79 13.13 -38.14
C1 NAG QA . 51.62 17.16 21.62
C2 NAG QA . 52.72 16.10 21.67
C3 NAG QA . 53.62 16.38 22.89
C4 NAG QA . 54.10 17.83 22.88
C5 NAG QA . 52.90 18.76 22.74
C6 NAG QA . 53.26 20.23 22.72
C7 NAG QA . 52.08 13.93 20.72
C8 NAG QA . 51.43 12.61 21.03
N2 NAG QA . 52.15 14.79 21.75
O3 NAG QA . 54.69 15.47 22.84
O4 NAG QA . 54.80 18.04 24.08
O5 NAG QA . 52.19 18.44 21.57
O6 NAG QA . 54.22 20.46 21.71
O7 NAG QA . 52.49 14.19 19.60
C1 NAG RA . 53.49 24.16 11.32
C2 NAG RA . 52.93 24.52 12.71
C3 NAG RA . 54.04 25.05 13.62
C4 NAG RA . 55.26 24.15 13.61
C5 NAG RA . 55.70 23.95 12.16
C6 NAG RA . 56.92 23.07 12.02
C7 NAG RA . 51.45 26.41 13.46
C8 NAG RA . 50.31 27.27 12.98
N2 NAG RA . 51.87 25.49 12.57
O3 NAG RA . 53.51 25.18 14.92
O4 NAG RA . 56.25 24.78 14.37
O5 NAG RA . 54.63 23.34 11.47
O6 NAG RA . 56.67 21.81 12.59
O7 NAG RA . 51.93 26.54 14.58
C1 NAG SA . -32.96 -67.67 -12.86
C2 NAG SA . -32.99 -67.64 -11.33
C3 NAG SA . -33.75 -68.84 -10.79
C4 NAG SA . -35.14 -68.88 -11.41
C5 NAG SA . -35.01 -68.87 -12.93
C6 NAG SA . -36.36 -68.86 -13.63
C7 NAG SA . -30.59 -68.28 -11.21
C8 NAG SA . -29.32 -68.03 -10.44
N2 NAG SA . -31.66 -67.58 -10.78
O3 NAG SA . -33.79 -68.74 -9.39
O4 NAG SA . -35.78 -70.04 -10.94
O5 NAG SA . -34.28 -67.74 -13.34
O6 NAG SA . -37.21 -69.80 -13.02
O7 NAG SA . -30.63 -69.07 -12.14
C1 NAG TA . -27.78 -68.48 -34.49
C2 NAG TA . -26.31 -68.95 -34.56
C3 NAG TA . -25.87 -69.10 -36.01
C4 NAG TA . -26.87 -69.93 -36.80
C5 NAG TA . -28.25 -69.31 -36.64
C6 NAG TA . -29.35 -70.03 -37.41
C7 NAG TA . -24.63 -68.31 -32.87
C8 NAG TA . -23.83 -67.15 -32.33
N2 NAG TA . -25.46 -68.01 -33.89
O3 NAG TA . -24.58 -69.67 -36.01
O4 NAG TA . -26.44 -69.94 -38.15
O5 NAG TA . -28.58 -69.32 -35.27
O6 NAG TA . -30.60 -69.48 -37.07
O7 NAG TA . -24.53 -69.44 -32.39
C1 EIC UA . 38.57 17.31 15.00
C2 EIC UA . 39.08 16.32 13.93
C3 EIC UA . 38.20 16.11 12.71
C4 EIC UA . 38.76 16.79 11.47
C5 EIC UA . 39.90 16.03 10.82
C6 EIC UA . 39.60 15.53 9.41
C7 EIC UA . 38.41 14.58 9.35
C8 EIC UA . 38.21 13.97 7.96
C9 EIC UA . 39.09 12.78 7.73
C10 EIC UA . 39.28 12.13 6.60
C11 EIC UA . 38.66 12.43 5.27
C12 EIC UA . 39.35 11.66 4.17
C13 EIC UA . 40.64 11.69 3.83
C14 EIC UA . 41.74 12.51 4.43
C15 EIC UA . 41.51 13.99 4.21
C16 EIC UA . 42.62 14.67 3.41
C17 EIC UA . 43.72 15.24 4.29
C18 EIC UA . 44.39 14.16 5.12
O1 EIC UA . 39.41 17.96 15.63
O2 EIC UA . 37.33 17.36 15.15
H21 EIC UA . 39.25 15.46 14.36
H22 EIC UA . 39.96 16.62 13.65
H31 EIC UA . 37.31 16.44 12.88
H32 EIC UA . 38.10 15.16 12.54
H41 EIC UA . 39.07 17.68 11.70
H42 EIC UA . 38.05 16.92 10.82
H51 EIC UA . 40.14 15.27 11.39
H52 EIC UA . 40.69 16.59 10.79
H61 EIC UA . 40.38 15.07 9.06
H62 EIC UA . 39.44 16.29 8.83
H71 EIC UA . 37.60 15.06 9.61
H72 EIC UA . 38.53 13.87 10.00
H81 EIC UA . 38.41 14.64 7.30
H82 EIC UA . 37.28 13.73 7.85
H91 EIC UA . 39.55 12.47 8.49
H1O1 EIC UA . 39.87 11.40 6.60
H111 EIC UA . 38.73 13.38 5.07
H112 EIC UA . 37.72 12.22 5.29
H121 EIC UA . 38.79 11.10 3.70
H131 EIC UA . 40.89 11.15 3.13
H141 EIC UA . 42.60 12.24 4.07
H142 EIC UA . 41.77 12.33 5.39
H151 EIC UA . 41.42 14.43 5.06
H152 EIC UA . 40.66 14.13 3.75
H161 EIC UA . 42.24 15.37 2.86
H162 EIC UA . 43.01 14.03 2.79
H171 EIC UA . 43.35 15.92 4.87
H172 EIC UA . 44.38 15.68 3.74
H181 EIC UA . 45.19 14.50 5.57
H182 EIC UA . 43.79 13.82 5.80
H183 EIC UA . 44.66 13.42 4.57
C1 NAG VA . 31.47 -13.54 70.59
C2 NAG VA . 31.48 -12.66 71.84
C3 NAG VA . 32.50 -11.55 71.68
C4 NAG VA . 33.87 -12.14 71.37
C5 NAG VA . 33.76 -13.11 70.18
C6 NAG VA . 35.05 -13.80 69.87
C7 NAG VA . 29.41 -11.27 71.55
C8 NAG VA . 29.99 -10.65 70.30
N2 NAG VA . 30.16 -12.18 72.19
O3 NAG VA . 32.52 -10.78 72.86
O4 NAG VA . 34.75 -11.08 71.10
O5 NAG VA . 32.76 -14.08 70.42
O6 NAG VA . 35.68 -14.22 71.06
O7 NAG VA . 28.30 -10.94 71.95
C1 NAG WA . 16.19 40.09 39.33
C2 NAG WA . 15.29 40.32 40.55
C3 NAG WA . 15.37 41.79 40.98
C4 NAG WA . 16.81 42.22 41.15
C5 NAG WA . 17.60 41.90 39.87
C6 NAG WA . 19.06 42.28 39.93
C7 NAG WA . 13.37 38.79 40.62
C8 NAG WA . 11.93 38.62 40.17
N2 NAG WA . 13.94 39.95 40.23
O3 NAG WA . 14.63 41.93 42.17
O4 NAG WA . 16.81 43.62 41.40
O5 NAG WA . 17.50 40.50 39.64
O6 NAG WA . 19.65 41.76 41.09
O7 NAG WA . 13.94 37.94 41.28
C1 NAG XA . 25.76 32.70 42.90
C2 NAG XA . 25.75 33.86 41.90
C3 NAG XA . 26.16 35.17 42.58
C4 NAG XA . 25.40 35.39 43.89
C5 NAG XA . 25.57 34.15 44.76
C6 NAG XA . 24.88 34.25 46.10
C7 NAG XA . 27.24 34.44 39.97
C8 NAG XA . 28.11 33.80 38.92
N2 NAG XA . 26.63 33.58 40.80
O3 NAG XA . 25.93 36.22 41.68
O4 NAG XA . 25.93 36.54 44.49
O5 NAG XA . 25.05 33.05 44.07
O6 NAG XA . 23.50 34.46 45.89
O7 NAG XA . 27.12 35.66 40.04
C1 NAG YA . -65.50 -36.04 -15.89
C2 NAG YA . -65.81 -34.62 -16.37
C3 NAG YA . -67.16 -34.58 -17.05
C4 NAG YA . -67.20 -35.59 -18.17
C5 NAG YA . -66.86 -36.97 -17.61
C6 NAG YA . -66.83 -38.06 -18.67
C7 NAG YA . -66.20 -33.84 -14.05
C8 NAG YA . -65.99 -32.68 -13.11
N2 NAG YA . -65.72 -33.67 -15.29
O3 NAG YA . -67.37 -33.27 -17.52
O4 NAG YA . -68.50 -35.57 -18.73
O5 NAG YA . -65.59 -36.92 -16.98
O6 NAG YA . -67.97 -37.95 -19.47
O7 NAG YA . -66.77 -34.86 -13.67
C1 NAG ZA . -60.52 -54.56 -4.50
C2 NAG ZA . -60.80 -54.25 -3.03
C3 NAG ZA . -60.57 -55.48 -2.16
C4 NAG ZA . -61.28 -56.69 -2.73
C5 NAG ZA . -60.85 -56.87 -4.19
C6 NAG ZA . -61.45 -58.08 -4.87
C7 NAG ZA . -60.42 -52.01 -2.04
C8 NAG ZA . -59.36 -51.03 -1.64
N2 NAG ZA . -59.98 -53.17 -2.57
O3 NAG ZA . -61.02 -55.17 -0.86
O4 NAG ZA . -60.93 -57.80 -1.94
O5 NAG ZA . -61.22 -55.71 -4.90
O6 NAG ZA . -61.09 -58.06 -6.24
O7 NAG ZA . -61.61 -51.76 -1.90
C1 EIC AB . 16.79 29.93 28.92
C2 EIC AB . 16.21 28.89 29.89
C3 EIC AB . 16.17 27.46 29.42
C4 EIC AB . 17.13 26.57 30.19
C5 EIC AB . 16.64 26.20 31.59
C6 EIC AB . 16.51 24.70 31.82
C7 EIC AB . 15.49 24.04 30.92
C8 EIC AB . 15.24 22.57 31.26
C9 EIC AB . 14.28 22.40 32.40
C10 EIC AB . 13.94 21.28 33.02
C11 EIC AB . 14.47 19.90 32.72
C12 EIC AB . 14.08 18.95 33.82
C13 EIC AB . 14.32 19.04 35.12
C14 EIC AB . 15.05 20.12 35.85
C15 EIC AB . 16.52 20.15 35.46
C16 EIC AB . 17.48 19.95 36.63
C17 EIC AB . 17.88 21.26 37.30
C18 EIC AB . 16.69 21.92 37.96
O1 EIC AB . 17.39 30.91 29.40
O2 EIC AB . 16.62 29.70 27.69
H21 EIC AB . 15.31 29.18 30.12
H22 EIC AB . 16.69 28.95 30.72
H31 EIC AB . 16.38 27.41 28.47
H32 EIC AB . 15.28 27.09 29.50
H41 EIC AB . 17.99 27.02 30.27
H42 EIC AB . 17.31 25.76 29.70
H51 EIC AB . 15.79 26.62 31.74
H52 EIC AB . 17.24 26.58 32.25
H61 EIC AB . 16.28 24.54 32.75
H62 EIC AB . 17.38 24.28 31.68
H71 EIC AB . 15.76 24.11 29.99
H72 EIC AB . 14.64 24.52 30.98
H81 EIC AB . 16.08 22.17 31.51
H82 EIC AB . 14.94 22.10 30.48
H91 EIC AB . 13.87 23.19 32.70
H1O1 EIC AB . 13.33 21.32 33.71
H111 EIC AB . 15.43 19.91 32.65
H112 EIC AB . 14.12 19.60 31.86
H121 EIC AB . 13.60 18.21 33.51
H131 EIC AB . 13.99 18.35 35.66
H141 EIC AB . 14.97 20.00 36.82
H142 EIC AB . 14.65 20.97 35.65
H151 EIC AB . 16.71 21.00 35.03
H152 EIC AB . 16.69 19.46 34.79
H161 EIC AB . 18.27 19.49 36.32
H162 EIC AB . 17.07 19.36 37.29
H171 EIC AB . 18.26 21.85 36.63
H172 EIC AB . 18.57 21.09 37.95
H181 EIC AB . 16.95 22.67 38.52
H182 EIC AB . 16.07 22.27 37.30
H183 EIC AB . 16.20 21.29 38.50
C1 NAG BB . -27.09 72.82 10.98
C2 NAG BB . -26.57 74.18 10.48
C3 NAG BB . -25.34 74.57 11.29
C4 NAG BB . -25.69 74.59 12.77
C5 NAG BB . -26.32 73.24 13.17
C6 NAG BB . -26.77 73.22 14.62
C7 NAG BB . -25.41 73.51 8.36
C8 NAG BB . -24.49 72.60 9.15
N2 NAG BB . -26.33 74.19 9.06
O3 NAG BB . -24.90 75.82 10.84
O4 NAG BB . -24.50 74.83 13.49
O5 NAG BB . -27.43 72.96 12.34
O6 NAG BB . -27.43 74.43 14.93
O7 NAG BB . -25.29 73.60 7.15
#